data_3R3J
#
_entry.id   3R3J
#
_cell.length_a   138.780
_cell.length_b   140.010
_cell.length_c   180.990
_cell.angle_alpha   90.00
_cell.angle_beta   90.00
_cell.angle_gamma   90.00
#
_symmetry.space_group_name_H-M   'P 21 21 21'
#
loop_
_entity.id
_entity.type
_entity.pdbx_description
1 polymer 'Glutamate dehydrogenase'
2 water water
#
_entity_poly.entity_id   1
_entity_poly.type   'polypeptide(L)'
_entity_poly.pdbx_seq_one_letter_code
;LHNYGYTSTKSVDNQIEELREKVVSKNKNEPEFLQAFEEVLSCLKPVFKKDNVYIGVLENIAEPERVIQFRVPWINDKGE
HKMNRGFRVQYNSVLGPYKGGLRFHPAVNLSVIKFLGFEQIFKNSLTTLPMGGGKGGSDFDPKGKSENEILKFCQSFMTN
LFRYIGPNTDVPAGDIGVGGREIGYLFGQYKKLKNSFEGVLTGKNIKWGGSNIRAEATGYGVVYFAENVLKDLNDNLENK
KCLVSGSGNVAQYLVEKLIEKGAIVLTMSDSNGYILEPNGFTKEQLNYIMDIKNNQRLRLKEYLKYSKTAKYFENQKPWN
IPCDIAFPCATQNEINENDADLFIQNKCKMIVEGANMPTHIKALHKLKQNNIILCPSKAANAGGVAVSGLEMSQNSMRLQ
WTHQETDMKLQNIMKSIYEQCHNTSKIYLNESDLVAGANIAGFLKVADSFLEQGGL
;
_entity_poly.pdbx_strand_id   A,B,C,D,E,F
#
# COMPACT_ATOMS: atom_id res chain seq x y z
N LEU A 1 -14.28 -33.46 16.31
CA LEU A 1 -13.77 -32.38 17.19
C LEU A 1 -12.39 -31.86 16.75
N HIS A 2 -11.83 -30.96 17.56
CA HIS A 2 -10.50 -30.38 17.34
C HIS A 2 -9.64 -30.76 18.55
N ASN A 3 -8.40 -30.29 18.59
CA ASN A 3 -7.56 -30.61 19.72
C ASN A 3 -6.84 -29.38 20.26
N TYR A 4 -7.34 -28.80 21.35
CA TYR A 4 -6.69 -27.63 21.91
C TYR A 4 -6.07 -27.94 23.25
N GLY A 5 -5.65 -29.18 23.41
CA GLY A 5 -5.06 -29.64 24.64
C GLY A 5 -6.15 -30.05 25.61
N TYR A 6 -5.77 -30.39 26.84
CA TYR A 6 -6.75 -30.79 27.86
C TYR A 6 -7.61 -31.98 27.43
N THR A 7 -6.96 -33.11 27.13
CA THR A 7 -7.67 -34.31 26.71
C THR A 7 -7.74 -35.33 27.85
N SER A 8 -7.03 -35.03 28.94
CA SER A 8 -6.96 -35.92 30.11
C SER A 8 -8.29 -36.18 30.82
N THR A 9 -8.25 -37.08 31.78
CA THR A 9 -9.43 -37.43 32.57
C THR A 9 -9.79 -36.26 33.49
N LYS A 10 -8.77 -35.77 34.19
CA LYS A 10 -8.88 -34.67 35.15
C LYS A 10 -10.28 -34.13 35.32
N SER A 11 -10.77 -34.16 36.56
CA SER A 11 -12.09 -33.64 36.85
C SER A 11 -12.13 -32.24 36.26
N VAL A 12 -13.18 -31.94 35.50
CA VAL A 12 -13.35 -30.63 34.89
C VAL A 12 -12.74 -29.54 35.77
N ASP A 13 -12.79 -29.77 37.08
CA ASP A 13 -12.25 -28.84 38.07
C ASP A 13 -10.74 -28.78 38.07
N ASN A 14 -10.10 -29.90 37.80
CA ASN A 14 -8.64 -29.95 37.77
C ASN A 14 -8.10 -29.32 36.51
N GLN A 15 -8.87 -29.40 35.43
CA GLN A 15 -8.46 -28.80 34.18
C GLN A 15 -8.56 -27.30 34.36
N ILE A 16 -9.68 -26.86 34.96
CA ILE A 16 -9.90 -25.44 35.22
C ILE A 16 -8.79 -24.92 36.14
N GLU A 17 -8.28 -25.79 36.99
CA GLU A 17 -7.22 -25.39 37.89
C GLU A 17 -5.91 -25.33 37.13
N GLU A 18 -5.71 -26.30 36.24
CA GLU A 18 -4.48 -26.33 35.45
C GLU A 18 -4.41 -25.07 34.60
N LEU A 19 -5.52 -24.72 33.95
CA LEU A 19 -5.58 -23.52 33.11
C LEU A 19 -5.25 -22.28 33.93
N ARG A 20 -6.01 -22.06 35.00
CA ARG A 20 -5.77 -20.91 35.86
C ARG A 20 -4.28 -20.76 36.18
N GLU A 21 -3.67 -21.88 36.56
CA GLU A 21 -2.26 -21.89 36.91
C GLU A 21 -1.40 -21.41 35.75
N LYS A 22 -1.68 -21.95 34.57
CA LYS A 22 -0.91 -21.58 33.39
C LYS A 22 -1.07 -20.12 33.00
N VAL A 23 -2.28 -19.59 33.10
CA VAL A 23 -2.53 -18.20 32.75
C VAL A 23 -1.86 -17.27 33.74
N VAL A 24 -1.90 -17.63 35.01
CA VAL A 24 -1.31 -16.81 36.06
C VAL A 24 0.21 -16.71 35.91
N SER A 25 0.86 -17.86 35.71
CA SER A 25 2.31 -17.88 35.59
C SER A 25 2.83 -17.02 34.44
N LYS A 26 2.06 -16.92 33.35
CA LYS A 26 2.48 -16.10 32.21
C LYS A 26 2.18 -14.63 32.40
N ASN A 27 1.29 -14.31 33.35
CA ASN A 27 0.93 -12.92 33.60
C ASN A 27 1.05 -12.58 35.09
N LYS A 28 2.10 -13.08 35.72
CA LYS A 28 2.36 -12.87 37.14
C LYS A 28 2.00 -11.50 37.69
N ASN A 29 2.47 -10.44 37.03
CA ASN A 29 2.24 -9.10 37.55
C ASN A 29 1.16 -8.24 36.94
N GLU A 30 0.08 -8.87 36.50
CA GLU A 30 -1.02 -8.15 35.91
C GLU A 30 -2.25 -8.50 36.73
N PRO A 31 -2.34 -7.96 37.95
CA PRO A 31 -3.45 -8.20 38.88
C PRO A 31 -4.82 -7.92 38.27
N GLU A 32 -5.00 -6.70 37.77
CA GLU A 32 -6.27 -6.29 37.17
C GLU A 32 -6.72 -7.28 36.09
N PHE A 33 -5.78 -7.73 35.27
CA PHE A 33 -6.12 -8.67 34.22
C PHE A 33 -6.44 -10.05 34.80
N LEU A 34 -5.52 -10.59 35.59
CA LEU A 34 -5.74 -11.90 36.19
C LEU A 34 -7.08 -11.98 36.92
N GLN A 35 -7.52 -10.87 37.50
CA GLN A 35 -8.76 -10.87 38.24
C GLN A 35 -9.98 -10.94 37.33
N ALA A 36 -9.95 -10.14 36.27
CA ALA A 36 -11.05 -10.12 35.32
C ALA A 36 -11.11 -11.47 34.61
N PHE A 37 -9.98 -12.17 34.58
CA PHE A 37 -9.92 -13.47 33.95
C PHE A 37 -10.55 -14.49 34.89
N GLU A 38 -9.98 -14.65 36.09
CA GLU A 38 -10.50 -15.62 37.04
C GLU A 38 -12.00 -15.44 37.23
N GLU A 39 -12.49 -14.26 36.84
CA GLU A 39 -13.90 -13.94 36.95
C GLU A 39 -14.73 -14.56 35.85
N VAL A 40 -14.33 -14.35 34.60
CA VAL A 40 -15.03 -14.92 33.45
C VAL A 40 -14.97 -16.44 33.53
N LEU A 41 -13.86 -16.93 34.07
CA LEU A 41 -13.59 -18.36 34.25
C LEU A 41 -14.61 -19.06 35.12
N SER A 42 -15.03 -18.39 36.19
CA SER A 42 -15.99 -18.94 37.12
C SER A 42 -17.29 -19.37 36.47
N CYS A 43 -18.06 -18.40 35.98
CA CYS A 43 -19.33 -18.76 35.36
C CYS A 43 -19.28 -19.67 34.13
N LEU A 44 -18.09 -19.94 33.60
CA LEU A 44 -17.98 -20.80 32.43
C LEU A 44 -17.80 -22.29 32.70
N LYS A 45 -18.06 -22.73 33.93
CA LYS A 45 -17.90 -24.16 34.24
C LYS A 45 -18.91 -25.07 33.54
N PRO A 46 -20.18 -24.64 33.44
CA PRO A 46 -21.22 -25.45 32.78
C PRO A 46 -20.87 -25.82 31.34
N VAL A 47 -20.35 -24.84 30.60
CA VAL A 47 -19.97 -25.06 29.20
C VAL A 47 -18.74 -25.96 29.10
N PHE A 48 -17.81 -25.84 30.06
CA PHE A 48 -16.62 -26.69 30.06
C PHE A 48 -17.05 -28.16 30.15
N LYS A 49 -18.07 -28.42 30.97
CA LYS A 49 -18.58 -29.77 31.15
C LYS A 49 -19.14 -30.32 29.85
N LYS A 50 -19.78 -29.46 29.06
CA LYS A 50 -20.35 -29.89 27.79
C LYS A 50 -19.26 -30.27 26.79
N ASP A 51 -18.11 -29.62 26.87
CA ASP A 51 -17.02 -29.92 25.96
C ASP A 51 -15.70 -29.33 26.47
N ASN A 52 -14.67 -30.17 26.56
CA ASN A 52 -13.36 -29.74 27.03
C ASN A 52 -12.72 -28.70 26.14
N VAL A 53 -12.94 -28.84 24.84
CA VAL A 53 -12.38 -27.91 23.86
C VAL A 53 -12.36 -26.48 24.35
N TYR A 54 -13.50 -26.02 24.88
CA TYR A 54 -13.61 -24.64 25.35
C TYR A 54 -12.56 -24.22 26.36
N ILE A 55 -12.01 -25.16 27.12
CA ILE A 55 -10.99 -24.79 28.09
C ILE A 55 -9.75 -24.31 27.34
N GLY A 56 -9.38 -25.06 26.30
CA GLY A 56 -8.22 -24.69 25.50
C GLY A 56 -8.49 -23.40 24.75
N VAL A 57 -9.67 -23.32 24.15
CA VAL A 57 -10.07 -22.14 23.39
C VAL A 57 -9.93 -20.92 24.29
N LEU A 58 -10.40 -21.02 25.53
CA LEU A 58 -10.33 -19.89 26.44
C LEU A 58 -8.87 -19.47 26.68
N GLU A 59 -7.97 -20.45 26.83
CA GLU A 59 -6.57 -20.13 27.07
C GLU A 59 -6.07 -19.29 25.92
N ASN A 60 -6.48 -19.68 24.71
CA ASN A 60 -6.10 -18.99 23.49
C ASN A 60 -6.69 -17.58 23.43
N ILE A 61 -7.99 -17.46 23.62
CA ILE A 61 -8.65 -16.18 23.57
C ILE A 61 -8.12 -15.20 24.63
N ALA A 62 -7.61 -15.73 25.75
CA ALA A 62 -7.08 -14.90 26.83
C ALA A 62 -5.76 -14.23 26.45
N GLU A 63 -5.19 -14.68 25.36
CA GLU A 63 -3.93 -14.14 24.87
C GLU A 63 -4.22 -13.12 23.78
N PRO A 64 -3.97 -11.84 24.06
CA PRO A 64 -4.22 -10.79 23.06
C PRO A 64 -3.71 -11.20 21.68
N GLU A 65 -4.56 -11.03 20.67
CA GLU A 65 -4.16 -11.37 19.31
C GLU A 65 -2.89 -10.58 19.03
N ARG A 66 -2.87 -9.34 19.49
CA ARG A 66 -1.72 -8.47 19.30
C ARG A 66 -1.85 -7.25 20.21
N VAL A 67 -0.71 -6.78 20.71
CA VAL A 67 -0.69 -5.62 21.58
C VAL A 67 0.47 -4.70 21.16
N ILE A 68 0.14 -3.45 20.85
CA ILE A 68 1.13 -2.48 20.42
C ILE A 68 1.31 -1.42 21.48
N GLN A 69 2.56 -1.20 21.87
CA GLN A 69 2.89 -0.21 22.88
C GLN A 69 3.89 0.73 22.24
N PHE A 70 3.79 2.02 22.51
CA PHE A 70 4.70 2.96 21.87
C PHE A 70 4.95 4.25 22.65
N ARG A 71 6.12 4.84 22.43
CA ARG A 71 6.49 6.08 23.10
C ARG A 71 5.80 7.27 22.41
N VAL A 72 5.03 8.05 23.18
CA VAL A 72 4.31 9.21 22.64
C VAL A 72 4.95 10.49 23.17
N PRO A 73 5.78 11.15 22.35
CA PRO A 73 6.45 12.38 22.76
C PRO A 73 5.65 13.64 22.41
N TRP A 74 5.76 14.68 23.24
CA TRP A 74 5.05 15.92 22.97
C TRP A 74 5.70 17.09 23.68
N ILE A 75 5.50 18.30 23.17
CA ILE A 75 6.08 19.50 23.77
C ILE A 75 5.01 20.31 24.51
N ASN A 76 5.12 20.41 25.84
CA ASN A 76 4.13 21.18 26.60
C ASN A 76 4.27 22.66 26.25
N ASP A 77 3.48 23.50 26.92
CA ASP A 77 3.52 24.92 26.62
C ASP A 77 4.73 25.69 27.12
N LYS A 78 5.46 25.14 28.09
CA LYS A 78 6.67 25.79 28.59
C LYS A 78 7.84 25.42 27.70
N GLY A 79 7.55 24.73 26.61
CA GLY A 79 8.60 24.34 25.68
C GLY A 79 9.35 23.09 26.09
N GLU A 80 8.83 22.36 27.06
CA GLU A 80 9.48 21.15 27.53
C GLU A 80 9.14 19.92 26.68
N HIS A 81 10.12 19.06 26.49
CA HIS A 81 9.91 17.84 25.73
C HIS A 81 9.46 16.74 26.68
N LYS A 82 8.16 16.47 26.67
CA LYS A 82 7.59 15.44 27.53
C LYS A 82 7.47 14.10 26.80
N MET A 83 7.10 13.07 27.55
CA MET A 83 6.95 11.74 26.99
C MET A 83 5.96 10.92 27.80
N ASN A 84 5.20 10.08 27.09
CA ASN A 84 4.20 9.23 27.74
C ASN A 84 4.16 7.89 27.03
N ARG A 85 3.59 6.90 27.69
CA ARG A 85 3.49 5.58 27.10
C ARG A 85 2.07 5.29 26.59
N GLY A 86 1.97 4.92 25.31
CA GLY A 86 0.68 4.63 24.71
C GLY A 86 0.48 3.15 24.44
N PHE A 87 -0.77 2.71 24.49
CA PHE A 87 -1.09 1.30 24.25
C PHE A 87 -2.30 1.12 23.35
N ARG A 88 -2.33 -0.03 22.70
CA ARG A 88 -3.48 -0.44 21.89
C ARG A 88 -3.45 -1.95 21.92
N VAL A 89 -4.39 -2.54 22.62
CA VAL A 89 -4.46 -3.99 22.73
C VAL A 89 -5.60 -4.46 21.83
N GLN A 90 -5.24 -5.15 20.76
CA GLN A 90 -6.22 -5.67 19.81
C GLN A 90 -6.45 -7.10 20.26
N TYR A 91 -7.29 -7.23 21.27
CA TYR A 91 -7.57 -8.50 21.90
C TYR A 91 -8.16 -9.60 21.05
N ASN A 92 -9.21 -9.30 20.31
CA ASN A 92 -9.84 -10.34 19.52
C ASN A 92 -10.61 -9.76 18.36
N SER A 93 -10.47 -10.37 17.17
CA SER A 93 -11.16 -9.90 15.98
C SER A 93 -11.92 -11.03 15.28
N VAL A 94 -12.48 -11.94 16.06
CA VAL A 94 -13.18 -13.09 15.52
C VAL A 94 -14.55 -12.72 15.00
N LEU A 95 -15.21 -11.81 15.72
CA LEU A 95 -16.56 -11.39 15.36
C LEU A 95 -16.60 -10.11 14.53
N GLY A 96 -15.47 -9.42 14.45
CA GLY A 96 -15.41 -8.19 13.68
C GLY A 96 -14.15 -7.41 13.99
N PRO A 97 -14.03 -6.17 13.50
CA PRO A 97 -12.84 -5.35 13.76
C PRO A 97 -12.70 -5.05 15.25
N TYR A 98 -11.48 -4.84 15.72
CA TYR A 98 -11.28 -4.55 17.12
C TYR A 98 -12.05 -3.29 17.49
N LYS A 99 -12.87 -3.36 18.53
CA LYS A 99 -13.65 -2.21 19.00
C LYS A 99 -13.29 -1.97 20.45
N GLY A 100 -13.14 -0.71 20.84
CA GLY A 100 -12.80 -0.42 22.23
C GLY A 100 -12.25 0.97 22.41
N GLY A 101 -12.61 1.59 23.52
CA GLY A 101 -12.18 2.96 23.80
C GLY A 101 -10.72 3.17 24.13
N LEU A 102 -10.39 4.44 24.34
CA LEU A 102 -9.04 4.87 24.69
C LEU A 102 -9.11 5.59 26.03
N ARG A 103 -8.25 5.19 26.96
CA ARG A 103 -8.26 5.82 28.28
C ARG A 103 -6.99 6.58 28.59
N PHE A 104 -7.11 7.86 28.94
CA PHE A 104 -5.95 8.66 29.31
C PHE A 104 -5.99 8.88 30.81
N HIS A 105 -5.17 8.13 31.53
CA HIS A 105 -5.15 8.21 32.99
C HIS A 105 -3.76 7.86 33.52
N PRO A 106 -3.34 8.54 34.60
CA PRO A 106 -2.02 8.30 35.21
C PRO A 106 -1.82 6.87 35.68
N ALA A 107 -2.92 6.14 35.88
CA ALA A 107 -2.86 4.77 36.35
C ALA A 107 -2.76 3.75 35.23
N VAL A 108 -2.96 4.20 34.00
CA VAL A 108 -2.92 3.32 32.82
C VAL A 108 -1.60 2.58 32.57
N ASN A 109 -1.73 1.28 32.32
CA ASN A 109 -0.59 0.43 32.00
C ASN A 109 -1.12 -0.84 31.30
N LEU A 110 -0.21 -1.66 30.77
CA LEU A 110 -0.63 -2.86 30.06
C LEU A 110 -1.65 -3.71 30.82
N SER A 111 -1.36 -3.99 32.08
CA SER A 111 -2.27 -4.80 32.89
C SER A 111 -3.68 -4.24 32.89
N VAL A 112 -3.79 -2.96 33.22
CA VAL A 112 -5.08 -2.29 33.24
C VAL A 112 -5.81 -2.39 31.91
N ILE A 113 -5.10 -2.11 30.81
CA ILE A 113 -5.69 -2.16 29.48
C ILE A 113 -6.16 -3.56 29.11
N LYS A 114 -5.33 -4.58 29.36
CA LYS A 114 -5.73 -5.94 29.05
C LYS A 114 -7.02 -6.27 29.78
N PHE A 115 -7.08 -5.86 31.05
CA PHE A 115 -8.24 -6.08 31.87
C PHE A 115 -9.50 -5.54 31.15
N LEU A 116 -9.48 -4.24 30.85
CA LEU A 116 -10.60 -3.60 30.16
C LEU A 116 -10.89 -4.20 28.79
N GLY A 117 -9.85 -4.41 28.01
CA GLY A 117 -9.98 -4.96 26.68
C GLY A 117 -10.53 -6.37 26.70
N PHE A 118 -10.01 -7.19 27.62
CA PHE A 118 -10.46 -8.58 27.73
C PHE A 118 -11.96 -8.63 27.97
N GLU A 119 -12.46 -7.77 28.84
CA GLU A 119 -13.88 -7.76 29.12
C GLU A 119 -14.67 -7.25 27.93
N GLN A 120 -14.07 -6.34 27.16
CA GLN A 120 -14.76 -5.75 26.01
C GLN A 120 -15.13 -6.80 24.95
N ILE A 121 -14.29 -7.81 24.79
CA ILE A 121 -14.53 -8.87 23.83
C ILE A 121 -15.95 -9.42 23.93
N PHE A 122 -16.29 -9.91 25.12
CA PHE A 122 -17.59 -10.50 25.39
C PHE A 122 -18.74 -9.52 25.46
N LYS A 123 -18.48 -8.34 26.02
CA LYS A 123 -19.53 -7.34 26.07
C LYS A 123 -19.96 -7.07 24.63
N ASN A 124 -18.98 -6.79 23.76
CA ASN A 124 -19.25 -6.55 22.35
C ASN A 124 -19.98 -7.71 21.73
N SER A 125 -19.48 -8.92 22.02
CA SER A 125 -20.05 -10.16 21.50
C SER A 125 -21.57 -10.20 21.61
N LEU A 126 -22.09 -9.88 22.80
CA LEU A 126 -23.52 -9.87 23.06
C LEU A 126 -24.30 -8.91 22.18
N THR A 127 -23.67 -7.80 21.87
CA THR A 127 -24.25 -6.76 21.03
C THR A 127 -25.01 -7.25 19.82
N THR A 128 -24.56 -8.34 19.21
CA THR A 128 -25.18 -8.89 18.00
C THR A 128 -24.50 -8.26 16.78
N LEU A 129 -23.91 -7.09 16.99
CA LEU A 129 -23.22 -6.40 15.92
C LEU A 129 -21.84 -7.01 15.75
N PRO A 130 -21.25 -6.91 14.55
CA PRO A 130 -19.91 -7.48 14.29
C PRO A 130 -18.77 -6.62 14.86
N MET A 131 -18.43 -6.86 16.12
CA MET A 131 -17.37 -6.09 16.76
C MET A 131 -16.41 -6.92 17.57
N GLY A 132 -15.12 -6.77 17.28
CA GLY A 132 -14.12 -7.50 18.03
C GLY A 132 -13.88 -6.74 19.32
N GLY A 133 -12.83 -7.08 20.04
CA GLY A 133 -12.54 -6.40 21.28
C GLY A 133 -11.16 -5.80 21.33
N GLY A 134 -11.08 -4.59 21.84
CA GLY A 134 -9.80 -3.92 21.96
C GLY A 134 -9.84 -2.84 23.02
N LYS A 135 -8.70 -2.22 23.27
CA LYS A 135 -8.63 -1.17 24.27
C LYS A 135 -7.27 -0.49 24.14
N GLY A 136 -7.23 0.80 24.43
CA GLY A 136 -5.97 1.51 24.33
C GLY A 136 -5.95 2.69 25.28
N GLY A 137 -4.88 3.46 25.24
CA GLY A 137 -4.79 4.61 26.12
C GLY A 137 -3.35 4.97 26.41
N SER A 138 -3.17 5.83 27.40
CA SER A 138 -1.85 6.29 27.77
C SER A 138 -1.86 6.63 29.25
N ASP A 139 -0.69 6.75 29.85
CA ASP A 139 -0.58 7.13 31.26
C ASP A 139 -0.57 8.66 31.34
N PHE A 140 -0.89 9.27 30.20
CA PHE A 140 -0.96 10.73 30.07
C PHE A 140 -2.07 11.22 31.00
N ASP A 141 -1.81 12.29 31.74
CA ASP A 141 -2.81 12.81 32.65
C ASP A 141 -3.41 14.12 32.13
N PRO A 142 -4.64 14.06 31.60
CA PRO A 142 -5.30 15.25 31.07
C PRO A 142 -5.40 16.36 32.14
N LYS A 143 -5.67 15.95 33.38
CA LYS A 143 -5.83 16.90 34.47
C LYS A 143 -4.64 17.84 34.63
N GLY A 144 -4.93 19.13 34.49
CA GLY A 144 -3.89 20.12 34.64
C GLY A 144 -3.32 20.60 33.32
N LYS A 145 -3.49 19.81 32.27
CA LYS A 145 -2.97 20.19 30.95
C LYS A 145 -3.85 21.26 30.34
N SER A 146 -3.25 22.09 29.51
CA SER A 146 -3.97 23.17 28.86
C SER A 146 -4.69 22.60 27.66
N GLU A 147 -5.58 23.39 27.09
CA GLU A 147 -6.34 22.98 25.91
C GLU A 147 -5.35 22.64 24.79
N ASN A 148 -4.40 23.54 24.60
CA ASN A 148 -3.40 23.41 23.58
C ASN A 148 -2.56 22.15 23.75
N GLU A 149 -2.17 21.86 24.99
CA GLU A 149 -1.37 20.67 25.24
C GLU A 149 -2.16 19.41 24.90
N ILE A 150 -3.43 19.37 25.30
CA ILE A 150 -4.24 18.20 24.99
C ILE A 150 -4.24 17.95 23.49
N LEU A 151 -4.32 19.03 22.71
CA LEU A 151 -4.30 18.91 21.26
C LEU A 151 -2.97 18.30 20.82
N LYS A 152 -1.87 18.93 21.22
CA LYS A 152 -0.54 18.45 20.86
C LYS A 152 -0.39 16.95 21.19
N PHE A 153 -0.87 16.54 22.35
CA PHE A 153 -0.75 15.15 22.72
C PHE A 153 -1.55 14.26 21.78
N CYS A 154 -2.82 14.59 21.59
CA CYS A 154 -3.69 13.80 20.71
C CYS A 154 -3.04 13.59 19.36
N GLN A 155 -2.50 14.67 18.78
CA GLN A 155 -1.87 14.56 17.47
C GLN A 155 -0.70 13.58 17.49
N SER A 156 0.17 13.70 18.50
CA SER A 156 1.30 12.79 18.61
C SER A 156 0.79 11.38 18.80
N PHE A 157 -0.09 11.19 19.78
CA PHE A 157 -0.66 9.89 20.05
C PHE A 157 -1.20 9.23 18.76
N MET A 158 -1.95 9.99 17.96
CA MET A 158 -2.52 9.46 16.71
C MET A 158 -1.45 9.19 15.65
N THR A 159 -0.40 10.00 15.64
CA THR A 159 0.68 9.80 14.67
C THR A 159 1.26 8.41 14.84
N ASN A 160 1.27 7.89 16.07
CA ASN A 160 1.80 6.56 16.27
C ASN A 160 0.76 5.50 15.99
N LEU A 161 -0.41 5.69 16.57
CA LEU A 161 -1.49 4.74 16.39
C LEU A 161 -2.09 4.61 14.98
N PHE A 162 -2.14 5.73 14.25
CA PHE A 162 -2.75 5.77 12.92
C PHE A 162 -2.50 4.64 11.93
N ARG A 163 -1.28 4.11 11.93
CA ARG A 163 -0.92 3.02 11.02
C ARG A 163 -1.51 1.65 11.40
N TYR A 164 -2.05 1.52 12.62
CA TYR A 164 -2.59 0.25 13.09
C TYR A 164 -4.10 0.18 13.25
N ILE A 165 -4.79 1.29 12.96
CA ILE A 165 -6.24 1.33 13.09
C ILE A 165 -6.86 1.61 11.72
N GLY A 166 -8.12 1.24 11.55
CA GLY A 166 -8.78 1.48 10.28
C GLY A 166 -10.22 1.03 10.37
N PRO A 167 -11.09 1.50 9.46
CA PRO A 167 -12.51 1.15 9.41
C PRO A 167 -12.77 -0.33 9.47
N ASN A 168 -11.91 -1.13 8.86
CA ASN A 168 -12.10 -2.58 8.87
C ASN A 168 -11.08 -3.32 9.71
N THR A 169 -10.38 -2.59 10.57
CA THR A 169 -9.36 -3.21 11.39
C THR A 169 -9.55 -2.98 12.87
N ASP A 170 -9.48 -1.71 13.27
CA ASP A 170 -9.61 -1.36 14.66
C ASP A 170 -10.26 0.02 14.76
N VAL A 171 -11.44 0.09 15.37
CA VAL A 171 -12.15 1.35 15.52
C VAL A 171 -12.24 1.78 16.98
N PRO A 172 -11.30 2.63 17.43
CA PRO A 172 -11.26 3.13 18.83
C PRO A 172 -12.43 4.05 19.16
N ALA A 173 -12.52 4.44 20.43
CA ALA A 173 -13.59 5.32 20.91
C ALA A 173 -13.19 6.06 22.18
N GLY A 174 -14.11 6.86 22.72
CA GLY A 174 -13.83 7.61 23.93
C GLY A 174 -13.93 6.77 25.20
N ASP A 175 -13.37 7.30 26.29
CA ASP A 175 -13.38 6.62 27.58
C ASP A 175 -12.87 7.66 28.58
N ILE A 176 -12.46 7.22 29.75
CA ILE A 176 -11.97 8.16 30.75
C ILE A 176 -10.75 8.92 30.23
N GLY A 177 -10.83 10.25 30.24
CA GLY A 177 -9.72 11.05 29.76
C GLY A 177 -9.84 11.37 28.27
N VAL A 178 -10.62 10.57 27.55
CA VAL A 178 -10.82 10.77 26.12
C VAL A 178 -12.31 11.02 25.83
N GLY A 179 -12.69 12.29 25.76
CA GLY A 179 -14.07 12.62 25.50
C GLY A 179 -14.28 13.13 24.09
N GLY A 180 -15.35 13.89 23.89
CA GLY A 180 -15.63 14.42 22.57
C GLY A 180 -14.52 15.32 22.05
N ARG A 181 -14.10 16.28 22.87
CA ARG A 181 -13.04 17.20 22.49
C ARG A 181 -11.83 16.43 21.94
N GLU A 182 -11.44 15.38 22.65
CA GLU A 182 -10.31 14.54 22.28
C GLU A 182 -10.52 13.78 20.98
N ILE A 183 -11.70 13.19 20.82
CA ILE A 183 -12.01 12.42 19.63
C ILE A 183 -11.97 13.32 18.40
N GLY A 184 -12.25 14.60 18.59
CA GLY A 184 -12.20 15.52 17.48
C GLY A 184 -10.76 15.68 17.02
N TYR A 185 -9.86 15.92 17.96
CA TYR A 185 -8.45 16.09 17.65
C TYR A 185 -7.86 14.82 17.04
N LEU A 186 -8.18 13.67 17.64
CA LEU A 186 -7.71 12.38 17.17
C LEU A 186 -8.13 12.14 15.73
N PHE A 187 -9.42 12.36 15.46
CA PHE A 187 -9.98 12.21 14.13
C PHE A 187 -9.31 13.16 13.14
N GLY A 188 -9.25 14.44 13.51
CA GLY A 188 -8.62 15.41 12.64
C GLY A 188 -7.24 14.96 12.19
N GLN A 189 -6.40 14.57 13.15
CA GLN A 189 -5.04 14.11 12.88
C GLN A 189 -5.04 12.87 12.00
N TYR A 190 -5.88 11.90 12.33
CA TYR A 190 -5.97 10.67 11.54
C TYR A 190 -6.27 10.97 10.07
N LYS A 191 -7.27 11.83 9.86
CA LYS A 191 -7.67 12.20 8.52
C LYS A 191 -6.49 12.79 7.75
N LYS A 192 -5.74 13.69 8.40
CA LYS A 192 -4.59 14.34 7.78
C LYS A 192 -3.51 13.36 7.36
N LEU A 193 -3.26 12.36 8.21
CA LEU A 193 -2.24 11.36 7.91
C LEU A 193 -2.70 10.37 6.84
N LYS A 194 -3.77 9.62 7.13
CA LYS A 194 -4.30 8.60 6.21
C LYS A 194 -4.83 9.21 4.90
N ASN A 195 -5.18 10.49 4.94
CA ASN A 195 -5.75 11.17 3.79
C ASN A 195 -7.04 10.50 3.33
N SER A 196 -8.03 10.50 4.22
CA SER A 196 -9.35 9.93 3.93
C SER A 196 -10.30 10.08 5.10
N PHE A 197 -11.55 10.35 4.77
CA PHE A 197 -12.61 10.53 5.75
C PHE A 197 -13.29 9.16 5.91
N GLU A 198 -13.13 8.53 7.05
CA GLU A 198 -13.74 7.23 7.28
C GLU A 198 -13.96 6.96 8.77
N GLY A 199 -14.89 6.06 9.08
CA GLY A 199 -15.17 5.78 10.47
C GLY A 199 -14.11 5.04 11.27
N VAL A 200 -13.04 5.73 11.64
CA VAL A 200 -12.01 5.08 12.44
C VAL A 200 -12.34 5.22 13.91
N LEU A 201 -13.13 6.24 14.22
CA LEU A 201 -13.51 6.49 15.60
C LEU A 201 -15.02 6.66 15.74
N THR A 202 -15.56 6.19 16.85
CA THR A 202 -16.99 6.35 17.13
C THR A 202 -17.07 7.38 18.26
N GLY A 203 -18.18 8.12 18.29
CA GLY A 203 -18.32 9.15 19.30
C GLY A 203 -17.90 10.47 18.68
N LYS A 204 -17.99 10.52 17.35
CA LYS A 204 -17.64 11.71 16.61
C LYS A 204 -18.81 12.67 16.79
N ASN A 205 -18.54 13.98 16.65
CA ASN A 205 -19.61 14.97 16.77
C ASN A 205 -20.62 14.70 15.65
N ILE A 206 -21.85 15.16 15.84
CA ILE A 206 -22.90 14.94 14.88
C ILE A 206 -22.65 15.61 13.52
N LYS A 207 -21.94 16.74 13.53
CA LYS A 207 -21.64 17.47 12.28
C LYS A 207 -20.76 16.67 11.31
N TRP A 208 -19.94 15.78 11.85
CA TRP A 208 -19.06 14.98 10.99
C TRP A 208 -19.04 13.48 11.31
N GLY A 209 -20.07 12.76 10.83
CA GLY A 209 -20.13 11.33 11.05
C GLY A 209 -20.59 10.80 12.40
N GLY A 210 -21.04 11.67 13.29
CA GLY A 210 -21.51 11.22 14.60
C GLY A 210 -22.88 10.59 14.46
N SER A 211 -23.40 10.03 15.55
CA SER A 211 -24.71 9.38 15.51
C SER A 211 -25.70 10.00 16.49
N ASN A 212 -26.99 9.83 16.24
CA ASN A 212 -28.00 10.36 17.15
C ASN A 212 -28.16 9.36 18.29
N ILE A 213 -28.56 9.85 19.47
CA ILE A 213 -28.77 8.97 20.61
C ILE A 213 -27.48 8.51 21.27
N ARG A 214 -26.36 9.09 20.86
CA ARG A 214 -25.09 8.69 21.45
C ARG A 214 -25.05 8.98 22.94
N ALA A 215 -25.55 10.15 23.32
CA ALA A 215 -25.57 10.55 24.73
C ALA A 215 -26.50 9.68 25.58
N GLU A 216 -27.75 9.60 25.15
CA GLU A 216 -28.75 8.82 25.85
C GLU A 216 -28.55 7.31 25.76
N ALA A 217 -27.86 6.88 24.72
CA ALA A 217 -27.58 5.48 24.44
C ALA A 217 -27.58 4.50 25.62
N THR A 218 -26.55 4.57 26.46
CA THR A 218 -26.45 3.64 27.58
C THR A 218 -27.65 3.61 28.53
N GLY A 219 -28.07 4.79 28.99
CA GLY A 219 -29.19 4.89 29.90
C GLY A 219 -30.44 4.28 29.30
N TYR A 220 -30.80 4.70 28.09
CA TYR A 220 -31.98 4.17 27.42
C TYR A 220 -31.89 2.66 27.35
N GLY A 221 -30.71 2.16 27.04
CA GLY A 221 -30.48 0.73 26.95
C GLY A 221 -30.85 -0.01 28.21
N VAL A 222 -30.35 0.49 29.35
CA VAL A 222 -30.63 -0.16 30.62
C VAL A 222 -32.14 -0.29 30.83
N VAL A 223 -32.89 0.76 30.53
CA VAL A 223 -34.34 0.71 30.69
C VAL A 223 -34.92 -0.31 29.72
N TYR A 224 -34.52 -0.26 28.47
CA TYR A 224 -35.02 -1.20 27.48
C TYR A 224 -34.74 -2.64 27.92
N PHE A 225 -33.58 -2.88 28.51
CA PHE A 225 -33.26 -4.23 28.96
C PHE A 225 -34.28 -4.67 30.00
N ALA A 226 -34.49 -3.82 30.99
CA ALA A 226 -35.43 -4.11 32.06
C ALA A 226 -36.83 -4.26 31.51
N GLU A 227 -37.21 -3.40 30.58
CA GLU A 227 -38.54 -3.47 29.99
C GLU A 227 -38.79 -4.83 29.34
N ASN A 228 -37.71 -5.47 28.91
CA ASN A 228 -37.81 -6.77 28.29
C ASN A 228 -37.95 -7.88 29.33
N VAL A 229 -37.27 -7.73 30.46
CA VAL A 229 -37.35 -8.72 31.52
C VAL A 229 -38.79 -8.73 32.02
N LEU A 230 -39.37 -7.53 32.11
CA LEU A 230 -40.74 -7.38 32.59
C LEU A 230 -41.76 -7.94 31.59
N LYS A 231 -41.64 -7.58 30.33
CA LYS A 231 -42.60 -8.09 29.34
C LYS A 231 -42.68 -9.61 29.32
N ASP A 232 -41.62 -10.29 29.80
CA ASP A 232 -41.61 -11.75 29.84
C ASP A 232 -42.22 -12.20 31.17
N LEU A 233 -43.01 -11.32 31.77
CA LEU A 233 -43.70 -11.59 33.02
C LEU A 233 -45.05 -10.90 32.92
N ASN A 234 -45.52 -10.75 31.69
CA ASN A 234 -46.80 -10.10 31.35
C ASN A 234 -47.00 -8.75 32.03
N ASP A 235 -45.90 -8.10 32.38
CA ASP A 235 -45.95 -6.81 33.07
C ASP A 235 -45.06 -5.80 32.31
N ASN A 236 -45.20 -4.53 32.63
CA ASN A 236 -44.40 -3.49 32.01
C ASN A 236 -43.91 -2.49 33.06
N LEU A 237 -43.27 -1.41 32.64
CA LEU A 237 -42.75 -0.43 33.56
C LEU A 237 -43.77 0.54 34.14
N GLU A 238 -44.92 0.65 33.49
CA GLU A 238 -45.95 1.57 33.94
C GLU A 238 -46.26 1.50 35.43
N ASN A 239 -46.10 2.63 36.11
CA ASN A 239 -46.37 2.75 37.54
C ASN A 239 -45.52 1.89 38.44
N LYS A 240 -44.21 1.91 38.26
CA LYS A 240 -43.36 1.12 39.12
C LYS A 240 -42.51 2.06 39.93
N LYS A 241 -42.53 1.82 41.23
CA LYS A 241 -41.73 2.63 42.14
C LYS A 241 -40.25 2.27 41.90
N CYS A 242 -39.52 3.15 41.22
CA CYS A 242 -38.12 2.90 40.92
C CYS A 242 -37.10 3.68 41.71
N LEU A 243 -36.05 2.99 42.10
CA LEU A 243 -34.95 3.59 42.83
C LEU A 243 -33.78 3.74 41.87
N VAL A 244 -33.25 4.95 41.77
CA VAL A 244 -32.11 5.19 40.89
C VAL A 244 -31.00 5.82 41.74
N SER A 245 -29.75 5.49 41.44
CA SER A 245 -28.60 6.02 42.17
C SER A 245 -27.59 6.56 41.16
N GLY A 246 -27.11 7.78 41.40
CA GLY A 246 -26.18 8.44 40.51
C GLY A 246 -26.91 9.56 39.79
N SER A 247 -26.16 10.50 39.23
CA SER A 247 -26.76 11.61 38.50
C SER A 247 -25.88 11.91 37.29
N GLY A 248 -25.08 10.92 36.92
CA GLY A 248 -24.19 11.06 35.78
C GLY A 248 -24.94 11.01 34.47
N ASN A 249 -24.19 10.82 33.38
CA ASN A 249 -24.81 10.76 32.07
C ASN A 249 -25.81 9.62 31.99
N VAL A 250 -25.38 8.43 32.37
CA VAL A 250 -26.23 7.24 32.35
C VAL A 250 -27.48 7.43 33.18
N ALA A 251 -27.28 7.77 34.45
CA ALA A 251 -28.38 7.99 35.38
C ALA A 251 -29.45 8.93 34.83
N GLN A 252 -29.04 10.07 34.30
CA GLN A 252 -29.97 11.03 33.76
C GLN A 252 -30.88 10.50 32.68
N TYR A 253 -30.30 9.99 31.60
CA TYR A 253 -31.12 9.49 30.51
C TYR A 253 -31.91 8.25 30.91
N LEU A 254 -31.42 7.51 31.91
CA LEU A 254 -32.12 6.33 32.39
C LEU A 254 -33.45 6.84 32.92
N VAL A 255 -33.38 7.85 33.79
CA VAL A 255 -34.56 8.47 34.38
C VAL A 255 -35.45 9.06 33.31
N GLU A 256 -34.86 9.73 32.33
CA GLU A 256 -35.64 10.32 31.27
C GLU A 256 -36.51 9.31 30.56
N LYS A 257 -35.93 8.15 30.24
CA LYS A 257 -36.68 7.11 29.55
C LYS A 257 -37.70 6.49 30.51
N LEU A 258 -37.28 6.22 31.74
CA LEU A 258 -38.19 5.65 32.74
C LEU A 258 -39.44 6.52 32.87
N ILE A 259 -39.24 7.81 33.15
CA ILE A 259 -40.34 8.77 33.29
C ILE A 259 -41.26 8.63 32.10
N GLU A 260 -40.69 8.79 30.91
CA GLU A 260 -41.44 8.70 29.67
C GLU A 260 -42.31 7.45 29.52
N LYS A 261 -41.95 6.37 30.20
CA LYS A 261 -42.72 5.13 30.11
C LYS A 261 -43.84 5.11 31.15
N GLY A 262 -43.59 4.47 32.28
CA GLY A 262 -44.60 4.39 33.32
C GLY A 262 -44.28 5.29 34.48
N ALA A 263 -43.04 5.74 34.56
CA ALA A 263 -42.61 6.65 35.60
C ALA A 263 -42.56 6.09 37.02
N ILE A 264 -42.53 7.02 37.97
CA ILE A 264 -42.47 6.80 39.42
C ILE A 264 -41.03 6.55 39.86
N VAL A 265 -40.13 7.35 39.31
CA VAL A 265 -38.72 7.27 39.67
C VAL A 265 -38.64 8.11 40.94
N LEU A 266 -38.25 7.47 42.03
CA LEU A 266 -38.20 8.14 43.32
C LEU A 266 -36.90 8.82 43.72
N THR A 267 -35.76 8.33 43.25
CA THR A 267 -34.50 8.92 43.67
C THR A 267 -33.39 9.12 42.64
N MET A 268 -32.34 9.81 43.06
CA MET A 268 -31.15 10.08 42.27
C MET A 268 -30.01 10.39 43.24
N SER A 269 -28.99 9.55 43.24
CA SER A 269 -27.84 9.69 44.13
C SER A 269 -26.83 10.76 43.69
N ASP A 270 -25.80 10.93 44.51
CA ASP A 270 -24.75 11.90 44.27
C ASP A 270 -23.49 11.37 44.98
N SER A 271 -22.34 11.96 44.72
CA SER A 271 -21.09 11.50 45.34
C SER A 271 -21.16 11.58 46.87
N ASN A 272 -22.23 12.19 47.39
CA ASN A 272 -22.45 12.33 48.83
C ASN A 272 -23.89 12.75 49.13
N GLY A 273 -24.75 11.75 49.37
CA GLY A 273 -26.14 12.01 49.65
C GLY A 273 -27.03 11.82 48.44
N TYR A 274 -28.32 11.55 48.68
CA TYR A 274 -29.25 11.35 47.58
C TYR A 274 -30.49 12.21 47.73
N ILE A 275 -31.38 12.14 46.76
CA ILE A 275 -32.60 12.94 46.78
C ILE A 275 -33.84 12.09 46.68
N LEU A 276 -34.88 12.47 47.41
CA LEU A 276 -36.13 11.75 47.39
C LEU A 276 -37.18 12.62 46.70
N GLU A 277 -38.30 12.04 46.33
CA GLU A 277 -39.33 12.80 45.64
C GLU A 277 -40.57 11.92 45.48
N PRO A 278 -41.35 11.77 46.55
CA PRO A 278 -42.56 10.95 46.46
C PRO A 278 -43.42 11.39 45.29
N ASN A 279 -44.12 10.44 44.68
CA ASN A 279 -44.96 10.69 43.50
C ASN A 279 -44.11 10.74 42.24
N GLY A 280 -42.81 10.51 42.40
CA GLY A 280 -41.86 10.50 41.30
C GLY A 280 -41.45 11.83 40.69
N PHE A 281 -40.35 11.83 39.94
CA PHE A 281 -39.92 13.07 39.30
C PHE A 281 -40.81 13.26 38.08
N THR A 282 -40.64 14.40 37.41
CA THR A 282 -41.41 14.71 36.21
C THR A 282 -40.48 15.25 35.15
N LYS A 283 -40.88 15.15 33.89
CA LYS A 283 -40.08 15.63 32.77
C LYS A 283 -39.38 16.93 33.17
N GLU A 284 -40.18 17.91 33.58
CA GLU A 284 -39.65 19.23 33.96
C GLU A 284 -38.55 19.18 35.03
N GLN A 285 -38.82 18.48 36.13
CA GLN A 285 -37.84 18.38 37.19
C GLN A 285 -36.50 17.79 36.76
N LEU A 286 -36.56 16.80 35.87
CA LEU A 286 -35.33 16.17 35.41
C LEU A 286 -34.47 17.20 34.68
N ASN A 287 -35.12 18.08 33.93
CA ASN A 287 -34.39 19.10 33.18
C ASN A 287 -33.61 19.96 34.15
N TYR A 288 -34.19 20.23 35.31
CA TYR A 288 -33.52 21.05 36.31
C TYR A 288 -32.28 20.30 36.77
N ILE A 289 -32.48 19.06 37.21
CA ILE A 289 -31.37 18.25 37.68
C ILE A 289 -30.29 18.16 36.62
N MET A 290 -30.71 18.03 35.36
CA MET A 290 -29.77 17.94 34.26
C MET A 290 -28.98 19.23 34.18
N ASP A 291 -29.70 20.35 34.27
CA ASP A 291 -29.09 21.68 34.21
C ASP A 291 -28.11 21.82 35.37
N ILE A 292 -28.65 21.74 36.58
CA ILE A 292 -27.85 21.85 37.80
C ILE A 292 -26.61 20.99 37.77
N LYS A 293 -26.75 19.79 37.23
CA LYS A 293 -25.65 18.84 37.19
C LYS A 293 -24.70 19.05 36.00
N ASN A 294 -25.26 19.34 34.84
CA ASN A 294 -24.42 19.55 33.66
C ASN A 294 -23.81 20.94 33.68
N ASN A 295 -24.65 21.94 33.40
CA ASN A 295 -24.22 23.34 33.36
C ASN A 295 -23.73 23.85 34.73
N GLN A 296 -24.69 24.18 35.59
CA GLN A 296 -24.40 24.72 36.91
C GLN A 296 -23.40 23.96 37.79
N ARG A 297 -22.93 22.79 37.35
CA ARG A 297 -21.96 21.99 38.11
C ARG A 297 -22.13 22.09 39.64
N LEU A 298 -23.38 22.04 40.10
CA LEU A 298 -23.72 22.15 41.52
C LEU A 298 -24.06 20.80 42.15
N ARG A 299 -23.87 20.72 43.46
CA ARG A 299 -24.16 19.51 44.22
C ARG A 299 -25.64 19.18 44.07
N LEU A 300 -25.98 17.91 44.25
CA LEU A 300 -27.35 17.46 44.10
C LEU A 300 -28.36 18.09 45.06
N LYS A 301 -27.92 18.53 46.23
CA LYS A 301 -28.83 19.16 47.20
C LYS A 301 -29.58 20.29 46.49
N GLU A 302 -28.84 21.00 45.64
CA GLU A 302 -29.35 22.13 44.87
C GLU A 302 -30.81 21.99 44.51
N TYR A 303 -31.17 20.83 43.96
CA TYR A 303 -32.53 20.55 43.56
C TYR A 303 -33.53 21.04 44.60
N LEU A 304 -33.15 20.96 45.87
CA LEU A 304 -33.99 21.36 46.99
C LEU A 304 -34.60 22.77 46.89
N LYS A 305 -33.94 23.68 46.18
CA LYS A 305 -34.42 25.06 46.01
C LYS A 305 -35.43 25.09 44.86
N TYR A 306 -35.59 23.93 44.22
CA TYR A 306 -36.50 23.80 43.09
C TYR A 306 -37.77 23.03 43.42
N SER A 307 -37.74 22.22 44.47
CA SER A 307 -38.92 21.44 44.80
C SER A 307 -39.63 21.74 46.12
N LYS A 308 -40.96 21.68 46.06
CA LYS A 308 -41.78 21.92 47.24
C LYS A 308 -41.74 20.63 48.06
N THR A 309 -42.11 19.53 47.42
CA THR A 309 -42.16 18.22 48.07
C THR A 309 -40.90 17.35 47.97
N ALA A 310 -39.73 17.99 47.96
CA ALA A 310 -38.46 17.27 47.89
C ALA A 310 -38.04 16.88 49.29
N LYS A 311 -36.92 16.17 49.40
CA LYS A 311 -36.38 15.74 50.68
C LYS A 311 -34.97 15.17 50.46
N TYR A 312 -33.95 15.88 50.92
CA TYR A 312 -32.58 15.40 50.73
C TYR A 312 -31.97 14.70 51.93
N PHE A 313 -31.69 13.40 51.81
CA PHE A 313 -31.05 12.66 52.90
C PHE A 313 -29.56 12.78 52.59
N GLU A 314 -28.69 12.93 53.58
CA GLU A 314 -27.27 13.03 53.24
C GLU A 314 -26.44 11.88 53.78
N ASN A 315 -25.36 11.59 53.04
CA ASN A 315 -24.44 10.51 53.38
C ASN A 315 -25.23 9.24 53.74
N GLN A 316 -26.02 8.76 52.77
CA GLN A 316 -26.86 7.57 52.96
C GLN A 316 -27.26 6.99 51.62
N LYS A 317 -27.81 5.77 51.63
CA LYS A 317 -28.24 5.15 50.40
C LYS A 317 -29.78 5.05 50.38
N PRO A 318 -30.40 5.05 49.18
CA PRO A 318 -31.87 4.98 49.01
C PRO A 318 -32.47 3.56 49.11
N TRP A 319 -31.61 2.59 49.37
CA TRP A 319 -31.98 1.18 49.44
C TRP A 319 -33.02 0.72 50.48
N ASN A 320 -33.25 1.49 51.54
CA ASN A 320 -34.24 1.09 52.54
C ASN A 320 -35.65 1.61 52.22
N ILE A 321 -35.83 2.06 50.99
CA ILE A 321 -37.13 2.53 50.54
C ILE A 321 -37.78 1.39 49.76
N PRO A 322 -39.08 1.24 49.90
CA PRO A 322 -39.75 0.16 49.19
C PRO A 322 -39.87 0.54 47.72
N CYS A 323 -39.58 -0.42 46.84
CA CYS A 323 -39.63 -0.18 45.41
C CYS A 323 -39.92 -1.48 44.64
N ASP A 324 -40.29 -1.34 43.38
CA ASP A 324 -40.56 -2.50 42.56
C ASP A 324 -39.23 -2.87 41.88
N ILE A 325 -38.57 -1.87 41.28
CA ILE A 325 -37.30 -2.05 40.58
C ILE A 325 -36.24 -1.10 41.16
N ALA A 326 -34.96 -1.43 41.02
CA ALA A 326 -33.89 -0.57 41.52
C ALA A 326 -32.71 -0.50 40.53
N PHE A 327 -32.27 0.72 40.23
CA PHE A 327 -31.20 0.93 39.28
C PHE A 327 -29.89 1.44 39.84
N PRO A 328 -28.97 0.53 40.17
CA PRO A 328 -27.65 0.90 40.72
C PRO A 328 -26.82 1.55 39.62
N CYS A 329 -26.91 2.87 39.47
CA CYS A 329 -26.15 3.59 38.44
C CYS A 329 -25.05 4.54 38.90
N ALA A 330 -24.40 4.24 40.01
CA ALA A 330 -23.33 5.10 40.51
C ALA A 330 -21.95 4.48 40.29
N THR A 331 -21.53 3.59 41.19
CA THR A 331 -20.22 2.95 41.08
C THR A 331 -20.16 1.56 41.73
N GLN A 332 -19.08 0.83 41.45
CA GLN A 332 -18.86 -0.53 41.96
C GLN A 332 -19.07 -0.69 43.46
N ASN A 333 -19.71 -1.81 43.82
CA ASN A 333 -20.01 -2.19 45.21
C ASN A 333 -20.87 -1.23 46.03
N GLU A 334 -21.80 -0.55 45.37
CA GLU A 334 -22.69 0.36 46.08
C GLU A 334 -23.82 -0.46 46.69
N ILE A 335 -23.74 -1.78 46.53
CA ILE A 335 -24.73 -2.69 47.07
C ILE A 335 -24.09 -3.86 47.80
N ASN A 336 -24.08 -3.77 49.12
CA ASN A 336 -23.51 -4.80 49.99
C ASN A 336 -24.63 -5.66 50.56
N GLU A 337 -24.30 -6.56 51.48
CA GLU A 337 -25.30 -7.41 52.08
C GLU A 337 -26.45 -6.64 52.75
N ASN A 338 -26.12 -5.75 53.67
CA ASN A 338 -27.16 -4.98 54.37
C ASN A 338 -28.20 -4.47 53.40
N ASP A 339 -27.74 -4.14 52.19
CA ASP A 339 -28.62 -3.63 51.15
C ASP A 339 -29.47 -4.75 50.55
N ALA A 340 -28.97 -5.98 50.61
CA ALA A 340 -29.71 -7.12 50.09
C ALA A 340 -30.87 -7.35 51.05
N ASP A 341 -30.55 -7.46 52.34
CA ASP A 341 -31.55 -7.67 53.37
C ASP A 341 -32.62 -6.59 53.24
N LEU A 342 -32.17 -5.34 53.06
CA LEU A 342 -33.08 -4.23 52.89
C LEU A 342 -34.03 -4.47 51.72
N PHE A 343 -33.48 -4.88 50.57
CA PHE A 343 -34.25 -5.16 49.37
C PHE A 343 -35.15 -6.38 49.58
N ILE A 344 -34.54 -7.49 49.99
CA ILE A 344 -35.27 -8.74 50.24
C ILE A 344 -36.38 -8.52 51.23
N GLN A 345 -36.25 -7.45 52.02
CA GLN A 345 -37.25 -7.12 53.04
C GLN A 345 -38.38 -6.26 52.46
N ASN A 346 -38.03 -5.22 51.71
CA ASN A 346 -39.03 -4.35 51.13
C ASN A 346 -39.73 -5.07 49.96
N LYS A 347 -39.37 -6.34 49.79
CA LYS A 347 -39.89 -7.22 48.73
C LYS A 347 -39.52 -6.86 47.30
N CYS A 348 -38.50 -6.02 47.13
CA CYS A 348 -38.03 -5.60 45.82
C CYS A 348 -37.87 -6.82 44.89
N LYS A 349 -38.45 -6.73 43.70
CA LYS A 349 -38.41 -7.83 42.73
C LYS A 349 -37.29 -7.84 41.67
N MET A 350 -36.56 -6.74 41.47
CA MET A 350 -35.50 -6.74 40.46
C MET A 350 -34.48 -5.60 40.55
N ILE A 351 -33.24 -5.90 40.16
CA ILE A 351 -32.14 -4.94 40.18
C ILE A 351 -31.38 -4.93 38.85
N VAL A 352 -31.47 -3.80 38.13
CA VAL A 352 -30.81 -3.64 36.84
C VAL A 352 -29.53 -2.81 36.97
N GLU A 353 -28.36 -3.45 36.82
CA GLU A 353 -27.09 -2.73 36.95
C GLU A 353 -26.84 -1.72 35.83
N GLY A 354 -26.56 -0.48 36.21
CA GLY A 354 -26.30 0.55 35.23
C GLY A 354 -24.80 0.80 35.06
N ALA A 355 -24.12 0.95 36.19
CA ALA A 355 -22.68 1.16 36.16
C ALA A 355 -22.04 -0.21 36.05
N ASN A 356 -20.74 -0.27 35.88
CA ASN A 356 -20.08 -1.56 35.76
C ASN A 356 -19.91 -2.26 37.09
N MET A 357 -20.52 -3.44 37.21
CA MET A 357 -20.46 -4.27 38.40
C MET A 357 -20.69 -3.50 39.70
N PRO A 358 -21.89 -2.90 39.84
CA PRO A 358 -22.25 -2.14 41.04
C PRO A 358 -22.64 -3.02 42.23
N THR A 359 -22.64 -4.33 42.02
CA THR A 359 -22.98 -5.29 43.08
C THR A 359 -21.74 -6.01 43.59
N HIS A 360 -21.68 -6.20 44.91
CA HIS A 360 -20.54 -6.88 45.52
C HIS A 360 -20.69 -8.38 45.35
N ILE A 361 -19.57 -9.06 45.12
CA ILE A 361 -19.54 -10.50 44.89
C ILE A 361 -20.41 -11.33 45.84
N LYS A 362 -20.38 -11.00 47.13
CA LYS A 362 -21.17 -11.76 48.11
C LYS A 362 -22.63 -11.30 48.18
N ALA A 363 -22.89 -10.10 47.68
CA ALA A 363 -24.24 -9.54 47.70
C ALA A 363 -25.14 -10.29 46.71
N LEU A 364 -24.56 -10.75 45.62
CA LEU A 364 -25.29 -11.48 44.60
C LEU A 364 -25.83 -12.79 45.15
N HIS A 365 -25.08 -13.40 46.06
CA HIS A 365 -25.50 -14.66 46.66
C HIS A 365 -26.86 -14.56 47.34
N LYS A 366 -26.98 -13.66 48.32
CA LYS A 366 -28.24 -13.50 49.03
C LYS A 366 -29.38 -13.16 48.09
N LEU A 367 -29.13 -12.24 47.17
CA LEU A 367 -30.16 -11.81 46.23
C LEU A 367 -30.72 -12.94 45.37
N LYS A 368 -29.84 -13.84 44.93
CA LYS A 368 -30.25 -14.96 44.09
C LYS A 368 -31.03 -16.01 44.88
N GLN A 369 -30.63 -16.21 46.14
CA GLN A 369 -31.29 -17.18 47.02
C GLN A 369 -32.58 -16.62 47.60
N ASN A 370 -33.00 -15.47 47.09
CA ASN A 370 -34.21 -14.80 47.55
C ASN A 370 -35.11 -14.47 46.36
N ASN A 371 -34.80 -15.09 45.22
CA ASN A 371 -35.53 -14.89 43.97
C ASN A 371 -35.75 -13.43 43.55
N ILE A 372 -34.66 -12.68 43.52
CA ILE A 372 -34.67 -11.28 43.10
C ILE A 372 -33.87 -11.20 41.80
N ILE A 373 -34.56 -10.91 40.70
CA ILE A 373 -33.91 -10.81 39.40
C ILE A 373 -32.74 -9.82 39.35
N LEU A 374 -31.57 -10.29 38.96
CA LEU A 374 -30.40 -9.42 38.85
C LEU A 374 -29.91 -9.35 37.39
N CYS A 375 -29.90 -8.14 36.84
CA CYS A 375 -29.46 -7.92 35.47
C CYS A 375 -27.98 -7.56 35.43
N PRO A 376 -27.18 -8.34 34.68
CA PRO A 376 -25.73 -8.12 34.54
C PRO A 376 -25.43 -6.79 33.87
N SER A 377 -24.50 -6.02 34.40
CA SER A 377 -24.15 -4.75 33.77
C SER A 377 -23.60 -5.04 32.38
N LYS A 378 -22.86 -6.14 32.27
CA LYS A 378 -22.27 -6.56 31.00
C LYS A 378 -23.30 -6.53 29.88
N ALA A 379 -24.55 -6.81 30.21
CA ALA A 379 -25.61 -6.83 29.22
C ALA A 379 -26.53 -5.63 29.27
N ALA A 380 -26.94 -5.25 30.48
CA ALA A 380 -27.86 -4.13 30.65
C ALA A 380 -27.36 -2.80 30.11
N ASN A 381 -26.09 -2.46 30.28
CA ASN A 381 -25.61 -1.19 29.77
C ASN A 381 -24.84 -1.28 28.46
N ALA A 382 -24.95 -2.41 27.77
CA ALA A 382 -24.26 -2.59 26.49
C ALA A 382 -24.87 -1.66 25.46
N GLY A 383 -25.92 -0.95 25.85
CA GLY A 383 -26.58 -0.03 24.93
C GLY A 383 -25.61 0.94 24.28
N GLY A 384 -24.65 1.42 25.06
CA GLY A 384 -23.66 2.36 24.55
C GLY A 384 -22.81 1.77 23.44
N VAL A 385 -22.21 0.62 23.72
CA VAL A 385 -21.38 -0.08 22.76
C VAL A 385 -22.18 -0.39 21.52
N ALA A 386 -23.46 -0.71 21.70
CA ALA A 386 -24.30 -1.04 20.57
C ALA A 386 -24.51 0.15 19.64
N VAL A 387 -24.83 1.32 20.19
CA VAL A 387 -25.05 2.50 19.36
C VAL A 387 -23.80 2.87 18.56
N SER A 388 -22.63 2.68 19.15
CA SER A 388 -21.38 2.99 18.46
C SER A 388 -21.22 2.05 17.26
N GLY A 389 -21.82 0.88 17.34
CA GLY A 389 -21.76 -0.07 16.24
C GLY A 389 -22.64 0.49 15.13
N LEU A 390 -23.71 1.16 15.52
CA LEU A 390 -24.64 1.75 14.57
C LEU A 390 -24.00 2.95 13.92
N GLU A 391 -23.13 3.64 14.68
CA GLU A 391 -22.45 4.81 14.13
C GLU A 391 -21.61 4.30 12.97
N MET A 392 -20.95 3.16 13.20
CA MET A 392 -20.13 2.54 12.17
C MET A 392 -20.96 2.21 10.96
N SER A 393 -22.16 1.70 11.18
CA SER A 393 -23.03 1.37 10.06
C SER A 393 -23.41 2.62 9.28
N GLN A 394 -23.85 3.64 10.00
CA GLN A 394 -24.26 4.88 9.35
C GLN A 394 -23.08 5.46 8.56
N ASN A 395 -21.88 5.42 9.14
CA ASN A 395 -20.70 5.92 8.45
C ASN A 395 -20.46 5.18 7.14
N SER A 396 -20.67 3.86 7.14
CA SER A 396 -20.48 3.07 5.94
C SER A 396 -21.56 3.38 4.91
N MET A 397 -22.76 3.68 5.37
CA MET A 397 -23.86 3.98 4.47
C MET A 397 -23.83 5.41 4.01
N ARG A 398 -22.98 6.22 4.64
CA ARG A 398 -22.82 7.62 4.30
C ARG A 398 -24.12 8.41 4.53
N LEU A 399 -24.87 8.00 5.55
CA LEU A 399 -26.13 8.61 5.90
C LEU A 399 -26.23 8.73 7.42
N GLN A 400 -27.19 9.51 7.89
CA GLN A 400 -27.41 9.65 9.33
C GLN A 400 -28.86 9.38 9.65
N TRP A 401 -29.11 8.33 10.41
CA TRP A 401 -30.47 7.96 10.78
C TRP A 401 -31.04 8.98 11.74
N THR A 402 -32.36 9.12 11.74
CA THR A 402 -33.03 10.06 12.62
C THR A 402 -33.00 9.58 14.06
N HIS A 403 -33.10 10.53 14.99
CA HIS A 403 -33.11 10.23 16.42
C HIS A 403 -34.09 9.07 16.63
N GLN A 404 -35.19 9.14 15.90
CA GLN A 404 -36.24 8.12 15.94
C GLN A 404 -35.71 6.73 15.55
N GLU A 405 -35.26 6.60 14.31
CA GLU A 405 -34.73 5.36 13.74
C GLU A 405 -33.68 4.68 14.61
N THR A 406 -32.63 5.44 14.93
CA THR A 406 -31.54 4.94 15.76
C THR A 406 -32.05 4.35 17.08
N ASP A 407 -33.06 4.96 17.68
CA ASP A 407 -33.62 4.47 18.92
C ASP A 407 -34.20 3.08 18.72
N MET A 408 -35.12 2.96 17.77
CA MET A 408 -35.74 1.68 17.47
C MET A 408 -34.72 0.57 17.34
N LYS A 409 -33.66 0.80 16.57
CA LYS A 409 -32.60 -0.20 16.40
C LYS A 409 -32.05 -0.61 17.77
N LEU A 410 -31.78 0.38 18.63
CA LEU A 410 -31.26 0.13 19.96
C LEU A 410 -32.21 -0.75 20.77
N GLN A 411 -33.51 -0.54 20.59
CA GLN A 411 -34.52 -1.32 21.31
C GLN A 411 -34.46 -2.79 20.91
N ASN A 412 -34.23 -3.07 19.63
CA ASN A 412 -34.17 -4.46 19.16
C ASN A 412 -32.88 -5.10 19.61
N ILE A 413 -31.82 -4.31 19.65
CA ILE A 413 -30.54 -4.81 20.08
C ILE A 413 -30.65 -5.18 21.56
N MET A 414 -31.29 -4.33 22.34
CA MET A 414 -31.47 -4.63 23.75
C MET A 414 -32.33 -5.87 23.93
N LYS A 415 -33.42 -5.95 23.17
CA LYS A 415 -34.31 -7.11 23.22
C LYS A 415 -33.52 -8.39 22.96
N SER A 416 -32.68 -8.37 21.94
CA SER A 416 -31.87 -9.52 21.59
C SER A 416 -30.90 -9.84 22.70
N ILE A 417 -30.24 -8.82 23.24
CA ILE A 417 -29.29 -9.07 24.32
C ILE A 417 -30.00 -9.81 25.45
N TYR A 418 -31.23 -9.39 25.73
CA TYR A 418 -31.99 -10.05 26.79
C TYR A 418 -32.27 -11.51 26.43
N GLU A 419 -32.86 -11.73 25.26
CA GLU A 419 -33.19 -13.08 24.83
C GLU A 419 -32.02 -14.03 24.94
N GLN A 420 -30.83 -13.59 24.58
CA GLN A 420 -29.68 -14.47 24.66
C GLN A 420 -29.31 -14.88 26.08
N CYS A 421 -29.39 -13.95 27.02
CA CYS A 421 -29.09 -14.26 28.40
C CYS A 421 -30.13 -15.25 28.89
N HIS A 422 -31.39 -14.93 28.63
CA HIS A 422 -32.51 -15.76 29.03
C HIS A 422 -32.39 -17.18 28.49
N ASN A 423 -32.38 -17.32 27.16
CA ASN A 423 -32.29 -18.63 26.53
C ASN A 423 -31.03 -19.41 26.84
N THR A 424 -29.89 -18.74 26.80
CA THR A 424 -28.64 -19.42 27.10
C THR A 424 -28.61 -19.97 28.50
N SER A 425 -28.89 -19.13 29.50
CA SER A 425 -28.87 -19.59 30.88
C SER A 425 -29.87 -20.72 31.08
N LYS A 426 -30.99 -20.69 30.36
CA LYS A 426 -32.00 -21.73 30.46
C LYS A 426 -31.42 -23.05 29.95
N ILE A 427 -30.92 -23.01 28.74
CA ILE A 427 -30.34 -24.20 28.12
C ILE A 427 -29.17 -24.82 28.90
N TYR A 428 -28.35 -24.00 29.53
CA TYR A 428 -27.20 -24.52 30.26
C TYR A 428 -27.36 -24.70 31.76
N LEU A 429 -28.33 -24.04 32.37
CA LEU A 429 -28.52 -24.16 33.82
C LEU A 429 -29.91 -24.69 34.17
N ASN A 430 -30.72 -24.88 33.13
CA ASN A 430 -32.10 -25.37 33.26
C ASN A 430 -33.03 -24.28 33.82
N GLU A 431 -32.45 -23.26 34.46
CA GLU A 431 -33.21 -22.15 35.00
C GLU A 431 -32.86 -20.86 34.25
N SER A 432 -33.56 -19.78 34.52
CA SER A 432 -33.30 -18.51 33.86
C SER A 432 -32.43 -17.58 34.69
N ASP A 433 -31.11 -17.70 34.54
CA ASP A 433 -30.15 -16.88 35.27
C ASP A 433 -29.51 -15.87 34.30
N LEU A 434 -29.93 -14.61 34.36
CA LEU A 434 -29.39 -13.59 33.47
C LEU A 434 -27.90 -13.36 33.57
N VAL A 435 -27.37 -13.41 34.78
CA VAL A 435 -25.94 -13.18 34.97
C VAL A 435 -25.07 -14.23 34.29
N ALA A 436 -25.38 -15.51 34.51
CA ALA A 436 -24.60 -16.57 33.89
C ALA A 436 -24.89 -16.57 32.40
N GLY A 437 -26.16 -16.32 32.06
CA GLY A 437 -26.56 -16.29 30.66
C GLY A 437 -25.70 -15.33 29.86
N ALA A 438 -25.50 -14.13 30.39
CA ALA A 438 -24.68 -13.11 29.73
C ALA A 438 -23.27 -13.60 29.45
N ASN A 439 -22.63 -14.19 30.47
CA ASN A 439 -21.27 -14.69 30.30
C ASN A 439 -21.19 -15.84 29.31
N ILE A 440 -22.00 -16.87 29.52
CA ILE A 440 -21.98 -18.02 28.63
C ILE A 440 -22.24 -17.59 27.19
N ALA A 441 -23.36 -16.88 26.97
CA ALA A 441 -23.72 -16.43 25.63
C ALA A 441 -22.61 -15.62 24.98
N GLY A 442 -22.11 -14.63 25.70
CA GLY A 442 -21.04 -13.79 25.20
C GLY A 442 -19.80 -14.58 24.80
N PHE A 443 -19.38 -15.50 25.66
CA PHE A 443 -18.22 -16.34 25.40
C PHE A 443 -18.41 -17.30 24.25
N LEU A 444 -19.53 -18.03 24.26
CA LEU A 444 -19.80 -19.00 23.23
C LEU A 444 -19.76 -18.46 21.81
N LYS A 445 -20.38 -17.31 21.54
CA LYS A 445 -20.35 -16.78 20.19
C LYS A 445 -18.92 -16.65 19.71
N VAL A 446 -18.06 -16.11 20.57
CA VAL A 446 -16.65 -15.94 20.26
C VAL A 446 -15.90 -17.27 20.12
N ALA A 447 -16.06 -18.13 21.12
CA ALA A 447 -15.38 -19.42 21.14
C ALA A 447 -15.68 -20.27 19.91
N ASP A 448 -16.95 -20.35 19.55
CA ASP A 448 -17.31 -21.15 18.39
C ASP A 448 -16.73 -20.57 17.12
N SER A 449 -16.98 -19.28 16.88
CA SER A 449 -16.46 -18.60 15.70
C SER A 449 -14.95 -18.80 15.59
N PHE A 450 -14.28 -18.72 16.75
CA PHE A 450 -12.84 -18.91 16.84
C PHE A 450 -12.51 -20.27 16.21
N LEU A 451 -13.20 -21.31 16.68
CA LEU A 451 -13.00 -22.66 16.16
C LEU A 451 -13.30 -22.78 14.67
N GLU A 452 -14.44 -22.25 14.24
CA GLU A 452 -14.84 -22.32 12.85
C GLU A 452 -13.82 -21.66 11.92
N GLN A 453 -13.13 -20.66 12.44
CA GLN A 453 -12.15 -19.93 11.64
C GLN A 453 -10.75 -20.52 11.59
N GLY A 454 -10.58 -21.70 12.17
CA GLY A 454 -9.27 -22.33 12.11
C GLY A 454 -8.39 -22.18 13.34
N GLY A 455 -8.92 -21.55 14.39
CA GLY A 455 -8.15 -21.37 15.61
C GLY A 455 -7.00 -20.38 15.51
N LEU A 456 -7.19 -19.36 14.68
CA LEU A 456 -6.18 -18.32 14.48
C LEU A 456 -6.35 -17.14 15.45
N LEU B 1 10.97 10.11 -37.01
CA LEU B 1 10.03 8.94 -36.90
C LEU B 1 8.76 9.31 -36.11
N HIS B 2 8.94 9.90 -34.92
CA HIS B 2 7.81 10.29 -34.09
C HIS B 2 7.42 11.76 -34.22
N ASN B 3 6.15 11.99 -34.51
CA ASN B 3 5.57 13.32 -34.72
C ASN B 3 5.10 14.07 -33.48
N TYR B 4 5.92 15.00 -32.98
CA TYR B 4 5.53 15.81 -31.82
C TYR B 4 5.03 17.16 -32.29
N GLY B 5 5.32 18.17 -31.49
CA GLY B 5 4.88 19.52 -31.81
C GLY B 5 4.76 20.01 -33.25
N TYR B 6 5.83 20.65 -33.73
CA TYR B 6 5.84 21.30 -35.05
C TYR B 6 6.61 20.69 -36.24
N THR B 7 6.07 21.01 -37.42
CA THR B 7 6.57 20.59 -38.74
C THR B 7 5.72 21.39 -39.75
N SER B 8 5.49 22.66 -39.42
CA SER B 8 4.65 23.55 -40.23
C SER B 8 5.27 24.32 -41.42
N THR B 9 6.46 23.93 -41.86
CA THR B 9 7.15 24.61 -42.97
C THR B 9 7.76 25.93 -42.50
N LYS B 10 7.23 26.45 -41.39
CA LYS B 10 7.69 27.70 -40.80
C LYS B 10 9.21 27.79 -40.73
N SER B 11 9.69 29.00 -40.47
CA SER B 11 11.12 29.24 -40.33
C SER B 11 11.45 28.82 -38.91
N VAL B 12 12.64 28.28 -38.71
CA VAL B 12 12.99 27.85 -37.37
C VAL B 12 12.67 28.97 -36.37
N ASP B 13 12.85 30.21 -36.81
CA ASP B 13 12.60 31.38 -35.97
C ASP B 13 11.12 31.61 -35.71
N ASN B 14 10.29 31.28 -36.68
CA ASN B 14 8.85 31.48 -36.52
C ASN B 14 8.25 30.42 -35.63
N GLN B 15 8.88 29.24 -35.64
CA GLN B 15 8.41 28.16 -34.80
C GLN B 15 8.79 28.51 -33.36
N ILE B 16 10.01 29.00 -33.18
CA ILE B 16 10.50 29.40 -31.86
C ILE B 16 9.60 30.53 -31.35
N GLU B 17 9.08 31.33 -32.26
CA GLU B 17 8.22 32.43 -31.87
C GLU B 17 6.84 31.89 -31.51
N GLU B 18 6.38 30.90 -32.27
CA GLU B 18 5.06 30.31 -32.01
C GLU B 18 5.08 29.66 -30.64
N LEU B 19 6.14 28.91 -30.35
CA LEU B 19 6.30 28.23 -29.07
C LEU B 19 6.28 29.26 -27.93
N ARG B 20 7.19 30.23 -27.99
CA ARG B 20 7.25 31.26 -26.96
C ARG B 20 5.86 31.81 -26.66
N GLU B 21 5.12 32.13 -27.71
CA GLU B 21 3.78 32.69 -27.59
C GLU B 21 2.87 31.74 -26.84
N LYS B 22 2.91 30.46 -27.20
CA LYS B 22 2.07 29.47 -26.57
C LYS B 22 2.40 29.25 -25.09
N VAL B 23 3.69 29.23 -24.75
CA VAL B 23 4.13 29.04 -23.36
C VAL B 23 3.77 30.23 -22.49
N VAL B 24 3.91 31.43 -23.05
CA VAL B 24 3.58 32.66 -22.33
C VAL B 24 2.09 32.77 -22.01
N SER B 25 1.25 32.53 -23.01
CA SER B 25 -0.20 32.61 -22.82
C SER B 25 -0.72 31.69 -21.73
N LYS B 26 -0.09 30.52 -21.57
CA LYS B 26 -0.51 29.57 -20.53
C LYS B 26 0.05 29.91 -19.16
N ASN B 27 1.08 30.73 -19.12
CA ASN B 27 1.71 31.12 -17.85
C ASN B 27 1.83 32.63 -17.73
N LYS B 28 0.79 33.35 -18.17
CA LYS B 28 0.76 34.81 -18.15
C LYS B 28 1.39 35.48 -16.95
N ASN B 29 1.02 35.06 -15.75
CA ASN B 29 1.52 35.71 -14.55
C ASN B 29 2.65 35.03 -13.77
N GLU B 30 3.54 34.36 -14.48
CA GLU B 30 4.66 33.71 -13.81
C GLU B 30 5.92 34.28 -14.47
N PRO B 31 6.25 35.55 -14.15
CA PRO B 31 7.43 36.26 -14.69
C PRO B 31 8.73 35.51 -14.50
N GLU B 32 9.03 35.15 -13.25
CA GLU B 32 10.26 34.43 -12.94
C GLU B 32 10.39 33.20 -13.81
N PHE B 33 9.31 32.43 -13.95
CA PHE B 33 9.36 31.23 -14.76
C PHE B 33 9.53 31.56 -16.25
N LEU B 34 8.65 32.41 -16.80
CA LEU B 34 8.73 32.79 -18.20
C LEU B 34 10.11 33.30 -18.58
N GLN B 35 10.80 33.96 -17.65
CA GLN B 35 12.11 34.49 -17.95
C GLN B 35 13.17 33.40 -18.03
N ALA B 36 13.15 32.48 -17.08
CA ALA B 36 14.10 31.38 -17.06
C ALA B 36 13.87 30.52 -18.29
N PHE B 37 12.64 30.54 -18.79
CA PHE B 37 12.29 29.75 -19.98
C PHE B 37 12.84 30.43 -21.22
N GLU B 38 12.41 31.67 -21.48
CA GLU B 38 12.89 32.42 -22.66
C GLU B 38 14.40 32.40 -22.73
N GLU B 39 15.02 32.09 -21.59
CA GLU B 39 16.48 32.04 -21.47
C GLU B 39 17.05 30.75 -22.03
N VAL B 40 16.52 29.63 -21.56
CA VAL B 40 16.98 28.31 -22.04
C VAL B 40 16.68 28.20 -23.53
N LEU B 41 15.58 28.82 -23.93
CA LEU B 41 15.10 28.82 -25.32
C LEU B 41 16.10 29.45 -26.28
N SER B 42 16.75 30.52 -25.84
CA SER B 42 17.72 31.22 -26.68
C SER B 42 18.85 30.34 -27.17
N CYS B 43 19.70 29.87 -26.26
CA CYS B 43 20.82 29.05 -26.68
C CYS B 43 20.47 27.72 -27.39
N LEU B 44 19.19 27.33 -27.39
CA LEU B 44 18.78 26.07 -28.04
C LEU B 44 18.41 26.18 -29.52
N LYS B 45 18.74 27.28 -30.18
CA LYS B 45 18.39 27.42 -31.59
C LYS B 45 19.16 26.46 -32.52
N PRO B 46 20.45 26.23 -32.24
CA PRO B 46 21.24 25.33 -33.09
C PRO B 46 20.66 23.92 -33.18
N VAL B 47 20.23 23.39 -32.05
CA VAL B 47 19.64 22.05 -31.99
C VAL B 47 18.27 22.03 -32.68
N PHE B 48 17.51 23.11 -32.58
CA PHE B 48 16.20 23.17 -33.24
C PHE B 48 16.40 23.02 -34.73
N LYS B 49 17.46 23.63 -35.26
CA LYS B 49 17.78 23.54 -36.69
C LYS B 49 18.06 22.11 -37.12
N LYS B 50 18.72 21.34 -36.24
CA LYS B 50 19.05 19.96 -36.54
C LYS B 50 17.81 19.09 -36.60
N ASP B 51 16.79 19.44 -35.83
CA ASP B 51 15.55 18.66 -35.82
C ASP B 51 14.43 19.42 -35.14
N ASN B 52 13.29 19.56 -35.84
CA ASN B 52 12.13 20.27 -35.31
C ASN B 52 11.55 19.64 -34.07
N VAL B 53 11.62 18.31 -34.02
CA VAL B 53 11.09 17.56 -32.89
C VAL B 53 11.36 18.24 -31.55
N TYR B 54 12.62 18.64 -31.33
CA TYR B 54 12.99 19.27 -30.08
C TYR B 54 12.17 20.47 -29.67
N ILE B 55 11.58 21.19 -30.62
CA ILE B 55 10.75 22.34 -30.28
C ILE B 55 9.51 21.87 -29.54
N GLY B 56 8.90 20.81 -30.04
CA GLY B 56 7.73 20.24 -29.40
C GLY B 56 8.12 19.63 -28.06
N VAL B 57 9.20 18.86 -28.06
CA VAL B 57 9.70 18.24 -26.83
C VAL B 57 9.90 19.29 -25.75
N LEU B 58 10.48 20.43 -26.12
CA LEU B 58 10.69 21.49 -25.14
C LEU B 58 9.36 21.98 -24.58
N GLU B 59 8.36 22.18 -25.43
CA GLU B 59 7.06 22.65 -24.96
C GLU B 59 6.54 21.69 -23.89
N ASN B 60 6.75 20.41 -24.13
CA ASN B 60 6.31 19.36 -23.21
C ASN B 60 7.09 19.41 -21.91
N ILE B 61 8.41 19.41 -22.00
CA ILE B 61 9.26 19.44 -20.84
C ILE B 61 9.05 20.67 -19.97
N ALA B 62 8.61 21.77 -20.59
CA ALA B 62 8.37 23.02 -19.86
C ALA B 62 7.13 22.94 -18.96
N GLU B 63 6.35 21.89 -19.14
CA GLU B 63 5.13 21.68 -18.37
C GLU B 63 5.45 20.69 -17.24
N PRO B 64 5.47 21.16 -15.99
CA PRO B 64 5.77 20.29 -14.85
C PRO B 64 5.01 18.98 -14.96
N GLU B 65 5.72 17.88 -14.78
CA GLU B 65 5.10 16.57 -14.85
C GLU B 65 3.94 16.61 -13.86
N ARG B 66 4.19 17.22 -12.71
CA ARG B 66 3.18 17.32 -11.68
C ARG B 66 3.61 18.35 -10.65
N VAL B 67 2.65 19.06 -10.09
CA VAL B 67 2.92 20.07 -9.08
C VAL B 67 1.89 19.96 -7.95
N ILE B 68 2.38 19.78 -6.74
CA ILE B 68 1.50 19.64 -5.58
C ILE B 68 1.63 20.85 -4.68
N GLN B 69 0.50 21.45 -4.36
CA GLN B 69 0.47 22.61 -3.51
C GLN B 69 -0.46 22.25 -2.33
N PHE B 70 -0.11 22.68 -1.13
CA PHE B 70 -0.93 22.33 0.02
C PHE B 70 -0.86 23.30 1.19
N ARG B 71 -1.93 23.36 1.97
CA ARG B 71 -2.00 24.24 3.12
C ARG B 71 -1.24 23.59 4.28
N VAL B 72 -0.27 24.32 4.83
CA VAL B 72 0.55 23.85 5.96
C VAL B 72 0.19 24.64 7.21
N PRO B 73 -0.63 24.06 8.09
CA PRO B 73 -1.03 24.73 9.33
C PRO B 73 -0.08 24.43 10.48
N TRP B 74 0.07 25.39 11.40
CA TRP B 74 0.93 25.19 12.57
C TRP B 74 0.57 26.13 13.70
N ILE B 75 0.91 25.76 14.93
CA ILE B 75 0.59 26.60 16.09
C ILE B 75 1.86 27.27 16.61
N ASN B 76 1.94 28.60 16.51
CA ASN B 76 3.13 29.28 17.00
C ASN B 76 3.21 29.17 18.51
N ASP B 77 4.19 29.82 19.13
CA ASP B 77 4.34 29.73 20.58
C ASP B 77 3.33 30.51 21.44
N LYS B 78 2.66 31.49 20.85
CA LYS B 78 1.65 32.26 21.57
C LYS B 78 0.33 31.51 21.53
N GLY B 79 0.36 30.30 20.98
CA GLY B 79 -0.85 29.50 20.88
C GLY B 79 -1.76 29.84 19.71
N GLU B 80 -1.22 30.60 18.76
CA GLU B 80 -1.98 31.01 17.58
C GLU B 80 -1.95 29.96 16.46
N HIS B 81 -3.08 29.82 15.79
CA HIS B 81 -3.17 28.87 14.68
C HIS B 81 -2.78 29.59 13.40
N LYS B 82 -1.55 29.36 12.97
CA LYS B 82 -1.05 29.97 11.74
C LYS B 82 -1.24 29.05 10.53
N MET B 83 -0.92 29.58 9.36
CA MET B 83 -1.07 28.84 8.13
C MET B 83 -0.12 29.35 7.07
N ASN B 84 0.38 28.45 6.25
CA ASN B 84 1.29 28.81 5.19
C ASN B 84 1.07 27.93 3.96
N ARG B 85 1.54 28.39 2.81
CA ARG B 85 1.36 27.63 1.59
C ARG B 85 2.63 26.86 1.19
N GLY B 86 2.48 25.55 1.01
CA GLY B 86 3.62 24.72 0.63
C GLY B 86 3.53 24.23 -0.80
N PHE B 87 4.69 24.04 -1.42
CA PHE B 87 4.75 23.57 -2.80
C PHE B 87 5.79 22.48 -3.02
N ARG B 88 5.56 21.68 -4.04
CA ARG B 88 6.51 20.66 -4.46
C ARG B 88 6.23 20.49 -5.95
N VAL B 89 7.17 20.93 -6.76
CA VAL B 89 7.03 20.82 -8.20
C VAL B 89 7.97 19.73 -8.67
N GLN B 90 7.37 18.63 -9.11
CA GLN B 90 8.13 17.49 -9.61
C GLN B 90 8.15 17.72 -11.12
N TYR B 91 9.08 18.57 -11.54
CA TYR B 91 9.23 18.98 -12.92
C TYR B 91 9.54 17.91 -13.95
N ASN B 92 10.51 17.07 -13.68
CA ASN B 92 10.86 16.06 -14.66
C ASN B 92 11.57 14.87 -14.03
N SER B 93 11.19 13.66 -14.42
CA SER B 93 11.78 12.44 -13.88
C SER B 93 12.22 11.50 -15.00
N VAL B 94 12.73 12.07 -16.08
CA VAL B 94 13.16 11.27 -17.21
C VAL B 94 14.50 10.61 -16.96
N LEU B 95 15.40 11.32 -16.29
CA LEU B 95 16.72 10.81 -16.01
C LEU B 95 16.86 10.14 -14.64
N GLY B 96 15.87 10.34 -13.78
CA GLY B 96 15.88 9.77 -12.45
C GLY B 96 14.81 10.38 -11.56
N PRO B 97 14.82 10.07 -10.25
CA PRO B 97 13.83 10.61 -9.31
C PRO B 97 13.94 12.14 -9.24
N TYR B 98 12.84 12.82 -8.94
CA TYR B 98 12.90 14.27 -8.85
C TYR B 98 13.90 14.67 -7.78
N LYS B 99 14.84 15.55 -8.13
CA LYS B 99 15.84 16.05 -7.18
C LYS B 99 15.71 17.57 -7.11
N GLY B 100 15.84 18.15 -5.92
CA GLY B 100 15.70 19.58 -5.80
C GLY B 100 15.41 20.02 -4.37
N GLY B 101 15.97 21.17 -4.00
CA GLY B 101 15.82 21.68 -2.65
C GLY B 101 14.46 22.25 -2.28
N LEU B 102 14.37 22.65 -1.02
CA LEU B 102 13.16 23.25 -0.47
C LEU B 102 13.54 24.66 0.00
N ARG B 103 12.77 25.66 -0.41
CA ARG B 103 13.05 27.02 0.00
C ARG B 103 11.95 27.65 0.87
N PHE B 104 12.34 28.13 2.05
CA PHE B 104 11.38 28.76 2.95
C PHE B 104 11.63 30.27 2.91
N HIS B 105 10.80 30.99 2.18
CA HIS B 105 10.96 32.43 2.03
C HIS B 105 9.63 33.11 1.80
N PRO B 106 9.46 34.33 2.35
CA PRO B 106 8.21 35.11 2.22
C PRO B 106 7.83 35.41 0.78
N ALA B 107 8.82 35.32 -0.11
CA ALA B 107 8.60 35.61 -1.53
C ALA B 107 8.20 34.38 -2.34
N VAL B 108 8.33 33.19 -1.74
CA VAL B 108 8.01 31.95 -2.43
C VAL B 108 6.57 31.82 -2.92
N ASN B 109 6.44 31.35 -4.15
CA ASN B 109 5.13 31.09 -4.77
C ASN B 109 5.35 30.17 -5.97
N LEU B 110 4.26 29.68 -6.57
CA LEU B 110 4.37 28.76 -7.68
C LEU B 110 5.32 29.23 -8.78
N SER B 111 5.17 30.48 -9.19
CA SER B 111 6.04 31.03 -10.24
C SER B 111 7.50 30.88 -9.89
N VAL B 112 7.86 31.34 -8.69
CA VAL B 112 9.23 31.27 -8.24
C VAL B 112 9.76 29.85 -8.24
N ILE B 113 8.98 28.92 -7.68
CA ILE B 113 9.39 27.53 -7.61
C ILE B 113 9.59 26.91 -8.99
N LYS B 114 8.65 27.14 -9.92
CA LYS B 114 8.78 26.59 -11.27
C LYS B 114 10.08 27.08 -11.88
N PHE B 115 10.35 28.35 -11.68
CA PHE B 115 11.56 28.95 -12.20
C PHE B 115 12.76 28.14 -11.73
N LEU B 116 12.92 28.01 -10.42
CA LEU B 116 14.04 27.27 -9.85
C LEU B 116 14.07 25.80 -10.26
N GLY B 117 12.90 25.17 -10.19
CA GLY B 117 12.79 23.78 -10.54
C GLY B 117 13.11 23.53 -12.01
N PHE B 118 12.56 24.38 -12.87
CA PHE B 118 12.79 24.22 -14.30
C PHE B 118 14.28 24.21 -14.59
N GLU B 119 15.01 25.13 -13.97
CA GLU B 119 16.45 25.19 -14.19
C GLU B 119 17.15 23.98 -13.61
N GLN B 120 16.62 23.45 -12.52
CA GLN B 120 17.22 22.29 -11.87
C GLN B 120 17.29 21.08 -12.78
N ILE B 121 16.29 20.92 -13.64
CA ILE B 121 16.23 19.78 -14.57
C ILE B 121 17.54 19.58 -15.31
N PHE B 122 17.95 20.62 -16.02
CA PHE B 122 19.16 20.62 -16.83
C PHE B 122 20.45 20.63 -16.03
N LYS B 123 20.46 21.38 -14.94
CA LYS B 123 21.65 21.42 -14.10
C LYS B 123 21.93 19.98 -13.68
N ASN B 124 20.91 19.31 -13.14
CA ASN B 124 21.03 17.92 -12.71
C ASN B 124 21.47 17.05 -13.87
N SER B 125 20.84 17.27 -15.02
CA SER B 125 21.13 16.51 -16.22
C SER B 125 22.63 16.37 -16.48
N LEU B 126 23.33 17.50 -16.46
CA LEU B 126 24.77 17.54 -16.69
C LEU B 126 25.57 16.68 -15.71
N THR B 127 25.07 16.60 -14.48
CA THR B 127 25.70 15.83 -13.41
C THR B 127 26.22 14.46 -13.80
N THR B 128 25.54 13.81 -14.73
CA THR B 128 25.91 12.46 -15.17
C THR B 128 25.19 11.45 -14.28
N LEU B 129 24.83 11.88 -13.08
CA LEU B 129 24.14 11.02 -12.14
C LEU B 129 22.66 10.99 -12.52
N PRO B 130 21.93 9.93 -12.13
CA PRO B 130 20.51 9.79 -12.45
C PRO B 130 19.61 10.64 -11.54
N MET B 131 19.37 11.89 -11.93
CA MET B 131 18.53 12.77 -11.13
C MET B 131 17.57 13.60 -11.95
N GLY B 132 16.30 13.53 -11.57
CA GLY B 132 15.29 14.31 -12.24
C GLY B 132 15.34 15.72 -11.64
N GLY B 133 14.37 16.56 -11.99
CA GLY B 133 14.38 17.91 -11.46
C GLY B 133 13.12 18.25 -10.68
N GLY B 134 13.30 18.92 -9.56
CA GLY B 134 12.17 19.32 -8.75
C GLY B 134 12.51 20.49 -7.87
N LYS B 135 11.54 20.98 -7.12
CA LYS B 135 11.77 22.10 -6.24
C LYS B 135 10.54 22.26 -5.37
N GLY B 136 10.73 22.74 -4.15
CA GLY B 136 9.60 22.93 -3.27
C GLY B 136 9.89 24.03 -2.27
N GLY B 137 8.95 24.25 -1.37
CA GLY B 137 9.16 25.28 -0.37
C GLY B 137 7.86 25.83 0.16
N SER B 138 7.95 26.93 0.88
CA SER B 138 6.77 27.56 1.45
C SER B 138 7.03 29.05 1.56
N ASP B 139 5.97 29.84 1.73
CA ASP B 139 6.10 31.29 1.89
C ASP B 139 6.36 31.56 3.37
N PHE B 140 6.62 30.48 4.11
CA PHE B 140 6.91 30.53 5.53
C PHE B 140 8.18 31.34 5.72
N ASP B 141 8.18 32.25 6.68
CA ASP B 141 9.37 33.07 6.92
C ASP B 141 10.10 32.66 8.20
N PRO B 142 11.24 31.94 8.05
CA PRO B 142 12.02 31.49 9.21
C PRO B 142 12.44 32.64 10.12
N LYS B 143 12.81 33.75 9.50
CA LYS B 143 13.23 34.94 10.23
C LYS B 143 12.24 35.40 11.28
N GLY B 144 12.71 35.41 12.53
CA GLY B 144 11.86 35.83 13.64
C GLY B 144 11.22 34.69 14.38
N LYS B 145 11.11 33.53 13.74
CA LYS B 145 10.49 32.37 14.37
C LYS B 145 11.44 31.78 15.40
N SER B 146 10.87 31.17 16.43
CA SER B 146 11.66 30.56 17.47
C SER B 146 12.12 29.20 16.99
N GLU B 147 13.06 28.61 17.72
CA GLU B 147 13.58 27.29 17.40
C GLU B 147 12.42 26.30 17.38
N ASN B 148 11.63 26.36 18.44
CA ASN B 148 10.48 25.49 18.61
C ASN B 148 9.48 25.61 17.46
N GLU B 149 9.20 26.84 17.04
CA GLU B 149 8.25 27.07 15.96
C GLU B 149 8.79 26.46 14.68
N ILE B 150 10.07 26.65 14.40
CA ILE B 150 10.65 26.07 13.20
C ILE B 150 10.41 24.56 13.19
N LEU B 151 10.59 23.92 14.34
CA LEU B 151 10.35 22.49 14.45
C LEU B 151 8.89 22.17 14.11
N LYS B 152 7.96 22.81 14.82
CA LYS B 152 6.54 22.59 14.59
C LYS B 152 6.21 22.73 13.10
N PHE B 153 6.77 23.75 12.45
CA PHE B 153 6.49 23.96 11.04
C PHE B 153 7.00 22.80 10.21
N CYS B 154 8.28 22.47 10.36
CA CYS B 154 8.86 21.36 9.61
C CYS B 154 8.01 20.09 9.69
N GLN B 155 7.59 19.76 10.91
CA GLN B 155 6.79 18.57 11.12
C GLN B 155 5.50 18.64 10.33
N SER B 156 4.80 19.77 10.40
CA SER B 156 3.55 19.93 9.67
C SER B 156 3.83 19.84 8.18
N PHE B 157 4.80 20.62 7.72
CA PHE B 157 5.19 20.63 6.32
C PHE B 157 5.47 19.19 5.81
N MET B 158 6.24 18.42 6.57
CA MET B 158 6.53 17.06 6.16
C MET B 158 5.29 16.17 6.19
N THR B 159 4.40 16.39 7.15
CA THR B 159 3.19 15.58 7.24
C THR B 159 2.41 15.65 5.92
N ASN B 160 2.47 16.78 5.24
CA ASN B 160 1.76 16.90 3.99
C ASN B 160 2.57 16.34 2.85
N LEU B 161 3.83 16.70 2.82
CA LEU B 161 4.71 16.24 1.75
C LEU B 161 5.09 14.76 1.76
N PHE B 162 5.23 14.19 2.95
CA PHE B 162 5.67 12.80 3.11
C PHE B 162 5.10 11.75 2.17
N ARG B 163 3.82 11.86 1.84
CA ARG B 163 3.19 10.87 0.97
C ARG B 163 3.61 10.95 -0.51
N TYR B 164 4.24 12.06 -0.91
CA TYR B 164 4.64 12.26 -2.30
C TYR B 164 6.13 12.17 -2.58
N ILE B 165 6.93 11.94 -1.56
CA ILE B 165 8.37 11.85 -1.76
C ILE B 165 8.85 10.47 -1.33
N GLY B 166 10.01 10.07 -1.82
CA GLY B 166 10.55 8.76 -1.51
C GLY B 166 11.89 8.56 -2.18
N PRO B 167 12.68 7.59 -1.71
CA PRO B 167 14.01 7.28 -2.25
C PRO B 167 14.05 7.12 -3.75
N ASN B 168 12.98 6.54 -4.32
CA ASN B 168 12.94 6.33 -5.77
C ASN B 168 11.92 7.21 -6.47
N THR B 169 11.45 8.22 -5.77
CA THR B 169 10.47 9.10 -6.36
C THR B 169 10.89 10.56 -6.40
N ASP B 170 11.08 11.13 -5.22
CA ASP B 170 11.44 12.53 -5.10
C ASP B 170 12.30 12.72 -3.85
N VAL B 171 13.54 13.14 -4.05
CA VAL B 171 14.47 13.36 -2.94
C VAL B 171 14.81 14.83 -2.77
N PRO B 172 14.08 15.54 -1.90
CA PRO B 172 14.32 16.96 -1.62
C PRO B 172 15.66 17.24 -0.90
N ALA B 173 15.97 18.52 -0.74
CA ALA B 173 17.21 18.94 -0.08
C ALA B 173 17.11 20.35 0.48
N GLY B 174 18.20 20.84 1.05
CA GLY B 174 18.21 22.17 1.61
C GLY B 174 18.32 23.29 0.59
N ASP B 175 18.02 24.52 1.03
CA ASP B 175 18.09 25.69 0.17
C ASP B 175 17.89 26.88 1.11
N ILE B 176 17.55 28.04 0.56
CA ILE B 176 17.33 29.22 1.40
C ILE B 176 16.19 28.99 2.39
N GLY B 177 16.49 29.14 3.67
CA GLY B 177 15.47 28.94 4.69
C GLY B 177 15.43 27.52 5.21
N VAL B 178 16.01 26.61 4.45
CA VAL B 178 16.05 25.19 4.83
C VAL B 178 17.49 24.72 4.92
N GLY B 179 18.06 24.77 6.11
CA GLY B 179 19.43 24.34 6.28
C GLY B 179 19.53 23.00 6.97
N GLY B 180 20.69 22.75 7.60
CA GLY B 180 20.89 21.48 8.29
C GLY B 180 19.89 21.27 9.40
N ARG B 181 19.72 22.27 10.25
CA ARG B 181 18.78 22.18 11.36
C ARG B 181 17.43 21.70 10.84
N GLU B 182 16.95 22.34 9.76
CA GLU B 182 15.66 22.01 9.17
C GLU B 182 15.56 20.60 8.58
N ILE B 183 16.61 20.20 7.87
CA ILE B 183 16.63 18.88 7.27
C ILE B 183 16.59 17.80 8.34
N GLY B 184 17.09 18.12 9.53
CA GLY B 184 17.06 17.17 10.61
C GLY B 184 15.61 16.93 11.03
N TYR B 185 14.88 18.03 11.26
CA TYR B 185 13.48 17.96 11.67
C TYR B 185 12.63 17.28 10.60
N LEU B 186 12.84 17.68 9.34
CA LEU B 186 12.11 17.11 8.20
C LEU B 186 12.31 15.59 8.12
N PHE B 187 13.57 15.18 8.23
CA PHE B 187 13.92 13.77 8.19
C PHE B 187 13.28 13.02 9.37
N GLY B 188 13.47 13.56 10.57
CA GLY B 188 12.91 12.95 11.76
C GLY B 188 11.44 12.64 11.59
N GLN B 189 10.67 13.65 11.20
CA GLN B 189 9.23 13.52 10.97
C GLN B 189 8.92 12.49 9.89
N TYR B 190 9.64 12.55 8.77
CA TYR B 190 9.42 11.62 7.68
C TYR B 190 9.58 10.18 8.16
N LYS B 191 10.67 9.94 8.88
CA LYS B 191 10.94 8.61 9.39
C LYS B 191 9.78 8.10 10.26
N LYS B 192 9.28 8.97 11.12
CA LYS B 192 8.18 8.63 12.01
C LYS B 192 6.94 8.24 11.25
N LEU B 193 6.61 9.00 10.21
CA LEU B 193 5.42 8.72 9.40
C LEU B 193 5.58 7.46 8.53
N LYS B 194 6.51 7.49 7.59
CA LYS B 194 6.74 6.37 6.69
C LYS B 194 7.20 5.10 7.41
N ASN B 195 7.76 5.25 8.60
CA ASN B 195 8.28 4.13 9.37
C ASN B 195 9.39 3.40 8.61
N SER B 196 10.47 4.11 8.33
CA SER B 196 11.63 3.55 7.63
C SER B 196 12.74 4.58 7.46
N PHE B 197 13.96 4.11 7.61
CA PHE B 197 15.15 4.93 7.49
C PHE B 197 15.60 4.79 6.03
N GLU B 198 15.50 5.86 5.26
CA GLU B 198 15.93 5.82 3.87
C GLU B 198 16.30 7.20 3.35
N GLY B 199 17.08 7.23 2.28
CA GLY B 199 17.51 8.51 1.74
C GLY B 199 16.45 9.36 1.05
N VAL B 200 15.57 10.01 1.81
CA VAL B 200 14.55 10.85 1.21
C VAL B 200 15.08 12.24 1.07
N LEU B 201 16.06 12.58 1.89
CA LEU B 201 16.65 13.91 1.87
C LEU B 201 18.17 13.84 1.80
N THR B 202 18.77 14.80 1.10
CA THR B 202 20.23 14.85 1.04
C THR B 202 20.61 16.08 1.83
N GLY B 203 21.82 16.07 2.41
CA GLY B 203 22.25 17.18 3.24
C GLY B 203 21.99 16.81 4.68
N LYS B 204 21.88 15.50 4.92
CA LYS B 204 21.65 14.98 6.26
C LYS B 204 22.97 15.11 7.00
N ASN B 205 22.90 15.17 8.34
CA ASN B 205 24.12 15.26 9.14
C ASN B 205 24.92 13.98 8.90
N ILE B 206 26.22 14.07 9.16
CA ILE B 206 27.09 12.93 8.94
C ILE B 206 26.78 11.72 9.84
N LYS B 207 26.29 11.99 11.05
CA LYS B 207 25.97 10.92 12.00
C LYS B 207 24.85 9.98 11.47
N TRP B 208 23.95 10.52 10.67
CA TRP B 208 22.85 9.72 10.13
C TRP B 208 22.63 9.81 8.60
N GLY B 209 23.45 9.10 7.83
CA GLY B 209 23.31 9.10 6.38
C GLY B 209 23.86 10.28 5.59
N GLY B 210 24.56 11.20 6.24
CA GLY B 210 25.12 12.34 5.53
C GLY B 210 26.32 11.90 4.72
N SER B 211 26.90 12.82 3.95
CA SER B 211 28.07 12.50 3.16
C SER B 211 29.26 13.40 3.45
N ASN B 212 30.46 12.92 3.14
CA ASN B 212 31.65 13.76 3.36
C ASN B 212 31.78 14.74 2.20
N ILE B 213 32.41 15.89 2.45
CA ILE B 213 32.61 16.87 1.38
C ILE B 213 31.34 17.66 1.03
N ARG B 214 30.28 17.46 1.78
CA ARG B 214 29.06 18.19 1.49
C ARG B 214 29.26 19.71 1.55
N ALA B 215 29.97 20.16 2.57
CA ALA B 215 30.23 21.60 2.74
C ALA B 215 31.10 22.17 1.63
N GLU B 216 32.27 21.58 1.45
CA GLU B 216 33.23 22.00 0.45
C GLU B 216 32.78 21.73 -1.00
N ALA B 217 31.89 20.74 -1.16
CA ALA B 217 31.36 20.32 -2.46
C ALA B 217 31.34 21.34 -3.60
N THR B 218 30.46 22.33 -3.52
CA THR B 218 30.36 23.33 -4.58
C THR B 218 31.66 24.10 -4.91
N GLY B 219 32.32 24.62 -3.88
CA GLY B 219 33.55 25.36 -4.09
C GLY B 219 34.58 24.51 -4.79
N TYR B 220 34.85 23.33 -4.22
CA TYR B 220 35.82 22.42 -4.79
C TYR B 220 35.50 22.18 -6.25
N GLY B 221 34.22 21.97 -6.53
CA GLY B 221 33.76 21.73 -7.88
C GLY B 221 34.13 22.82 -8.87
N VAL B 222 33.87 24.08 -8.50
CA VAL B 222 34.21 25.20 -9.35
C VAL B 222 35.70 25.18 -9.73
N VAL B 223 36.56 24.90 -8.74
CA VAL B 223 37.99 24.83 -9.02
C VAL B 223 38.28 23.65 -9.98
N TYR B 224 37.76 22.47 -9.65
CA TYR B 224 37.95 21.32 -10.49
C TYR B 224 37.51 21.60 -11.91
N PHE B 225 36.39 22.32 -12.08
CA PHE B 225 35.93 22.63 -13.43
C PHE B 225 36.99 23.45 -14.16
N ALA B 226 37.46 24.52 -13.50
CA ALA B 226 38.48 25.38 -14.09
C ALA B 226 39.78 24.61 -14.36
N GLU B 227 40.18 23.77 -13.42
CA GLU B 227 41.38 22.99 -13.58
C GLU B 227 41.32 22.13 -14.84
N ASN B 228 40.11 21.77 -15.25
CA ASN B 228 39.90 20.95 -16.45
C ASN B 228 39.99 21.79 -17.71
N VAL B 229 39.52 23.04 -17.63
CA VAL B 229 39.57 23.95 -18.77
C VAL B 229 41.05 24.23 -19.05
N LEU B 230 41.81 24.39 -17.99
CA LEU B 230 43.23 24.67 -18.12
C LEU B 230 44.01 23.47 -18.66
N LYS B 231 43.81 22.29 -18.10
CA LYS B 231 44.53 21.10 -18.58
C LYS B 231 44.35 20.86 -20.08
N ASP B 232 43.28 21.40 -20.66
CA ASP B 232 43.02 21.26 -22.09
C ASP B 232 43.73 22.41 -22.82
N LEU B 233 44.70 23.01 -22.15
CA LEU B 233 45.51 24.10 -22.70
C LEU B 233 46.94 23.90 -22.20
N ASN B 234 47.28 22.64 -21.93
CA ASN B 234 48.60 22.21 -21.44
C ASN B 234 49.11 23.03 -20.26
N ASP B 235 48.17 23.60 -19.51
CA ASP B 235 48.49 24.43 -18.36
C ASP B 235 47.68 23.97 -17.14
N ASN B 236 48.08 24.42 -15.96
CA ASN B 236 47.36 24.07 -14.74
C ASN B 236 47.17 25.32 -13.87
N LEU B 237 46.66 25.14 -12.65
CA LEU B 237 46.42 26.25 -11.74
C LEU B 237 47.65 26.80 -11.01
N GLU B 238 48.71 26.00 -10.96
CA GLU B 238 49.94 26.41 -10.28
C GLU B 238 50.42 27.82 -10.63
N ASN B 239 50.51 28.66 -9.60
CA ASN B 239 50.98 30.04 -9.73
C ASN B 239 50.14 30.94 -10.61
N LYS B 240 48.84 30.96 -10.38
CA LYS B 240 47.96 31.84 -11.17
C LYS B 240 47.37 32.91 -10.22
N LYS B 241 47.49 34.18 -10.57
CA LYS B 241 46.94 35.24 -9.71
C LYS B 241 45.45 35.42 -9.96
N CYS B 242 44.62 35.17 -8.95
CA CYS B 242 43.18 35.31 -9.16
C CYS B 242 42.32 35.96 -8.07
N LEU B 243 41.17 36.49 -8.50
CA LEU B 243 40.23 37.18 -7.63
C LEU B 243 38.93 36.44 -7.41
N VAL B 244 38.51 36.32 -6.15
CA VAL B 244 37.25 35.66 -5.81
C VAL B 244 36.31 36.76 -5.33
N SER B 245 35.02 36.57 -5.50
CA SER B 245 34.06 37.56 -5.07
C SER B 245 33.15 36.93 -4.05
N GLY B 246 33.31 37.31 -2.79
CA GLY B 246 32.47 36.74 -1.77
C GLY B 246 33.28 36.05 -0.71
N SER B 247 32.63 35.75 0.40
CA SER B 247 33.29 35.08 1.51
C SER B 247 32.33 34.07 2.11
N GLY B 248 31.34 33.69 1.32
CA GLY B 248 30.36 32.71 1.76
C GLY B 248 30.92 31.31 1.81
N ASN B 249 30.04 30.32 1.88
CA ASN B 249 30.47 28.93 1.93
C ASN B 249 31.25 28.53 0.69
N VAL B 250 30.68 28.83 -0.47
CA VAL B 250 31.32 28.52 -1.74
C VAL B 250 32.69 29.19 -1.84
N ALA B 251 32.70 30.51 -1.71
CA ALA B 251 33.92 31.29 -1.79
C ALA B 251 35.07 30.72 -0.95
N GLN B 252 34.77 30.41 0.31
CA GLN B 252 35.77 29.85 1.22
C GLN B 252 36.45 28.59 0.72
N TYR B 253 35.65 27.55 0.47
CA TYR B 253 36.22 26.29 0.02
C TYR B 253 36.83 26.38 -1.37
N LEU B 254 36.38 27.36 -2.15
CA LEU B 254 36.95 27.57 -3.48
C LEU B 254 38.41 27.97 -3.24
N VAL B 255 38.59 28.95 -2.37
CA VAL B 255 39.90 29.44 -2.03
C VAL B 255 40.75 28.33 -1.42
N GLU B 256 40.15 27.58 -0.51
CA GLU B 256 40.88 26.48 0.12
C GLU B 256 41.49 25.53 -0.90
N LYS B 257 40.69 25.15 -1.90
CA LYS B 257 41.17 24.23 -2.92
C LYS B 257 42.19 24.93 -3.80
N LEU B 258 41.90 26.16 -4.19
CA LEU B 258 42.82 26.94 -5.02
C LEU B 258 44.21 26.99 -4.36
N ILE B 259 44.25 27.47 -3.12
CA ILE B 259 45.50 27.57 -2.38
C ILE B 259 46.24 26.25 -2.47
N GLU B 260 45.55 25.19 -2.05
CA GLU B 260 46.10 23.85 -2.03
C GLU B 260 46.74 23.39 -3.36
N LYS B 261 46.29 23.97 -4.47
CA LYS B 261 46.84 23.60 -5.78
C LYS B 261 48.06 24.45 -6.12
N GLY B 262 47.85 25.51 -6.88
CA GLY B 262 48.95 26.38 -7.27
C GLY B 262 48.93 27.67 -6.50
N ALA B 263 47.78 27.98 -5.91
CA ALA B 263 47.62 29.20 -5.10
C ALA B 263 47.67 30.52 -5.87
N ILE B 264 47.96 31.58 -5.12
CA ILE B 264 48.05 32.98 -5.55
C ILE B 264 46.67 33.60 -5.67
N VAL B 265 45.84 33.30 -4.69
CA VAL B 265 44.49 33.86 -4.60
C VAL B 265 44.70 35.22 -3.96
N LEU B 266 44.35 36.26 -4.70
CA LEU B 266 44.56 37.62 -4.24
C LEU B 266 43.45 38.30 -3.46
N THR B 267 42.21 37.93 -3.70
CA THR B 267 41.13 38.62 -3.01
C THR B 267 39.94 37.79 -2.51
N MET B 268 39.07 38.47 -1.75
CA MET B 268 37.85 37.89 -1.19
C MET B 268 36.92 39.06 -0.88
N SER B 269 35.78 39.09 -1.56
CA SER B 269 34.79 40.15 -1.40
C SER B 269 33.92 40.00 -0.16
N ASP B 270 33.03 40.97 0.02
CA ASP B 270 32.12 41.03 1.16
C ASP B 270 30.91 41.83 0.71
N SER B 271 29.84 41.85 1.51
CA SER B 271 28.63 42.61 1.15
C SER B 271 28.90 44.10 0.97
N ASN B 272 30.11 44.52 1.33
CA ASN B 272 30.52 45.93 1.20
C ASN B 272 32.05 46.05 1.34
N GLY B 273 32.75 46.01 0.20
CA GLY B 273 34.20 46.11 0.22
C GLY B 273 34.89 44.77 0.10
N TYR B 274 36.13 44.77 -0.36
CA TYR B 274 36.86 43.53 -0.50
C TYR B 274 38.22 43.60 0.16
N ILE B 275 38.97 42.51 0.11
CA ILE B 275 40.29 42.47 0.70
C ILE B 275 41.37 42.09 -0.29
N LEU B 276 42.54 42.71 -0.16
CA LEU B 276 43.67 42.39 -1.03
C LEU B 276 44.73 41.68 -0.22
N GLU B 277 45.70 41.07 -0.89
CA GLU B 277 46.73 40.33 -0.20
C GLU B 277 47.78 39.87 -1.21
N PRO B 278 48.66 40.78 -1.63
CA PRO B 278 49.70 40.41 -2.60
C PRO B 278 50.46 39.20 -2.08
N ASN B 279 50.92 38.36 -3.01
CA ASN B 279 51.64 37.13 -2.69
C ASN B 279 50.65 36.02 -2.32
N GLY B 280 49.36 36.36 -2.39
CA GLY B 280 48.27 35.43 -2.12
C GLY B 280 48.02 35.07 -0.66
N PHE B 281 46.85 34.50 -0.38
CA PHE B 281 46.53 34.09 0.98
C PHE B 281 47.27 32.79 1.24
N THR B 282 47.19 32.31 2.48
CA THR B 282 47.85 31.07 2.85
C THR B 282 46.88 30.25 3.66
N LYS B 283 47.10 28.93 3.69
CA LYS B 283 46.25 28.02 4.45
C LYS B 283 45.83 28.67 5.76
N GLU B 284 46.82 29.07 6.56
CA GLU B 284 46.57 29.70 7.86
C GLU B 284 45.65 30.91 7.80
N GLN B 285 45.93 31.86 6.91
CA GLN B 285 45.10 33.05 6.80
C GLN B 285 43.65 32.73 6.46
N LEU B 286 43.41 31.72 5.62
CA LEU B 286 42.05 31.36 5.24
C LEU B 286 41.28 30.90 6.46
N ASN B 287 41.95 30.19 7.35
CA ASN B 287 41.31 29.71 8.57
C ASN B 287 40.80 30.89 9.39
N TYR B 288 41.57 31.98 9.40
CA TYR B 288 41.16 33.19 10.13
C TYR B 288 39.89 33.74 9.50
N ILE B 289 39.94 33.98 8.19
CA ILE B 289 38.79 34.50 7.48
C ILE B 289 37.58 33.59 7.70
N MET B 290 37.80 32.28 7.70
CA MET B 290 36.72 31.31 7.91
C MET B 290 36.15 31.50 9.31
N ASP B 291 37.04 31.63 10.28
CA ASP B 291 36.64 31.83 11.68
C ASP B 291 35.86 33.15 11.78
N ILE B 292 36.54 34.25 11.43
CA ILE B 292 35.95 35.58 11.48
C ILE B 292 34.58 35.61 10.84
N LYS B 293 34.47 34.90 9.73
CA LYS B 293 33.22 34.88 8.96
C LYS B 293 32.11 33.93 9.44
N ASN B 294 32.43 32.72 9.88
CA ASN B 294 31.36 31.82 10.32
C ASN B 294 30.85 32.03 11.74
N ASN B 295 31.70 31.79 12.72
CA ASN B 295 31.35 31.91 14.15
C ASN B 295 31.09 33.34 14.62
N GLN B 296 32.13 34.17 14.58
CA GLN B 296 32.06 35.55 15.02
C GLN B 296 30.89 36.27 14.34
N ARG B 297 30.53 35.80 13.15
CA ARG B 297 29.44 36.38 12.37
C ARG B 297 29.55 37.89 12.23
N LEU B 298 30.70 38.34 11.73
CA LEU B 298 30.98 39.75 11.52
C LEU B 298 31.09 40.07 10.05
N ARG B 299 31.59 41.26 9.75
CA ARG B 299 31.78 41.69 8.37
C ARG B 299 33.25 41.45 8.02
N LEU B 300 33.51 41.19 6.75
CA LEU B 300 34.86 40.90 6.26
C LEU B 300 35.90 41.97 6.65
N LYS B 301 35.43 43.17 6.94
CA LYS B 301 36.36 44.22 7.30
C LYS B 301 37.17 43.89 8.56
N GLU B 302 36.63 43.05 9.45
CA GLU B 302 37.32 42.70 10.69
C GLU B 302 38.58 41.84 10.50
N TYR B 303 38.85 41.47 9.26
CA TYR B 303 40.04 40.67 8.92
C TYR B 303 41.26 41.59 9.04
N LEU B 304 41.12 42.83 8.57
CA LEU B 304 42.18 43.86 8.61
C LEU B 304 42.96 43.86 9.91
N LYS B 305 42.33 43.32 10.95
CA LYS B 305 42.90 43.25 12.28
C LYS B 305 43.86 42.05 12.47
N TYR B 306 43.63 40.98 11.72
CA TYR B 306 44.46 39.77 11.80
C TYR B 306 45.60 39.74 10.78
N SER B 307 45.76 40.83 10.02
CA SER B 307 46.82 40.93 9.00
C SER B 307 47.14 42.39 8.66
N LYS B 308 48.40 42.79 8.85
CA LYS B 308 48.85 44.16 8.55
C LYS B 308 48.75 44.50 7.05
N THR B 309 49.38 43.66 6.22
CA THR B 309 49.42 43.83 4.77
C THR B 309 48.07 44.07 4.07
N ALA B 310 47.06 43.31 4.47
CA ALA B 310 45.74 43.42 3.87
C ALA B 310 45.11 44.79 4.08
N LYS B 311 44.87 45.51 2.98
CA LYS B 311 44.22 46.81 3.05
C LYS B 311 42.72 46.52 3.01
N TYR B 312 41.90 47.48 2.59
CA TYR B 312 40.45 47.23 2.55
C TYR B 312 39.67 48.36 1.88
N PHE B 313 38.73 47.99 1.01
CA PHE B 313 37.92 48.96 0.29
C PHE B 313 36.47 48.85 0.77
N GLU B 314 35.64 49.81 0.41
CA GLU B 314 34.25 49.76 0.82
C GLU B 314 33.32 50.05 -0.34
N ASN B 315 32.22 49.32 -0.41
CA ASN B 315 31.23 49.45 -1.48
C ASN B 315 31.93 49.79 -2.80
N GLN B 316 32.73 48.84 -3.24
CA GLN B 316 33.52 48.91 -4.48
C GLN B 316 33.85 47.50 -4.98
N LYS B 317 33.34 47.16 -6.16
CA LYS B 317 33.56 45.85 -6.75
C LYS B 317 35.07 45.61 -6.99
N PRO B 318 35.57 44.42 -6.61
CA PRO B 318 36.96 43.96 -6.75
C PRO B 318 37.35 43.49 -8.15
N TRP B 319 36.88 44.19 -9.17
CA TRP B 319 37.15 43.79 -10.55
C TRP B 319 38.22 44.61 -11.34
N ASN B 320 38.57 45.81 -10.89
CA ASN B 320 39.57 46.62 -11.61
C ASN B 320 41.02 46.21 -11.30
N ILE B 321 41.20 45.02 -10.75
CA ILE B 321 42.53 44.52 -10.44
C ILE B 321 42.98 43.59 -11.57
N PRO B 322 44.23 43.72 -12.00
CA PRO B 322 44.76 42.88 -13.09
C PRO B 322 44.94 41.46 -12.53
N CYS B 323 44.68 40.44 -13.36
CA CYS B 323 44.79 39.06 -12.91
C CYS B 323 44.85 38.07 -14.05
N ASP B 324 44.40 36.85 -13.74
CA ASP B 324 44.33 35.77 -14.71
C ASP B 324 42.89 35.28 -14.66
N ILE B 325 42.52 34.66 -13.54
CA ILE B 325 41.18 34.12 -13.34
C ILE B 325 40.34 34.91 -12.32
N ALA B 326 39.03 34.91 -12.53
CA ALA B 326 38.09 35.60 -11.63
C ALA B 326 37.00 34.57 -11.27
N PHE B 327 36.35 34.72 -10.11
CA PHE B 327 35.29 33.81 -9.68
C PHE B 327 34.17 34.51 -8.91
N PRO B 328 33.12 34.98 -9.59
CA PRO B 328 32.05 35.66 -8.86
C PRO B 328 31.16 34.69 -8.07
N CYS B 329 31.33 34.63 -6.75
CA CYS B 329 30.52 33.73 -5.91
C CYS B 329 29.55 34.43 -4.97
N ALA B 330 29.28 35.72 -5.21
CA ALA B 330 28.38 36.49 -4.37
C ALA B 330 26.89 36.31 -4.70
N THR B 331 26.43 37.02 -5.72
CA THR B 331 25.04 36.96 -6.17
C THR B 331 24.89 37.40 -7.63
N GLN B 332 23.65 37.61 -8.08
CA GLN B 332 23.37 38.02 -9.47
C GLN B 332 23.86 39.41 -9.88
N ASN B 333 24.02 39.58 -11.20
CA ASN B 333 24.44 40.85 -11.75
C ASN B 333 25.71 41.36 -11.09
N GLU B 334 26.57 40.42 -10.69
CA GLU B 334 27.83 40.75 -10.04
C GLU B 334 28.78 41.44 -11.00
N ILE B 335 28.67 41.11 -12.29
CA ILE B 335 29.54 41.68 -13.31
C ILE B 335 28.78 42.37 -14.44
N ASN B 336 28.75 43.71 -14.35
CA ASN B 336 28.09 44.60 -15.30
C ASN B 336 28.95 44.82 -16.55
N GLU B 337 28.42 45.56 -17.52
CA GLU B 337 29.18 45.84 -18.72
C GLU B 337 30.42 46.57 -18.24
N ASN B 338 30.21 47.54 -17.35
CA ASN B 338 31.29 48.34 -16.77
C ASN B 338 32.39 47.44 -16.21
N ASP B 339 32.02 46.66 -15.19
CA ASP B 339 32.94 45.74 -14.53
C ASP B 339 33.55 44.75 -15.54
N ALA B 340 32.91 44.63 -16.70
CA ALA B 340 33.38 43.74 -17.75
C ALA B 340 34.53 44.34 -18.56
N ASP B 341 34.46 45.64 -18.79
CA ASP B 341 35.49 46.34 -19.54
C ASP B 341 36.79 46.37 -18.78
N LEU B 342 36.70 46.28 -17.46
CA LEU B 342 37.90 46.27 -16.65
C LEU B 342 38.66 44.98 -16.95
N PHE B 343 37.93 43.87 -17.04
CA PHE B 343 38.49 42.54 -17.30
C PHE B 343 39.34 42.44 -18.54
N ILE B 344 38.84 43.01 -19.64
CA ILE B 344 39.55 42.99 -20.91
C ILE B 344 40.81 43.86 -20.80
N GLN B 345 40.70 44.97 -20.08
CA GLN B 345 41.81 45.90 -19.89
C GLN B 345 42.91 45.37 -18.96
N ASN B 346 42.59 44.31 -18.23
CA ASN B 346 43.57 43.69 -17.33
C ASN B 346 44.05 42.40 -18.02
N LYS B 347 43.75 42.30 -19.31
CA LYS B 347 44.12 41.15 -20.12
C LYS B 347 43.63 39.87 -19.44
N CYS B 348 42.59 39.99 -18.63
CA CYS B 348 42.00 38.84 -17.93
C CYS B 348 41.80 37.69 -18.93
N LYS B 349 42.14 36.46 -18.53
CA LYS B 349 42.02 35.32 -19.44
C LYS B 349 40.71 34.53 -19.37
N MET B 350 40.39 34.04 -18.18
CA MET B 350 39.20 33.22 -17.96
C MET B 350 38.38 33.62 -16.73
N ILE B 351 37.08 33.38 -16.79
CA ILE B 351 36.14 33.70 -15.69
C ILE B 351 35.22 32.52 -15.36
N VAL B 352 35.41 31.94 -14.18
CA VAL B 352 34.61 30.79 -13.74
C VAL B 352 33.51 31.23 -12.77
N GLU B 353 32.26 31.18 -13.20
CA GLU B 353 31.14 31.58 -12.35
C GLU B 353 30.91 30.64 -11.18
N GLY B 354 30.87 31.22 -9.97
CA GLY B 354 30.66 30.41 -8.78
C GLY B 354 29.22 30.51 -8.30
N ALA B 355 28.73 31.73 -8.20
CA ALA B 355 27.35 31.95 -7.77
C ALA B 355 26.52 31.73 -9.02
N ASN B 356 25.20 31.78 -8.89
CA ASN B 356 24.33 31.60 -10.03
C ASN B 356 24.20 32.84 -10.90
N MET B 357 24.64 32.71 -12.14
CA MET B 357 24.58 33.78 -13.13
C MET B 357 25.11 35.11 -12.62
N PRO B 358 26.40 35.15 -12.20
CA PRO B 358 27.01 36.38 -11.69
C PRO B 358 27.38 37.36 -12.80
N THR B 359 27.17 36.96 -14.06
CA THR B 359 27.48 37.81 -15.21
C THR B 359 26.21 38.41 -15.83
N HIS B 360 26.28 39.69 -16.19
CA HIS B 360 25.15 40.37 -16.80
C HIS B 360 25.04 39.98 -18.27
N ILE B 361 23.81 39.83 -18.74
CA ILE B 361 23.54 39.43 -20.12
C ILE B 361 24.36 40.12 -21.19
N LYS B 362 24.55 41.44 -21.07
CA LYS B 362 25.33 42.17 -22.06
C LYS B 362 26.84 42.08 -21.83
N ALA B 363 27.24 41.75 -20.61
CA ALA B 363 28.65 41.62 -20.26
C ALA B 363 29.29 40.43 -20.97
N LEU B 364 28.49 39.39 -21.18
CA LEU B 364 28.96 38.18 -21.82
C LEU B 364 29.35 38.46 -23.28
N HIS B 365 28.64 39.40 -23.91
CA HIS B 365 28.93 39.75 -25.29
C HIS B 365 30.36 40.23 -25.50
N LYS B 366 30.76 41.27 -24.79
CA LYS B 366 32.10 41.80 -24.92
C LYS B 366 33.17 40.76 -24.58
N LEU B 367 32.95 40.02 -23.51
CA LEU B 367 33.89 38.99 -23.08
C LEU B 367 34.16 37.92 -24.12
N LYS B 368 33.11 37.49 -24.82
CA LYS B 368 33.21 36.46 -25.85
C LYS B 368 33.90 36.99 -27.11
N GLN B 369 33.63 38.25 -27.45
CA GLN B 369 34.23 38.88 -28.62
C GLN B 369 35.66 39.34 -28.33
N ASN B 370 36.18 38.93 -27.16
CA ASN B 370 37.54 39.28 -26.74
C ASN B 370 38.31 38.03 -26.36
N ASN B 371 37.78 36.88 -26.77
CA ASN B 371 38.37 35.57 -26.50
C ASN B 371 38.76 35.32 -25.04
N ILE B 372 37.80 35.56 -24.14
CA ILE B 372 37.97 35.35 -22.70
C ILE B 372 37.04 34.20 -22.30
N ILE B 373 37.62 33.06 -21.94
CA ILE B 373 36.85 31.88 -21.56
C ILE B 373 35.88 32.16 -20.42
N LEU B 374 34.61 31.88 -20.66
CA LEU B 374 33.56 32.05 -19.64
C LEU B 374 32.91 30.71 -19.27
N CYS B 375 33.03 30.33 -18.00
CA CYS B 375 32.46 29.08 -17.51
C CYS B 375 31.05 29.32 -16.96
N PRO B 376 30.06 28.58 -17.48
CA PRO B 376 28.65 28.69 -17.06
C PRO B 376 28.48 28.25 -15.62
N SER B 377 27.75 29.03 -14.82
CA SER B 377 27.54 28.64 -13.43
C SER B 377 26.77 27.32 -13.42
N LYS B 378 25.88 27.16 -14.39
CA LYS B 378 25.07 25.94 -14.51
C LYS B 378 25.93 24.70 -14.45
N ALA B 379 27.16 24.79 -14.94
CA ALA B 379 28.05 23.65 -14.94
C ALA B 379 29.15 23.75 -13.88
N ALA B 380 29.79 24.90 -13.78
CA ALA B 380 30.89 25.10 -12.83
C ALA B 380 30.56 24.80 -11.38
N ASN B 381 29.38 25.20 -10.92
CA ASN B 381 29.05 24.96 -9.53
C ASN B 381 28.11 23.76 -9.31
N ALA B 382 27.92 22.95 -10.33
CA ALA B 382 27.06 21.78 -10.20
C ALA B 382 27.68 20.78 -9.22
N GLY B 383 28.88 21.10 -8.72
CA GLY B 383 29.56 20.21 -7.79
C GLY B 383 28.70 19.85 -6.59
N GLY B 384 27.93 20.83 -6.11
CA GLY B 384 27.06 20.60 -4.97
C GLY B 384 26.00 19.57 -5.26
N VAL B 385 25.25 19.78 -6.34
CA VAL B 385 24.20 18.86 -6.74
C VAL B 385 24.77 17.46 -6.96
N ALA B 386 25.99 17.41 -7.51
CA ALA B 386 26.64 16.14 -7.77
C ALA B 386 26.91 15.36 -6.49
N VAL B 387 27.48 16.01 -5.48
CA VAL B 387 27.77 15.32 -4.22
C VAL B 387 26.51 14.78 -3.57
N SER B 388 25.40 15.51 -3.69
CA SER B 388 24.14 15.07 -3.09
C SER B 388 23.67 13.79 -3.79
N GLY B 389 24.10 13.62 -5.04
CA GLY B 389 23.74 12.42 -5.78
C GLY B 389 24.56 11.27 -5.20
N LEU B 390 25.77 11.58 -4.75
CA LEU B 390 26.64 10.57 -4.17
C LEU B 390 26.13 10.20 -2.78
N GLU B 391 25.51 11.17 -2.10
CA GLU B 391 24.96 10.90 -0.77
C GLU B 391 23.91 9.82 -1.01
N MET B 392 23.10 10.01 -2.04
CA MET B 392 22.05 9.04 -2.37
C MET B 392 22.65 7.67 -2.61
N SER B 393 23.79 7.64 -3.30
CA SER B 393 24.44 6.36 -3.59
C SER B 393 24.91 5.71 -2.32
N GLN B 394 25.60 6.47 -1.48
CA GLN B 394 26.11 5.94 -0.23
C GLN B 394 24.95 5.44 0.62
N ASN B 395 23.84 6.18 0.62
CA ASN B 395 22.69 5.75 1.41
C ASN B 395 22.18 4.39 0.94
N SER B 396 22.16 4.20 -0.38
CA SER B 396 21.69 2.94 -0.94
C SER B 396 22.65 1.81 -0.65
N MET B 397 23.95 2.12 -0.60
CA MET B 397 24.96 1.10 -0.31
C MET B 397 25.09 0.83 1.18
N ARG B 398 24.48 1.70 1.98
CA ARG B 398 24.52 1.57 3.42
C ARG B 398 25.95 1.70 3.97
N LEU B 399 26.73 2.57 3.32
CA LEU B 399 28.11 2.81 3.69
C LEU B 399 28.43 4.28 3.54
N GLN B 400 29.55 4.70 4.12
CA GLN B 400 29.97 6.08 4.00
C GLN B 400 31.38 6.13 3.47
N TRP B 401 31.55 6.73 2.30
CA TRP B 401 32.88 6.83 1.70
C TRP B 401 33.73 7.84 2.45
N THR B 402 35.04 7.66 2.40
CA THR B 402 35.95 8.55 3.09
C THR B 402 36.02 9.91 2.40
N HIS B 403 36.36 10.94 3.18
CA HIS B 403 36.50 12.30 2.68
C HIS B 403 37.31 12.19 1.37
N GLN B 404 38.31 11.32 1.40
CA GLN B 404 39.18 11.07 0.26
C GLN B 404 38.39 10.59 -0.97
N GLU B 405 37.79 9.41 -0.85
CA GLU B 405 37.02 8.78 -1.92
C GLU B 405 35.98 9.70 -2.56
N THR B 406 35.10 10.26 -1.73
CA THR B 406 34.06 11.15 -2.20
C THR B 406 34.63 12.29 -3.05
N ASP B 407 35.81 12.78 -2.66
CA ASP B 407 36.43 13.87 -3.41
C ASP B 407 36.74 13.41 -4.83
N MET B 408 37.50 12.32 -4.93
CA MET B 408 37.87 11.78 -6.23
C MET B 408 36.66 11.67 -7.16
N LYS B 409 35.57 11.09 -6.67
CA LYS B 409 34.35 10.95 -7.48
C LYS B 409 33.93 12.32 -8.00
N LEU B 410 33.94 13.32 -7.12
CA LEU B 410 33.55 14.68 -7.51
C LEU B 410 34.45 15.24 -8.62
N GLN B 411 35.73 14.88 -8.58
CA GLN B 411 36.67 15.34 -9.57
C GLN B 411 36.35 14.77 -10.94
N ASN B 412 35.92 13.50 -10.99
CA ASN B 412 35.58 12.87 -12.27
C ASN B 412 34.28 13.43 -12.79
N ILE B 413 33.36 13.69 -11.88
CA ILE B 413 32.08 14.26 -12.27
C ILE B 413 32.31 15.64 -12.88
N MET B 414 33.17 16.43 -12.24
CA MET B 414 33.48 17.75 -12.76
C MET B 414 34.14 17.62 -14.12
N LYS B 415 35.09 16.69 -14.24
CA LYS B 415 35.79 16.47 -15.51
C LYS B 415 34.80 16.17 -16.61
N SER B 416 33.85 15.29 -16.31
CA SER B 416 32.81 14.91 -17.27
C SER B 416 31.93 16.10 -17.62
N ILE B 417 31.53 16.87 -16.62
CA ILE B 417 30.70 18.03 -16.89
C ILE B 417 31.42 18.95 -17.87
N TYR B 418 32.73 19.09 -17.70
CA TYR B 418 33.51 19.92 -18.60
C TYR B 418 33.51 19.34 -20.01
N GLU B 419 33.91 18.07 -20.14
CA GLU B 419 33.97 17.42 -21.44
C GLU B 419 32.67 17.58 -22.23
N GLN B 420 31.53 17.43 -21.58
CA GLN B 420 30.27 17.56 -22.28
C GLN B 420 30.02 18.96 -22.85
N CYS B 421 30.38 19.99 -22.10
CA CYS B 421 30.19 21.36 -22.58
C CYS B 421 31.11 21.56 -23.75
N HIS B 422 32.36 21.14 -23.58
CA HIS B 422 33.38 21.28 -24.61
C HIS B 422 32.96 20.57 -25.91
N ASN B 423 32.80 19.25 -25.86
CA ASN B 423 32.42 18.47 -27.03
C ASN B 423 31.09 18.87 -27.65
N THR B 424 30.07 19.08 -26.82
CA THR B 424 28.77 19.46 -27.34
C THR B 424 28.84 20.76 -28.11
N SER B 425 29.38 21.81 -27.49
CA SER B 425 29.46 23.11 -28.14
C SER B 425 30.26 23.01 -29.43
N LYS B 426 31.28 22.16 -29.43
CA LYS B 426 32.11 21.96 -30.60
C LYS B 426 31.27 21.37 -31.72
N ILE B 427 30.64 20.25 -31.45
CA ILE B 427 29.80 19.58 -32.42
C ILE B 427 28.66 20.44 -32.98
N TYR B 428 28.06 21.29 -32.16
CA TYR B 428 26.94 22.10 -32.63
C TYR B 428 27.26 23.51 -33.07
N LEU B 429 28.39 24.05 -32.64
CA LEU B 429 28.74 25.42 -33.02
C LEU B 429 30.05 25.49 -33.78
N ASN B 430 30.70 24.34 -33.90
CA ASN B 430 31.98 24.19 -34.59
C ASN B 430 33.14 24.74 -33.77
N GLU B 431 32.82 25.57 -32.79
CA GLU B 431 33.79 26.16 -31.87
C GLU B 431 33.55 25.65 -30.46
N SER B 432 34.46 25.96 -29.54
CA SER B 432 34.33 25.51 -28.15
C SER B 432 33.73 26.60 -27.26
N ASP B 433 32.40 26.63 -27.18
CA ASP B 433 31.68 27.58 -26.35
C ASP B 433 31.08 26.86 -25.12
N LEU B 434 31.70 27.02 -23.95
CA LEU B 434 31.23 26.36 -22.74
C LEU B 434 29.82 26.71 -22.31
N VAL B 435 29.44 27.97 -22.46
CA VAL B 435 28.10 28.40 -22.07
C VAL B 435 27.00 27.73 -22.86
N ALA B 436 27.10 27.75 -24.19
CA ALA B 436 26.09 27.12 -25.05
C ALA B 436 26.21 25.60 -24.86
N GLY B 437 27.44 25.11 -24.74
CA GLY B 437 27.66 23.69 -24.55
C GLY B 437 26.88 23.16 -23.36
N ALA B 438 26.94 23.88 -22.24
CA ALA B 438 26.23 23.47 -21.03
C ALA B 438 24.74 23.32 -21.29
N ASN B 439 24.14 24.35 -21.90
CA ASN B 439 22.71 24.32 -22.19
C ASN B 439 22.32 23.21 -23.14
N ILE B 440 22.97 23.15 -24.30
CA ILE B 440 22.66 22.13 -25.28
C ILE B 440 22.82 20.73 -24.68
N ALA B 441 23.98 20.44 -24.12
CA ALA B 441 24.24 19.12 -23.53
C ALA B 441 23.19 18.79 -22.49
N GLY B 442 22.98 19.70 -21.55
CA GLY B 442 21.99 19.48 -20.52
C GLY B 442 20.62 19.14 -21.06
N PHE B 443 20.15 19.93 -22.02
CA PHE B 443 18.84 19.75 -22.63
C PHE B 443 18.73 18.47 -23.43
N LEU B 444 19.72 18.21 -24.27
CA LEU B 444 19.69 17.02 -25.11
C LEU B 444 19.57 15.71 -24.36
N LYS B 445 20.33 15.51 -23.29
CA LYS B 445 20.20 14.25 -22.56
C LYS B 445 18.74 14.01 -22.14
N VAL B 446 18.09 15.06 -21.63
CA VAL B 446 16.71 14.98 -21.19
C VAL B 446 15.75 14.79 -22.37
N ALA B 447 15.89 15.64 -23.39
CA ALA B 447 15.02 15.60 -24.56
C ALA B 447 15.02 14.24 -25.24
N ASP B 448 16.21 13.67 -25.43
CA ASP B 448 16.29 12.38 -26.09
C ASP B 448 15.64 11.30 -25.25
N SER B 449 16.06 11.20 -23.99
CA SER B 449 15.52 10.20 -23.09
C SER B 449 14.01 10.31 -23.07
N PHE B 450 13.51 11.55 -23.06
CA PHE B 450 12.08 11.82 -23.07
C PHE B 450 11.46 11.07 -24.24
N LEU B 451 12.02 11.30 -25.43
CA LEU B 451 11.53 10.65 -26.64
C LEU B 451 11.62 9.12 -26.56
N GLU B 452 12.77 8.61 -26.14
CA GLU B 452 12.98 7.17 -26.04
C GLU B 452 11.98 6.50 -25.11
N GLN B 453 11.51 7.23 -24.10
CA GLN B 453 10.57 6.68 -23.14
C GLN B 453 9.10 6.77 -23.52
N GLY B 454 8.82 7.20 -24.74
CA GLY B 454 7.43 7.28 -25.18
C GLY B 454 6.75 8.65 -25.11
N GLY B 455 7.49 9.67 -24.70
CA GLY B 455 6.90 11.00 -24.63
C GLY B 455 5.94 11.20 -23.48
N LEU B 456 6.18 10.49 -22.38
CA LEU B 456 5.35 10.59 -21.17
C LEU B 456 5.84 11.67 -20.20
N LEU C 1 -11.70 30.28 23.17
CA LEU C 1 -10.59 29.44 23.67
C LEU C 1 -9.58 29.20 22.56
N HIS C 2 -10.07 29.22 21.31
CA HIS C 2 -9.25 29.01 20.12
C HIS C 2 -8.70 30.34 19.56
N ASN C 3 -7.40 30.37 19.31
CA ASN C 3 -6.70 31.57 18.81
C ASN C 3 -6.32 31.54 17.31
N TYR C 4 -7.14 32.18 16.48
CA TYR C 4 -6.85 32.24 15.04
C TYR C 4 -6.57 33.67 14.63
N GLY C 5 -5.74 34.34 15.41
CA GLY C 5 -5.38 35.72 15.13
C GLY C 5 -6.54 36.69 15.23
N TYR C 6 -6.33 37.90 14.71
CA TYR C 6 -7.35 38.94 14.73
C TYR C 6 -7.76 39.35 16.16
N THR C 7 -6.84 39.16 17.11
CA THR C 7 -7.07 39.52 18.52
C THR C 7 -6.75 41.01 18.71
N SER C 8 -7.39 41.85 17.90
CA SER C 8 -7.22 43.30 17.95
C SER C 8 -8.56 43.95 18.25
N THR C 9 -8.54 45.02 19.05
CA THR C 9 -9.76 45.74 19.42
C THR C 9 -10.28 46.59 18.25
N LYS C 10 -10.27 46.03 17.05
CA LYS C 10 -10.73 46.72 15.85
C LYS C 10 -12.22 46.51 15.60
N SER C 11 -12.83 47.39 14.83
CA SER C 11 -14.24 47.24 14.52
C SER C 11 -14.33 46.12 13.48
N VAL C 12 -15.31 45.25 13.66
CA VAL C 12 -15.57 44.09 12.81
C VAL C 12 -15.33 44.36 11.32
N ASP C 13 -15.63 45.59 10.90
CA ASP C 13 -15.45 46.00 9.51
C ASP C 13 -14.00 46.16 9.10
N ASN C 14 -13.15 46.55 10.05
CA ASN C 14 -11.72 46.72 9.76
C ASN C 14 -11.02 45.39 9.68
N GLN C 15 -11.54 44.42 10.43
CA GLN C 15 -10.96 43.09 10.41
C GLN C 15 -11.33 42.45 9.08
N ILE C 16 -12.59 42.62 8.69
CA ILE C 16 -13.08 42.10 7.43
C ILE C 16 -12.29 42.74 6.29
N GLU C 17 -11.86 43.98 6.49
CA GLU C 17 -11.10 44.67 5.47
C GLU C 17 -9.68 44.13 5.48
N GLU C 18 -9.14 43.88 6.67
CA GLU C 18 -7.78 43.36 6.77
C GLU C 18 -7.71 42.00 6.08
N LEU C 19 -8.69 41.15 6.37
CA LEU C 19 -8.73 39.82 5.76
C LEU C 19 -8.79 39.92 4.24
N ARG C 20 -9.78 40.64 3.72
CA ARG C 20 -9.93 40.81 2.28
C ARG C 20 -8.59 41.20 1.65
N GLU C 21 -7.91 42.14 2.28
CA GLU C 21 -6.61 42.62 1.79
C GLU C 21 -5.59 41.49 1.73
N LYS C 22 -5.53 40.70 2.80
CA LYS C 22 -4.59 39.60 2.87
C LYS C 22 -4.87 38.49 1.85
N VAL C 23 -6.14 38.15 1.66
CA VAL C 23 -6.52 37.11 0.70
C VAL C 23 -6.24 37.56 -0.74
N VAL C 24 -6.51 38.83 -1.02
CA VAL C 24 -6.29 39.37 -2.36
C VAL C 24 -4.82 39.37 -2.72
N SER C 25 -3.98 39.86 -1.81
CA SER C 25 -2.54 39.95 -2.07
C SER C 25 -1.91 38.60 -2.40
N LYS C 26 -2.42 37.53 -1.79
CA LYS C 26 -1.88 36.18 -2.04
C LYS C 26 -2.44 35.57 -3.32
N ASN C 27 -3.55 36.10 -3.82
CA ASN C 27 -4.16 35.57 -5.03
C ASN C 27 -4.42 36.67 -6.04
N LYS C 28 -3.45 37.58 -6.19
CA LYS C 28 -3.54 38.71 -7.09
C LYS C 28 -4.22 38.48 -8.44
N ASN C 29 -3.80 37.42 -9.13
CA ASN C 29 -4.34 37.16 -10.45
C ASN C 29 -5.37 36.05 -10.62
N GLU C 30 -6.24 35.88 -9.63
CA GLU C 30 -7.29 34.88 -9.71
C GLU C 30 -8.60 35.61 -9.49
N PRO C 31 -9.03 36.41 -10.50
CA PRO C 31 -10.26 37.19 -10.46
C PRO C 31 -11.48 36.37 -10.09
N GLU C 32 -11.72 35.29 -10.84
CA GLU C 32 -12.88 34.44 -10.59
C GLU C 32 -12.93 33.99 -9.15
N PHE C 33 -11.77 33.61 -8.61
CA PHE C 33 -11.72 33.15 -7.24
C PHE C 33 -11.97 34.30 -6.26
N LEU C 34 -11.18 35.36 -6.38
CA LEU C 34 -11.32 36.50 -5.50
C LEU C 34 -12.77 37.03 -5.47
N GLN C 35 -13.48 36.93 -6.59
CA GLN C 35 -14.84 37.42 -6.64
C GLN C 35 -15.80 36.53 -5.86
N ALA C 36 -15.66 35.21 -6.04
CA ALA C 36 -16.51 34.26 -5.36
C ALA C 36 -16.22 34.34 -3.86
N PHE C 37 -15.01 34.78 -3.53
CA PHE C 37 -14.63 34.93 -2.13
C PHE C 37 -15.28 36.18 -1.54
N GLU C 38 -14.98 37.35 -2.12
CA GLU C 38 -15.55 38.60 -1.62
C GLU C 38 -17.06 38.51 -1.49
N GLU C 39 -17.63 37.54 -2.20
CA GLU C 39 -19.07 37.31 -2.20
C GLU C 39 -19.53 36.59 -0.94
N VAL C 40 -18.89 35.46 -0.62
CA VAL C 40 -19.22 34.68 0.57
C VAL C 40 -18.96 35.53 1.81
N LEU C 41 -17.95 36.37 1.69
CA LEU C 41 -17.50 37.26 2.76
C LEU C 41 -18.57 38.24 3.17
N SER C 42 -19.30 38.78 2.20
CA SER C 42 -20.34 39.75 2.46
C SER C 42 -21.40 39.27 3.45
N CYS C 43 -22.18 38.27 3.05
CA CYS C 43 -23.23 37.76 3.92
C CYS C 43 -22.77 37.20 5.27
N LEU C 44 -21.46 37.00 5.46
CA LEU C 44 -20.94 36.46 6.73
C LEU C 44 -20.61 37.48 7.83
N LYS C 45 -21.06 38.72 7.69
CA LYS C 45 -20.77 39.72 8.71
C LYS C 45 -21.47 39.47 10.05
N PRO C 46 -22.74 39.02 10.02
CA PRO C 46 -23.47 38.76 11.27
C PRO C 46 -22.77 37.76 12.19
N VAL C 47 -22.26 36.68 11.59
CA VAL C 47 -21.57 35.65 12.35
C VAL C 47 -20.22 36.18 12.86
N PHE C 48 -19.56 37.03 12.10
CA PHE C 48 -18.29 37.61 12.52
C PHE C 48 -18.50 38.37 13.81
N LYS C 49 -19.61 39.09 13.90
CA LYS C 49 -19.94 39.86 15.09
C LYS C 49 -20.11 38.96 16.29
N LYS C 50 -20.70 37.79 16.10
CA LYS C 50 -20.90 36.87 17.20
C LYS C 50 -19.57 36.33 17.74
N ASP C 51 -18.57 36.18 16.87
CA ASP C 51 -17.27 35.68 17.30
C ASP C 51 -16.19 35.97 16.25
N ASN C 52 -15.10 36.58 16.69
CA ASN C 52 -14.01 36.93 15.78
C ASN C 52 -13.36 35.70 15.16
N VAL C 53 -13.26 34.64 15.95
CA VAL C 53 -12.64 33.41 15.50
C VAL C 53 -12.96 33.08 14.05
N TYR C 54 -14.23 33.17 13.67
CA TYR C 54 -14.66 32.86 12.31
C TYR C 54 -13.92 33.61 11.19
N ILE C 55 -13.43 34.81 11.49
CA ILE C 55 -12.70 35.58 10.48
C ILE C 55 -11.41 34.81 10.16
N GLY C 56 -10.70 34.38 11.20
CA GLY C 56 -9.47 33.63 10.99
C GLY C 56 -9.77 32.30 10.30
N VAL C 57 -10.78 31.60 10.82
CA VAL C 57 -11.19 30.31 10.26
C VAL C 57 -11.45 30.47 8.78
N LEU C 58 -12.13 31.53 8.39
CA LEU C 58 -12.42 31.75 6.97
C LEU C 58 -11.14 31.90 6.17
N GLU C 59 -10.18 32.63 6.72
CA GLU C 59 -8.92 32.83 6.02
C GLU C 59 -8.31 31.47 5.71
N ASN C 60 -8.38 30.60 6.71
CA ASN C 60 -7.85 29.25 6.60
C ASN C 60 -8.60 28.41 5.57
N ILE C 61 -9.93 28.37 5.69
CA ILE C 61 -10.75 27.61 4.77
C ILE C 61 -10.63 28.06 3.32
N ALA C 62 -10.30 29.34 3.12
CA ALA C 62 -10.16 29.89 1.76
C ALA C 62 -8.90 29.40 1.07
N GLU C 63 -8.03 28.74 1.84
CA GLU C 63 -6.78 28.19 1.33
C GLU C 63 -6.98 26.70 1.04
N PRO C 64 -7.01 26.31 -0.25
CA PRO C 64 -7.20 24.90 -0.60
C PRO C 64 -6.35 24.01 0.27
N GLU C 65 -6.96 22.96 0.80
CA GLU C 65 -6.23 22.02 1.64
C GLU C 65 -5.06 21.51 0.82
N ARG C 66 -5.32 21.28 -0.45
CA ARG C 66 -4.30 20.80 -1.37
C ARG C 66 -4.79 20.95 -2.80
N VAL C 67 -3.88 21.27 -3.71
CA VAL C 67 -4.23 21.42 -5.12
C VAL C 67 -3.16 20.71 -5.96
N ILE C 68 -3.61 19.77 -6.80
CA ILE C 68 -2.70 19.03 -7.66
C ILE C 68 -2.92 19.43 -9.10
N GLN C 69 -1.82 19.78 -9.77
CA GLN C 69 -1.86 20.19 -11.17
C GLN C 69 -0.90 19.27 -11.90
N PHE C 70 -1.26 18.83 -13.10
CA PHE C 70 -0.40 17.91 -13.82
C PHE C 70 -0.53 17.95 -15.34
N ARG C 71 0.56 17.61 -16.02
CA ARG C 71 0.57 17.59 -17.49
C ARG C 71 -0.12 16.31 -18.00
N VAL C 72 -1.15 16.47 -18.84
CA VAL C 72 -1.88 15.34 -19.39
C VAL C 72 -1.59 15.21 -20.88
N PRO C 73 -0.69 14.28 -21.24
CA PRO C 73 -0.32 14.07 -22.65
C PRO C 73 -1.21 13.05 -23.35
N TRP C 74 -1.41 13.21 -24.66
CA TRP C 74 -2.23 12.28 -25.42
C TRP C 74 -1.92 12.37 -26.91
N ILE C 75 -2.20 11.30 -27.64
CA ILE C 75 -1.94 11.28 -29.09
C ILE C 75 -3.24 11.38 -29.86
N ASN C 76 -3.45 12.47 -30.60
CA ASN C 76 -4.69 12.60 -31.36
C ASN C 76 -4.71 11.58 -32.49
N ASP C 77 -5.74 11.64 -33.32
CA ASP C 77 -5.87 10.68 -34.41
C ASP C 77 -4.93 10.84 -35.58
N LYS C 78 -4.34 12.02 -35.75
CA LYS C 78 -3.39 12.27 -36.83
C LYS C 78 -2.00 11.82 -36.37
N GLY C 79 -1.94 11.21 -35.19
CA GLY C 79 -0.68 10.73 -34.67
C GLY C 79 0.16 11.79 -33.99
N GLU C 80 -0.44 12.94 -33.72
CA GLU C 80 0.27 14.03 -33.06
C GLU C 80 0.31 13.89 -31.55
N HIS C 81 1.43 14.29 -30.94
CA HIS C 81 1.57 14.23 -29.50
C HIS C 81 1.09 15.54 -28.90
N LYS C 82 -0.11 15.52 -28.36
CA LYS C 82 -0.68 16.72 -27.77
C LYS C 82 -0.44 16.76 -26.27
N MET C 83 -0.81 17.88 -25.65
CA MET C 83 -0.63 18.06 -24.22
C MET C 83 -1.65 19.05 -23.67
N ASN C 84 -2.10 18.80 -22.44
CA ASN C 84 -3.08 19.66 -21.78
C ASN C 84 -2.79 19.73 -20.30
N ARG C 85 -3.33 20.73 -19.64
CA ARG C 85 -3.08 20.89 -18.23
C ARG C 85 -4.27 20.44 -17.40
N GLY C 86 -4.03 19.53 -16.47
CA GLY C 86 -5.10 19.03 -15.63
C GLY C 86 -5.02 19.51 -14.19
N PHE C 87 -6.18 19.68 -13.56
CA PHE C 87 -6.25 20.15 -12.17
C PHE C 87 -7.20 19.35 -11.29
N ARG C 88 -6.91 19.35 -10.00
CA ARG C 88 -7.76 18.75 -9.01
C ARG C 88 -7.50 19.53 -7.74
N VAL C 89 -8.48 20.34 -7.34
CA VAL C 89 -8.36 21.14 -6.14
C VAL C 89 -9.20 20.50 -5.05
N GLN C 90 -8.52 19.94 -4.06
CA GLN C 90 -9.18 19.31 -2.94
C GLN C 90 -9.29 20.40 -1.88
N TYR C 91 -10.30 21.24 -2.04
CA TYR C 91 -10.50 22.38 -1.19
C TYR C 91 -10.72 22.14 0.28
N ASN C 92 -11.64 21.26 0.62
CA ASN C 92 -11.92 21.03 2.02
C ASN C 92 -12.51 19.66 2.27
N SER C 93 -12.00 18.98 3.29
CA SER C 93 -12.46 17.64 3.66
C SER C 93 -12.86 17.54 5.15
N VAL C 94 -13.46 18.61 5.67
CA VAL C 94 -13.84 18.64 7.07
C VAL C 94 -15.12 17.85 7.33
N LEU C 95 -16.05 17.93 6.38
CA LEU C 95 -17.32 17.25 6.51
C LEU C 95 -17.39 15.90 5.82
N GLY C 96 -16.38 15.60 5.01
CA GLY C 96 -16.35 14.34 4.30
C GLY C 96 -15.31 14.35 3.19
N PRO C 97 -15.26 13.30 2.35
CA PRO C 97 -14.27 13.23 1.25
C PRO C 97 -14.51 14.37 0.26
N TYR C 98 -13.47 14.80 -0.43
CA TYR C 98 -13.64 15.89 -1.38
C TYR C 98 -14.65 15.47 -2.44
N LYS C 99 -15.68 16.30 -2.67
CA LYS C 99 -16.69 16.03 -3.69
C LYS C 99 -16.69 17.20 -4.65
N GLY C 100 -16.81 16.91 -5.94
CA GLY C 100 -16.81 17.97 -6.94
C GLY C 100 -16.51 17.49 -8.35
N GLY C 101 -17.22 18.08 -9.31
CA GLY C 101 -17.07 17.68 -10.71
C GLY C 101 -15.76 18.00 -11.41
N LEU C 102 -15.69 17.57 -12.65
CA LEU C 102 -14.52 17.79 -13.48
C LEU C 102 -15.01 18.57 -14.71
N ARG C 103 -14.32 19.66 -15.04
CA ARG C 103 -14.70 20.47 -16.19
C ARG C 103 -13.65 20.51 -17.28
N PHE C 104 -14.04 20.14 -18.50
CA PHE C 104 -13.13 20.16 -19.63
C PHE C 104 -13.53 21.33 -20.52
N HIS C 105 -12.79 22.43 -20.40
CA HIS C 105 -13.08 23.63 -21.16
C HIS C 105 -11.81 24.42 -21.47
N PRO C 106 -11.73 25.03 -22.66
CA PRO C 106 -10.55 25.82 -23.08
C PRO C 106 -10.25 26.99 -22.15
N ALA C 107 -11.25 27.41 -21.36
CA ALA C 107 -11.08 28.51 -20.43
C ALA C 107 -10.58 28.08 -19.05
N VAL C 108 -10.58 26.77 -18.79
CA VAL C 108 -10.16 26.22 -17.50
C VAL C 108 -8.72 26.52 -17.08
N ASN C 109 -8.58 26.94 -15.82
CA ASN C 109 -7.28 27.23 -15.21
C ASN C 109 -7.45 27.22 -13.69
N LEU C 110 -6.33 27.28 -12.95
CA LEU C 110 -6.40 27.26 -11.50
C LEU C 110 -7.43 28.23 -10.88
N SER C 111 -7.39 29.50 -11.30
CA SER C 111 -8.31 30.49 -10.77
C SER C 111 -9.76 30.04 -10.92
N VAL C 112 -10.13 29.64 -12.14
CA VAL C 112 -11.49 29.17 -12.42
C VAL C 112 -11.88 27.99 -11.53
N ILE C 113 -10.99 27.01 -11.41
CA ILE C 113 -11.25 25.83 -10.60
C ILE C 113 -11.43 26.17 -9.14
N LYS C 114 -10.55 26.98 -8.57
CA LYS C 114 -10.68 27.39 -7.17
C LYS C 114 -12.04 28.05 -6.94
N PHE C 115 -12.40 28.92 -7.86
CA PHE C 115 -13.68 29.61 -7.80
C PHE C 115 -14.80 28.56 -7.63
N LEU C 116 -14.91 27.64 -8.58
CA LEU C 116 -15.95 26.60 -8.53
C LEU C 116 -15.85 25.69 -7.29
N GLY C 117 -14.62 25.26 -7.00
CA GLY C 117 -14.36 24.40 -5.86
C GLY C 117 -14.66 25.07 -4.55
N PHE C 118 -14.26 26.34 -4.42
CA PHE C 118 -14.53 27.07 -3.20
C PHE C 118 -16.03 27.13 -2.91
N GLU C 119 -16.82 27.40 -3.93
CA GLU C 119 -18.25 27.47 -3.74
C GLU C 119 -18.83 26.10 -3.42
N GLN C 120 -18.24 25.04 -3.98
CA GLN C 120 -18.73 23.69 -3.76
C GLN C 120 -18.71 23.27 -2.29
N ILE C 121 -17.72 23.76 -1.55
CA ILE C 121 -17.57 23.45 -0.14
C ILE C 121 -18.89 23.65 0.62
N PHE C 122 -19.41 24.87 0.55
CA PHE C 122 -20.62 25.25 1.24
C PHE C 122 -21.88 24.69 0.66
N LYS C 123 -21.93 24.58 -0.66
CA LYS C 123 -23.11 24.00 -1.30
C LYS C 123 -23.25 22.59 -0.75
N ASN C 124 -22.16 21.82 -0.80
CA ASN C 124 -22.14 20.45 -0.28
C ASN C 124 -22.53 20.45 1.19
N SER C 125 -21.94 21.36 1.95
CA SER C 125 -22.20 21.49 3.38
C SER C 125 -23.68 21.42 3.72
N LEU C 126 -24.48 22.24 3.04
CA LEU C 126 -25.94 22.29 3.24
C LEU C 126 -26.64 20.95 3.03
N THR C 127 -26.14 20.17 2.07
CA THR C 127 -26.67 18.87 1.73
C THR C 127 -27.07 18.01 2.91
N THR C 128 -26.33 18.11 4.01
CA THR C 128 -26.59 17.29 5.20
C THR C 128 -25.75 16.02 5.09
N LEU C 129 -25.43 15.64 3.86
CA LEU C 129 -24.63 14.45 3.61
C LEU C 129 -23.16 14.78 3.88
N PRO C 130 -22.34 13.77 4.23
CA PRO C 130 -20.91 13.98 4.51
C PRO C 130 -20.07 14.17 3.24
N MET C 131 -19.97 15.40 2.75
CA MET C 131 -19.20 15.66 1.54
C MET C 131 -18.31 16.88 1.63
N GLY C 132 -17.04 16.71 1.32
CA GLY C 132 -16.13 17.83 1.34
C GLY C 132 -16.29 18.55 0.03
N GLY C 133 -15.40 19.49 -0.26
CA GLY C 133 -15.48 20.23 -1.49
C GLY C 133 -14.25 20.11 -2.36
N GLY C 134 -14.46 19.93 -3.66
CA GLY C 134 -13.35 19.82 -4.57
C GLY C 134 -13.79 20.20 -5.97
N LYS C 135 -12.86 20.21 -6.91
CA LYS C 135 -13.16 20.54 -8.29
C LYS C 135 -11.92 20.26 -9.12
N GLY C 136 -12.13 19.83 -10.36
CA GLY C 136 -10.99 19.54 -11.20
C GLY C 136 -11.36 19.76 -12.65
N GLY C 137 -10.43 19.46 -13.55
CA GLY C 137 -10.71 19.65 -14.96
C GLY C 137 -9.44 19.85 -15.76
N SER C 138 -9.60 20.30 -17.00
CA SER C 138 -8.46 20.52 -17.87
C SER C 138 -8.86 21.60 -18.85
N ASP C 139 -7.88 22.19 -19.52
CA ASP C 139 -8.15 23.22 -20.53
C ASP C 139 -8.41 22.52 -21.85
N PHE C 140 -8.53 21.20 -21.78
CA PHE C 140 -8.80 20.34 -22.93
C PHE C 140 -10.14 20.76 -23.52
N ASP C 141 -10.22 20.86 -24.84
CA ASP C 141 -11.47 21.26 -25.48
C ASP C 141 -12.11 20.09 -26.20
N PRO C 142 -13.18 19.53 -25.63
CA PRO C 142 -13.89 18.40 -26.23
C PRO C 142 -14.39 18.72 -27.63
N LYS C 143 -14.84 19.97 -27.82
CA LYS C 143 -15.36 20.42 -29.11
C LYS C 143 -14.40 20.24 -30.25
N GLY C 144 -14.82 19.41 -31.21
CA GLY C 144 -13.99 19.15 -32.36
C GLY C 144 -13.24 17.82 -32.28
N LYS C 145 -13.09 17.31 -31.07
CA LYS C 145 -12.37 16.05 -30.89
C LYS C 145 -13.24 14.88 -31.31
N SER C 146 -12.60 13.80 -31.76
CA SER C 146 -13.30 12.61 -32.20
C SER C 146 -13.64 11.79 -30.97
N GLU C 147 -14.51 10.81 -31.15
CA GLU C 147 -14.92 9.93 -30.07
C GLU C 147 -13.68 9.28 -29.50
N ASN C 148 -12.87 8.76 -30.41
CA ASN C 148 -11.64 8.07 -30.04
C ASN C 148 -10.68 8.94 -29.25
N GLU C 149 -10.54 10.20 -29.65
CA GLU C 149 -9.63 11.11 -28.97
C GLU C 149 -10.15 11.38 -27.57
N ILE C 150 -11.45 11.57 -27.43
CA ILE C 150 -11.99 11.82 -26.10
C ILE C 150 -11.62 10.66 -25.19
N LEU C 151 -11.69 9.44 -25.71
CA LEU C 151 -11.33 8.27 -24.92
C LEU C 151 -9.86 8.34 -24.50
N LYS C 152 -8.97 8.49 -25.49
CA LYS C 152 -7.55 8.58 -25.22
C LYS C 152 -7.27 9.62 -24.14
N PHE C 153 -7.93 10.77 -24.22
CA PHE C 153 -7.69 11.82 -23.25
C PHE C 153 -8.12 11.38 -21.87
N CYS C 154 -9.35 10.91 -21.75
CA CYS C 154 -9.84 10.49 -20.46
C CYS C 154 -8.90 9.50 -19.79
N GLN C 155 -8.40 8.54 -20.56
CA GLN C 155 -7.50 7.54 -20.02
C GLN C 155 -6.24 8.17 -19.46
N SER C 156 -5.65 9.06 -20.25
CA SER C 156 -4.44 9.73 -19.79
C SER C 156 -4.77 10.57 -18.55
N PHE C 157 -5.81 11.39 -18.66
CA PHE C 157 -6.21 12.23 -17.54
C PHE C 157 -6.36 11.40 -16.27
N MET C 158 -7.01 10.24 -16.36
CA MET C 158 -7.21 9.39 -15.19
C MET C 158 -5.90 8.76 -14.70
N THR C 159 -5.00 8.45 -15.63
CA THR C 159 -3.73 7.84 -15.25
C THR C 159 -3.00 8.76 -14.27
N ASN C 160 -3.18 10.06 -14.42
CA ASN C 160 -2.50 10.98 -13.52
C ASN C 160 -3.29 11.16 -12.25
N LEU C 161 -4.58 11.40 -12.39
CA LEU C 161 -5.45 11.63 -11.25
C LEU C 161 -5.72 10.42 -10.34
N PHE C 162 -5.74 9.22 -10.91
CA PHE C 162 -6.06 7.99 -10.18
C PHE C 162 -5.43 7.76 -8.82
N ARG C 163 -4.18 8.17 -8.67
CA ARG C 163 -3.47 8.00 -7.40
C ARG C 163 -3.94 8.94 -6.27
N TYR C 164 -4.67 10.00 -6.61
CA TYR C 164 -5.11 10.99 -5.62
C TYR C 164 -6.59 10.98 -5.28
N ILE C 165 -7.34 10.10 -5.92
CA ILE C 165 -8.77 10.01 -5.66
C ILE C 165 -9.13 8.61 -5.14
N GLY C 166 -10.28 8.51 -4.49
CA GLY C 166 -10.69 7.24 -3.93
C GLY C 166 -12.02 7.39 -3.23
N PRO C 167 -12.72 6.28 -2.94
CA PRO C 167 -14.02 6.24 -2.27
C PRO C 167 -14.07 7.04 -0.96
N ASN C 168 -12.98 7.04 -0.21
CA ASN C 168 -12.96 7.76 1.06
C ASN C 168 -12.05 8.97 1.03
N THR C 169 -11.65 9.40 -0.16
CA THR C 169 -10.76 10.52 -0.27
C THR C 169 -11.30 11.64 -1.12
N ASP C 170 -11.48 11.34 -2.40
CA ASP C 170 -11.97 12.34 -3.34
C ASP C 170 -12.81 11.65 -4.40
N VAL C 171 -14.09 12.01 -4.45
CA VAL C 171 -15.02 11.44 -5.42
C VAL C 171 -15.50 12.46 -6.46
N PRO C 172 -14.80 12.54 -7.60
CA PRO C 172 -15.14 13.46 -8.69
C PRO C 172 -16.48 13.13 -9.37
N ALA C 173 -16.90 14.01 -10.28
CA ALA C 173 -18.16 13.86 -11.00
C ALA C 173 -18.17 14.62 -12.31
N GLY C 174 -19.29 14.54 -13.02
CA GLY C 174 -19.40 15.24 -14.29
C GLY C 174 -19.64 16.75 -14.17
N ASP C 175 -19.44 17.45 -15.27
CA ASP C 175 -19.62 18.89 -15.30
C ASP C 175 -19.49 19.26 -16.78
N ILE C 176 -19.29 20.54 -17.08
CA ILE C 176 -19.15 20.98 -18.46
C ILE C 176 -17.98 20.28 -19.14
N GLY C 177 -18.26 19.60 -20.24
CA GLY C 177 -17.21 18.90 -20.95
C GLY C 177 -17.05 17.46 -20.50
N VAL C 178 -17.53 17.17 -19.29
CA VAL C 178 -17.46 15.82 -18.75
C VAL C 178 -18.87 15.30 -18.48
N GLY C 179 -19.39 14.52 -19.42
CA GLY C 179 -20.73 13.97 -19.26
C GLY C 179 -20.71 12.49 -18.99
N GLY C 180 -21.81 11.82 -19.29
CA GLY C 180 -21.89 10.39 -19.05
C GLY C 180 -20.83 9.62 -19.81
N ARG C 181 -20.73 9.90 -21.10
CA ARG C 181 -19.76 9.22 -21.94
C ARG C 181 -18.40 9.27 -21.31
N GLU C 182 -18.02 10.46 -20.84
CA GLU C 182 -16.72 10.69 -20.23
C GLU C 182 -16.51 9.94 -18.93
N ILE C 183 -17.53 9.99 -18.08
CA ILE C 183 -17.45 9.31 -16.79
C ILE C 183 -17.28 7.80 -16.97
N GLY C 184 -17.77 7.28 -18.08
CA GLY C 184 -17.64 5.87 -18.37
C GLY C 184 -16.17 5.55 -18.63
N TYR C 185 -15.54 6.34 -19.49
CA TYR C 185 -14.12 6.16 -19.83
C TYR C 185 -13.22 6.35 -18.61
N LEU C 186 -13.49 7.41 -17.84
CA LEU C 186 -12.75 7.72 -16.62
C LEU C 186 -12.83 6.55 -15.65
N PHE C 187 -14.04 6.07 -15.41
CA PHE C 187 -14.27 4.95 -14.51
C PHE C 187 -13.53 3.72 -15.00
N GLY C 188 -13.75 3.39 -16.28
CA GLY C 188 -13.10 2.22 -16.86
C GLY C 188 -11.61 2.19 -16.58
N GLN C 189 -10.94 3.31 -16.89
CA GLN C 189 -9.51 3.45 -16.69
C GLN C 189 -9.13 3.34 -15.21
N TYR C 190 -9.88 4.01 -14.36
CA TYR C 190 -9.60 3.97 -12.93
C TYR C 190 -9.64 2.54 -12.44
N LYS C 191 -10.68 1.81 -12.83
CA LYS C 191 -10.82 0.42 -12.41
C LYS C 191 -9.61 -0.39 -12.82
N LYS C 192 -9.18 -0.24 -14.06
CA LYS C 192 -8.02 -0.96 -14.58
C LYS C 192 -6.76 -0.69 -13.78
N LEU C 193 -6.53 0.57 -13.42
CA LEU C 193 -5.34 0.95 -12.66
C LEU C 193 -5.40 0.48 -11.23
N LYS C 194 -6.37 0.99 -10.46
CA LYS C 194 -6.55 0.65 -9.04
C LYS C 194 -6.87 -0.82 -8.79
N ASN C 195 -7.41 -1.47 -9.81
CA ASN C 195 -7.80 -2.88 -9.74
C ASN C 195 -8.83 -3.07 -8.63
N SER C 196 -9.98 -2.43 -8.83
CA SER C 196 -11.09 -2.53 -7.89
C SER C 196 -12.30 -1.71 -8.35
N PHE C 197 -13.48 -2.26 -8.13
CA PHE C 197 -14.73 -1.63 -8.49
C PHE C 197 -15.23 -0.89 -7.24
N GLU C 198 -15.23 0.43 -7.28
CA GLU C 198 -15.67 1.20 -6.13
C GLU C 198 -16.16 2.56 -6.56
N GLY C 199 -16.97 3.20 -5.71
CA GLY C 199 -17.51 4.50 -6.06
C GLY C 199 -16.54 5.68 -6.06
N VAL C 200 -15.71 5.80 -7.09
CA VAL C 200 -14.77 6.92 -7.15
C VAL C 200 -15.42 8.07 -7.90
N LEU C 201 -16.42 7.73 -8.71
CA LEU C 201 -17.12 8.73 -9.49
C LEU C 201 -18.62 8.59 -9.34
N THR C 202 -19.32 9.72 -9.36
CA THR C 202 -20.78 9.69 -9.28
C THR C 202 -21.27 10.11 -10.65
N GLY C 203 -22.45 9.65 -11.04
CA GLY C 203 -22.97 9.99 -12.34
C GLY C 203 -22.63 8.84 -13.27
N LYS C 204 -22.40 7.67 -12.67
CA LYS C 204 -22.09 6.49 -13.44
C LYS C 204 -23.40 6.01 -14.06
N ASN C 205 -23.33 5.25 -15.15
CA ASN C 205 -24.53 4.72 -15.78
C ASN C 205 -25.22 3.78 -14.77
N ILE C 206 -26.52 3.57 -14.97
CA ILE C 206 -27.29 2.74 -14.08
C ILE C 206 -26.87 1.25 -14.07
N LYS C 207 -26.34 0.78 -15.20
CA LYS C 207 -25.91 -0.60 -15.31
C LYS C 207 -24.72 -0.92 -14.39
N TRP C 208 -23.91 0.09 -14.09
CA TRP C 208 -22.77 -0.12 -13.20
C TRP C 208 -22.60 0.91 -12.08
N GLY C 209 -23.36 0.75 -11.00
CA GLY C 209 -23.23 1.64 -9.86
C GLY C 209 -23.89 3.00 -9.93
N GLY C 210 -24.65 3.26 -11.00
CA GLY C 210 -25.33 4.53 -11.10
C GLY C 210 -26.53 4.59 -10.17
N SER C 211 -27.18 5.74 -10.08
CA SER C 211 -28.35 5.90 -9.22
C SER C 211 -29.61 6.31 -9.97
N ASN C 212 -30.77 6.04 -9.39
CA ASN C 212 -32.02 6.43 -10.03
C ASN C 212 -32.26 7.90 -9.70
N ILE C 213 -33.00 8.61 -10.56
CA ILE C 213 -33.30 10.01 -10.32
C ILE C 213 -32.12 10.95 -10.55
N ARG C 214 -31.02 10.43 -11.08
CA ARG C 214 -29.87 11.29 -11.33
C ARG C 214 -30.21 12.42 -12.30
N ALA C 215 -30.95 12.09 -13.37
CA ALA C 215 -31.33 13.08 -14.37
C ALA C 215 -32.27 14.14 -13.81
N GLU C 216 -33.38 13.68 -13.25
CA GLU C 216 -34.39 14.56 -12.67
C GLU C 216 -33.96 15.26 -11.40
N ALA C 217 -32.99 14.68 -10.70
CA ALA C 217 -32.47 15.19 -9.43
C ALA C 217 -32.56 16.69 -9.17
N THR C 218 -31.76 17.49 -9.86
CA THR C 218 -31.76 18.93 -9.62
C THR C 218 -33.12 19.62 -9.78
N GLY C 219 -33.79 19.35 -10.89
CA GLY C 219 -35.10 19.95 -11.15
C GLY C 219 -36.09 19.61 -10.05
N TYR C 220 -36.25 18.33 -9.76
CA TYR C 220 -37.16 17.88 -8.70
C TYR C 220 -36.83 18.62 -7.41
N GLY C 221 -35.54 18.75 -7.12
CA GLY C 221 -35.09 19.42 -5.92
C GLY C 221 -35.58 20.83 -5.81
N VAL C 222 -35.44 21.60 -6.89
CA VAL C 222 -35.88 22.98 -6.89
C VAL C 222 -37.36 23.08 -6.52
N VAL C 223 -38.18 22.19 -7.07
CA VAL C 223 -39.61 22.18 -6.78
C VAL C 223 -39.83 21.81 -5.30
N TYR C 224 -39.17 20.74 -4.85
CA TYR C 224 -39.27 20.34 -3.45
C TYR C 224 -38.90 21.47 -2.52
N PHE C 225 -37.86 22.23 -2.85
CA PHE C 225 -37.46 23.35 -2.00
C PHE C 225 -38.58 24.36 -1.89
N ALA C 226 -39.13 24.75 -3.04
CA ALA C 226 -40.22 25.70 -3.09
C ALA C 226 -41.44 25.16 -2.34
N GLU C 227 -41.75 23.88 -2.56
CA GLU C 227 -42.90 23.27 -1.90
C GLU C 227 -42.78 23.38 -0.38
N ASN C 228 -41.54 23.46 0.11
CA ASN C 228 -41.31 23.56 1.54
C ASN C 228 -41.49 24.98 2.03
N VAL C 229 -41.12 25.95 1.20
CA VAL C 229 -41.28 27.37 1.55
C VAL C 229 -42.78 27.65 1.65
N LEU C 230 -43.55 27.05 0.73
CA LEU C 230 -44.99 27.22 0.71
C LEU C 230 -45.68 26.55 1.90
N LYS C 231 -45.36 25.29 2.18
CA LYS C 231 -45.99 24.60 3.30
C LYS C 231 -45.81 25.36 4.62
N ASP C 232 -44.80 26.21 4.70
CA ASP C 232 -44.57 27.00 5.92
C ASP C 232 -45.37 28.30 5.82
N LEU C 233 -46.40 28.27 4.98
CA LEU C 233 -47.30 29.39 4.78
C LEU C 233 -48.70 28.81 4.56
N ASN C 234 -48.90 27.62 5.13
CA ASN C 234 -50.17 26.88 5.05
C ASN C 234 -50.72 26.76 3.63
N ASP C 235 -49.83 26.82 2.64
CA ASP C 235 -50.21 26.74 1.24
C ASP C 235 -49.34 25.69 0.54
N ASN C 236 -49.74 25.29 -0.67
CA ASN C 236 -48.98 24.32 -1.43
C ASN C 236 -48.88 24.77 -2.89
N LEU C 237 -48.34 23.91 -3.75
CA LEU C 237 -48.17 24.25 -5.17
C LEU C 237 -49.43 24.14 -6.02
N GLU C 238 -50.41 23.40 -5.53
CA GLU C 238 -51.65 23.22 -6.27
C GLU C 238 -52.27 24.50 -6.84
N ASN C 239 -52.43 24.51 -8.16
CA ASN C 239 -53.02 25.64 -8.89
C ASN C 239 -52.27 26.96 -8.78
N LYS C 240 -50.97 26.94 -9.02
CA LYS C 240 -50.19 28.16 -8.97
C LYS C 240 -49.71 28.47 -10.37
N LYS C 241 -50.01 29.66 -10.85
CA LYS C 241 -49.54 30.05 -12.16
C LYS C 241 -48.00 30.12 -12.05
N CYS C 242 -47.32 29.19 -12.73
CA CYS C 242 -45.86 29.11 -12.69
C CYS C 242 -45.12 29.46 -13.99
N LEU C 243 -44.09 30.28 -13.87
CA LEU C 243 -43.31 30.68 -15.03
C LEU C 243 -41.92 30.09 -14.98
N VAL C 244 -41.70 29.01 -15.72
CA VAL C 244 -40.41 28.35 -15.77
C VAL C 244 -39.66 28.67 -17.05
N SER C 245 -38.50 29.30 -16.93
CA SER C 245 -37.71 29.62 -18.11
C SER C 245 -36.80 28.44 -18.48
N GLY C 246 -35.98 28.61 -19.52
CA GLY C 246 -35.08 27.55 -19.95
C GLY C 246 -35.78 26.27 -20.37
N SER C 247 -35.08 25.42 -21.08
CA SER C 247 -35.65 24.16 -21.53
C SER C 247 -34.58 23.07 -21.40
N GLY C 248 -33.57 23.35 -20.58
CA GLY C 248 -32.49 22.41 -20.37
C GLY C 248 -32.93 21.23 -19.54
N ASN C 249 -31.96 20.47 -19.03
CA ASN C 249 -32.26 19.30 -18.22
C ASN C 249 -33.02 19.71 -16.96
N VAL C 250 -32.50 20.70 -16.24
CA VAL C 250 -33.13 21.19 -15.01
C VAL C 250 -34.55 21.65 -15.29
N ALA C 251 -34.68 22.60 -16.20
CA ALA C 251 -35.97 23.15 -16.56
C ALA C 251 -37.03 22.07 -16.83
N GLN C 252 -36.67 21.09 -17.65
CA GLN C 252 -37.60 20.01 -18.00
C GLN C 252 -38.19 19.26 -16.83
N TYR C 253 -37.32 18.67 -16.02
CA TYR C 253 -37.78 17.92 -14.86
C TYR C 253 -38.43 18.80 -13.80
N LEU C 254 -38.08 20.08 -13.78
CA LEU C 254 -38.69 21.02 -12.85
C LEU C 254 -40.16 21.07 -13.21
N VAL C 255 -40.41 21.30 -14.51
CA VAL C 255 -41.77 21.36 -15.05
C VAL C 255 -42.50 20.04 -14.82
N GLU C 256 -41.82 18.93 -15.07
CA GLU C 256 -42.43 17.62 -14.87
C GLU C 256 -42.97 17.44 -13.46
N LYS C 257 -42.15 17.81 -12.47
CA LYS C 257 -42.58 17.67 -11.09
C LYS C 257 -43.68 18.68 -10.78
N LEU C 258 -43.49 19.94 -11.22
CA LEU C 258 -44.50 20.98 -11.00
C LEU C 258 -45.86 20.50 -11.51
N ILE C 259 -45.92 20.10 -12.79
CA ILE C 259 -47.16 19.61 -13.40
C ILE C 259 -47.78 18.55 -12.49
N GLU C 260 -47.00 17.54 -12.20
CA GLU C 260 -47.44 16.44 -11.36
C GLU C 260 -48.07 16.85 -10.02
N LYS C 261 -47.69 18.01 -9.50
CA LYS C 261 -48.23 18.49 -8.24
C LYS C 261 -49.53 19.26 -8.44
N GLY C 262 -49.44 20.58 -8.50
CA GLY C 262 -50.62 21.41 -8.69
C GLY C 262 -50.71 21.96 -10.10
N ALA C 263 -49.59 21.95 -10.80
CA ALA C 263 -49.54 22.43 -12.17
C ALA C 263 -49.72 23.93 -12.38
N ILE C 264 -50.06 24.27 -13.61
CA ILE C 264 -50.27 25.62 -14.11
C ILE C 264 -48.94 26.28 -14.46
N VAL C 265 -48.08 25.51 -15.11
CA VAL C 265 -46.77 26.01 -15.54
C VAL C 265 -47.10 26.67 -16.88
N LEU C 266 -46.85 27.97 -16.97
CA LEU C 266 -47.19 28.72 -18.16
C LEU C 266 -46.12 28.85 -19.24
N THR C 267 -44.85 28.84 -18.85
CA THR C 267 -43.82 29.05 -19.86
C THR C 267 -42.56 28.18 -19.78
N MET C 268 -41.74 28.31 -20.83
CA MET C 268 -40.45 27.63 -20.96
C MET C 268 -39.60 28.43 -21.96
N SER C 269 -38.49 28.98 -21.48
CA SER C 269 -37.62 29.81 -22.29
C SER C 269 -36.71 29.00 -23.23
N ASP C 270 -35.90 29.72 -24.00
CA ASP C 270 -34.98 29.14 -24.98
C ASP C 270 -33.85 30.16 -25.16
N SER C 271 -32.78 29.77 -25.84
CA SER C 271 -31.64 30.68 -26.05
C SER C 271 -32.05 31.95 -26.82
N ASN C 272 -33.28 31.97 -27.30
CA ASN C 272 -33.82 33.10 -28.05
C ASN C 272 -35.34 32.97 -28.17
N GLY C 273 -36.06 33.60 -27.24
CA GLY C 273 -37.51 33.54 -27.28
C GLY C 273 -38.08 32.49 -26.34
N TYR C 274 -39.32 32.68 -25.90
CA TYR C 274 -39.96 31.74 -24.99
C TYR C 274 -41.31 31.28 -25.50
N ILE C 275 -41.95 30.38 -24.76
CA ILE C 275 -43.25 29.86 -25.16
C ILE C 275 -44.29 30.07 -24.09
N LEU C 276 -45.51 30.39 -24.52
CA LEU C 276 -46.62 30.58 -23.60
C LEU C 276 -47.59 29.44 -23.77
N GLU C 277 -48.51 29.29 -22.84
CA GLU C 277 -49.46 28.21 -22.90
C GLU C 277 -50.50 28.37 -21.79
N PRO C 278 -51.47 29.29 -21.99
CA PRO C 278 -52.51 29.50 -20.96
C PRO C 278 -53.14 28.16 -20.59
N ASN C 279 -53.53 28.04 -19.31
CA ASN C 279 -54.13 26.81 -18.78
C ASN C 279 -53.04 25.80 -18.44
N GLY C 280 -51.79 26.24 -18.62
CA GLY C 280 -50.62 25.42 -18.31
C GLY C 280 -50.33 24.26 -19.24
N PHE C 281 -49.10 23.73 -19.15
CA PHE C 281 -48.71 22.59 -19.97
C PHE C 281 -49.32 21.35 -19.36
N THR C 282 -49.20 20.23 -20.04
CA THR C 282 -49.73 18.97 -19.56
C THR C 282 -48.68 17.89 -19.73
N LYS C 283 -48.81 16.83 -18.95
CA LYS C 283 -47.86 15.73 -19.03
C LYS C 283 -47.45 15.47 -20.49
N GLU C 284 -48.44 15.21 -21.33
CA GLU C 284 -48.22 14.93 -22.75
C GLU C 284 -47.38 15.98 -23.48
N GLN C 285 -47.78 17.26 -23.35
CA GLN C 285 -47.06 18.33 -24.01
C GLN C 285 -45.58 18.42 -23.60
N LEU C 286 -45.29 18.14 -22.33
CA LEU C 286 -43.91 18.20 -21.85
C LEU C 286 -43.08 17.16 -22.57
N ASN C 287 -43.67 16.00 -22.82
CA ASN C 287 -42.96 14.94 -23.53
C ASN C 287 -42.54 15.40 -24.91
N TYR C 288 -43.41 16.18 -25.55
CA TYR C 288 -43.09 16.70 -26.87
C TYR C 288 -41.88 17.62 -26.75
N ILE C 289 -41.99 18.61 -25.86
CA ILE C 289 -40.91 19.57 -25.65
C ILE C 289 -39.61 18.84 -25.32
N MET C 290 -39.72 17.77 -24.53
CA MET C 290 -38.55 16.96 -24.15
C MET C 290 -37.97 16.30 -25.40
N ASP C 291 -38.86 15.74 -26.21
CA ASP C 291 -38.46 15.08 -27.45
C ASP C 291 -37.81 16.13 -28.36
N ILE C 292 -38.57 17.14 -28.74
CA ILE C 292 -38.09 18.21 -29.60
C ILE C 292 -36.75 18.76 -29.17
N LYS C 293 -36.59 18.91 -27.86
CA LYS C 293 -35.36 19.46 -27.29
C LYS C 293 -34.21 18.44 -27.13
N ASN C 294 -34.54 17.21 -26.75
CA ASN C 294 -33.57 16.14 -26.50
C ASN C 294 -33.24 15.14 -27.62
N ASN C 295 -34.24 14.80 -28.43
CA ASN C 295 -34.02 13.82 -29.49
C ASN C 295 -34.04 14.41 -30.90
N GLN C 296 -34.17 15.73 -31.02
CA GLN C 296 -34.23 16.34 -32.33
C GLN C 296 -33.52 17.69 -32.46
N ARG C 297 -32.83 18.14 -31.41
CA ARG C 297 -32.13 19.42 -31.45
C ARG C 297 -32.92 20.49 -32.21
N LEU C 298 -34.24 20.35 -32.20
CA LEU C 298 -35.13 21.28 -32.87
C LEU C 298 -35.45 22.46 -31.95
N ARG C 299 -35.39 23.68 -32.50
CA ARG C 299 -35.71 24.87 -31.72
C ARG C 299 -37.02 24.58 -30.98
N LEU C 300 -37.11 25.05 -29.74
CA LEU C 300 -38.28 24.82 -28.92
C LEU C 300 -39.61 25.04 -29.67
N LYS C 301 -39.59 25.98 -30.62
CA LYS C 301 -40.77 26.34 -31.40
C LYS C 301 -41.41 25.19 -32.19
N GLU C 302 -40.61 24.20 -32.57
CA GLU C 302 -41.10 23.06 -33.34
C GLU C 302 -42.04 22.21 -32.49
N TYR C 303 -42.54 22.81 -31.42
CA TYR C 303 -43.47 22.15 -30.50
C TYR C 303 -44.91 22.48 -30.88
N LEU C 304 -45.07 23.59 -31.59
CA LEU C 304 -46.38 24.02 -32.04
C LEU C 304 -47.04 22.90 -32.81
N LYS C 305 -46.33 22.37 -33.82
CA LYS C 305 -46.81 21.28 -34.67
C LYS C 305 -47.45 20.14 -33.87
N TYR C 306 -47.05 20.03 -32.59
CA TYR C 306 -47.55 18.98 -31.70
C TYR C 306 -48.80 19.35 -30.88
N SER C 307 -48.95 20.64 -30.57
CA SER C 307 -50.12 21.10 -29.81
C SER C 307 -51.03 21.97 -30.69
N LYS C 308 -51.88 22.75 -30.04
CA LYS C 308 -52.80 23.63 -30.76
C LYS C 308 -52.83 24.96 -30.01
N THR C 309 -53.13 24.86 -28.71
CA THR C 309 -53.23 26.01 -27.82
C THR C 309 -51.90 26.73 -27.50
N ALA C 310 -50.80 26.27 -28.07
CA ALA C 310 -49.50 26.88 -27.81
C ALA C 310 -49.27 28.18 -28.59
N LYS C 311 -48.32 29.00 -28.14
CA LYS C 311 -48.01 30.27 -28.80
C LYS C 311 -46.54 30.63 -28.54
N TYR C 312 -45.68 30.62 -29.55
CA TYR C 312 -44.27 30.99 -29.34
C TYR C 312 -44.12 32.51 -29.29
N PHE C 313 -43.14 32.97 -28.52
CA PHE C 313 -42.86 34.39 -28.36
C PHE C 313 -41.41 34.72 -28.72
N GLU C 314 -41.06 34.66 -30.00
CA GLU C 314 -39.68 34.96 -30.42
C GLU C 314 -39.07 36.05 -29.53
N ASN C 315 -37.79 35.89 -29.21
CA ASN C 315 -37.07 36.83 -28.35
C ASN C 315 -37.93 37.64 -27.37
N GLN C 316 -38.16 37.06 -26.19
CA GLN C 316 -38.94 37.69 -25.11
C GLN C 316 -38.72 36.90 -23.82
N LYS C 317 -39.04 37.50 -22.68
CA LYS C 317 -38.91 36.84 -21.37
C LYS C 317 -40.30 36.87 -20.72
N PRO C 318 -40.83 35.70 -20.33
CA PRO C 318 -42.15 35.60 -19.70
C PRO C 318 -42.23 36.03 -18.25
N TRP C 319 -41.65 37.17 -17.91
CA TRP C 319 -41.67 37.63 -16.53
C TRP C 319 -42.84 38.55 -16.18
N ASN C 320 -43.09 39.55 -17.00
CA ASN C 320 -44.19 40.49 -16.73
C ASN C 320 -45.58 39.87 -16.89
N ILE C 321 -45.63 38.55 -16.79
CA ILE C 321 -46.88 37.80 -16.87
C ILE C 321 -47.31 37.47 -15.45
N PRO C 322 -48.56 37.79 -15.08
CA PRO C 322 -49.04 37.49 -13.72
C PRO C 322 -48.86 36.01 -13.40
N CYS C 323 -48.07 35.75 -12.36
CA CYS C 323 -47.78 34.39 -11.93
C CYS C 323 -47.69 34.27 -10.43
N ASP C 324 -47.94 33.07 -9.91
CA ASP C 324 -47.84 32.84 -8.48
C ASP C 324 -46.36 32.65 -8.16
N ILE C 325 -45.78 31.60 -8.75
CA ILE C 325 -44.37 31.29 -8.55
C ILE C 325 -43.60 31.31 -9.87
N ALA C 326 -42.36 31.80 -9.82
CA ALA C 326 -41.52 31.86 -11.01
C ALA C 326 -40.14 31.26 -10.76
N PHE C 327 -39.77 30.30 -11.60
CA PHE C 327 -38.48 29.62 -11.53
C PHE C 327 -37.60 29.98 -12.73
N PRO C 328 -36.52 30.73 -12.49
CA PRO C 328 -35.57 31.15 -13.53
C PRO C 328 -34.55 30.04 -13.78
N CYS C 329 -34.78 29.18 -14.77
CA CYS C 329 -33.85 28.09 -15.06
C CYS C 329 -33.14 28.14 -16.41
N ALA C 330 -32.34 29.18 -16.63
CA ALA C 330 -31.62 29.29 -17.89
C ALA C 330 -30.15 29.63 -17.69
N THR C 331 -29.81 30.92 -17.78
CA THR C 331 -28.44 31.39 -17.64
C THR C 331 -28.25 32.26 -16.39
N GLN C 332 -26.98 32.56 -16.11
CA GLN C 332 -26.62 33.42 -14.98
C GLN C 332 -27.00 34.84 -15.42
N ASN C 333 -27.54 35.62 -14.49
CA ASN C 333 -27.96 36.99 -14.78
C ASN C 333 -29.15 36.91 -15.74
N GLU C 334 -30.19 36.24 -15.29
CA GLU C 334 -31.41 36.04 -16.06
C GLU C 334 -32.50 37.03 -15.60
N ILE C 335 -32.20 37.70 -14.49
CA ILE C 335 -33.10 38.69 -13.88
C ILE C 335 -32.28 39.88 -13.37
N ASN C 336 -32.56 41.07 -13.91
CA ASN C 336 -31.85 42.27 -13.51
C ASN C 336 -32.69 43.26 -12.71
N GLU C 337 -32.18 44.48 -12.57
CA GLU C 337 -32.82 45.54 -11.81
C GLU C 337 -34.14 46.05 -12.40
N ASN C 338 -34.40 45.72 -13.66
CA ASN C 338 -35.63 46.15 -14.34
C ASN C 338 -36.72 45.07 -14.25
N ASP C 339 -36.31 43.81 -14.12
CA ASP C 339 -37.24 42.67 -14.04
C ASP C 339 -37.93 42.53 -12.69
N ALA C 340 -37.19 42.80 -11.61
CA ALA C 340 -37.74 42.71 -10.27
C ALA C 340 -38.95 43.64 -10.13
N ASP C 341 -38.97 44.68 -10.97
CA ASP C 341 -40.05 45.67 -11.00
C ASP C 341 -41.25 45.12 -11.76
N LEU C 342 -40.97 44.36 -12.82
CA LEU C 342 -42.01 43.74 -13.63
C LEU C 342 -42.73 42.69 -12.79
N PHE C 343 -42.00 42.11 -11.84
CA PHE C 343 -42.54 41.10 -10.95
C PHE C 343 -43.41 41.72 -9.88
N ILE C 344 -42.96 42.87 -9.37
CA ILE C 344 -43.69 43.59 -8.33
C ILE C 344 -45.05 44.04 -8.88
N GLN C 345 -45.06 44.47 -10.15
CA GLN C 345 -46.28 44.94 -10.79
C GLN C 345 -47.06 43.83 -11.52
N ASN C 346 -46.90 42.60 -11.06
CA ASN C 346 -47.60 41.43 -11.63
C ASN C 346 -48.02 40.51 -10.50
N LYS C 347 -47.80 40.97 -9.27
CA LYS C 347 -48.15 40.26 -8.04
C LYS C 347 -47.44 38.92 -7.82
N CYS C 348 -46.15 38.85 -8.16
CA CYS C 348 -45.38 37.61 -7.98
C CYS C 348 -44.93 37.45 -6.53
N LYS C 349 -45.36 36.33 -5.93
CA LYS C 349 -45.07 36.02 -4.54
C LYS C 349 -43.66 35.53 -4.20
N MET C 350 -43.03 34.78 -5.10
CA MET C 350 -41.74 34.17 -4.83
C MET C 350 -40.94 33.79 -6.07
N ILE C 351 -39.62 33.73 -5.92
CA ILE C 351 -38.71 33.39 -7.02
C ILE C 351 -37.70 32.34 -6.58
N VAL C 352 -37.79 31.14 -7.17
CA VAL C 352 -36.87 30.06 -6.84
C VAL C 352 -35.79 29.89 -7.91
N GLU C 353 -34.54 30.22 -7.57
CA GLU C 353 -33.44 30.11 -8.53
C GLU C 353 -33.12 28.65 -8.92
N GLY C 354 -33.12 28.37 -10.22
CA GLY C 354 -32.82 27.02 -10.70
C GLY C 354 -31.38 26.92 -11.18
N ALA C 355 -30.97 27.88 -12.02
CA ALA C 355 -29.61 27.91 -12.53
C ALA C 355 -28.77 28.59 -11.46
N ASN C 356 -27.46 28.64 -11.65
CA ASN C 356 -26.61 29.28 -10.66
C ASN C 356 -26.62 30.79 -10.74
N MET C 357 -27.05 31.41 -9.64
CA MET C 357 -27.12 32.86 -9.52
C MET C 357 -27.77 33.55 -10.72
N PRO C 358 -29.04 33.22 -11.03
CA PRO C 358 -29.75 33.82 -12.15
C PRO C 358 -30.24 35.25 -11.88
N THR C 359 -30.01 35.72 -10.65
CA THR C 359 -30.42 37.07 -10.25
C THR C 359 -29.24 38.03 -10.19
N HIS C 360 -29.42 39.24 -10.69
CA HIS C 360 -28.36 40.25 -10.67
C HIS C 360 -28.25 40.84 -9.27
N ILE C 361 -27.01 41.12 -8.85
CA ILE C 361 -26.72 41.67 -7.53
C ILE C 361 -27.63 42.82 -7.05
N LYS C 362 -27.95 43.76 -7.95
CA LYS C 362 -28.81 44.88 -7.59
C LYS C 362 -30.30 44.55 -7.67
N ALA C 363 -30.63 43.49 -8.41
CA ALA C 363 -32.02 43.06 -8.55
C ALA C 363 -32.57 42.50 -7.25
N LEU C 364 -31.69 41.86 -6.47
CA LEU C 364 -32.07 41.27 -5.19
C LEU C 364 -32.50 42.36 -4.20
N HIS C 365 -31.90 43.54 -4.31
CA HIS C 365 -32.23 44.65 -3.42
C HIS C 365 -33.71 45.03 -3.50
N LYS C 366 -34.18 45.39 -4.70
CA LYS C 366 -35.57 45.78 -4.86
C LYS C 366 -36.53 44.66 -4.44
N LEU C 367 -36.22 43.43 -4.85
CA LEU C 367 -37.07 42.29 -4.51
C LEU C 367 -37.24 42.07 -3.02
N LYS C 368 -36.16 42.26 -2.26
CA LYS C 368 -36.21 42.07 -0.81
C LYS C 368 -36.98 43.19 -0.11
N GLN C 369 -36.83 44.42 -0.63
CA GLN C 369 -37.52 45.58 -0.06
C GLN C 369 -38.97 45.65 -0.52
N ASN C 370 -39.43 44.58 -1.17
CA ASN C 370 -40.81 44.48 -1.65
C ASN C 370 -41.46 43.19 -1.16
N ASN C 371 -40.83 42.58 -0.16
CA ASN C 371 -41.31 41.32 0.45
C ASN C 371 -41.63 40.19 -0.53
N ILE C 372 -40.69 39.91 -1.43
CA ILE C 372 -40.82 38.85 -2.42
C ILE C 372 -39.77 37.79 -2.07
N ILE C 373 -40.24 36.62 -1.64
CA ILE C 373 -39.35 35.53 -1.25
C ILE C 373 -38.38 35.12 -2.36
N LEU C 374 -37.08 35.15 -2.04
CA LEU C 374 -36.05 34.76 -2.99
C LEU C 374 -35.28 33.55 -2.48
N CYS C 375 -35.32 32.45 -3.24
CA CYS C 375 -34.64 31.21 -2.89
C CYS C 375 -33.26 31.16 -3.53
N PRO C 376 -32.20 30.99 -2.70
CA PRO C 376 -30.81 30.93 -3.15
C PRO C 376 -30.58 29.70 -4.03
N SER C 377 -29.90 29.87 -5.17
CA SER C 377 -29.64 28.75 -6.04
C SER C 377 -28.76 27.77 -5.26
N LYS C 378 -27.85 28.31 -4.44
CA LYS C 378 -26.94 27.52 -3.62
C LYS C 378 -27.69 26.42 -2.87
N ALA C 379 -28.93 26.72 -2.46
CA ALA C 379 -29.73 25.77 -1.73
C ALA C 379 -30.82 25.10 -2.59
N ALA C 380 -31.54 25.89 -3.37
CA ALA C 380 -32.62 25.37 -4.20
C ALA C 380 -32.24 24.27 -5.18
N ASN C 381 -31.10 24.40 -5.85
CA ASN C 381 -30.72 23.36 -6.79
C ASN C 381 -29.68 22.36 -6.27
N ALA C 382 -29.46 22.35 -4.96
CA ALA C 382 -28.49 21.43 -4.38
C ALA C 382 -28.98 20.00 -4.53
N GLY C 383 -30.19 19.85 -5.07
CA GLY C 383 -30.77 18.52 -5.25
C GLY C 383 -29.84 17.59 -6.01
N GLY C 384 -29.14 18.12 -7.00
CA GLY C 384 -28.23 17.32 -7.82
C GLY C 384 -27.07 16.78 -7.01
N VAL C 385 -26.40 17.67 -6.28
CA VAL C 385 -25.27 17.29 -5.43
C VAL C 385 -25.72 16.28 -4.39
N ALA C 386 -26.94 16.46 -3.89
CA ALA C 386 -27.49 15.55 -2.88
C ALA C 386 -27.66 14.14 -3.41
N VAL C 387 -28.25 13.98 -4.58
CA VAL C 387 -28.46 12.65 -5.14
C VAL C 387 -27.14 11.94 -5.38
N SER C 388 -26.11 12.69 -5.77
CA SER C 388 -24.80 12.09 -6.00
C SER C 388 -24.24 11.53 -4.67
N GLY C 389 -24.67 12.14 -3.57
CA GLY C 389 -24.23 11.68 -2.27
C GLY C 389 -24.93 10.36 -2.00
N LEU C 390 -26.16 10.23 -2.50
CA LEU C 390 -26.92 9.00 -2.33
C LEU C 390 -26.36 7.91 -3.22
N GLU C 391 -25.78 8.30 -4.35
CA GLU C 391 -25.18 7.32 -5.25
C GLU C 391 -24.03 6.70 -4.46
N MET C 392 -23.26 7.54 -3.79
CA MET C 392 -22.16 7.06 -2.98
C MET C 392 -22.64 6.07 -1.93
N SER C 393 -23.78 6.39 -1.30
CA SER C 393 -24.33 5.51 -0.28
C SER C 393 -24.71 4.17 -0.88
N GLN C 394 -25.45 4.21 -1.97
CA GLN C 394 -25.87 2.99 -2.62
C GLN C 394 -24.65 2.16 -3.00
N ASN C 395 -23.63 2.81 -3.52
CA ASN C 395 -22.43 2.09 -3.90
C ASN C 395 -21.80 1.38 -2.70
N SER C 396 -21.84 2.03 -1.54
CA SER C 396 -21.26 1.44 -0.35
C SER C 396 -22.10 0.28 0.11
N MET C 397 -23.41 0.40 -0.06
CA MET C 397 -24.33 -0.65 0.35
C MET C 397 -24.44 -1.76 -0.64
N ARG C 398 -23.84 -1.57 -1.81
CA ARG C 398 -23.83 -2.56 -2.89
C ARG C 398 -25.24 -2.93 -3.36
N LEU C 399 -26.13 -1.93 -3.31
CA LEU C 399 -27.53 -2.08 -3.71
C LEU C 399 -27.97 -0.87 -4.48
N GLN C 400 -29.10 -0.96 -5.15
CA GLN C 400 -29.62 0.18 -5.88
C GLN C 400 -31.05 0.44 -5.45
N TRP C 401 -31.30 1.61 -4.87
CA TRP C 401 -32.64 1.94 -4.42
C TRP C 401 -33.57 2.20 -5.61
N THR C 402 -34.85 1.96 -5.42
CA THR C 402 -35.83 2.15 -6.46
C THR C 402 -36.04 3.64 -6.75
N HIS C 403 -36.47 3.93 -7.96
CA HIS C 403 -36.75 5.30 -8.38
C HIS C 403 -37.57 5.95 -7.25
N GLN C 404 -38.49 5.17 -6.71
CA GLN C 404 -39.34 5.61 -5.63
C GLN C 404 -38.53 6.05 -4.39
N GLU C 405 -37.82 5.09 -3.79
CA GLU C 405 -37.01 5.33 -2.59
C GLU C 405 -36.08 6.53 -2.68
N THR C 406 -35.25 6.54 -3.72
CA THR C 406 -34.31 7.62 -3.93
C THR C 406 -34.99 8.97 -3.93
N ASP C 407 -36.20 9.04 -4.50
CA ASP C 407 -36.94 10.29 -4.55
C ASP C 407 -37.24 10.76 -3.13
N MET C 408 -37.90 9.92 -2.35
CA MET C 408 -38.25 10.26 -0.98
C MET C 408 -37.07 10.85 -0.22
N LYS C 409 -35.91 10.18 -0.29
CA LYS C 409 -34.70 10.66 0.38
C LYS C 409 -34.40 12.11 -0.06
N LEU C 410 -34.47 12.35 -1.37
CA LEU C 410 -34.23 13.68 -1.91
C LEU C 410 -35.19 14.72 -1.34
N GLN C 411 -36.43 14.31 -1.12
CA GLN C 411 -37.43 15.21 -0.56
C GLN C 411 -37.09 15.62 0.86
N ASN C 412 -36.56 14.69 1.65
CA ASN C 412 -36.19 15.00 3.04
C ASN C 412 -34.95 15.85 3.07
N ILE C 413 -34.05 15.59 2.14
CA ILE C 413 -32.82 16.36 2.05
C ILE C 413 -33.18 17.80 1.69
N MET C 414 -34.12 17.96 0.76
CA MET C 414 -34.55 19.29 0.36
C MET C 414 -35.24 19.98 1.53
N LYS C 415 -36.11 19.26 2.23
CA LYS C 415 -36.80 19.81 3.39
C LYS C 415 -35.80 20.33 4.41
N SER C 416 -34.78 19.53 4.69
CA SER C 416 -33.73 19.91 5.65
C SER C 416 -32.96 21.14 5.18
N ILE C 417 -32.60 21.15 3.90
CA ILE C 417 -31.88 22.30 3.36
C ILE C 417 -32.72 23.54 3.62
N TYR C 418 -34.04 23.42 3.43
CA TYR C 418 -34.91 24.56 3.66
C TYR C 418 -34.88 24.99 5.11
N GLU C 419 -35.16 24.04 6.00
CA GLU C 419 -35.18 24.35 7.42
C GLU C 419 -33.93 25.05 7.92
N GLN C 420 -32.77 24.64 7.42
CA GLN C 420 -31.53 25.28 7.85
C GLN C 420 -31.44 26.75 7.43
N CYS C 421 -31.85 27.06 6.21
CA CYS C 421 -31.80 28.45 5.75
C CYS C 421 -32.76 29.27 6.59
N HIS C 422 -33.98 28.73 6.75
CA HIS C 422 -35.02 29.36 7.53
C HIS C 422 -34.56 29.64 8.98
N ASN C 423 -34.27 28.58 9.72
CA ASN C 423 -33.85 28.72 11.11
C ASN C 423 -32.58 29.53 11.32
N THR C 424 -31.57 29.28 10.50
CA THR C 424 -30.31 30.00 10.63
C THR C 424 -30.50 31.50 10.42
N SER C 425 -31.11 31.89 9.31
CA SER C 425 -31.34 33.30 9.04
C SER C 425 -32.16 33.93 10.15
N LYS C 426 -33.10 33.17 10.71
CA LYS C 426 -33.93 33.68 11.80
C LYS C 426 -33.08 33.98 13.02
N ILE C 427 -32.33 32.98 13.45
CA ILE C 427 -31.46 33.12 14.60
C ILE C 427 -30.41 34.24 14.48
N TYR C 428 -29.87 34.46 13.29
CA TYR C 428 -28.84 35.48 13.11
C TYR C 428 -29.29 36.84 12.60
N LEU C 429 -30.46 36.91 11.99
CA LEU C 429 -30.93 38.19 11.46
C LEU C 429 -32.27 38.58 12.07
N ASN C 430 -32.81 37.71 12.90
CA ASN C 430 -34.09 37.90 13.58
C ASN C 430 -35.29 37.72 12.64
N GLU C 431 -35.01 37.81 11.33
CA GLU C 431 -36.03 37.63 10.30
C GLU C 431 -35.70 36.36 9.48
N SER C 432 -36.61 35.98 8.60
CA SER C 432 -36.41 34.79 7.77
C SER C 432 -35.90 35.15 6.37
N ASP C 433 -34.58 35.22 6.24
CA ASP C 433 -33.92 35.52 4.97
C ASP C 433 -33.24 34.25 4.43
N LEU C 434 -33.86 33.62 3.43
CA LEU C 434 -33.30 32.39 2.85
C LEU C 434 -31.91 32.52 2.27
N VAL C 435 -31.64 33.63 1.59
CA VAL C 435 -30.33 33.83 0.97
C VAL C 435 -29.18 33.90 1.97
N ALA C 436 -29.34 34.69 3.02
CA ALA C 436 -28.31 34.82 4.04
C ALA C 436 -28.26 33.52 4.81
N GLY C 437 -29.44 32.95 5.06
CA GLY C 437 -29.54 31.69 5.79
C GLY C 437 -28.68 30.62 5.15
N ALA C 438 -28.79 30.47 3.83
CA ALA C 438 -28.02 29.48 3.09
C ALA C 438 -26.53 29.66 3.31
N ASN C 439 -26.05 30.89 3.15
CA ASN C 439 -24.62 31.18 3.35
C ASN C 439 -24.13 30.91 4.77
N ILE C 440 -24.80 31.52 5.75
CA ILE C 440 -24.41 31.34 7.13
C ILE C 440 -24.45 29.86 7.53
N ALA C 441 -25.58 29.20 7.30
CA ALA C 441 -25.70 27.79 7.64
C ALA C 441 -24.59 26.96 7.00
N GLY C 442 -24.43 27.12 5.68
CA GLY C 442 -23.42 26.38 4.95
C GLY C 442 -22.03 26.56 5.53
N PHE C 443 -21.66 27.82 5.80
CA PHE C 443 -20.35 28.17 6.35
C PHE C 443 -20.14 27.66 7.78
N LEU C 444 -21.14 27.88 8.63
CA LEU C 444 -21.02 27.46 10.02
C LEU C 444 -20.76 25.99 10.23
N LYS C 445 -21.47 25.13 9.52
CA LYS C 445 -21.22 23.69 9.71
C LYS C 445 -19.73 23.37 9.47
N VAL C 446 -19.17 23.95 8.41
CA VAL C 446 -17.77 23.74 8.07
C VAL C 446 -16.83 24.38 9.08
N ALA C 447 -17.08 25.66 9.37
CA ALA C 447 -16.24 26.42 10.30
C ALA C 447 -16.12 25.78 11.66
N ASP C 448 -17.24 25.35 12.22
CA ASP C 448 -17.23 24.71 13.53
C ASP C 448 -16.47 23.40 13.50
N SER C 449 -16.85 22.53 12.58
CA SER C 449 -16.21 21.23 12.43
C SER C 449 -14.70 21.41 12.31
N PHE C 450 -14.33 22.42 11.53
CA PHE C 450 -12.94 22.76 11.31
C PHE C 450 -12.27 22.94 12.68
N LEU C 451 -12.89 23.79 13.50
CA LEU C 451 -12.39 24.08 14.83
C LEU C 451 -12.34 22.84 15.71
N GLU C 452 -13.42 22.08 15.71
CA GLU C 452 -13.48 20.88 16.53
C GLU C 452 -12.40 19.84 16.17
N GLN C 453 -11.98 19.85 14.92
CA GLN C 453 -10.98 18.90 14.46
C GLN C 453 -9.51 19.30 14.66
N GLY C 454 -9.28 20.43 15.34
CA GLY C 454 -7.91 20.88 15.58
C GLY C 454 -7.37 21.95 14.66
N GLY C 455 -8.20 22.47 13.76
CA GLY C 455 -7.75 23.52 12.84
C GLY C 455 -6.77 23.05 11.79
N LEU C 456 -6.93 21.80 11.35
CA LEU C 456 -6.07 21.20 10.32
C LEU C 456 -6.64 21.40 8.90
N LEU D 1 16.31 -36.57 5.41
CA LEU D 1 15.62 -35.79 6.49
C LEU D 1 14.27 -35.23 6.03
N HIS D 2 14.22 -34.75 4.79
CA HIS D 2 13.00 -34.18 4.19
C HIS D 2 12.25 -35.25 3.39
N ASN D 3 10.92 -35.25 3.48
CA ASN D 3 10.08 -36.23 2.76
C ASN D 3 9.29 -35.61 1.62
N TYR D 4 9.72 -35.86 0.38
CA TYR D 4 9.01 -35.33 -0.77
C TYR D 4 8.49 -36.46 -1.66
N GLY D 5 7.71 -37.36 -1.06
CA GLY D 5 7.15 -38.47 -1.81
C GLY D 5 8.19 -39.46 -2.27
N TYR D 6 7.79 -40.43 -3.09
CA TYR D 6 8.67 -41.46 -3.61
C TYR D 6 9.61 -42.01 -2.53
N THR D 7 9.09 -42.83 -1.61
CA THR D 7 9.91 -43.43 -0.55
C THR D 7 9.83 -44.97 -0.60
N SER D 8 9.55 -45.50 -1.79
CA SER D 8 9.45 -46.95 -2.02
C SER D 8 10.78 -47.48 -2.54
N THR D 9 10.86 -48.79 -2.78
CA THR D 9 12.10 -49.39 -3.28
C THR D 9 12.07 -49.60 -4.79
N LYS D 10 11.67 -48.56 -5.52
CA LYS D 10 11.64 -48.63 -6.97
C LYS D 10 12.98 -48.09 -7.44
N SER D 11 13.55 -48.73 -8.45
CA SER D 11 14.84 -48.29 -8.96
C SER D 11 14.80 -46.81 -9.30
N VAL D 12 15.96 -46.16 -9.19
CA VAL D 12 16.08 -44.74 -9.50
C VAL D 12 15.43 -44.45 -10.85
N ASP D 13 15.51 -45.43 -11.75
CA ASP D 13 14.96 -45.31 -13.10
C ASP D 13 13.44 -45.36 -13.10
N ASN D 14 12.86 -46.12 -12.17
CA ASN D 14 11.41 -46.24 -12.10
C ASN D 14 10.79 -45.02 -11.47
N GLN D 15 11.55 -44.37 -10.60
CA GLN D 15 11.07 -43.16 -9.96
C GLN D 15 11.11 -42.06 -11.01
N ILE D 16 12.20 -42.02 -11.78
CA ILE D 16 12.36 -41.03 -12.84
C ILE D 16 11.24 -41.24 -13.85
N GLU D 17 10.81 -42.48 -14.01
CA GLU D 17 9.75 -42.77 -14.95
C GLU D 17 8.40 -42.35 -14.36
N GLU D 18 8.24 -42.58 -13.06
CA GLU D 18 7.01 -42.20 -12.40
C GLU D 18 6.83 -40.69 -12.49
N LEU D 19 7.91 -39.96 -12.19
CA LEU D 19 7.87 -38.50 -12.25
C LEU D 19 7.50 -38.02 -13.64
N ARG D 20 8.25 -38.44 -14.65
CA ARG D 20 7.98 -38.07 -16.04
C ARG D 20 6.49 -38.24 -16.36
N GLU D 21 5.95 -39.38 -15.98
CA GLU D 21 4.56 -39.70 -16.23
C GLU D 21 3.63 -38.68 -15.58
N LYS D 22 3.92 -38.35 -14.32
CA LYS D 22 3.12 -37.39 -13.58
C LYS D 22 3.17 -35.97 -14.15
N VAL D 23 4.36 -35.54 -14.56
CA VAL D 23 4.52 -34.21 -15.11
C VAL D 23 3.83 -34.10 -16.46
N VAL D 24 3.91 -35.16 -17.26
CA VAL D 24 3.30 -35.18 -18.58
C VAL D 24 1.77 -35.12 -18.50
N SER D 25 1.19 -35.95 -17.64
CA SER D 25 -0.26 -35.99 -17.49
C SER D 25 -0.87 -34.64 -17.11
N LYS D 26 -0.14 -33.84 -16.33
CA LYS D 26 -0.63 -32.54 -15.89
C LYS D 26 -0.42 -31.46 -16.95
N ASN D 27 0.49 -31.72 -17.89
CA ASN D 27 0.78 -30.75 -18.94
C ASN D 27 0.65 -31.38 -20.32
N LYS D 28 -0.36 -32.22 -20.50
CA LYS D 28 -0.59 -32.92 -21.76
C LYS D 28 -0.29 -32.17 -23.04
N ASN D 29 -0.83 -30.95 -23.16
CA ASN D 29 -0.67 -30.19 -24.39
C ASN D 29 0.36 -29.06 -24.42
N GLU D 30 1.46 -29.23 -23.71
CA GLU D 30 2.50 -28.22 -23.70
C GLU D 30 3.78 -28.93 -24.16
N PRO D 31 3.87 -29.25 -25.46
CA PRO D 31 5.02 -29.93 -26.06
C PRO D 31 6.34 -29.25 -25.77
N GLU D 32 6.43 -27.97 -26.10
CA GLU D 32 7.65 -27.21 -25.90
C GLU D 32 8.13 -27.33 -24.47
N PHE D 33 7.20 -27.24 -23.53
CA PHE D 33 7.57 -27.34 -22.13
C PHE D 33 7.99 -28.76 -21.75
N LEU D 34 7.13 -29.73 -22.03
CA LEU D 34 7.44 -31.11 -21.73
C LEU D 34 8.79 -31.56 -22.29
N GLN D 35 9.18 -31.01 -23.44
CA GLN D 35 10.45 -31.39 -24.05
C GLN D 35 11.65 -30.79 -23.31
N ALA D 36 11.55 -29.51 -22.95
CA ALA D 36 12.62 -28.84 -22.22
C ALA D 36 12.75 -29.49 -20.85
N PHE D 37 11.66 -30.09 -20.37
CA PHE D 37 11.67 -30.77 -19.07
C PHE D 37 12.37 -32.12 -19.20
N GLU D 38 11.85 -32.99 -20.05
CA GLU D 38 12.44 -34.31 -20.24
C GLU D 38 13.92 -34.18 -20.52
N GLU D 39 14.33 -32.99 -20.95
CA GLU D 39 15.73 -32.72 -21.26
C GLU D 39 16.57 -32.50 -20.00
N VAL D 40 16.12 -31.60 -19.13
CA VAL D 40 16.83 -31.31 -17.88
C VAL D 40 16.86 -32.58 -17.03
N LEU D 41 15.77 -33.35 -17.15
CA LEU D 41 15.60 -34.59 -16.41
C LEU D 41 16.68 -35.62 -16.70
N SER D 42 17.08 -35.72 -17.97
CA SER D 42 18.10 -36.68 -18.39
C SER D 42 19.41 -36.55 -17.63
N CYS D 43 20.11 -35.44 -17.83
CA CYS D 43 21.38 -35.26 -17.16
C CYS D 43 21.35 -35.25 -15.63
N LEU D 44 20.17 -35.20 -15.04
CA LEU D 44 20.07 -35.18 -13.57
C LEU D 44 19.99 -36.56 -12.88
N LYS D 45 20.31 -37.63 -13.59
CA LYS D 45 20.24 -38.96 -12.98
C LYS D 45 21.29 -39.21 -11.89
N PRO D 46 22.53 -38.71 -12.10
CA PRO D 46 23.59 -38.90 -11.11
C PRO D 46 23.22 -38.34 -9.74
N VAL D 47 22.65 -37.14 -9.72
CA VAL D 47 22.24 -36.50 -8.46
C VAL D 47 21.06 -37.23 -7.82
N PHE D 48 20.16 -37.77 -8.64
CA PHE D 48 19.02 -38.52 -8.12
C PHE D 48 19.52 -39.71 -7.32
N LYS D 49 20.59 -40.34 -7.81
CA LYS D 49 21.18 -41.49 -7.13
C LYS D 49 21.74 -41.11 -5.76
N LYS D 50 22.32 -39.92 -5.66
CA LYS D 50 22.88 -39.46 -4.41
C LYS D 50 21.80 -39.21 -3.36
N ASP D 51 20.62 -38.81 -3.81
CA ASP D 51 19.50 -38.55 -2.89
C ASP D 51 18.16 -38.47 -3.62
N ASN D 52 17.19 -39.26 -3.18
CA ASN D 52 15.87 -39.29 -3.79
C ASN D 52 15.16 -37.97 -3.70
N VAL D 53 15.37 -37.28 -2.59
CA VAL D 53 14.73 -35.99 -2.34
C VAL D 53 14.65 -35.15 -3.60
N TYR D 54 15.76 -35.04 -4.31
CA TYR D 54 15.80 -34.23 -5.53
C TYR D 54 14.74 -34.56 -6.58
N ILE D 55 14.26 -35.80 -6.61
CA ILE D 55 13.24 -36.15 -7.58
C ILE D 55 11.96 -35.40 -7.25
N GLY D 56 11.60 -35.39 -5.97
CA GLY D 56 10.41 -34.66 -5.56
C GLY D 56 10.60 -33.15 -5.74
N VAL D 57 11.76 -32.65 -5.31
CA VAL D 57 12.07 -31.24 -5.43
C VAL D 57 11.89 -30.82 -6.88
N LEU D 58 12.39 -31.63 -7.81
CA LEU D 58 12.25 -31.29 -9.23
C LEU D 58 10.79 -31.19 -9.64
N GLU D 59 9.97 -32.13 -9.16
CA GLU D 59 8.54 -32.10 -9.51
C GLU D 59 7.97 -30.76 -9.08
N ASN D 60 8.37 -30.32 -7.90
CA ASN D 60 7.92 -29.05 -7.35
C ASN D 60 8.42 -27.86 -8.17
N ILE D 61 9.73 -27.82 -8.42
CA ILE D 61 10.32 -26.72 -9.19
C ILE D 61 9.76 -26.61 -10.60
N ALA D 62 9.31 -27.73 -11.16
CA ALA D 62 8.76 -27.75 -12.51
C ALA D 62 7.39 -27.08 -12.58
N GLU D 63 6.81 -26.81 -11.42
CA GLU D 63 5.51 -26.16 -11.32
C GLU D 63 5.72 -24.67 -11.08
N PRO D 64 5.40 -23.84 -12.07
CA PRO D 64 5.57 -22.39 -11.92
C PRO D 64 5.05 -21.91 -10.58
N GLU D 65 5.86 -21.12 -9.88
CA GLU D 65 5.46 -20.57 -8.59
C GLU D 65 4.14 -19.85 -8.81
N ARG D 66 4.05 -19.15 -9.93
CA ARG D 66 2.85 -18.42 -10.28
C ARG D 66 2.92 -18.00 -11.73
N VAL D 67 1.77 -17.98 -12.40
CA VAL D 67 1.69 -17.59 -13.81
C VAL D 67 0.48 -16.68 -14.01
N ILE D 68 0.72 -15.48 -14.51
CA ILE D 68 -0.32 -14.51 -14.76
C ILE D 68 -0.54 -14.32 -16.25
N GLN D 69 -1.80 -14.46 -16.66
CA GLN D 69 -2.17 -14.31 -18.05
C GLN D 69 -3.22 -13.22 -18.09
N PHE D 70 -3.17 -12.35 -19.10
CA PHE D 70 -4.14 -11.25 -19.15
C PHE D 70 -4.43 -10.72 -20.55
N ARG D 71 -5.64 -10.19 -20.72
CA ARG D 71 -6.07 -9.64 -22.00
C ARG D 71 -5.47 -8.25 -22.17
N VAL D 72 -4.74 -8.04 -23.26
CA VAL D 72 -4.11 -6.75 -23.56
C VAL D 72 -4.80 -6.08 -24.74
N PRO D 73 -5.69 -5.12 -24.47
CA PRO D 73 -6.42 -4.42 -25.53
C PRO D 73 -5.69 -3.18 -26.02
N TRP D 74 -5.87 -2.84 -27.29
CA TRP D 74 -5.25 -1.66 -27.86
C TRP D 74 -5.96 -1.21 -29.13
N ILE D 75 -5.84 0.07 -29.46
CA ILE D 75 -6.48 0.63 -30.65
C ILE D 75 -5.44 0.87 -31.75
N ASN D 76 -5.53 0.16 -32.86
CA ASN D 76 -4.57 0.37 -33.92
C ASN D 76 -4.78 1.75 -34.55
N ASP D 77 -4.01 2.07 -35.59
CA ASP D 77 -4.13 3.37 -36.23
C ASP D 77 -5.38 3.61 -37.06
N LYS D 78 -6.04 2.54 -37.48
CA LYS D 78 -7.27 2.67 -38.27
C LYS D 78 -8.44 2.84 -37.31
N GLY D 79 -8.13 2.97 -36.02
CA GLY D 79 -9.18 3.16 -35.03
C GLY D 79 -9.88 1.88 -34.59
N GLU D 80 -9.29 0.75 -34.93
CA GLU D 80 -9.86 -0.55 -34.56
C GLU D 80 -9.47 -0.96 -33.16
N HIS D 81 -10.40 -1.61 -32.46
CA HIS D 81 -10.14 -2.10 -31.13
C HIS D 81 -9.60 -3.52 -31.22
N LYS D 82 -8.29 -3.65 -31.08
CA LYS D 82 -7.66 -4.95 -31.15
C LYS D 82 -7.48 -5.57 -29.77
N MET D 83 -6.99 -6.80 -29.74
CA MET D 83 -6.80 -7.52 -28.50
C MET D 83 -5.73 -8.59 -28.65
N ASN D 84 -4.97 -8.81 -27.60
CA ASN D 84 -3.92 -9.82 -27.61
C ASN D 84 -3.81 -10.46 -26.23
N ARG D 85 -3.16 -11.62 -26.17
CA ARG D 85 -3.00 -12.30 -24.89
C ARG D 85 -1.58 -12.13 -24.34
N GLY D 86 -1.51 -11.65 -23.10
CA GLY D 86 -0.22 -11.44 -22.47
C GLY D 86 0.07 -12.42 -21.36
N PHE D 87 1.35 -12.74 -21.16
CA PHE D 87 1.75 -13.69 -20.13
C PHE D 87 2.95 -13.22 -19.34
N ARG D 88 3.05 -13.74 -18.13
CA ARG D 88 4.19 -13.51 -17.24
C ARG D 88 4.26 -14.72 -16.34
N VAL D 89 5.25 -15.57 -16.56
CA VAL D 89 5.40 -16.77 -15.76
C VAL D 89 6.55 -16.53 -14.80
N GLN D 90 6.22 -16.41 -13.53
CA GLN D 90 7.21 -16.21 -12.48
C GLN D 90 7.52 -17.60 -11.97
N TYR D 91 8.39 -18.29 -12.72
CA TYR D 91 8.74 -19.66 -12.44
C TYR D 91 9.38 -20.01 -11.11
N ASN D 92 10.40 -19.25 -10.72
CA ASN D 92 11.06 -19.56 -9.48
C ASN D 92 11.77 -18.35 -8.91
N SER D 93 11.63 -18.12 -7.61
CA SER D 93 12.27 -16.98 -6.95
C SER D 93 13.08 -17.43 -5.72
N VAL D 94 13.70 -18.61 -5.81
CA VAL D 94 14.47 -19.14 -4.70
C VAL D 94 15.81 -18.44 -4.53
N LEU D 95 16.44 -18.12 -5.65
CA LEU D 95 17.75 -17.48 -5.64
C LEU D 95 17.70 -15.95 -5.75
N GLY D 96 16.54 -15.43 -6.13
CA GLY D 96 16.39 -13.99 -6.27
C GLY D 96 15.08 -13.64 -6.96
N PRO D 97 14.86 -12.35 -7.27
CA PRO D 97 13.63 -11.91 -7.94
C PRO D 97 13.51 -12.60 -9.30
N TYR D 98 12.29 -12.78 -9.80
CA TYR D 98 12.13 -13.43 -11.09
C TYR D 98 12.83 -12.60 -12.15
N LYS D 99 13.70 -13.24 -12.95
CA LYS D 99 14.40 -12.56 -14.05
C LYS D 99 14.06 -13.28 -15.33
N GLY D 100 13.83 -12.52 -16.41
CA GLY D 100 13.50 -13.15 -17.66
C GLY D 100 12.87 -12.19 -18.66
N GLY D 101 13.23 -12.35 -19.93
CA GLY D 101 12.72 -11.47 -20.97
C GLY D 101 11.26 -11.58 -21.35
N LEU D 102 10.86 -10.69 -22.26
CA LEU D 102 9.49 -10.63 -22.77
C LEU D 102 9.57 -10.89 -24.28
N ARG D 103 8.76 -11.82 -24.77
CA ARG D 103 8.76 -12.11 -26.19
C ARG D 103 7.44 -11.79 -26.89
N PHE D 104 7.50 -10.98 -27.94
CA PHE D 104 6.31 -10.63 -28.69
C PHE D 104 6.37 -11.36 -30.02
N HIS D 105 5.61 -12.45 -30.12
CA HIS D 105 5.61 -13.27 -31.32
C HIS D 105 4.25 -13.95 -31.53
N PRO D 106 3.83 -14.08 -32.79
CA PRO D 106 2.55 -14.71 -33.11
C PRO D 106 2.44 -16.14 -32.63
N ALA D 107 3.59 -16.76 -32.35
CA ALA D 107 3.61 -18.15 -31.90
C ALA D 107 3.58 -18.30 -30.38
N VAL D 108 3.70 -17.18 -29.67
CA VAL D 108 3.69 -17.18 -28.21
C VAL D 108 2.41 -17.66 -27.55
N ASN D 109 2.58 -18.53 -26.55
CA ASN D 109 1.48 -19.08 -25.76
C ASN D 109 2.06 -19.63 -24.46
N LEU D 110 1.19 -20.03 -23.52
CA LEU D 110 1.67 -20.52 -22.24
C LEU D 110 2.75 -21.60 -22.33
N SER D 111 2.52 -22.62 -23.16
CA SER D 111 3.50 -23.69 -23.31
C SER D 111 4.87 -23.15 -23.71
N VAL D 112 4.90 -22.30 -24.71
CA VAL D 112 6.16 -21.72 -25.18
C VAL D 112 6.86 -20.94 -24.07
N ILE D 113 6.08 -20.13 -23.34
CA ILE D 113 6.64 -19.32 -22.27
C ILE D 113 7.21 -20.17 -21.15
N LYS D 114 6.46 -21.18 -20.70
CA LYS D 114 6.95 -22.07 -19.64
C LYS D 114 8.28 -22.71 -20.05
N PHE D 115 8.33 -23.14 -21.31
CA PHE D 115 9.53 -23.74 -21.85
C PHE D 115 10.70 -22.79 -21.63
N LEU D 116 10.62 -21.59 -22.16
CA LEU D 116 11.68 -20.60 -22.03
C LEU D 116 11.97 -20.22 -20.59
N GLY D 117 10.90 -20.00 -19.82
CA GLY D 117 11.05 -19.62 -18.44
C GLY D 117 11.69 -20.72 -17.61
N PHE D 118 11.24 -21.94 -17.82
CA PHE D 118 11.77 -23.07 -17.08
C PHE D 118 13.27 -23.16 -17.27
N GLU D 119 13.74 -22.98 -18.50
CA GLU D 119 15.16 -23.05 -18.75
C GLU D 119 15.91 -21.90 -18.13
N GLN D 120 15.25 -20.74 -18.07
CA GLN D 120 15.85 -19.55 -17.51
C GLN D 120 16.27 -19.72 -16.05
N ILE D 121 15.48 -20.47 -15.30
CA ILE D 121 15.76 -20.72 -13.89
C ILE D 121 17.21 -21.14 -13.65
N PHE D 122 17.61 -22.21 -14.32
CA PHE D 122 18.95 -22.77 -14.19
C PHE D 122 20.02 -21.97 -14.85
N LYS D 123 19.71 -21.37 -15.98
CA LYS D 123 20.69 -20.55 -16.67
C LYS D 123 21.07 -19.44 -15.70
N ASN D 124 20.05 -18.77 -15.14
CA ASN D 124 20.28 -17.69 -14.18
C ASN D 124 21.06 -18.21 -13.00
N SER D 125 20.66 -19.37 -12.50
CA SER D 125 21.30 -20.01 -11.36
C SER D 125 22.83 -20.01 -11.46
N LEU D 126 23.35 -20.48 -12.59
CA LEU D 126 24.79 -20.53 -12.82
C LEU D 126 25.47 -19.17 -12.70
N THR D 127 24.78 -18.14 -13.12
CA THR D 127 25.28 -16.77 -13.08
C THR D 127 26.04 -16.37 -11.82
N THR D 128 25.63 -16.91 -10.69
CA THR D 128 26.26 -16.57 -9.41
C THR D 128 25.53 -15.38 -8.80
N LEU D 129 24.88 -14.60 -9.66
CA LEU D 129 24.13 -13.44 -9.22
C LEU D 129 22.78 -13.92 -8.69
N PRO D 130 22.15 -13.15 -7.78
CA PRO D 130 20.85 -13.51 -7.20
C PRO D 130 19.66 -13.25 -8.15
N MET D 131 19.36 -14.21 -9.01
CA MET D 131 18.27 -14.04 -9.96
C MET D 131 17.38 -15.26 -10.08
N GLY D 132 16.08 -15.04 -9.93
CA GLY D 132 15.13 -16.13 -10.09
C GLY D 132 14.88 -16.31 -11.58
N GLY D 133 13.88 -17.13 -11.93
CA GLY D 133 13.58 -17.37 -13.32
C GLY D 133 12.18 -16.97 -13.68
N GLY D 134 12.04 -16.32 -14.84
CA GLY D 134 10.73 -15.90 -15.30
C GLY D 134 10.72 -15.69 -16.80
N LYS D 135 9.56 -15.43 -17.37
CA LYS D 135 9.45 -15.21 -18.80
C LYS D 135 8.06 -14.68 -19.10
N GLY D 136 7.95 -13.82 -20.10
CA GLY D 136 6.65 -13.28 -20.41
C GLY D 136 6.59 -12.92 -21.88
N GLY D 137 5.47 -12.35 -22.29
CA GLY D 137 5.32 -11.96 -23.68
C GLY D 137 3.87 -11.92 -24.11
N SER D 138 3.65 -11.87 -25.42
CA SER D 138 2.31 -11.82 -25.95
C SER D 138 2.34 -12.43 -27.34
N ASP D 139 1.17 -12.76 -27.88
CA ASP D 139 1.08 -13.32 -29.23
C ASP D 139 0.97 -12.16 -30.21
N PHE D 140 1.23 -10.96 -29.70
CA PHE D 140 1.23 -9.72 -30.46
C PHE D 140 2.32 -9.84 -31.51
N ASP D 141 2.02 -9.43 -32.75
CA ASP D 141 3.01 -9.51 -33.81
C ASP D 141 3.52 -8.13 -34.20
N PRO D 142 4.76 -7.78 -33.77
CA PRO D 142 5.33 -6.49 -34.09
C PRO D 142 5.38 -6.25 -35.60
N LYS D 143 5.68 -7.31 -36.34
CA LYS D 143 5.80 -7.22 -37.79
C LYS D 143 4.55 -6.65 -38.44
N GLY D 144 4.72 -5.54 -39.14
CA GLY D 144 3.61 -4.90 -39.83
C GLY D 144 3.02 -3.73 -39.07
N LYS D 145 3.23 -3.71 -37.76
CA LYS D 145 2.69 -2.64 -36.95
C LYS D 145 3.49 -1.36 -37.13
N SER D 146 2.83 -0.23 -36.94
CA SER D 146 3.47 1.07 -37.08
C SER D 146 4.18 1.38 -35.78
N GLU D 147 5.05 2.39 -35.82
CA GLU D 147 5.80 2.83 -34.64
C GLU D 147 4.80 3.18 -33.55
N ASN D 148 3.81 3.95 -33.93
CA ASN D 148 2.78 4.41 -33.02
C ASN D 148 2.01 3.26 -32.37
N GLU D 149 1.66 2.27 -33.17
CA GLU D 149 0.94 1.12 -32.64
C GLU D 149 1.83 0.37 -31.64
N ILE D 150 3.09 0.15 -31.97
CA ILE D 150 3.95 -0.53 -31.02
C ILE D 150 3.91 0.20 -29.67
N LEU D 151 3.94 1.52 -29.71
CA LEU D 151 3.90 2.30 -28.48
C LEU D 151 2.59 2.00 -27.73
N LYS D 152 1.46 2.21 -28.39
CA LYS D 152 0.16 1.96 -27.78
C LYS D 152 0.12 0.58 -27.13
N PHE D 153 0.64 -0.43 -27.82
CA PHE D 153 0.61 -1.78 -27.28
C PHE D 153 1.45 -1.88 -26.02
N CYS D 154 2.70 -1.43 -26.08
CA CYS D 154 3.57 -1.48 -24.91
C CYS D 154 2.92 -0.86 -23.68
N GLN D 155 2.28 0.30 -23.87
CA GLN D 155 1.62 1.00 -22.77
C GLN D 155 0.51 0.14 -22.17
N SER D 156 -0.34 -0.41 -23.03
CA SER D 156 -1.41 -1.28 -22.57
C SER D 156 -0.80 -2.49 -21.87
N PHE D 157 0.13 -3.17 -22.55
CA PHE D 157 0.77 -4.34 -21.98
C PHE D 157 1.32 -4.06 -20.58
N MET D 158 2.01 -2.93 -20.41
CA MET D 158 2.57 -2.56 -19.11
C MET D 158 1.49 -2.22 -18.07
N THR D 159 0.39 -1.62 -18.52
CA THR D 159 -0.69 -1.26 -17.60
C THR D 159 -1.20 -2.50 -16.88
N ASN D 160 -1.13 -3.65 -17.55
CA ASN D 160 -1.59 -4.86 -16.90
C ASN D 160 -0.50 -5.47 -16.06
N LEU D 161 0.68 -5.58 -16.64
CA LEU D 161 1.81 -6.17 -15.96
C LEU D 161 2.38 -5.39 -14.78
N PHE D 162 2.33 -4.07 -14.86
CA PHE D 162 2.91 -3.20 -13.86
C PHE D 162 2.69 -3.53 -12.38
N ARG D 163 1.52 -4.02 -12.04
CA ARG D 163 1.21 -4.35 -10.66
C ARG D 163 1.90 -5.62 -10.13
N TYR D 164 2.45 -6.44 -11.02
CA TYR D 164 3.09 -7.70 -10.64
C TYR D 164 4.62 -7.75 -10.73
N ILE D 165 5.23 -6.67 -11.20
CA ILE D 165 6.67 -6.62 -11.32
C ILE D 165 7.21 -5.51 -10.43
N GLY D 166 8.50 -5.59 -10.13
CA GLY D 166 9.12 -4.60 -9.28
C GLY D 166 10.57 -4.95 -9.09
N PRO D 167 11.39 -3.98 -8.64
CA PRO D 167 12.84 -4.14 -8.41
C PRO D 167 13.20 -5.37 -7.57
N ASN D 168 12.36 -5.69 -6.60
CA ASN D 168 12.64 -6.82 -5.74
C ASN D 168 11.69 -7.97 -5.95
N THR D 169 10.95 -7.93 -7.05
CA THR D 169 9.99 -8.98 -7.31
C THR D 169 10.20 -9.69 -8.64
N ASP D 170 10.07 -8.91 -9.71
CA ASP D 170 10.21 -9.47 -11.03
C ASP D 170 10.78 -8.41 -11.96
N VAL D 171 11.97 -8.65 -12.49
CA VAL D 171 12.61 -7.72 -13.40
C VAL D 171 12.71 -8.26 -14.83
N PRO D 172 11.73 -7.93 -15.68
CA PRO D 172 11.68 -8.37 -17.09
C PRO D 172 12.80 -7.76 -17.93
N ALA D 173 12.90 -8.22 -19.18
CA ALA D 173 13.93 -7.73 -20.11
C ALA D 173 13.53 -7.95 -21.58
N GLY D 174 14.42 -7.58 -22.49
CA GLY D 174 14.11 -7.74 -23.90
C GLY D 174 14.27 -9.16 -24.41
N ASP D 175 13.71 -9.43 -25.58
CA ASP D 175 13.80 -10.75 -26.21
C ASP D 175 13.27 -10.55 -27.62
N ILE D 176 12.91 -11.63 -28.31
CA ILE D 176 12.38 -11.52 -29.66
C ILE D 176 11.13 -10.66 -29.66
N GLY D 177 11.11 -9.61 -30.49
CA GLY D 177 9.96 -8.74 -30.55
C GLY D 177 10.00 -7.59 -29.57
N VAL D 178 10.81 -7.73 -28.53
CA VAL D 178 10.96 -6.70 -27.51
C VAL D 178 12.42 -6.26 -27.47
N GLY D 179 12.71 -5.17 -28.17
CA GLY D 179 14.07 -4.66 -28.20
C GLY D 179 14.23 -3.39 -27.41
N GLY D 180 15.26 -2.61 -27.74
CA GLY D 180 15.49 -1.37 -27.02
C GLY D 180 14.32 -0.41 -27.12
N ARG D 181 13.85 -0.18 -28.33
CA ARG D 181 12.74 0.72 -28.57
C ARG D 181 11.59 0.37 -27.64
N GLU D 182 11.25 -0.91 -27.58
CA GLU D 182 10.16 -1.43 -26.74
C GLU D 182 10.40 -1.24 -25.23
N ILE D 183 11.61 -1.56 -24.78
CA ILE D 183 11.95 -1.41 -23.37
C ILE D 183 11.83 0.04 -22.93
N GLY D 184 12.01 0.95 -23.87
CA GLY D 184 11.89 2.36 -23.57
C GLY D 184 10.44 2.68 -23.26
N TYR D 185 9.53 2.23 -24.13
CA TYR D 185 8.11 2.47 -23.97
C TYR D 185 7.58 1.81 -22.70
N LEU D 186 8.00 0.56 -22.48
CA LEU D 186 7.59 -0.21 -21.32
C LEU D 186 8.00 0.50 -20.04
N PHE D 187 9.26 0.93 -19.99
CA PHE D 187 9.80 1.63 -18.84
C PHE D 187 9.04 2.93 -18.61
N GLY D 188 8.91 3.71 -19.68
CA GLY D 188 8.20 4.96 -19.56
C GLY D 188 6.85 4.81 -18.91
N GLN D 189 6.06 3.88 -19.41
CA GLN D 189 4.72 3.61 -18.89
C GLN D 189 4.77 3.15 -17.43
N TYR D 190 5.67 2.23 -17.13
CA TYR D 190 5.81 1.73 -15.77
C TYR D 190 6.06 2.88 -14.79
N LYS D 191 6.99 3.75 -15.17
CA LYS D 191 7.36 4.89 -14.33
C LYS D 191 6.12 5.74 -14.06
N LYS D 192 5.35 6.02 -15.11
CA LYS D 192 4.15 6.84 -14.98
C LYS D 192 3.14 6.24 -14.02
N LEU D 193 2.94 4.92 -14.10
CA LEU D 193 1.99 4.24 -13.24
C LEU D 193 2.48 4.14 -11.79
N LYS D 194 3.59 3.43 -11.59
CA LYS D 194 4.15 3.23 -10.24
C LYS D 194 4.64 4.51 -9.59
N ASN D 195 4.89 5.53 -10.39
CA ASN D 195 5.40 6.80 -9.91
C ASN D 195 6.72 6.63 -9.15
N SER D 196 7.73 6.15 -9.86
CA SER D 196 9.06 5.95 -9.31
C SER D 196 10.04 5.41 -10.35
N PHE D 197 11.26 5.90 -10.28
CA PHE D 197 12.33 5.51 -11.19
C PHE D 197 13.09 4.37 -10.51
N GLU D 198 12.97 3.16 -11.03
CA GLU D 198 13.68 2.04 -10.43
C GLU D 198 13.96 0.96 -11.46
N GLY D 199 14.92 0.11 -11.16
CA GLY D 199 15.27 -0.95 -12.09
C GLY D 199 14.28 -2.08 -12.27
N VAL D 200 13.18 -1.85 -12.98
CA VAL D 200 12.19 -2.90 -13.21
C VAL D 200 12.54 -3.66 -14.48
N LEU D 201 13.28 -3.00 -15.35
CA LEU D 201 13.68 -3.60 -16.60
C LEU D 201 15.18 -3.46 -16.84
N THR D 202 15.78 -4.46 -17.47
CA THR D 202 17.20 -4.41 -17.79
C THR D 202 17.24 -4.27 -19.30
N GLY D 203 18.31 -3.65 -19.81
CA GLY D 203 18.41 -3.45 -21.24
C GLY D 203 17.90 -2.05 -21.52
N LYS D 204 17.93 -1.21 -20.50
CA LYS D 204 17.50 0.18 -20.64
C LYS D 204 18.62 0.91 -21.37
N ASN D 205 18.27 2.02 -22.03
CA ASN D 205 19.28 2.81 -22.74
C ASN D 205 20.30 3.31 -21.72
N ILE D 206 21.50 3.63 -22.19
CA ILE D 206 22.54 4.10 -21.30
C ILE D 206 22.21 5.44 -20.63
N LYS D 207 21.45 6.30 -21.31
CA LYS D 207 21.10 7.61 -20.76
C LYS D 207 20.26 7.50 -19.47
N TRP D 208 19.48 6.44 -19.34
CA TRP D 208 18.64 6.25 -18.17
C TRP D 208 18.71 4.87 -17.52
N GLY D 209 19.76 4.66 -16.75
CA GLY D 209 19.92 3.40 -16.04
C GLY D 209 20.45 2.18 -16.78
N GLY D 210 20.86 2.36 -18.04
CA GLY D 210 21.40 1.25 -18.81
C GLY D 210 22.79 0.93 -18.32
N SER D 211 23.36 -0.15 -18.84
CA SER D 211 24.71 -0.55 -18.44
C SER D 211 25.68 -0.60 -19.61
N ASN D 212 26.98 -0.52 -19.33
CA ASN D 212 27.97 -0.61 -20.40
C ASN D 212 28.22 -2.07 -20.71
N ILE D 213 28.62 -2.37 -21.94
CA ILE D 213 28.89 -3.75 -22.33
C ILE D 213 27.63 -4.61 -22.59
N ARG D 214 26.46 -3.98 -22.56
CA ARG D 214 25.22 -4.72 -22.76
C ARG D 214 25.20 -5.38 -24.14
N ALA D 215 25.65 -4.65 -25.16
CA ALA D 215 25.68 -5.18 -26.52
C ALA D 215 26.67 -6.33 -26.67
N GLU D 216 27.92 -6.06 -26.31
CA GLU D 216 28.99 -7.04 -26.42
C GLU D 216 28.90 -8.19 -25.43
N ALA D 217 28.22 -7.94 -24.32
CA ALA D 217 28.03 -8.91 -23.24
C ALA D 217 28.10 -10.40 -23.59
N THR D 218 27.09 -10.92 -24.29
CA THR D 218 27.05 -12.35 -24.64
C THR D 218 28.26 -12.87 -25.41
N GLY D 219 28.62 -12.17 -26.47
CA GLY D 219 29.75 -12.59 -27.26
C GLY D 219 31.02 -12.66 -26.45
N TYR D 220 31.34 -11.55 -25.77
CA TYR D 220 32.54 -11.48 -24.93
C TYR D 220 32.52 -12.66 -23.97
N GLY D 221 31.36 -12.92 -23.39
CA GLY D 221 31.22 -14.03 -22.45
C GLY D 221 31.64 -15.36 -23.02
N VAL D 222 31.14 -15.68 -24.20
CA VAL D 222 31.48 -16.95 -24.83
C VAL D 222 32.98 -17.10 -24.95
N VAL D 223 33.67 -16.04 -25.35
CA VAL D 223 35.12 -16.08 -25.46
C VAL D 223 35.77 -16.28 -24.09
N TYR D 224 35.32 -15.50 -23.11
CA TYR D 224 35.84 -15.61 -21.75
C TYR D 224 35.67 -17.03 -21.24
N PHE D 225 34.54 -17.66 -21.54
CA PHE D 225 34.33 -19.02 -21.07
C PHE D 225 35.36 -19.96 -21.66
N ALA D 226 35.57 -19.86 -22.97
CA ALA D 226 36.53 -20.69 -23.67
C ALA D 226 37.94 -20.40 -23.16
N GLU D 227 38.25 -19.12 -22.95
CA GLU D 227 39.57 -18.73 -22.47
C GLU D 227 39.89 -19.41 -21.14
N ASN D 228 38.84 -19.71 -20.37
CA ASN D 228 38.98 -20.37 -19.08
C ASN D 228 39.21 -21.86 -19.23
N VAL D 229 38.56 -22.46 -20.23
CA VAL D 229 38.72 -23.88 -20.49
C VAL D 229 40.16 -24.12 -20.92
N LEU D 230 40.67 -23.19 -21.71
CA LEU D 230 42.03 -23.27 -22.21
C LEU D 230 43.07 -23.05 -21.12
N LYS D 231 42.90 -22.01 -20.30
CA LYS D 231 43.86 -21.76 -19.23
C LYS D 231 44.02 -22.97 -18.28
N ASP D 232 43.02 -23.84 -18.24
CA ASP D 232 43.09 -25.03 -17.38
C ASP D 232 43.76 -26.15 -18.18
N LEU D 233 44.52 -25.77 -19.20
CA LEU D 233 45.25 -26.71 -20.04
C LEU D 233 46.56 -26.02 -20.40
N ASN D 234 46.99 -25.11 -19.52
CA ASN D 234 48.22 -24.33 -19.68
C ASN D 234 48.37 -23.68 -21.05
N ASP D 235 47.23 -23.41 -21.70
CA ASP D 235 47.22 -22.80 -23.02
C ASP D 235 46.26 -21.61 -23.03
N ASN D 236 46.34 -20.77 -24.04
CA ASN D 236 45.45 -19.61 -24.15
C ASN D 236 44.94 -19.50 -25.59
N LEU D 237 44.21 -18.41 -25.88
CA LEU D 237 43.64 -18.21 -27.23
C LEU D 237 44.63 -17.74 -28.29
N GLU D 238 45.75 -17.18 -27.86
CA GLU D 238 46.76 -16.67 -28.79
C GLU D 238 47.11 -17.61 -29.93
N ASN D 239 46.89 -17.13 -31.15
CA ASN D 239 47.19 -17.87 -32.37
C ASN D 239 46.41 -19.16 -32.56
N LYS D 240 45.09 -19.12 -32.40
CA LYS D 240 44.30 -20.32 -32.60
C LYS D 240 43.42 -20.13 -33.82
N LYS D 241 43.51 -21.08 -34.74
CA LYS D 241 42.69 -21.02 -35.93
C LYS D 241 41.29 -21.32 -35.44
N CYS D 242 40.43 -20.30 -35.50
CA CYS D 242 39.06 -20.44 -35.03
C CYS D 242 38.03 -20.24 -36.12
N LEU D 243 37.00 -21.07 -36.08
CA LEU D 243 35.91 -21.00 -37.03
C LEU D 243 34.72 -20.37 -36.33
N VAL D 244 34.14 -19.34 -36.92
CA VAL D 244 32.96 -18.73 -36.32
C VAL D 244 31.86 -18.73 -37.37
N SER D 245 30.64 -18.99 -36.94
CA SER D 245 29.52 -19.00 -37.85
C SER D 245 28.54 -17.94 -37.34
N GLY D 246 27.72 -17.40 -38.23
CA GLY D 246 26.78 -16.35 -37.88
C GLY D 246 27.44 -14.98 -38.00
N SER D 247 26.62 -13.93 -38.08
CA SER D 247 27.14 -12.59 -38.17
C SER D 247 26.22 -11.67 -37.37
N GLY D 248 25.48 -12.27 -36.46
CA GLY D 248 24.56 -11.52 -35.62
C GLY D 248 25.28 -10.73 -34.55
N ASN D 249 24.53 -10.25 -33.56
CA ASN D 249 25.10 -9.46 -32.48
C ASN D 249 26.16 -10.27 -31.74
N VAL D 250 25.79 -11.48 -31.32
CA VAL D 250 26.70 -12.37 -30.60
C VAL D 250 27.97 -12.64 -31.41
N ALA D 251 27.77 -13.17 -32.61
CA ALA D 251 28.88 -13.49 -33.51
C ALA D 251 29.89 -12.35 -33.65
N GLN D 252 29.40 -11.14 -33.93
CA GLN D 252 30.26 -9.98 -34.11
C GLN D 252 31.18 -9.70 -32.93
N TYR D 253 30.60 -9.49 -31.76
CA TYR D 253 31.42 -9.20 -30.59
C TYR D 253 32.28 -10.37 -30.15
N LEU D 254 31.87 -11.59 -30.52
CA LEU D 254 32.65 -12.78 -30.19
C LEU D 254 33.96 -12.63 -30.95
N VAL D 255 33.85 -12.35 -32.23
CA VAL D 255 35.00 -12.14 -33.11
C VAL D 255 35.85 -10.97 -32.61
N GLU D 256 35.19 -9.88 -32.24
CA GLU D 256 35.92 -8.71 -31.77
C GLU D 256 36.82 -9.04 -30.61
N LYS D 257 36.29 -9.79 -29.64
CA LYS D 257 37.08 -10.17 -28.48
C LYS D 257 38.16 -11.18 -28.87
N LEU D 258 37.78 -12.18 -29.68
CA LEU D 258 38.73 -13.17 -30.15
C LEU D 258 39.93 -12.47 -30.81
N ILE D 259 39.67 -11.65 -31.82
CA ILE D 259 40.72 -10.90 -32.52
C ILE D 259 41.64 -10.23 -31.51
N GLU D 260 41.04 -9.42 -30.65
CA GLU D 260 41.75 -8.69 -29.62
C GLU D 260 42.67 -9.54 -28.74
N LYS D 261 42.39 -10.84 -28.62
CA LYS D 261 43.22 -11.73 -27.81
C LYS D 261 44.37 -12.31 -28.64
N GLY D 262 44.18 -13.52 -29.14
CA GLY D 262 45.21 -14.16 -29.94
C GLY D 262 44.88 -14.14 -31.42
N ALA D 263 43.61 -13.92 -31.74
CA ALA D 263 43.15 -13.85 -33.13
C ALA D 263 43.18 -15.16 -33.92
N ILE D 264 43.11 -14.99 -35.23
CA ILE D 264 43.10 -16.05 -36.24
C ILE D 264 41.70 -16.59 -36.42
N VAL D 265 40.74 -15.67 -36.47
CA VAL D 265 39.35 -16.02 -36.68
C VAL D 265 39.25 -16.13 -38.20
N LEU D 266 38.92 -17.31 -38.68
CA LEU D 266 38.85 -17.55 -40.11
C LEU D 266 37.53 -17.34 -40.83
N THR D 267 36.40 -17.51 -40.13
CA THR D 267 35.10 -17.39 -40.80
C THR D 267 33.98 -16.67 -40.05
N MET D 268 32.89 -16.43 -40.78
CA MET D 268 31.67 -15.80 -40.30
C MET D 268 30.53 -16.21 -41.25
N SER D 269 29.56 -16.95 -40.72
CA SER D 269 28.44 -17.45 -41.50
C SER D 269 27.36 -16.40 -41.78
N ASP D 270 26.35 -16.81 -42.52
CA ASP D 270 25.22 -15.96 -42.90
C ASP D 270 24.03 -16.88 -43.13
N SER D 271 22.83 -16.31 -43.26
CA SER D 271 21.62 -17.12 -43.46
C SER D 271 21.72 -18.00 -44.72
N ASN D 272 22.77 -17.77 -45.50
CA ASN D 272 23.01 -18.52 -46.74
C ASN D 272 24.44 -18.29 -47.25
N GLY D 273 25.34 -19.17 -46.86
CA GLY D 273 26.73 -19.05 -47.28
C GLY D 273 27.60 -18.42 -46.20
N TYR D 274 28.90 -18.69 -46.25
CA TYR D 274 29.82 -18.13 -45.28
C TYR D 274 31.02 -17.47 -45.95
N ILE D 275 31.89 -16.87 -45.13
CA ILE D 275 33.06 -16.18 -45.64
C ILE D 275 34.34 -16.72 -45.05
N LEU D 276 35.37 -16.80 -45.88
CA LEU D 276 36.67 -17.29 -45.46
C LEU D 276 37.63 -16.13 -45.46
N GLU D 277 38.78 -16.30 -44.82
CA GLU D 277 39.74 -15.21 -44.75
C GLU D 277 41.03 -15.73 -44.13
N PRO D 278 41.86 -16.46 -44.90
CA PRO D 278 43.11 -16.99 -44.36
C PRO D 278 43.91 -15.86 -43.71
N ASN D 279 44.65 -16.20 -42.66
CA ASN D 279 45.45 -15.24 -41.90
C ASN D 279 44.56 -14.47 -40.91
N GLY D 280 43.28 -14.85 -40.87
CA GLY D 280 42.32 -14.26 -39.96
C GLY D 280 41.84 -12.85 -40.26
N PHE D 281 40.72 -12.46 -39.65
CA PHE D 281 40.19 -11.13 -39.89
C PHE D 281 41.05 -10.19 -39.07
N THR D 282 40.80 -8.89 -39.20
CA THR D 282 41.53 -7.88 -38.45
C THR D 282 40.54 -6.85 -37.92
N LYS D 283 40.93 -6.16 -36.85
CA LYS D 283 40.07 -5.15 -36.25
C LYS D 283 39.30 -4.38 -37.33
N GLU D 284 40.04 -3.80 -38.28
CA GLU D 284 39.45 -3.03 -39.36
C GLU D 284 38.37 -3.78 -40.16
N GLN D 285 38.70 -4.99 -40.60
CA GLN D 285 37.76 -5.77 -41.39
C GLN D 285 36.46 -6.06 -40.64
N LEU D 286 36.55 -6.30 -39.35
CA LEU D 286 35.35 -6.59 -38.59
C LEU D 286 34.42 -5.38 -38.61
N ASN D 287 35.00 -4.19 -38.58
CA ASN D 287 34.20 -2.98 -38.60
C ASN D 287 33.38 -2.91 -39.87
N TYR D 288 33.97 -3.37 -40.97
CA TYR D 288 33.27 -3.37 -42.23
C TYR D 288 32.09 -4.32 -42.13
N ILE D 289 32.38 -5.55 -41.72
CA ILE D 289 31.34 -6.54 -41.59
C ILE D 289 30.24 -6.03 -40.68
N MET D 290 30.63 -5.35 -39.61
CA MET D 290 29.67 -4.80 -38.66
C MET D 290 28.81 -3.76 -39.34
N ASP D 291 29.46 -2.90 -40.11
CA ASP D 291 28.78 -1.85 -40.85
C ASP D 291 27.83 -2.50 -41.87
N ILE D 292 28.40 -3.28 -42.79
CA ILE D 292 27.63 -3.96 -43.81
C ILE D 292 26.43 -4.67 -43.23
N LYS D 293 26.63 -5.31 -42.08
CA LYS D 293 25.57 -6.07 -41.45
C LYS D 293 24.59 -5.23 -40.62
N ASN D 294 25.12 -4.15 -39.99
CA ASN D 294 24.34 -3.25 -39.12
C ASN D 294 24.00 -1.82 -39.56
N ASN D 295 24.99 -1.07 -40.06
CA ASN D 295 24.77 0.30 -40.53
C ASN D 295 24.29 0.30 -41.99
N GLN D 296 25.13 -0.26 -42.87
CA GLN D 296 24.81 -0.36 -44.28
C GLN D 296 23.68 -1.31 -44.58
N ARG D 297 23.48 -2.28 -43.71
CA ARG D 297 22.41 -3.26 -43.86
C ARG D 297 22.40 -3.98 -45.22
N LEU D 298 23.59 -4.45 -45.63
CA LEU D 298 23.82 -5.20 -46.88
C LEU D 298 24.09 -6.67 -46.49
N ARG D 299 24.61 -7.48 -47.42
CA ARG D 299 24.89 -8.90 -47.10
C ARG D 299 26.35 -9.08 -46.76
N LEU D 300 26.68 -10.20 -46.12
CA LEU D 300 28.06 -10.45 -45.73
C LEU D 300 28.93 -10.55 -46.99
N LYS D 301 28.35 -11.12 -48.04
CA LYS D 301 29.02 -11.30 -49.32
C LYS D 301 29.74 -10.01 -49.74
N GLU D 302 29.15 -8.86 -49.38
CA GLU D 302 29.69 -7.54 -49.71
C GLU D 302 31.11 -7.37 -49.23
N TYR D 303 31.41 -8.03 -48.13
CA TYR D 303 32.71 -7.98 -47.51
C TYR D 303 33.84 -8.26 -48.48
N LEU D 304 33.53 -9.01 -49.52
CA LEU D 304 34.52 -9.37 -50.52
C LEU D 304 35.09 -8.17 -51.24
N LYS D 305 34.34 -7.07 -51.24
CA LYS D 305 34.79 -5.86 -51.90
C LYS D 305 35.79 -5.09 -51.04
N TYR D 306 35.75 -5.30 -49.73
CA TYR D 306 36.64 -4.61 -48.81
C TYR D 306 37.95 -5.32 -48.58
N SER D 307 38.07 -6.54 -49.10
CA SER D 307 39.30 -7.30 -48.93
C SER D 307 39.61 -8.21 -50.11
N LYS D 308 40.81 -8.10 -50.64
CA LYS D 308 41.18 -8.95 -51.75
C LYS D 308 41.40 -10.37 -51.25
N THR D 309 42.12 -10.50 -50.12
CA THR D 309 42.45 -11.80 -49.48
C THR D 309 41.27 -12.70 -49.15
N ALA D 310 40.07 -12.12 -49.09
CA ALA D 310 38.82 -12.81 -48.77
C ALA D 310 38.40 -13.89 -49.78
N LYS D 311 37.27 -14.54 -49.50
CA LYS D 311 36.74 -15.56 -50.39
C LYS D 311 35.39 -15.98 -49.86
N TYR D 312 34.40 -16.04 -50.73
CA TYR D 312 33.06 -16.38 -50.31
C TYR D 312 32.57 -17.75 -50.80
N PHE D 313 31.96 -18.55 -49.92
CA PHE D 313 31.43 -19.86 -50.32
C PHE D 313 29.92 -19.94 -50.13
N GLU D 314 29.16 -20.19 -51.20
CA GLU D 314 27.71 -20.24 -51.08
C GLU D 314 27.10 -21.59 -50.69
N ASN D 315 26.20 -21.56 -49.71
CA ASN D 315 25.52 -22.75 -49.22
C ASN D 315 26.42 -23.80 -48.60
N GLN D 316 27.29 -23.37 -47.70
CA GLN D 316 28.19 -24.28 -47.01
C GLN D 316 28.49 -23.75 -45.63
N LYS D 317 28.95 -24.63 -44.76
CA LYS D 317 29.27 -24.24 -43.40
C LYS D 317 30.80 -24.24 -43.29
N PRO D 318 31.36 -23.27 -42.54
CA PRO D 318 32.81 -23.12 -42.33
C PRO D 318 33.44 -24.25 -41.54
N TRP D 319 32.66 -25.29 -41.31
CA TRP D 319 33.13 -26.43 -40.52
C TRP D 319 34.10 -27.36 -41.25
N ASN D 320 34.43 -27.06 -42.49
CA ASN D 320 35.34 -27.95 -43.17
C ASN D 320 36.80 -27.57 -43.11
N ILE D 321 37.09 -26.32 -42.78
CA ILE D 321 38.48 -25.90 -42.69
C ILE D 321 39.10 -26.42 -41.38
N PRO D 322 40.39 -26.80 -41.45
CA PRO D 322 41.07 -27.31 -40.25
C PRO D 322 41.13 -26.20 -39.21
N CYS D 323 40.75 -26.51 -37.97
CA CYS D 323 40.76 -25.53 -36.87
C CYS D 323 41.00 -26.14 -35.49
N ASP D 324 41.40 -25.29 -34.56
CA ASP D 324 41.63 -25.69 -33.17
C ASP D 324 40.25 -25.57 -32.53
N ILE D 325 39.71 -24.36 -32.58
CA ILE D 325 38.41 -24.07 -32.02
C ILE D 325 37.40 -23.63 -33.08
N ALA D 326 36.13 -23.94 -32.81
CA ALA D 326 35.03 -23.57 -33.69
C ALA D 326 33.91 -23.03 -32.79
N PHE D 327 33.32 -21.91 -33.18
CA PHE D 327 32.26 -21.27 -32.41
C PHE D 327 30.93 -21.16 -33.17
N PRO D 328 29.92 -21.97 -32.80
CA PRO D 328 28.62 -21.88 -33.48
C PRO D 328 27.76 -20.70 -32.94
N CYS D 329 27.49 -19.70 -33.77
CA CYS D 329 26.70 -18.55 -33.32
C CYS D 329 25.59 -18.18 -34.32
N ALA D 330 25.04 -19.22 -34.96
CA ALA D 330 23.97 -19.05 -35.92
C ALA D 330 22.66 -19.44 -35.24
N THR D 331 22.09 -20.58 -35.64
CA THR D 331 20.84 -21.07 -35.05
C THR D 331 21.01 -22.49 -34.52
N GLN D 332 19.99 -22.97 -33.80
CA GLN D 332 20.04 -24.32 -33.25
C GLN D 332 20.21 -25.34 -34.37
N ASN D 333 20.78 -26.49 -34.02
CA ASN D 333 21.02 -27.58 -34.94
C ASN D 333 21.85 -27.11 -36.12
N GLU D 334 22.85 -26.29 -35.82
CA GLU D 334 23.75 -25.75 -36.82
C GLU D 334 24.87 -26.76 -37.07
N ILE D 335 24.98 -27.72 -36.16
CA ILE D 335 26.00 -28.76 -36.26
C ILE D 335 25.35 -30.13 -36.46
N ASN D 336 25.52 -30.67 -37.68
CA ASN D 336 24.94 -31.95 -38.11
C ASN D 336 25.75 -33.20 -37.80
N GLU D 337 25.04 -34.33 -37.94
CA GLU D 337 25.60 -35.66 -37.72
C GLU D 337 26.94 -35.79 -38.44
N ASN D 338 27.02 -35.15 -39.61
CA ASN D 338 28.22 -35.18 -40.44
C ASN D 338 29.20 -34.10 -40.05
N ASP D 339 28.68 -32.90 -39.83
CA ASP D 339 29.51 -31.77 -39.42
C ASP D 339 30.39 -32.27 -38.27
N ALA D 340 29.81 -33.18 -37.49
CA ALA D 340 30.49 -33.76 -36.35
C ALA D 340 31.76 -34.45 -36.80
N ASP D 341 31.60 -35.40 -37.71
CA ASP D 341 32.71 -36.17 -38.22
C ASP D 341 33.74 -35.28 -38.93
N LEU D 342 33.26 -34.19 -39.51
CA LEU D 342 34.14 -33.27 -40.21
C LEU D 342 35.15 -32.64 -39.24
N PHE D 343 34.70 -32.35 -38.02
CA PHE D 343 35.56 -31.76 -36.99
C PHE D 343 36.55 -32.80 -36.46
N ILE D 344 36.05 -34.02 -36.28
CA ILE D 344 36.88 -35.11 -35.78
C ILE D 344 37.97 -35.34 -36.82
N GLN D 345 37.60 -35.15 -38.07
CA GLN D 345 38.51 -35.33 -39.19
C GLN D 345 39.60 -34.26 -39.19
N ASN D 346 39.20 -33.01 -38.94
CA ASN D 346 40.15 -31.89 -38.92
C ASN D 346 40.93 -31.76 -37.59
N LYS D 347 40.81 -32.76 -36.72
CA LYS D 347 41.49 -32.74 -35.41
C LYS D 347 41.07 -31.52 -34.60
N CYS D 348 39.79 -31.13 -34.74
CA CYS D 348 39.24 -29.98 -34.02
C CYS D 348 39.09 -30.34 -32.54
N LYS D 349 39.83 -29.60 -31.70
CA LYS D 349 39.84 -29.85 -30.24
C LYS D 349 38.63 -29.47 -29.38
N MET D 350 38.05 -28.29 -29.60
CA MET D 350 36.95 -27.81 -28.78
C MET D 350 35.86 -27.03 -29.53
N ILE D 351 34.64 -27.10 -29.00
CA ILE D 351 33.48 -26.42 -29.59
C ILE D 351 32.69 -25.65 -28.54
N VAL D 352 32.70 -24.32 -28.63
CA VAL D 352 31.99 -23.46 -27.68
C VAL D 352 30.66 -22.97 -28.27
N GLU D 353 29.54 -23.45 -27.75
CA GLU D 353 28.22 -23.03 -28.24
C GLU D 353 27.91 -21.55 -27.96
N GLY D 354 27.55 -20.81 -29.00
CA GLY D 354 27.23 -19.40 -28.85
C GLY D 354 25.74 -19.19 -28.86
N ALA D 355 25.05 -19.80 -29.82
CA ALA D 355 23.59 -19.71 -29.90
C ALA D 355 23.05 -20.78 -28.97
N ASN D 356 21.73 -20.80 -28.78
CA ASN D 356 21.15 -21.79 -27.89
C ASN D 356 21.04 -23.15 -28.54
N MET D 357 21.71 -24.13 -27.91
CA MET D 357 21.72 -25.51 -28.37
C MET D 357 21.96 -25.68 -29.86
N PRO D 358 23.11 -25.20 -30.36
CA PRO D 358 23.44 -25.30 -31.79
C PRO D 358 23.89 -26.71 -32.20
N THR D 359 23.99 -27.62 -31.25
CA THR D 359 24.41 -29.00 -31.51
C THR D 359 23.23 -29.96 -31.47
N HIS D 360 23.19 -30.90 -32.41
CA HIS D 360 22.12 -31.88 -32.45
C HIS D 360 22.35 -32.97 -31.42
N ILE D 361 21.27 -33.43 -30.79
CA ILE D 361 21.33 -34.45 -29.75
C ILE D 361 22.26 -35.63 -30.01
N LYS D 362 22.25 -36.15 -31.25
CA LYS D 362 23.11 -37.29 -31.59
C LYS D 362 24.52 -36.88 -31.94
N ALA D 363 24.71 -35.61 -32.29
CA ALA D 363 26.03 -35.09 -32.65
C ALA D 363 26.94 -35.04 -31.43
N LEU D 364 26.36 -34.79 -30.27
CA LEU D 364 27.12 -34.71 -29.03
C LEU D 364 27.73 -36.06 -28.68
N HIS D 365 27.04 -37.14 -29.04
CA HIS D 365 27.54 -38.47 -28.75
C HIS D 365 28.91 -38.72 -29.38
N LYS D 366 28.99 -38.59 -30.70
CA LYS D 366 30.27 -38.82 -31.37
C LYS D 366 31.38 -37.91 -30.87
N LEU D 367 31.05 -36.64 -30.67
CA LEU D 367 32.03 -35.66 -30.20
C LEU D 367 32.64 -36.00 -28.83
N LYS D 368 31.81 -36.51 -27.93
CA LYS D 368 32.26 -36.87 -26.59
C LYS D 368 33.12 -38.15 -26.60
N GLN D 369 32.75 -39.08 -27.47
CA GLN D 369 33.48 -40.34 -27.60
C GLN D 369 34.74 -40.17 -28.43
N ASN D 370 35.08 -38.91 -28.73
CA ASN D 370 36.26 -38.58 -29.51
C ASN D 370 37.11 -37.54 -28.78
N ASN D 371 36.82 -37.38 -27.50
CA ASN D 371 37.52 -36.43 -26.64
C ASN D 371 37.64 -35.00 -27.19
N ILE D 372 36.50 -34.45 -27.60
CA ILE D 372 36.41 -33.09 -28.12
C ILE D 372 35.59 -32.27 -27.12
N ILE D 373 36.24 -31.34 -26.42
CA ILE D 373 35.57 -30.52 -25.44
C ILE D 373 34.35 -29.75 -25.99
N LEU D 374 33.19 -29.96 -25.37
CA LEU D 374 31.97 -29.29 -25.77
C LEU D 374 31.45 -28.39 -24.65
N CYS D 375 31.35 -27.10 -24.92
CA CYS D 375 30.86 -26.11 -23.96
C CYS D 375 29.36 -25.89 -24.12
N PRO D 376 28.59 -26.09 -23.04
CA PRO D 376 27.14 -25.93 -23.04
C PRO D 376 26.76 -24.48 -23.30
N SER D 377 25.79 -24.25 -24.16
CA SER D 377 25.36 -22.88 -24.44
C SER D 377 24.79 -22.32 -23.14
N LYS D 378 24.12 -23.17 -22.37
CA LYS D 378 23.52 -22.77 -21.10
C LYS D 378 24.51 -22.00 -20.25
N ALA D 379 25.79 -22.34 -20.37
CA ALA D 379 26.82 -21.69 -19.58
C ALA D 379 27.66 -20.71 -20.39
N ALA D 380 28.10 -21.13 -21.56
CA ALA D 380 28.95 -20.29 -22.39
C ALA D 380 28.37 -18.92 -22.76
N ASN D 381 27.09 -18.85 -23.09
CA ASN D 381 26.52 -17.55 -23.45
C ASN D 381 25.72 -16.88 -22.33
N ALA D 382 25.89 -17.35 -21.10
CA ALA D 382 25.19 -16.76 -19.97
C ALA D 382 25.74 -15.36 -19.70
N GLY D 383 26.76 -14.96 -20.46
CA GLY D 383 27.32 -13.64 -20.28
C GLY D 383 26.28 -12.54 -20.33
N GLY D 384 25.30 -12.69 -21.22
CA GLY D 384 24.26 -11.69 -21.38
C GLY D 384 23.41 -11.54 -20.13
N VAL D 385 22.89 -12.66 -19.67
CA VAL D 385 22.06 -12.68 -18.47
C VAL D 385 22.86 -12.09 -17.29
N ALA D 386 24.15 -12.41 -17.25
CA ALA D 386 25.02 -11.93 -16.18
C ALA D 386 25.13 -10.41 -16.16
N VAL D 387 25.39 -9.81 -17.32
CA VAL D 387 25.51 -8.36 -17.36
C VAL D 387 24.22 -7.66 -16.94
N SER D 388 23.07 -8.25 -17.28
CA SER D 388 21.79 -7.65 -16.91
C SER D 388 21.67 -7.65 -15.38
N GLY D 389 22.33 -8.62 -14.74
CA GLY D 389 22.30 -8.68 -13.30
C GLY D 389 23.14 -7.52 -12.77
N LEU D 390 24.18 -7.17 -13.50
CA LEU D 390 25.05 -6.08 -13.09
C LEU D 390 24.32 -4.76 -13.30
N GLU D 391 23.45 -4.72 -14.31
CA GLU D 391 22.68 -3.51 -14.56
C GLU D 391 21.84 -3.26 -13.31
N MET D 392 21.24 -4.33 -12.81
CA MET D 392 20.42 -4.25 -11.62
C MET D 392 21.24 -3.71 -10.46
N SER D 393 22.49 -4.18 -10.35
CA SER D 393 23.36 -3.72 -9.27
C SER D 393 23.65 -2.25 -9.41
N GLN D 394 24.08 -1.85 -10.60
CA GLN D 394 24.37 -0.45 -10.83
C GLN D 394 23.12 0.40 -10.54
N ASN D 395 21.95 -0.05 -10.96
CA ASN D 395 20.73 0.70 -10.68
C ASN D 395 20.51 0.89 -9.18
N SER D 396 20.79 -0.16 -8.40
CA SER D 396 20.62 -0.08 -6.95
C SER D 396 21.65 0.85 -6.33
N MET D 397 22.84 0.89 -6.92
CA MET D 397 23.91 1.75 -6.41
C MET D 397 23.80 3.17 -6.91
N ARG D 398 22.91 3.39 -7.87
CA ARG D 398 22.67 4.70 -8.46
C ARG D 398 23.91 5.27 -9.14
N LEU D 399 24.70 4.37 -9.70
CA LEU D 399 25.94 4.71 -10.39
C LEU D 399 26.08 3.88 -11.64
N GLN D 400 26.98 4.29 -12.52
CA GLN D 400 27.23 3.54 -13.75
C GLN D 400 28.70 3.21 -13.87
N TRP D 401 29.02 1.92 -13.84
CA TRP D 401 30.41 1.50 -13.94
C TRP D 401 30.94 1.76 -15.34
N THR D 402 32.25 1.94 -15.43
CA THR D 402 32.90 2.19 -16.72
C THR D 402 32.93 0.93 -17.59
N HIS D 403 33.00 1.14 -18.90
CA HIS D 403 33.05 0.05 -19.86
C HIS D 403 34.08 -0.93 -19.33
N GLN D 404 35.17 -0.37 -18.82
CA GLN D 404 36.27 -1.13 -18.24
C GLN D 404 35.81 -2.04 -17.10
N GLU D 405 35.35 -1.41 -16.02
CA GLU D 405 34.87 -2.10 -14.82
C GLU D 405 33.88 -3.23 -15.07
N THR D 406 32.80 -2.90 -15.76
CA THR D 406 31.76 -3.87 -16.09
C THR D 406 32.35 -5.10 -16.78
N ASP D 407 33.34 -4.88 -17.64
CA ASP D 407 33.95 -5.99 -18.35
C ASP D 407 34.60 -6.96 -17.37
N MET D 408 35.49 -6.43 -16.53
CA MET D 408 36.18 -7.24 -15.53
C MET D 408 35.22 -8.11 -14.73
N LYS D 409 34.14 -7.52 -14.25
CA LYS D 409 33.14 -8.27 -13.49
C LYS D 409 32.66 -9.46 -14.35
N LEU D 410 32.35 -9.20 -15.62
CA LEU D 410 31.88 -10.24 -16.51
C LEU D 410 32.89 -11.38 -16.64
N GLN D 411 34.16 -11.02 -16.67
CA GLN D 411 35.22 -12.02 -16.78
C GLN D 411 35.24 -12.95 -15.58
N ASN D 412 35.02 -12.40 -14.38
CA ASN D 412 35.03 -13.22 -13.18
C ASN D 412 33.78 -14.10 -13.13
N ILE D 413 32.67 -13.54 -13.60
CA ILE D 413 31.43 -14.29 -13.61
C ILE D 413 31.59 -15.46 -14.56
N MET D 414 32.22 -15.21 -15.70
CA MET D 414 32.43 -16.27 -16.67
C MET D 414 33.36 -17.32 -16.07
N LYS D 415 34.44 -16.88 -15.44
CA LYS D 415 35.40 -17.78 -14.81
C LYS D 415 34.68 -18.68 -13.81
N SER D 416 33.83 -18.08 -12.99
CA SER D 416 33.07 -18.85 -12.00
C SER D 416 32.15 -19.84 -12.67
N ILE D 417 31.45 -19.41 -13.73
CA ILE D 417 30.54 -20.30 -14.42
C ILE D 417 31.31 -21.52 -14.88
N TYR D 418 32.52 -21.29 -15.38
CA TYR D 418 33.34 -22.39 -15.83
C TYR D 418 33.69 -23.32 -14.67
N GLU D 419 34.27 -22.76 -13.61
CA GLU D 419 34.66 -23.56 -12.47
C GLU D 419 33.54 -24.45 -11.96
N GLN D 420 32.32 -23.94 -11.90
CA GLN D 420 31.22 -24.76 -11.40
C GLN D 420 30.92 -25.96 -12.28
N CYS D 421 30.97 -25.78 -13.59
CA CYS D 421 30.71 -26.89 -14.49
C CYS D 421 31.81 -27.92 -14.33
N HIS D 422 33.04 -27.43 -14.32
CA HIS D 422 34.22 -28.27 -14.16
C HIS D 422 34.17 -29.08 -12.88
N ASN D 423 34.17 -28.39 -11.74
CA ASN D 423 34.13 -29.05 -10.43
C ASN D 423 32.92 -29.94 -10.20
N THR D 424 31.74 -29.45 -10.55
CA THR D 424 30.52 -30.22 -10.36
C THR D 424 30.55 -31.52 -11.14
N SER D 425 30.82 -31.43 -12.43
CA SER D 425 30.86 -32.64 -13.25
C SER D 425 31.92 -33.62 -12.74
N LYS D 426 33.02 -33.07 -12.22
CA LYS D 426 34.10 -33.89 -11.67
C LYS D 426 33.59 -34.68 -10.49
N ILE D 427 33.08 -33.94 -9.50
CA ILE D 427 32.55 -34.54 -8.30
C ILE D 427 31.43 -35.58 -8.52
N TYR D 428 30.56 -35.35 -9.51
CA TYR D 428 29.45 -36.29 -9.74
C TYR D 428 29.66 -37.34 -10.82
N LEU D 429 30.60 -37.12 -11.73
CA LEU D 429 30.84 -38.08 -12.82
C LEU D 429 32.26 -38.63 -12.81
N ASN D 430 33.07 -38.08 -11.90
CA ASN D 430 34.47 -38.46 -11.73
C ASN D 430 35.37 -37.88 -12.82
N GLU D 431 34.74 -37.49 -13.92
CA GLU D 431 35.44 -36.89 -15.06
C GLU D 431 34.99 -35.45 -15.23
N SER D 432 35.65 -34.71 -16.12
CA SER D 432 35.29 -33.32 -16.36
C SER D 432 34.39 -33.14 -17.59
N ASP D 433 33.08 -33.22 -17.36
CA ASP D 433 32.07 -33.06 -18.41
C ASP D 433 31.36 -31.72 -18.23
N LEU D 434 31.71 -30.73 -19.06
CA LEU D 434 31.09 -29.40 -18.96
C LEU D 434 29.58 -29.37 -19.13
N VAL D 435 29.07 -30.15 -20.08
CA VAL D 435 27.64 -30.18 -20.34
C VAL D 435 26.81 -30.66 -19.16
N ALA D 436 27.19 -31.79 -18.56
CA ALA D 436 26.47 -32.33 -17.41
C ALA D 436 26.74 -31.40 -16.23
N GLY D 437 27.98 -30.93 -16.13
CA GLY D 437 28.36 -30.02 -15.06
C GLY D 437 27.42 -28.82 -14.96
N ALA D 438 27.17 -28.20 -16.11
CA ALA D 438 26.29 -27.04 -16.19
C ALA D 438 24.90 -27.37 -15.63
N ASN D 439 24.32 -28.48 -16.08
CA ASN D 439 22.99 -28.86 -15.62
C ASN D 439 22.93 -29.18 -14.14
N ILE D 440 23.81 -30.06 -13.69
CA ILE D 440 23.82 -30.44 -12.29
C ILE D 440 24.05 -29.22 -11.40
N ALA D 441 25.10 -28.45 -11.68
CA ALA D 441 25.42 -27.26 -10.88
C ALA D 441 24.25 -26.28 -10.83
N GLY D 442 23.71 -25.96 -11.99
CA GLY D 442 22.58 -25.05 -12.07
C GLY D 442 21.39 -25.51 -11.26
N PHE D 443 21.04 -26.78 -11.41
CA PHE D 443 19.91 -27.38 -10.68
C PHE D 443 20.14 -27.45 -9.17
N LEU D 444 21.31 -27.94 -8.76
CA LEU D 444 21.60 -28.08 -7.35
C LEU D 444 21.50 -26.79 -6.55
N LYS D 445 22.04 -25.69 -7.06
CA LYS D 445 21.95 -24.45 -6.30
C LYS D 445 20.50 -24.14 -5.97
N VAL D 446 19.63 -24.28 -6.96
CA VAL D 446 18.20 -24.04 -6.79
C VAL D 446 17.54 -25.05 -5.86
N ALA D 447 17.75 -26.33 -6.16
CA ALA D 447 17.17 -27.43 -5.38
C ALA D 447 17.48 -27.34 -3.90
N ASP D 448 18.74 -27.08 -3.57
CA ASP D 448 19.13 -26.98 -2.17
C ASP D 448 18.48 -25.80 -1.48
N SER D 449 18.65 -24.62 -2.08
CA SER D 449 18.06 -23.39 -1.53
C SER D 449 16.56 -23.57 -1.33
N PHE D 450 15.93 -24.26 -2.27
CA PHE D 450 14.50 -24.56 -2.20
C PHE D 450 14.23 -25.28 -0.88
N LEU D 451 15.00 -26.34 -0.63
CA LEU D 451 14.86 -27.13 0.59
C LEU D 451 15.14 -26.31 1.85
N GLU D 452 16.24 -25.56 1.84
CA GLU D 452 16.61 -24.74 2.99
C GLU D 452 15.54 -23.70 3.34
N GLN D 453 14.79 -23.25 2.34
CA GLN D 453 13.76 -22.24 2.57
C GLN D 453 12.39 -22.76 2.98
N GLY D 454 12.29 -24.07 3.21
CA GLY D 454 11.02 -24.63 3.65
C GLY D 454 10.17 -25.30 2.60
N GLY D 455 10.68 -25.41 1.39
CA GLY D 455 9.92 -26.07 0.34
C GLY D 455 8.71 -25.28 -0.14
N LEU D 456 8.84 -23.95 -0.12
CA LEU D 456 7.78 -23.06 -0.56
C LEU D 456 7.90 -22.68 -2.07
N LEU E 1 20.39 24.42 24.07
CA LEU E 1 19.26 25.19 23.45
C LEU E 1 17.97 24.37 23.33
N HIS E 2 17.98 23.16 23.92
CA HIS E 2 16.82 22.26 23.94
C HIS E 2 16.43 22.02 25.41
N ASN E 3 15.14 21.88 25.71
CA ASN E 3 14.70 21.64 27.08
C ASN E 3 14.06 20.28 27.25
N TYR E 4 14.77 19.34 27.87
CA TYR E 4 14.25 18.01 28.08
C TYR E 4 13.95 17.59 29.52
N GLY E 5 13.73 18.58 30.39
CA GLY E 5 13.35 18.23 31.75
C GLY E 5 14.16 18.57 32.98
N TYR E 6 15.46 18.28 32.99
CA TYR E 6 16.27 18.52 34.19
C TYR E 6 17.08 19.83 34.19
N THR E 7 16.37 20.95 34.33
CA THR E 7 16.97 22.31 34.32
C THR E 7 17.27 22.84 35.73
N SER E 8 16.67 22.21 36.74
CA SER E 8 16.83 22.61 38.15
C SER E 8 18.29 22.81 38.60
N THR E 9 18.46 23.14 39.88
CA THR E 9 19.79 23.36 40.45
C THR E 9 20.42 22.01 40.86
N LYS E 10 19.55 21.05 41.19
CA LYS E 10 19.95 19.70 41.64
C LYS E 10 21.30 19.14 41.20
N SER E 11 21.95 18.45 42.12
CA SER E 11 23.25 17.84 41.87
C SER E 11 23.11 16.85 40.73
N VAL E 12 24.11 16.81 39.85
CA VAL E 12 24.07 15.87 38.76
C VAL E 12 23.65 14.50 39.30
N ASP E 13 24.06 14.22 40.54
CA ASP E 13 23.74 12.95 41.20
C ASP E 13 22.28 12.82 41.58
N ASN E 14 21.67 13.94 41.94
CA ASN E 14 20.26 13.92 42.32
C ASN E 14 19.37 13.77 41.11
N GLN E 15 19.84 14.28 39.97
CA GLN E 15 19.08 14.18 38.74
C GLN E 15 19.16 12.73 38.30
N ILE E 16 20.35 12.16 38.39
CA ILE E 16 20.55 10.76 38.03
C ILE E 16 19.70 9.89 38.94
N GLU E 17 19.48 10.36 40.16
CA GLU E 17 18.68 9.59 41.09
C GLU E 17 17.21 9.75 40.73
N GLU E 18 16.83 10.97 40.35
CA GLU E 18 15.45 11.23 39.98
C GLU E 18 15.07 10.40 38.77
N LEU E 19 15.96 10.37 37.78
CA LEU E 19 15.73 9.59 36.56
C LEU E 19 15.57 8.11 36.91
N ARG E 20 16.56 7.53 37.58
CA ARG E 20 16.50 6.13 37.97
C ARG E 20 15.13 5.81 38.59
N GLU E 21 14.71 6.67 39.50
CA GLU E 21 13.44 6.49 40.19
C GLU E 21 12.29 6.43 39.21
N LYS E 22 12.27 7.39 38.29
CA LYS E 22 11.20 7.47 37.31
C LYS E 22 11.16 6.27 36.37
N VAL E 23 12.33 5.79 35.94
CA VAL E 23 12.40 4.64 35.03
C VAL E 23 11.97 3.37 35.73
N VAL E 24 12.36 3.22 37.00
CA VAL E 24 12.01 2.04 37.76
C VAL E 24 10.51 1.94 38.01
N SER E 25 9.90 3.04 38.45
CA SER E 25 8.47 3.05 38.72
C SER E 25 7.62 2.65 37.52
N LYS E 26 8.06 3.00 36.31
CA LYS E 26 7.31 2.66 35.10
C LYS E 26 7.56 1.23 34.65
N ASN E 27 8.65 0.64 35.11
CA ASN E 27 8.99 -0.73 34.72
C ASN E 27 9.24 -1.61 35.94
N LYS E 28 8.42 -1.44 36.98
CA LYS E 28 8.53 -2.18 38.23
C LYS E 28 8.93 -3.64 38.11
N ASN E 29 8.26 -4.39 37.25
CA ASN E 29 8.55 -5.82 37.15
C ASN E 29 9.38 -6.33 35.98
N GLU E 30 10.34 -5.52 35.54
CA GLU E 30 11.21 -5.91 34.45
C GLU E 30 12.64 -5.83 34.98
N PRO E 31 13.01 -6.78 35.85
CA PRO E 31 14.33 -6.87 36.48
C PRO E 31 15.47 -6.83 35.47
N GLU E 32 15.45 -7.77 34.52
CA GLU E 32 16.48 -7.86 33.50
C GLU E 32 16.69 -6.51 32.81
N PHE E 33 15.58 -5.86 32.47
CA PHE E 33 15.69 -4.56 31.81
C PHE E 33 16.24 -3.49 32.74
N LEU E 34 15.59 -3.32 33.90
CA LEU E 34 16.02 -2.32 34.87
C LEU E 34 17.52 -2.46 35.21
N GLN E 35 18.03 -3.69 35.19
CA GLN E 35 19.43 -3.91 35.53
C GLN E 35 20.37 -3.46 34.42
N ALA E 36 20.03 -3.80 33.18
CA ALA E 36 20.84 -3.40 32.04
C ALA E 36 20.79 -1.88 31.91
N PHE E 37 19.73 -1.26 32.43
CA PHE E 37 19.58 0.19 32.38
C PHE E 37 20.48 0.82 33.42
N GLU E 38 20.26 0.48 34.70
CA GLU E 38 21.07 1.04 35.78
C GLU E 38 22.55 0.87 35.50
N GLU E 39 22.85 -0.05 34.58
CA GLU E 39 24.23 -0.34 34.20
C GLU E 39 24.78 0.72 33.23
N VAL E 40 24.05 0.97 32.15
CA VAL E 40 24.45 1.96 31.14
C VAL E 40 24.49 3.34 31.81
N LEU E 41 23.58 3.52 32.76
CA LEU E 41 23.43 4.75 33.50
C LEU E 41 24.70 5.13 34.29
N SER E 42 25.34 4.12 34.88
CA SER E 42 26.55 4.32 35.67
C SER E 42 27.66 5.03 34.92
N CYS E 43 28.22 4.37 33.92
CA CYS E 43 29.31 4.97 33.15
C CYS E 43 28.99 6.28 32.42
N LEU E 44 27.71 6.67 32.36
CA LEU E 44 27.34 7.92 31.68
C LEU E 44 27.32 9.19 32.53
N LYS E 45 27.91 9.15 33.71
CA LYS E 45 27.93 10.33 34.57
C LYS E 45 28.79 11.50 34.03
N PRO E 46 29.96 11.18 33.43
CA PRO E 46 30.83 12.23 32.89
C PRO E 46 30.13 13.10 31.86
N VAL E 47 29.39 12.46 30.96
CA VAL E 47 28.66 13.17 29.90
C VAL E 47 27.51 13.99 30.48
N PHE E 48 26.87 13.47 31.52
CA PHE E 48 25.77 14.20 32.15
C PHE E 48 26.28 15.53 32.67
N LYS E 49 27.49 15.51 33.22
CA LYS E 49 28.12 16.71 33.76
C LYS E 49 28.34 17.73 32.66
N LYS E 50 28.71 17.27 31.46
CA LYS E 50 28.96 18.19 30.35
C LYS E 50 27.67 18.87 29.89
N ASP E 51 26.54 18.17 30.01
CA ASP E 51 25.26 18.74 29.61
C ASP E 51 24.09 17.94 30.19
N ASN E 52 23.17 18.64 30.85
CA ASN E 52 22.01 18.00 31.46
C ASN E 52 21.09 17.35 30.45
N VAL E 53 20.99 17.97 29.28
CA VAL E 53 20.12 17.47 28.22
C VAL E 53 20.16 15.96 28.10
N TYR E 54 21.36 15.38 28.11
CA TYR E 54 21.50 13.95 27.98
C TYR E 54 20.72 13.10 29.00
N ILE E 55 20.46 13.66 30.16
CA ILE E 55 19.71 12.91 31.15
C ILE E 55 18.30 12.71 30.64
N GLY E 56 17.72 13.77 30.09
CA GLY E 56 16.38 13.69 29.55
C GLY E 56 16.36 12.78 28.32
N VAL E 57 17.32 12.99 27.43
CA VAL E 57 17.45 12.19 26.22
C VAL E 57 17.51 10.70 26.58
N LEU E 58 18.27 10.35 27.61
CA LEU E 58 18.37 8.96 28.01
C LEU E 58 17.00 8.42 28.45
N GLU E 59 16.24 9.22 29.19
CA GLU E 59 14.92 8.78 29.66
C GLU E 59 14.08 8.41 28.45
N ASN E 60 14.19 9.25 27.42
CA ASN E 60 13.46 9.05 26.17
C ASN E 60 13.93 7.80 25.44
N ILE E 61 15.23 7.68 25.23
CA ILE E 61 15.79 6.52 24.54
C ILE E 61 15.52 5.18 25.24
N ALA E 62 15.34 5.24 26.56
CA ALA E 62 15.08 4.03 27.35
C ALA E 62 13.68 3.49 27.10
N GLU E 63 12.85 4.30 26.45
CA GLU E 63 11.47 3.94 26.14
C GLU E 63 11.40 3.42 24.71
N PRO E 64 11.17 2.12 24.54
CA PRO E 64 11.10 1.55 23.19
C PRO E 64 10.27 2.41 22.26
N GLU E 65 10.80 2.68 21.07
CA GLU E 65 10.07 3.48 20.11
C GLU E 65 8.74 2.80 19.91
N ARG E 66 8.77 1.48 19.84
CA ARG E 66 7.56 0.71 19.67
C ARG E 66 7.84 -0.76 19.98
N VAL E 67 6.85 -1.43 20.55
CA VAL E 67 7.00 -2.84 20.88
C VAL E 67 5.72 -3.58 20.45
N ILE E 68 5.90 -4.62 19.62
CA ILE E 68 4.78 -5.40 19.15
C ILE E 68 4.83 -6.78 19.75
N GLN E 69 3.70 -7.21 20.32
CA GLN E 69 3.59 -8.51 20.94
C GLN E 69 2.40 -9.19 20.27
N PHE E 70 2.50 -10.49 20.02
CA PHE E 70 1.41 -11.17 19.34
C PHE E 70 1.31 -12.65 19.62
N ARG E 71 0.09 -13.19 19.52
CA ARG E 71 -0.15 -14.61 19.75
C ARG E 71 0.25 -15.39 18.50
N VAL E 72 1.14 -16.37 18.67
CA VAL E 72 1.62 -17.22 17.57
C VAL E 72 1.07 -18.63 17.70
N PRO E 73 0.00 -18.94 16.97
CA PRO E 73 -0.59 -20.27 17.05
C PRO E 73 0.04 -21.25 16.06
N TRP E 74 0.05 -22.54 16.41
CA TRP E 74 0.59 -23.56 15.52
C TRP E 74 0.06 -24.94 15.87
N ILE E 75 0.08 -25.86 14.91
CA ILE E 75 -0.41 -27.21 15.15
C ILE E 75 0.77 -28.19 15.23
N ASN E 76 1.01 -28.78 16.40
CA ASN E 76 2.12 -29.73 16.51
C ASN E 76 1.81 -30.99 15.68
N ASP E 77 2.70 -31.98 15.74
CA ASP E 77 2.51 -33.19 14.96
C ASP E 77 1.41 -34.16 15.43
N LYS E 78 1.00 -34.04 16.68
CA LYS E 78 -0.06 -34.89 17.20
C LYS E 78 -1.40 -34.28 16.84
N GLY E 79 -1.37 -33.19 16.08
CA GLY E 79 -2.60 -32.52 15.66
C GLY E 79 -3.17 -31.57 16.70
N GLU E 80 -2.35 -31.22 17.69
CA GLU E 80 -2.78 -30.31 18.74
C GLU E 80 -2.60 -28.85 18.36
N HIS E 81 -3.54 -28.02 18.79
CA HIS E 81 -3.48 -26.60 18.51
C HIS E 81 -2.72 -25.92 19.64
N LYS E 82 -1.46 -25.62 19.39
CA LYS E 82 -0.64 -24.96 20.41
C LYS E 82 -0.63 -23.44 20.23
N MET E 83 0.00 -22.76 21.17
CA MET E 83 0.05 -21.31 21.13
C MET E 83 1.27 -20.82 21.89
N ASN E 84 1.86 -19.73 21.41
CA ASN E 84 3.05 -19.13 22.03
C ASN E 84 3.00 -17.63 21.89
N ARG E 85 3.78 -16.94 22.71
CA ARG E 85 3.79 -15.49 22.66
C ARG E 85 5.03 -14.96 21.93
N GLY E 86 4.80 -14.14 20.91
CA GLY E 86 5.90 -13.57 20.14
C GLY E 86 6.10 -12.08 20.41
N PHE E 87 7.35 -11.65 20.30
CA PHE E 87 7.70 -10.25 20.54
C PHE E 87 8.64 -9.68 19.50
N ARG E 88 8.57 -8.36 19.34
CA ARG E 88 9.48 -7.64 18.47
C ARG E 88 9.53 -6.25 19.07
N VAL E 89 10.67 -5.92 19.66
CA VAL E 89 10.86 -4.62 20.28
C VAL E 89 11.74 -3.79 19.37
N GLN E 90 11.15 -2.77 18.75
CA GLN E 90 11.88 -1.88 17.86
C GLN E 90 12.29 -0.71 18.73
N TYR E 91 13.37 -0.94 19.48
CA TYR E 91 13.88 0.01 20.43
C TYR E 91 14.28 1.38 19.95
N ASN E 92 15.10 1.42 18.91
CA ASN E 92 15.56 2.72 18.42
C ASN E 92 15.96 2.67 16.96
N SER E 93 15.53 3.66 16.18
CA SER E 93 15.85 3.73 14.75
C SER E 93 16.46 5.09 14.35
N VAL E 94 17.26 5.65 15.25
CA VAL E 94 17.89 6.95 15.01
C VAL E 94 19.06 6.88 14.06
N LEU E 95 19.83 5.80 14.17
CA LEU E 95 21.00 5.63 13.32
C LEU E 95 20.74 4.75 12.10
N GLY E 96 19.60 4.07 12.07
CA GLY E 96 19.27 3.21 10.95
C GLY E 96 18.09 2.32 11.26
N PRO E 97 17.75 1.35 10.39
CA PRO E 97 16.63 0.44 10.61
C PRO E 97 16.86 -0.40 11.86
N TYR E 98 15.80 -0.83 12.53
CA TYR E 98 15.98 -1.64 13.73
C TYR E 98 16.74 -2.91 13.36
N LYS E 99 17.83 -3.19 14.08
CA LYS E 99 18.63 -4.40 13.87
C LYS E 99 18.65 -5.19 15.17
N GLY E 100 18.55 -6.51 15.09
CA GLY E 100 18.55 -7.31 16.30
C GLY E 100 17.97 -8.70 16.10
N GLY E 101 18.57 -9.67 16.77
CA GLY E 101 18.14 -11.06 16.65
C GLY E 101 16.81 -11.47 17.23
N LEU E 102 16.47 -12.73 16.99
CA LEU E 102 15.23 -13.33 17.48
C LEU E 102 15.61 -14.49 18.38
N ARG E 103 15.06 -14.53 19.58
CA ARG E 103 15.38 -15.61 20.51
C ARG E 103 14.19 -16.49 20.85
N PHE E 104 14.35 -17.79 20.63
CA PHE E 104 13.30 -18.73 20.97
C PHE E 104 13.71 -19.50 22.22
N HIS E 105 13.15 -19.09 23.36
CA HIS E 105 13.48 -19.71 24.62
C HIS E 105 12.31 -19.67 25.60
N PRO E 106 12.16 -20.72 26.42
CA PRO E 106 11.06 -20.81 27.40
C PRO E 106 11.08 -19.70 28.43
N ALA E 107 12.23 -19.03 28.56
CA ALA E 107 12.37 -17.93 29.51
C ALA E 107 12.05 -16.57 28.91
N VAL E 108 11.89 -16.51 27.59
CA VAL E 108 11.60 -15.25 26.90
C VAL E 108 10.30 -14.54 27.31
N ASN E 109 10.41 -13.23 27.52
CA ASN E 109 9.28 -12.38 27.86
C ASN E 109 9.66 -10.94 27.58
N LEU E 110 8.69 -10.01 27.65
CA LEU E 110 8.98 -8.62 27.36
C LEU E 110 10.20 -8.05 28.09
N SER E 111 10.28 -8.29 29.39
CA SER E 111 11.43 -7.80 30.18
C SER E 111 12.77 -8.24 29.61
N VAL E 112 12.90 -9.56 29.37
CA VAL E 112 14.11 -10.14 28.82
C VAL E 112 14.46 -9.51 27.47
N ILE E 113 13.46 -9.37 26.60
CA ILE E 113 13.69 -8.79 25.27
C ILE E 113 14.12 -7.35 25.34
N LYS E 114 13.46 -6.53 26.17
CA LYS E 114 13.83 -5.12 26.30
C LYS E 114 15.29 -5.02 26.74
N PHE E 115 15.66 -5.87 27.69
CA PHE E 115 17.01 -5.92 28.20
C PHE E 115 17.99 -6.10 27.03
N LEU E 116 17.83 -7.19 26.27
CA LEU E 116 18.70 -7.48 25.13
C LEU E 116 18.66 -6.39 24.05
N GLY E 117 17.45 -5.95 23.72
CA GLY E 117 17.25 -4.93 22.71
C GLY E 117 17.86 -3.61 23.11
N PHE E 118 17.64 -3.22 24.37
CA PHE E 118 18.18 -1.96 24.86
C PHE E 118 19.70 -1.92 24.70
N GLU E 119 20.37 -3.02 25.04
CA GLU E 119 21.82 -3.07 24.91
C GLU E 119 22.24 -3.06 23.44
N GLN E 120 21.42 -3.67 22.59
CA GLN E 120 21.73 -3.73 21.16
C GLN E 120 21.87 -2.35 20.51
N ILE E 121 21.06 -1.39 20.98
CA ILE E 121 21.09 -0.03 20.45
C ILE E 121 22.51 0.51 20.38
N PHE E 122 23.18 0.51 21.52
CA PHE E 122 24.55 1.03 21.64
C PHE E 122 25.61 0.15 21.03
N LYS E 123 25.46 -1.16 21.15
CA LYS E 123 26.44 -2.06 20.54
C LYS E 123 26.45 -1.74 19.05
N ASN E 124 25.26 -1.70 18.44
CA ASN E 124 25.11 -1.39 17.02
C ASN E 124 25.70 -0.04 16.72
N SER E 125 25.38 0.93 17.56
CA SER E 125 25.87 2.29 17.42
C SER E 125 27.38 2.36 17.13
N LEU E 126 28.18 1.65 17.93
CA LEU E 126 29.63 1.62 17.78
C LEU E 126 30.10 1.11 16.41
N THR E 127 29.36 0.15 15.88
CA THR E 127 29.62 -0.47 14.60
C THR E 127 30.06 0.49 13.50
N THR E 128 29.53 1.71 13.52
CA THR E 128 29.84 2.71 12.49
C THR E 128 28.84 2.57 11.35
N LEU E 129 28.28 1.37 11.21
CA LEU E 129 27.28 1.10 10.17
C LEU E 129 25.94 1.67 10.65
N PRO E 130 25.04 2.01 9.71
CA PRO E 130 23.71 2.56 10.02
C PRO E 130 22.71 1.50 10.50
N MET E 131 22.70 1.23 11.81
CA MET E 131 21.80 0.22 12.35
C MET E 131 21.14 0.65 13.64
N GLY E 132 19.82 0.55 13.67
CA GLY E 132 19.10 0.88 14.88
C GLY E 132 19.15 -0.34 15.79
N GLY E 133 18.37 -0.33 16.87
CA GLY E 133 18.38 -1.45 17.78
C GLY E 133 17.03 -2.09 17.96
N GLY E 134 17.02 -3.41 17.98
CA GLY E 134 15.77 -4.14 18.15
C GLY E 134 16.04 -5.53 18.67
N LYS E 135 14.97 -6.28 18.96
CA LYS E 135 15.12 -7.63 19.47
C LYS E 135 13.75 -8.25 19.47
N GLY E 136 13.70 -9.57 19.24
CA GLY E 136 12.42 -10.23 19.23
C GLY E 136 12.58 -11.67 19.63
N GLY E 137 11.48 -12.43 19.61
CA GLY E 137 11.55 -13.83 19.96
C GLY E 137 10.24 -14.34 20.46
N SER E 138 10.26 -15.53 21.06
CA SER E 138 9.05 -16.14 21.59
C SER E 138 9.43 -17.03 22.76
N ASP E 139 8.45 -17.41 23.57
CA ASP E 139 8.70 -18.29 24.70
C ASP E 139 8.65 -19.72 24.19
N PHE E 140 8.62 -19.85 22.86
CA PHE E 140 8.58 -21.14 22.18
C PHE E 140 9.84 -21.89 22.53
N ASP E 141 9.71 -23.18 22.84
CA ASP E 141 10.88 -23.97 23.20
C ASP E 141 11.25 -24.95 22.09
N PRO E 142 12.32 -24.66 21.32
CA PRO E 142 12.76 -25.53 20.24
C PRO E 142 13.07 -26.94 20.72
N LYS E 143 13.67 -27.02 21.90
CA LYS E 143 14.04 -28.30 22.48
C LYS E 143 12.88 -29.28 22.58
N GLY E 144 13.04 -30.42 21.90
CA GLY E 144 12.02 -31.44 21.94
C GLY E 144 11.11 -31.41 20.74
N LYS E 145 11.07 -30.26 20.05
CA LYS E 145 10.21 -30.14 18.87
C LYS E 145 10.82 -30.87 17.69
N SER E 146 9.97 -31.36 16.80
CA SER E 146 10.42 -32.08 15.63
C SER E 146 10.81 -31.05 14.60
N GLU E 147 11.49 -31.52 13.56
CA GLU E 147 11.93 -30.66 12.47
C GLU E 147 10.69 -29.96 11.87
N ASN E 148 9.69 -30.78 11.58
CA ASN E 148 8.45 -30.32 11.01
C ASN E 148 7.76 -29.26 11.84
N GLU E 149 7.74 -29.46 13.16
CA GLU E 149 7.11 -28.50 14.05
C GLU E 149 7.85 -27.18 14.01
N ILE E 150 9.18 -27.24 14.04
CA ILE E 150 9.95 -26.00 13.98
C ILE E 150 9.57 -25.20 12.74
N LEU E 151 9.38 -25.90 11.63
CA LEU E 151 8.98 -25.24 10.40
C LEU E 151 7.62 -24.57 10.59
N LYS E 152 6.62 -25.35 10.98
CA LYS E 152 5.28 -24.83 11.20
C LYS E 152 5.32 -23.58 12.07
N PHE E 153 6.11 -23.63 13.14
CA PHE E 153 6.19 -22.48 14.04
C PHE E 153 6.77 -21.25 13.36
N CYS E 154 7.92 -21.42 12.73
CA CYS E 154 8.54 -20.32 12.02
C CYS E 154 7.57 -19.63 11.05
N GLN E 155 6.83 -20.44 10.29
CA GLN E 155 5.88 -19.91 9.31
C GLN E 155 4.82 -19.07 10.00
N SER E 156 4.26 -19.60 11.07
CA SER E 156 3.26 -18.87 11.81
C SER E 156 3.88 -17.59 12.38
N PHE E 157 5.01 -17.74 13.07
CA PHE E 157 5.71 -16.62 13.67
C PHE E 157 5.91 -15.50 12.64
N MET E 158 6.40 -15.86 11.45
CA MET E 158 6.63 -14.87 10.39
C MET E 158 5.33 -14.27 9.84
N THR E 159 4.27 -15.06 9.79
CA THR E 159 3.01 -14.56 9.29
C THR E 159 2.58 -13.36 10.11
N ASN E 160 2.93 -13.35 11.39
CA ASN E 160 2.53 -12.22 12.23
C ASN E 160 3.51 -11.08 12.09
N LEU E 161 4.79 -11.42 12.19
CA LEU E 161 5.84 -10.42 12.11
C LEU E 161 6.05 -9.76 10.76
N PHE E 162 5.87 -10.51 9.69
CA PHE E 162 6.10 -10.01 8.34
C PHE E 162 5.64 -8.59 7.98
N ARG E 163 4.49 -8.17 8.49
CA ARG E 163 3.98 -6.84 8.18
C ARG E 163 4.73 -5.70 8.87
N TYR E 164 5.56 -6.00 9.87
CA TYR E 164 6.28 -4.98 10.62
C TYR E 164 7.79 -4.91 10.39
N ILE E 165 8.30 -5.77 9.53
CA ILE E 165 9.73 -5.78 9.24
C ILE E 165 9.95 -5.51 7.76
N GLY E 166 11.14 -5.06 7.42
CA GLY E 166 11.43 -4.76 6.02
C GLY E 166 12.85 -4.30 5.89
N PRO E 167 13.43 -4.34 4.68
CA PRO E 167 14.81 -3.93 4.38
C PRO E 167 15.19 -2.57 4.93
N ASN E 168 14.22 -1.65 4.94
CA ASN E 168 14.49 -0.31 5.43
C ASN E 168 13.77 0.00 6.73
N THR E 169 13.26 -1.04 7.39
CA THR E 169 12.53 -0.82 8.63
C THR E 169 13.09 -1.58 9.81
N ASP E 170 13.06 -2.90 9.72
CA ASP E 170 13.53 -3.73 10.79
C ASP E 170 14.11 -5.01 10.19
N VAL E 171 15.41 -5.24 10.39
CA VAL E 171 16.06 -6.43 9.87
C VAL E 171 16.51 -7.39 10.97
N PRO E 172 15.66 -8.38 11.31
CA PRO E 172 15.96 -9.37 12.35
C PRO E 172 17.13 -10.30 11.98
N ALA E 173 17.53 -11.15 12.94
CA ALA E 173 18.62 -12.10 12.74
C ALA E 173 18.53 -13.29 13.71
N GLY E 174 19.52 -14.18 13.65
CA GLY E 174 19.55 -15.33 14.52
C GLY E 174 20.02 -15.03 15.93
N ASP E 175 19.75 -15.96 16.84
CA ASP E 175 20.12 -15.82 18.26
C ASP E 175 19.84 -17.19 18.88
N ILE E 176 19.75 -17.25 20.21
CA ILE E 176 19.47 -18.53 20.86
C ILE E 176 18.12 -19.09 20.43
N GLY E 177 18.12 -20.31 19.92
CA GLY E 177 16.88 -20.92 19.47
C GLY E 177 16.58 -20.66 18.00
N VAL E 178 17.20 -19.62 17.45
CA VAL E 178 17.00 -19.25 16.05
C VAL E 178 18.33 -19.29 15.32
N GLY E 179 18.60 -20.44 14.68
CA GLY E 179 19.84 -20.61 13.96
C GLY E 179 19.65 -20.54 12.46
N GLY E 180 20.60 -21.10 11.71
CA GLY E 180 20.51 -21.07 10.26
C GLY E 180 19.26 -21.73 9.75
N ARG E 181 18.99 -22.94 10.22
CA ARG E 181 17.82 -23.70 9.82
C ARG E 181 16.57 -22.82 9.93
N GLU E 182 16.44 -22.16 11.08
CA GLU E 182 15.30 -21.29 11.37
C GLU E 182 15.20 -20.08 10.43
N ILE E 183 16.34 -19.42 10.21
CA ILE E 183 16.37 -18.25 9.34
C ILE E 183 15.96 -18.63 7.94
N GLY E 184 16.21 -19.88 7.57
CA GLY E 184 15.82 -20.32 6.24
C GLY E 184 14.30 -20.34 6.15
N TYR E 185 13.66 -20.98 7.13
CA TYR E 185 12.21 -21.07 7.18
C TYR E 185 11.55 -19.70 7.26
N LEU E 186 12.09 -18.85 8.14
CA LEU E 186 11.57 -17.50 8.33
C LEU E 186 11.62 -16.71 7.02
N PHE E 187 12.76 -16.77 6.36
CA PHE E 187 12.97 -16.08 5.09
C PHE E 187 12.00 -16.61 4.05
N GLY E 188 11.97 -17.93 3.88
CA GLY E 188 11.08 -18.53 2.91
C GLY E 188 9.65 -18.01 3.04
N GLN E 189 9.12 -18.07 4.26
CA GLN E 189 7.77 -17.60 4.55
C GLN E 189 7.62 -16.11 4.24
N TYR E 190 8.57 -15.31 4.68
CA TYR E 190 8.51 -13.88 4.42
C TYR E 190 8.41 -13.61 2.92
N LYS E 191 9.27 -14.25 2.16
CA LYS E 191 9.29 -14.06 0.72
C LYS E 191 7.91 -14.36 0.15
N LYS E 192 7.32 -15.48 0.56
CA LYS E 192 6.01 -15.90 0.07
C LYS E 192 4.92 -14.86 0.35
N LEU E 193 4.94 -14.30 1.56
CA LEU E 193 3.95 -13.32 1.94
C LEU E 193 4.18 -11.97 1.23
N LYS E 194 5.31 -11.32 1.51
CA LYS E 194 5.63 -10.01 0.91
C LYS E 194 5.77 -10.04 -0.61
N ASN E 195 6.05 -11.24 -1.15
CA ASN E 195 6.26 -11.41 -2.58
C ASN E 195 7.42 -10.55 -3.08
N SER E 196 8.61 -10.85 -2.56
CA SER E 196 9.82 -10.13 -2.94
C SER E 196 11.06 -10.66 -2.20
N PHE E 197 12.16 -10.75 -2.94
CA PHE E 197 13.42 -11.22 -2.42
C PHE E 197 14.19 -10.00 -1.95
N GLU E 198 14.35 -9.85 -0.64
CA GLU E 198 15.09 -8.70 -0.11
C GLU E 198 15.70 -9.00 1.24
N GLY E 199 16.72 -8.24 1.61
CA GLY E 199 17.38 -8.46 2.88
C GLY E 199 16.60 -8.13 4.14
N VAL E 200 15.63 -8.97 4.52
CA VAL E 200 14.88 -8.74 5.74
C VAL E 200 15.58 -9.41 6.91
N LEU E 201 16.39 -10.43 6.60
CA LEU E 201 17.11 -11.17 7.63
C LEU E 201 18.57 -11.31 7.28
N THR E 202 19.42 -11.28 8.30
CA THR E 202 20.84 -11.46 8.08
C THR E 202 21.16 -12.83 8.68
N GLY E 203 22.18 -13.49 8.16
CA GLY E 203 22.53 -14.81 8.64
C GLY E 203 21.91 -15.80 7.70
N LYS E 204 21.63 -15.34 6.49
CA LYS E 204 21.03 -16.18 5.47
C LYS E 204 22.14 -17.09 4.95
N ASN E 205 21.77 -18.26 4.41
CA ASN E 205 22.77 -19.16 3.86
C ASN E 205 23.49 -18.44 2.72
N ILE E 206 24.69 -18.89 2.39
CA ILE E 206 25.46 -18.26 1.33
C ILE E 206 24.84 -18.38 -0.07
N LYS E 207 24.09 -19.46 -0.30
CA LYS E 207 23.45 -19.69 -1.61
C LYS E 207 22.39 -18.60 -1.93
N TRP E 208 21.78 -18.01 -0.92
CA TRP E 208 20.75 -17.00 -1.14
C TRP E 208 20.89 -15.73 -0.31
N GLY E 209 21.81 -14.85 -0.70
CA GLY E 209 22.01 -13.60 0.00
C GLY E 209 22.85 -13.59 1.28
N GLY E 210 23.46 -14.73 1.62
CA GLY E 210 24.28 -14.77 2.82
C GLY E 210 25.60 -14.07 2.57
N SER E 211 26.41 -13.94 3.61
CA SER E 211 27.71 -13.28 3.48
C SER E 211 28.88 -14.18 3.87
N ASN E 212 30.07 -13.85 3.38
CA ASN E 212 31.24 -14.63 3.74
C ASN E 212 31.75 -14.14 5.08
N ILE E 213 32.40 -15.02 5.84
CA ILE E 213 32.96 -14.63 7.14
C ILE E 213 31.91 -14.53 8.25
N ARG E 214 30.68 -14.92 7.93
CA ARG E 214 29.63 -14.85 8.94
C ARG E 214 29.98 -15.68 10.19
N ALA E 215 30.47 -16.89 9.96
CA ALA E 215 30.83 -17.80 11.06
C ALA E 215 32.01 -17.25 11.88
N GLU E 216 33.11 -16.97 11.20
CA GLU E 216 34.31 -16.48 11.84
C GLU E 216 34.17 -15.06 12.39
N ALA E 217 33.27 -14.30 11.78
CA ALA E 217 33.00 -12.91 12.15
C ALA E 217 33.36 -12.43 13.56
N THR E 218 32.60 -12.87 14.56
CA THR E 218 32.84 -12.44 15.93
C THR E 218 34.26 -12.73 16.48
N GLY E 219 34.70 -13.98 16.35
CA GLY E 219 36.03 -14.35 16.81
C GLY E 219 37.11 -13.50 16.18
N TYR E 220 37.11 -13.42 14.86
CA TYR E 220 38.08 -12.62 14.14
C TYR E 220 38.07 -11.20 14.67
N GLY E 221 36.88 -10.70 14.92
CA GLY E 221 36.72 -9.34 15.42
C GLY E 221 37.42 -9.09 16.74
N VAL E 222 37.22 -10.01 17.69
CA VAL E 222 37.86 -9.88 18.99
C VAL E 222 39.39 -9.77 18.84
N VAL E 223 39.97 -10.61 17.98
CA VAL E 223 41.41 -10.56 17.75
C VAL E 223 41.80 -9.21 17.12
N TYR E 224 41.07 -8.79 16.08
CA TYR E 224 41.34 -7.53 15.43
C TYR E 224 41.28 -6.38 16.42
N PHE E 225 40.32 -6.44 17.36
CA PHE E 225 40.21 -5.38 18.34
C PHE E 225 41.48 -5.31 19.18
N ALA E 226 41.89 -6.47 19.69
CA ALA E 226 43.10 -6.56 20.50
C ALA E 226 44.33 -6.13 19.68
N GLU E 227 44.40 -6.59 18.43
CA GLU E 227 45.53 -6.25 17.59
C GLU E 227 45.67 -4.74 17.47
N ASN E 228 44.55 -4.03 17.60
CA ASN E 228 44.56 -2.57 17.52
C ASN E 228 45.05 -1.92 18.80
N VAL E 229 44.68 -2.53 19.94
CA VAL E 229 45.10 -2.02 21.25
C VAL E 229 46.62 -2.13 21.31
N LEU E 230 47.14 -3.26 20.80
CA LEU E 230 48.56 -3.50 20.80
C LEU E 230 49.32 -2.55 19.89
N LYS E 231 48.88 -2.41 18.63
CA LYS E 231 49.56 -1.52 17.69
C LYS E 231 49.70 -0.09 18.23
N ASP E 232 48.84 0.28 19.18
CA ASP E 232 48.91 1.62 19.78
C ASP E 232 49.87 1.57 20.98
N LEU E 233 50.73 0.56 20.97
CA LEU E 233 51.76 0.35 21.99
C LEU E 233 53.01 -0.19 21.29
N ASN E 234 53.15 0.18 20.01
CA ASN E 234 54.27 -0.22 19.16
C ASN E 234 54.57 -1.71 19.21
N ASP E 235 53.55 -2.51 19.54
CA ASP E 235 53.68 -3.95 19.65
C ASP E 235 52.56 -4.64 18.84
N ASN E 236 52.72 -5.94 18.60
CA ASN E 236 51.72 -6.70 17.86
C ASN E 236 51.46 -8.03 18.55
N LEU E 237 50.67 -8.90 17.92
CA LEU E 237 50.35 -10.19 18.51
C LEU E 237 51.42 -11.25 18.40
N GLU E 238 52.34 -11.07 17.47
CA GLU E 238 53.42 -12.03 17.26
C GLU E 238 54.11 -12.51 18.53
N ASN E 239 54.07 -13.83 18.74
CA ASN E 239 54.69 -14.48 19.89
C ASN E 239 54.16 -14.07 21.27
N LYS E 240 52.84 -14.09 21.45
CA LYS E 240 52.26 -13.74 22.76
C LYS E 240 51.53 -14.97 23.32
N LYS E 241 51.68 -15.28 24.61
CA LYS E 241 50.99 -16.45 25.21
C LYS E 241 49.50 -16.14 25.50
N CYS E 242 48.58 -17.00 25.06
CA CYS E 242 47.14 -16.75 25.25
C CYS E 242 46.26 -17.79 25.95
N LEU E 243 45.49 -17.30 26.93
CA LEU E 243 44.59 -18.11 27.75
C LEU E 243 43.13 -18.09 27.28
N VAL E 244 42.87 -18.57 26.08
CA VAL E 244 41.50 -18.58 25.56
C VAL E 244 40.54 -19.52 26.28
N SER E 245 39.36 -19.02 26.61
CA SER E 245 38.36 -19.84 27.29
C SER E 245 37.21 -20.18 26.38
N GLY E 246 36.75 -21.41 26.50
CA GLY E 246 35.63 -21.85 25.70
C GLY E 246 36.12 -22.54 24.44
N SER E 247 35.19 -23.23 23.77
CA SER E 247 35.51 -23.94 22.55
C SER E 247 34.32 -23.81 21.62
N GLY E 248 33.52 -22.78 21.86
CA GLY E 248 32.35 -22.53 21.03
C GLY E 248 32.75 -21.94 19.68
N ASN E 249 31.76 -21.41 18.97
CA ASN E 249 32.01 -20.82 17.67
C ASN E 249 33.04 -19.69 17.75
N VAL E 250 32.77 -18.75 18.66
CA VAL E 250 33.65 -17.60 18.87
C VAL E 250 35.07 -18.04 19.21
N ALA E 251 35.18 -18.86 20.25
CA ALA E 251 36.47 -19.36 20.72
C ALA E 251 37.32 -19.95 19.59
N GLN E 252 36.70 -20.82 18.80
CA GLN E 252 37.39 -21.46 17.70
C GLN E 252 38.04 -20.51 16.72
N TYR E 253 37.23 -19.66 16.11
CA TYR E 253 37.75 -18.72 15.13
C TYR E 253 38.68 -17.68 15.72
N LEU E 254 38.52 -17.42 17.03
CA LEU E 254 39.39 -16.48 17.72
C LEU E 254 40.80 -17.09 17.65
N VAL E 255 40.89 -18.36 18.06
CA VAL E 255 42.14 -19.11 18.05
C VAL E 255 42.71 -19.19 16.63
N GLU E 256 41.86 -19.53 15.66
CA GLU E 256 42.30 -19.63 14.29
C GLU E 256 42.99 -18.34 13.81
N LYS E 257 42.40 -17.19 14.12
CA LYS E 257 43.00 -15.92 13.71
C LYS E 257 44.27 -15.67 14.52
N LEU E 258 44.21 -15.93 15.83
CA LEU E 258 45.38 -15.74 16.69
C LEU E 258 46.57 -16.53 16.13
N ILE E 259 46.38 -17.84 15.99
CA ILE E 259 47.43 -18.71 15.46
C ILE E 259 48.02 -18.06 14.20
N GLU E 260 47.15 -17.81 13.23
CA GLU E 260 47.53 -17.22 11.95
C GLU E 260 48.40 -15.96 12.07
N LYS E 261 48.29 -15.24 13.19
CA LYS E 261 49.08 -14.02 13.38
C LYS E 261 50.44 -14.32 14.00
N GLY E 262 50.53 -14.16 15.31
CA GLY E 262 51.78 -14.43 16.01
C GLY E 262 51.72 -15.74 16.77
N ALA E 263 50.50 -16.24 17.00
CA ALA E 263 50.29 -17.50 17.69
C ALA E 263 50.65 -17.52 19.18
N ILE E 264 50.83 -18.75 19.67
CA ILE E 264 51.17 -19.08 21.06
C ILE E 264 49.93 -19.08 21.94
N VAL E 265 48.86 -19.64 21.38
CA VAL E 265 47.60 -19.78 22.09
C VAL E 265 47.81 -21.05 22.92
N LEU E 266 47.75 -20.91 24.24
CA LEU E 266 47.99 -22.02 25.15
C LEU E 266 46.82 -22.87 25.59
N THR E 267 45.62 -22.28 25.64
CA THR E 267 44.49 -23.05 26.13
C THR E 267 43.14 -22.88 25.42
N MET E 268 42.19 -23.73 25.82
CA MET E 268 40.81 -23.74 25.32
C MET E 268 39.94 -24.45 26.35
N SER E 269 39.02 -23.71 26.94
CA SER E 269 38.14 -24.24 27.98
C SER E 269 37.01 -25.10 27.45
N ASP E 270 36.19 -25.60 28.38
CA ASP E 270 35.06 -26.47 28.08
C ASP E 270 34.08 -26.29 29.24
N SER E 271 32.86 -26.82 29.10
CA SER E 271 31.85 -26.71 30.16
C SER E 271 32.30 -27.36 31.48
N ASN E 272 33.44 -28.06 31.42
CA ASN E 272 34.01 -28.71 32.59
C ASN E 272 35.46 -29.12 32.31
N GLY E 273 36.41 -28.25 32.68
CA GLY E 273 37.82 -28.53 32.47
C GLY E 273 38.37 -27.86 31.23
N TYR E 274 39.67 -27.65 31.20
CA TYR E 274 40.29 -27.00 30.05
C TYR E 274 41.46 -27.82 29.52
N ILE E 275 42.09 -27.33 28.47
CA ILE E 275 43.22 -28.02 27.88
C ILE E 275 44.46 -27.11 27.78
N LEU E 276 45.62 -27.71 28.01
CA LEU E 276 46.87 -26.98 27.92
C LEU E 276 47.63 -27.49 26.70
N GLU E 277 48.66 -26.76 26.30
CA GLU E 277 49.43 -27.14 25.13
C GLU E 277 50.62 -26.22 25.00
N PRO E 278 51.68 -26.44 25.81
CA PRO E 278 52.87 -25.59 25.73
C PRO E 278 53.36 -25.53 24.29
N ASN E 279 53.93 -24.38 23.92
CA ASN E 279 54.43 -24.11 22.56
C ASN E 279 53.27 -23.73 21.64
N GLY E 280 52.07 -23.64 22.22
CA GLY E 280 50.85 -23.27 21.52
C GLY E 280 50.25 -24.29 20.57
N PHE E 281 48.98 -24.08 20.19
CA PHE E 281 48.33 -24.99 19.26
C PHE E 281 48.86 -24.68 17.87
N THR E 282 48.44 -25.48 16.89
CA THR E 282 48.86 -25.26 15.51
C THR E 282 47.65 -25.41 14.61
N LYS E 283 47.72 -24.81 13.43
CA LYS E 283 46.63 -24.86 12.46
C LYS E 283 45.98 -26.25 12.51
N GLU E 284 46.79 -27.28 12.27
CA GLU E 284 46.32 -28.65 12.25
C GLU E 284 45.54 -29.06 13.51
N GLN E 285 46.12 -28.83 14.68
CA GLN E 285 45.48 -29.20 15.94
C GLN E 285 44.11 -28.54 16.13
N LEU E 286 43.98 -27.29 15.69
CA LEU E 286 42.70 -26.58 15.83
C LEU E 286 41.63 -27.28 15.02
N ASN E 287 42.01 -27.79 13.85
CA ASN E 287 41.05 -28.49 13.00
C ASN E 287 40.50 -29.70 13.73
N TYR E 288 41.35 -30.36 14.50
CA TYR E 288 40.92 -31.52 15.26
C TYR E 288 39.89 -31.07 16.28
N ILE E 289 40.26 -30.08 17.09
CA ILE E 289 39.37 -29.57 18.11
C ILE E 289 38.05 -29.12 17.50
N MET E 290 38.13 -28.49 16.32
CA MET E 290 36.93 -28.03 15.62
C MET E 290 36.09 -29.24 15.25
N ASP E 291 36.74 -30.27 14.72
CA ASP E 291 36.06 -31.50 14.32
C ASP E 291 35.41 -32.13 15.57
N ILE E 292 36.26 -32.51 16.53
CA ILE E 292 35.81 -33.12 17.77
C ILE E 292 34.64 -32.37 18.39
N LYS E 293 34.71 -31.04 18.33
CA LYS E 293 33.69 -30.18 18.91
C LYS E 293 32.41 -29.91 18.10
N ASN E 294 32.57 -29.57 16.81
CA ASN E 294 31.40 -29.24 15.98
C ASN E 294 30.54 -30.40 15.50
N ASN E 295 31.12 -31.23 14.63
CA ASN E 295 30.42 -32.38 14.04
C ASN E 295 30.12 -33.47 15.06
N GLN E 296 31.16 -34.22 15.44
CA GLN E 296 31.01 -35.31 16.40
C GLN E 296 30.12 -35.00 17.60
N ARG E 297 30.04 -33.73 18.00
CA ARG E 297 29.22 -33.34 19.16
C ARG E 297 29.50 -34.23 20.37
N LEU E 298 30.76 -34.28 20.80
CA LEU E 298 31.16 -35.11 21.94
C LEU E 298 32.09 -34.34 22.91
N ARG E 299 31.73 -34.35 24.19
CA ARG E 299 32.48 -33.68 25.26
C ARG E 299 33.94 -33.43 24.84
N LEU E 300 34.42 -32.19 25.00
CA LEU E 300 35.78 -31.84 24.60
C LEU E 300 36.86 -32.74 25.21
N LYS E 301 36.50 -33.50 26.25
CA LYS E 301 37.44 -34.42 26.89
C LYS E 301 38.02 -35.34 25.82
N GLU E 302 37.27 -35.46 24.73
CA GLU E 302 37.65 -36.31 23.62
C GLU E 302 38.96 -35.88 22.93
N TYR E 303 39.40 -34.64 23.17
CA TYR E 303 40.67 -34.18 22.55
C TYR E 303 41.80 -35.01 23.18
N LEU E 304 41.56 -35.49 24.40
CA LEU E 304 42.56 -36.31 25.09
C LEU E 304 42.74 -37.65 24.38
N LYS E 305 41.73 -38.05 23.62
CA LYS E 305 41.82 -39.30 22.86
C LYS E 305 42.29 -38.97 21.44
N TYR E 306 43.05 -37.87 21.33
CA TYR E 306 43.62 -37.43 20.06
C TYR E 306 45.12 -37.26 20.25
N SER E 307 45.62 -36.03 20.15
CA SER E 307 47.05 -35.81 20.33
C SER E 307 47.40 -35.96 21.82
N LYS E 308 48.53 -36.59 22.07
CA LYS E 308 49.02 -36.86 23.42
C LYS E 308 49.47 -35.62 24.20
N THR E 309 50.30 -34.80 23.57
CA THR E 309 50.88 -33.59 24.16
C THR E 309 49.97 -32.64 24.97
N ALA E 310 48.65 -32.86 24.93
CA ALA E 310 47.74 -31.98 25.67
C ALA E 310 47.03 -32.61 26.86
N LYS E 311 47.10 -31.95 28.01
CA LYS E 311 46.47 -32.39 29.26
C LYS E 311 45.00 -32.00 29.24
N TYR E 312 44.40 -31.98 30.43
CA TYR E 312 43.00 -31.61 30.59
C TYR E 312 42.60 -31.69 32.07
N PHE E 313 42.46 -30.52 32.69
CA PHE E 313 42.10 -30.42 34.11
C PHE E 313 40.61 -30.62 34.34
N GLU E 314 40.09 -30.15 35.47
CA GLU E 314 38.68 -30.35 35.74
C GLU E 314 37.99 -29.34 36.66
N ASN E 315 36.73 -29.06 36.31
CA ASN E 315 35.82 -28.13 37.00
C ASN E 315 36.35 -26.71 37.25
N GLN E 316 36.86 -26.08 36.19
CA GLN E 316 37.37 -24.71 36.26
C GLN E 316 38.00 -24.26 34.95
N LYS E 317 38.08 -22.95 34.79
CA LYS E 317 38.67 -22.34 33.59
C LYS E 317 40.16 -22.13 33.87
N PRO E 318 40.97 -21.98 32.81
CA PRO E 318 42.41 -21.77 33.00
C PRO E 318 42.72 -20.33 33.41
N TRP E 319 42.27 -19.95 34.59
CA TRP E 319 42.48 -18.61 35.12
C TRP E 319 43.72 -18.58 36.04
N ASN E 320 44.30 -19.75 36.22
CA ASN E 320 45.47 -19.94 37.06
C ASN E 320 46.77 -19.81 36.25
N ILE E 321 46.87 -20.58 35.18
CA ILE E 321 48.07 -20.57 34.33
C ILE E 321 48.58 -19.16 34.06
N PRO E 322 49.91 -19.01 34.00
CA PRO E 322 50.56 -17.71 33.75
C PRO E 322 50.39 -17.20 32.33
N CYS E 323 49.40 -16.34 32.12
CA CYS E 323 49.15 -15.79 30.80
C CYS E 323 49.17 -14.28 30.80
N ASP E 324 49.41 -13.71 29.62
CA ASP E 324 49.49 -12.26 29.46
C ASP E 324 48.25 -11.64 28.79
N ILE E 325 47.48 -12.45 28.07
CA ILE E 325 46.28 -11.97 27.38
C ILE E 325 45.15 -13.00 27.59
N ALA E 326 44.06 -12.57 28.23
CA ALA E 326 42.93 -13.45 28.52
C ALA E 326 41.66 -13.23 27.70
N PHE E 327 41.19 -14.31 27.07
CA PHE E 327 39.99 -14.29 26.24
C PHE E 327 38.91 -15.21 26.81
N PRO E 328 37.94 -14.65 27.54
CA PRO E 328 36.85 -15.43 28.14
C PRO E 328 35.60 -15.53 27.28
N CYS E 329 35.36 -16.72 26.71
CA CYS E 329 34.19 -16.95 25.87
C CYS E 329 33.34 -18.06 26.46
N ALA E 330 32.31 -17.67 27.22
CA ALA E 330 31.41 -18.63 27.84
C ALA E 330 30.03 -18.02 28.05
N THR E 331 29.81 -17.44 29.24
CA THR E 331 28.54 -16.80 29.57
C THR E 331 28.69 -15.69 30.62
N GLN E 332 27.54 -15.17 31.07
CA GLN E 332 27.45 -14.10 32.07
C GLN E 332 28.45 -14.26 33.24
N ASN E 333 28.94 -13.13 33.75
CA ASN E 333 29.90 -13.11 34.86
C ASN E 333 30.67 -14.43 34.98
N GLU E 334 31.23 -14.83 33.84
CA GLU E 334 32.00 -16.06 33.73
C GLU E 334 33.17 -16.03 34.72
N ILE E 335 33.76 -14.84 34.89
CA ILE E 335 34.88 -14.61 35.80
C ILE E 335 34.40 -13.75 36.97
N ASN E 336 34.95 -14.01 38.15
CA ASN E 336 34.56 -13.26 39.35
C ASN E 336 35.73 -12.62 40.09
N GLU E 337 35.45 -12.26 41.35
CA GLU E 337 36.43 -11.62 42.22
C GLU E 337 37.56 -12.53 42.69
N ASN E 338 37.30 -13.84 42.72
CA ASN E 338 38.31 -14.83 43.15
C ASN E 338 39.32 -15.05 42.02
N ASP E 339 38.80 -15.30 40.82
CA ASP E 339 39.65 -15.52 39.66
C ASP E 339 40.44 -14.24 39.47
N ALA E 340 39.72 -13.13 39.56
CA ALA E 340 40.27 -11.79 39.40
C ALA E 340 41.66 -11.64 39.96
N ASP E 341 41.90 -12.26 41.11
CA ASP E 341 43.21 -12.20 41.75
C ASP E 341 44.23 -13.07 41.02
N LEU E 342 43.85 -14.31 40.70
CA LEU E 342 44.74 -15.21 39.98
C LEU E 342 45.35 -14.41 38.83
N PHE E 343 44.55 -13.50 38.27
CA PHE E 343 45.00 -12.66 37.17
C PHE E 343 45.95 -11.57 37.64
N ILE E 344 45.59 -10.87 38.71
CA ILE E 344 46.45 -9.82 39.26
C ILE E 344 47.79 -10.46 39.58
N GLN E 345 47.72 -11.60 40.28
CA GLN E 345 48.88 -12.37 40.70
C GLN E 345 49.76 -12.86 39.53
N ASN E 346 49.22 -13.72 38.66
CA ASN E 346 49.99 -14.21 37.52
C ASN E 346 50.48 -13.04 36.67
N LYS E 347 49.63 -12.02 36.59
CA LYS E 347 49.85 -10.78 35.85
C LYS E 347 49.51 -10.82 34.37
N CYS E 348 48.21 -10.73 34.07
CA CYS E 348 47.71 -10.70 32.70
C CYS E 348 47.76 -9.22 32.31
N LYS E 349 48.63 -8.86 31.37
CA LYS E 349 48.74 -7.46 30.96
C LYS E 349 47.41 -6.92 30.39
N MET E 350 46.78 -7.69 29.51
CA MET E 350 45.51 -7.29 28.92
C MET E 350 44.48 -8.42 28.85
N ILE E 351 43.21 -8.05 28.93
CA ILE E 351 42.10 -9.01 28.88
C ILE E 351 41.01 -8.56 27.90
N VAL E 352 40.85 -9.32 26.81
CA VAL E 352 39.86 -9.01 25.77
C VAL E 352 38.61 -9.89 25.91
N GLU E 353 37.49 -9.30 26.33
CA GLU E 353 36.24 -10.07 26.51
C GLU E 353 35.66 -10.58 25.19
N GLY E 354 35.42 -11.89 25.12
CA GLY E 354 34.86 -12.48 23.92
C GLY E 354 33.37 -12.72 24.07
N ALA E 355 32.98 -13.32 25.18
CA ALA E 355 31.57 -13.58 25.46
C ALA E 355 31.03 -12.28 26.04
N ASN E 356 29.72 -12.24 26.27
CA ASN E 356 29.13 -11.03 26.84
C ASN E 356 29.33 -10.90 28.34
N MET E 357 30.03 -9.82 28.72
CA MET E 357 30.32 -9.52 30.12
C MET E 357 30.85 -10.72 30.91
N PRO E 358 32.00 -11.27 30.49
CA PRO E 358 32.61 -12.41 31.17
C PRO E 358 33.34 -12.01 32.46
N THR E 359 33.36 -10.71 32.75
CA THR E 359 34.02 -10.21 33.96
C THR E 359 33.00 -9.80 35.02
N HIS E 360 33.29 -10.14 36.27
CA HIS E 360 32.40 -9.78 37.38
C HIS E 360 32.59 -8.32 37.76
N ILE E 361 31.50 -7.66 38.10
CA ILE E 361 31.50 -6.25 38.46
C ILE E 361 32.63 -5.80 39.39
N LYS E 362 32.93 -6.59 40.42
CA LYS E 362 33.99 -6.24 41.36
C LYS E 362 35.38 -6.61 40.87
N ALA E 363 35.44 -7.54 39.91
CA ALA E 363 36.70 -7.98 39.36
C ALA E 363 37.36 -6.88 38.53
N LEU E 364 36.53 -6.06 37.89
CA LEU E 364 37.01 -4.97 37.07
C LEU E 364 37.76 -3.93 37.91
N HIS E 365 37.31 -3.76 39.16
CA HIS E 365 37.94 -2.80 40.05
C HIS E 365 39.43 -3.08 40.26
N LYS E 366 39.75 -4.28 40.75
CA LYS E 366 41.14 -4.63 41.00
C LYS E 366 41.99 -4.55 39.72
N LEU E 367 41.45 -5.05 38.62
CA LEU E 367 42.15 -5.05 37.34
C LEU E 367 42.54 -3.65 36.85
N LYS E 368 41.63 -2.69 37.04
CA LYS E 368 41.87 -1.31 36.62
C LYS E 368 42.89 -0.59 37.52
N GLN E 369 42.84 -0.90 38.82
CA GLN E 369 43.77 -0.32 39.79
C GLN E 369 45.13 -1.00 39.75
N ASN E 370 45.32 -1.87 38.75
CA ASN E 370 46.57 -2.61 38.58
C ASN E 370 47.11 -2.42 37.15
N ASN E 371 46.57 -1.41 36.47
CA ASN E 371 46.94 -1.08 35.09
C ASN E 371 46.95 -2.25 34.11
N ILE E 372 45.84 -3.01 34.10
CA ILE E 372 45.65 -4.15 33.21
C ILE E 372 44.53 -3.79 32.22
N ILE E 373 44.89 -3.61 30.95
CA ILE E 373 43.93 -3.24 29.93
C ILE E 373 42.76 -4.20 29.81
N LEU E 374 41.55 -3.66 29.95
CA LEU E 374 40.34 -4.46 29.85
C LEU E 374 39.47 -4.00 28.65
N CYS E 375 39.24 -4.91 27.71
CA CYS E 375 38.44 -4.61 26.51
C CYS E 375 36.99 -4.99 26.75
N PRO E 376 36.08 -4.03 26.57
CA PRO E 376 34.63 -4.23 26.74
C PRO E 376 34.09 -5.23 25.72
N SER E 377 33.27 -6.18 26.16
CA SER E 377 32.72 -7.15 25.21
C SER E 377 31.84 -6.37 24.23
N LYS E 378 31.15 -5.34 24.73
CA LYS E 378 30.28 -4.51 23.91
C LYS E 378 30.97 -4.06 22.64
N ALA E 379 32.28 -3.85 22.71
CA ALA E 379 33.05 -3.40 21.55
C ALA E 379 33.88 -4.52 20.91
N ALA E 380 34.58 -5.29 21.72
CA ALA E 380 35.44 -6.36 21.23
C ALA E 380 34.76 -7.41 20.35
N ASN E 381 33.56 -7.84 20.72
CA ASN E 381 32.88 -8.85 19.92
C ASN E 381 31.79 -8.31 18.97
N ALA E 382 31.79 -6.99 18.77
CA ALA E 382 30.80 -6.38 17.89
C ALA E 382 31.07 -6.81 16.46
N GLY E 383 32.14 -7.56 16.26
CA GLY E 383 32.48 -8.02 14.92
C GLY E 383 31.33 -8.74 14.24
N GLY E 384 30.56 -9.50 15.02
CA GLY E 384 29.44 -10.25 14.47
C GLY E 384 28.35 -9.34 13.93
N VAL E 385 27.92 -8.41 14.76
CA VAL E 385 26.89 -7.44 14.38
C VAL E 385 27.36 -6.62 13.18
N ALA E 386 28.66 -6.33 13.13
CA ALA E 386 29.21 -5.55 12.02
C ALA E 386 29.10 -6.29 10.69
N VAL E 387 29.47 -7.58 10.66
CA VAL E 387 29.41 -8.35 9.42
C VAL E 387 27.98 -8.45 8.91
N SER E 388 27.01 -8.55 9.82
CA SER E 388 25.61 -8.64 9.41
C SER E 388 25.20 -7.33 8.74
N GLY E 389 25.86 -6.24 9.11
CA GLY E 389 25.56 -4.96 8.49
C GLY E 389 26.10 -4.98 7.07
N LEU E 390 27.19 -5.72 6.87
CA LEU E 390 27.81 -5.85 5.56
C LEU E 390 26.97 -6.78 4.69
N GLU E 391 26.29 -7.75 5.33
CA GLU E 391 25.43 -8.65 4.60
C GLU E 391 24.34 -7.76 3.98
N MET E 392 23.83 -6.84 4.80
CA MET E 392 22.80 -5.92 4.33
C MET E 392 23.30 -5.12 3.14
N SER E 393 24.56 -4.69 3.20
CA SER E 393 25.11 -3.90 2.11
C SER E 393 25.22 -4.73 0.85
N GLN E 394 25.77 -5.94 0.99
CA GLN E 394 25.91 -6.80 -0.17
C GLN E 394 24.54 -7.07 -0.77
N ASN E 395 23.54 -7.32 0.08
CA ASN E 395 22.20 -7.59 -0.42
C ASN E 395 21.68 -6.43 -1.24
N SER E 396 21.93 -5.21 -0.77
CA SER E 396 21.49 -4.03 -1.50
C SER E 396 22.23 -3.87 -2.83
N MET E 397 23.50 -4.26 -2.85
CA MET E 397 24.31 -4.15 -4.05
C MET E 397 24.08 -5.30 -5.00
N ARG E 398 23.37 -6.32 -4.51
CA ARG E 398 23.07 -7.50 -5.31
C ARG E 398 24.32 -8.25 -5.75
N LEU E 399 25.33 -8.22 -4.88
CA LEU E 399 26.61 -8.87 -5.12
C LEU E 399 27.11 -9.54 -3.84
N GLN E 400 28.09 -10.41 -3.97
CA GLN E 400 28.67 -11.05 -2.81
C GLN E 400 30.17 -10.84 -2.81
N TRP E 401 30.67 -10.16 -1.79
CA TRP E 401 32.10 -9.91 -1.70
C TRP E 401 32.84 -11.18 -1.35
N THR E 402 34.11 -11.24 -1.76
CA THR E 402 34.92 -12.42 -1.50
C THR E 402 35.29 -12.52 -0.04
N HIS E 403 35.57 -13.75 0.40
CA HIS E 403 35.98 -14.02 1.79
C HIS E 403 37.04 -12.97 2.14
N GLN E 404 37.91 -12.72 1.18
CA GLN E 404 38.98 -11.75 1.33
C GLN E 404 38.45 -10.35 1.65
N GLU E 405 37.71 -9.77 0.71
CA GLU E 405 37.12 -8.43 0.83
C GLU E 405 36.37 -8.18 2.12
N THR E 406 35.39 -9.04 2.40
CA THR E 406 34.58 -8.91 3.61
C THR E 406 35.45 -8.83 4.86
N ASP E 407 36.54 -9.61 4.90
CA ASP E 407 37.45 -9.60 6.04
C ASP E 407 38.05 -8.22 6.23
N MET E 408 38.69 -7.70 5.19
CA MET E 408 39.29 -6.37 5.26
C MET E 408 38.32 -5.33 5.85
N LYS E 409 37.09 -5.31 5.34
CA LYS E 409 36.08 -4.38 5.84
C LYS E 409 35.94 -4.55 7.35
N LEU E 410 35.84 -5.80 7.80
CA LEU E 410 35.70 -6.08 9.23
C LEU E 410 36.88 -5.55 10.05
N GLN E 411 38.08 -5.61 9.47
CA GLN E 411 39.27 -5.12 10.13
C GLN E 411 39.21 -3.61 10.34
N ASN E 412 38.69 -2.87 9.36
CA ASN E 412 38.58 -1.42 9.49
C ASN E 412 37.49 -1.06 10.48
N ILE E 413 36.42 -1.86 10.48
CA ILE E 413 35.33 -1.61 11.39
C ILE E 413 35.84 -1.81 12.80
N MET E 414 36.61 -2.87 13.01
CA MET E 414 37.17 -3.15 14.33
C MET E 414 38.11 -2.01 14.74
N LYS E 415 38.97 -1.59 13.81
CA LYS E 415 39.92 -0.50 14.07
C LYS E 415 39.17 0.75 14.51
N SER E 416 38.07 1.06 13.80
CA SER E 416 37.26 2.23 14.14
C SER E 416 36.62 2.06 15.51
N ILE E 417 36.07 0.89 15.78
CA ILE E 417 35.46 0.67 17.07
C ILE E 417 36.49 0.95 18.17
N TYR E 418 37.73 0.52 17.96
CA TYR E 418 38.77 0.75 18.94
C TYR E 418 39.05 2.25 19.11
N GLU E 419 39.33 2.93 17.99
CA GLU E 419 39.62 4.34 18.05
C GLU E 419 38.56 5.14 18.82
N GLN E 420 37.29 4.82 18.62
CA GLN E 420 36.24 5.54 19.32
C GLN E 420 36.28 5.36 20.83
N CYS E 421 36.55 4.16 21.28
CA CYS E 421 36.63 3.92 22.71
C CYS E 421 37.82 4.69 23.27
N HIS E 422 38.95 4.54 22.58
CA HIS E 422 40.18 5.20 22.96
C HIS E 422 40.01 6.72 23.04
N ASN E 423 39.69 7.36 21.91
CA ASN E 423 39.50 8.81 21.87
C ASN E 423 38.41 9.35 22.79
N THR E 424 37.26 8.68 22.79
CA THR E 424 36.15 9.14 23.63
C THR E 424 36.53 9.13 25.11
N SER E 425 37.01 7.99 25.59
CA SER E 425 37.38 7.88 26.99
C SER E 425 38.46 8.90 27.33
N LYS E 426 39.35 9.18 26.39
CA LYS E 426 40.42 10.15 26.61
C LYS E 426 39.79 11.54 26.80
N ILE E 427 38.99 11.96 25.84
CA ILE E 427 38.35 13.26 25.89
C ILE E 427 37.46 13.49 27.11
N TYR E 428 36.78 12.44 27.60
CA TYR E 428 35.87 12.60 28.74
C TYR E 428 36.41 12.21 30.11
N LEU E 429 37.48 11.42 30.15
CA LEU E 429 38.05 11.00 31.43
C LEU E 429 39.53 11.42 31.58
N ASN E 430 40.05 12.02 30.50
CA ASN E 430 41.43 12.48 30.43
C ASN E 430 42.42 11.32 30.27
N GLU E 431 41.96 10.12 30.62
CA GLU E 431 42.77 8.91 30.48
C GLU E 431 42.15 7.99 29.41
N SER E 432 42.85 6.90 29.07
CA SER E 432 42.35 5.96 28.07
C SER E 432 41.68 4.75 28.71
N ASP E 433 40.38 4.86 28.95
CA ASP E 433 39.58 3.79 29.54
C ASP E 433 38.65 3.21 28.47
N LEU E 434 39.00 2.02 27.95
CA LEU E 434 38.20 1.38 26.90
C LEU E 434 36.76 1.07 27.29
N VAL E 435 36.56 0.60 28.50
CA VAL E 435 35.22 0.27 28.95
C VAL E 435 34.26 1.46 28.98
N ALA E 436 34.68 2.57 29.58
CA ALA E 436 33.84 3.76 29.64
C ALA E 436 33.73 4.33 28.24
N GLY E 437 34.85 4.27 27.52
CA GLY E 437 34.88 4.79 26.16
C GLY E 437 33.79 4.18 25.31
N ALA E 438 33.67 2.86 25.37
CA ALA E 438 32.66 2.13 24.60
C ALA E 438 31.26 2.65 24.92
N ASN E 439 30.94 2.75 26.21
CA ASN E 439 29.63 3.23 26.62
C ASN E 439 29.34 4.66 26.20
N ILE E 440 30.25 5.57 26.54
CA ILE E 440 30.05 6.96 26.19
C ILE E 440 29.92 7.14 24.69
N ALA E 441 30.88 6.61 23.94
CA ALA E 441 30.86 6.73 22.47
C ALA E 441 29.56 6.18 21.89
N GLY E 442 29.23 4.95 22.28
CA GLY E 442 28.02 4.32 21.79
C GLY E 442 26.77 5.16 22.05
N PHE E 443 26.63 5.64 23.28
CA PHE E 443 25.49 6.46 23.68
C PHE E 443 25.44 7.81 22.98
N LEU E 444 26.58 8.50 22.94
CA LEU E 444 26.60 9.81 22.32
C LEU E 444 26.16 9.87 20.88
N LYS E 445 26.63 8.93 20.06
CA LYS E 445 26.20 8.96 18.65
C LYS E 445 24.68 8.93 18.56
N VAL E 446 24.05 8.05 19.33
CA VAL E 446 22.61 7.94 19.36
C VAL E 446 21.94 9.20 19.92
N ALA E 447 22.39 9.61 21.11
CA ALA E 447 21.83 10.77 21.80
C ALA E 447 21.83 12.04 20.97
N ASP E 448 22.96 12.30 20.32
CA ASP E 448 23.06 13.50 19.49
C ASP E 448 22.14 13.43 18.29
N SER E 449 22.25 12.34 17.54
CA SER E 449 21.40 12.14 16.37
C SER E 449 19.93 12.31 16.75
N PHE E 450 19.57 11.74 17.91
CA PHE E 450 18.22 11.83 18.46
C PHE E 450 17.82 13.31 18.51
N LEU E 451 18.67 14.12 19.13
CA LEU E 451 18.39 15.54 19.24
C LEU E 451 18.31 16.22 17.88
N GLU E 452 19.28 15.94 17.02
CA GLU E 452 19.31 16.56 15.69
C GLU E 452 18.04 16.26 14.87
N GLN E 453 17.44 15.09 15.12
CA GLN E 453 16.24 14.68 14.39
C GLN E 453 14.92 15.18 14.94
N GLY E 454 14.97 16.05 15.95
CA GLY E 454 13.74 16.59 16.49
C GLY E 454 13.22 15.93 17.76
N GLY E 455 13.96 14.99 18.32
CA GLY E 455 13.52 14.33 19.54
C GLY E 455 12.33 13.42 19.36
N LEU E 456 12.24 12.77 18.20
CA LEU E 456 11.14 11.85 17.89
C LEU E 456 11.50 10.40 18.28
N LEU F 1 -21.12 3.30 -33.55
CA LEU F 1 -20.33 4.49 -33.07
C LEU F 1 -18.89 4.10 -32.70
N HIS F 2 -18.69 2.85 -32.28
CA HIS F 2 -17.38 2.32 -31.91
C HIS F 2 -17.05 1.11 -32.81
N ASN F 3 -15.81 1.04 -33.31
CA ASN F 3 -15.40 -0.06 -34.20
C ASN F 3 -14.61 -1.18 -33.50
N TYR F 4 -15.20 -2.36 -33.42
CA TYR F 4 -14.54 -3.49 -32.80
C TYR F 4 -14.32 -4.62 -33.80
N GLY F 5 -14.40 -4.29 -35.08
CA GLY F 5 -14.20 -5.30 -36.12
C GLY F 5 -15.47 -5.79 -36.78
N TYR F 6 -15.31 -6.68 -37.75
CA TYR F 6 -16.45 -7.24 -38.48
C TYR F 6 -17.27 -6.11 -39.08
N THR F 7 -16.76 -5.48 -40.14
CA THR F 7 -17.49 -4.39 -40.77
C THR F 7 -17.91 -4.72 -42.22
N SER F 8 -17.26 -5.72 -42.82
CA SER F 8 -17.56 -6.12 -44.21
C SER F 8 -19.04 -6.38 -44.45
N THR F 9 -19.42 -6.43 -45.72
CA THR F 9 -20.81 -6.68 -46.11
C THR F 9 -21.22 -8.10 -45.77
N LYS F 10 -20.25 -8.90 -45.30
CA LYS F 10 -20.46 -10.31 -44.92
C LYS F 10 -21.77 -10.61 -44.20
N SER F 11 -22.30 -11.81 -44.41
CA SER F 11 -23.54 -12.19 -43.75
C SER F 11 -23.30 -12.34 -42.25
N VAL F 12 -24.29 -11.93 -41.45
CA VAL F 12 -24.19 -12.05 -40.00
C VAL F 12 -23.69 -13.44 -39.60
N ASP F 13 -24.06 -14.43 -40.42
CA ASP F 13 -23.67 -15.81 -40.19
C ASP F 13 -22.21 -16.08 -40.46
N ASN F 14 -21.64 -15.36 -41.43
CA ASN F 14 -20.24 -15.55 -41.76
C ASN F 14 -19.37 -14.89 -40.73
N GLN F 15 -19.87 -13.83 -40.12
CA GLN F 15 -19.11 -13.13 -39.09
C GLN F 15 -19.11 -14.02 -37.86
N ILE F 16 -20.26 -14.60 -37.56
CA ILE F 16 -20.40 -15.50 -36.41
C ILE F 16 -19.49 -16.69 -36.63
N GLU F 17 -19.29 -17.06 -37.88
CA GLU F 17 -18.44 -18.19 -38.18
C GLU F 17 -16.99 -17.77 -38.03
N GLU F 18 -16.67 -16.57 -38.48
CA GLU F 18 -15.31 -16.06 -38.39
C GLU F 18 -14.91 -15.99 -36.91
N LEU F 19 -15.79 -15.44 -36.09
CA LEU F 19 -15.54 -15.32 -34.67
C LEU F 19 -15.28 -16.70 -34.06
N ARG F 20 -16.23 -17.62 -34.21
CA ARG F 20 -16.09 -18.96 -33.68
C ARG F 20 -14.72 -19.53 -34.01
N GLU F 21 -14.33 -19.39 -35.26
CA GLU F 21 -13.06 -19.90 -35.74
C GLU F 21 -11.91 -19.29 -34.96
N LYS F 22 -11.95 -17.97 -34.80
CA LYS F 22 -10.90 -17.27 -34.09
C LYS F 22 -10.80 -17.65 -32.61
N VAL F 23 -11.94 -17.80 -31.95
CA VAL F 23 -11.97 -18.17 -30.54
C VAL F 23 -11.47 -19.60 -30.34
N VAL F 24 -11.84 -20.49 -31.24
CA VAL F 24 -11.42 -21.88 -31.14
C VAL F 24 -9.91 -22.02 -31.32
N SER F 25 -9.36 -21.40 -32.36
CA SER F 25 -7.92 -21.50 -32.62
C SER F 25 -7.06 -21.05 -31.45
N LYS F 26 -7.54 -20.06 -30.69
CA LYS F 26 -6.78 -19.55 -29.54
C LYS F 26 -6.96 -20.42 -28.29
N ASN F 27 -8.01 -21.23 -28.28
CA ASN F 27 -8.28 -22.10 -27.14
C ASN F 27 -8.48 -23.54 -27.57
N LYS F 28 -7.65 -23.98 -28.52
CA LYS F 28 -7.72 -25.34 -29.07
C LYS F 28 -8.06 -26.46 -28.08
N ASN F 29 -7.35 -26.51 -26.96
CA ASN F 29 -7.56 -27.60 -26.01
C ASN F 29 -8.37 -27.33 -24.75
N GLU F 30 -9.37 -26.47 -24.86
CA GLU F 30 -10.22 -26.18 -23.71
C GLU F 30 -11.65 -26.50 -24.17
N PRO F 31 -11.97 -27.80 -24.28
CA PRO F 31 -13.29 -28.29 -24.70
C PRO F 31 -14.44 -27.71 -23.90
N GLU F 32 -14.37 -27.85 -22.58
CA GLU F 32 -15.41 -27.36 -21.68
C GLU F 32 -15.69 -25.90 -21.94
N PHE F 33 -14.63 -25.11 -22.11
CA PHE F 33 -14.80 -23.69 -22.35
C PHE F 33 -15.39 -23.44 -23.72
N LEU F 34 -14.75 -23.97 -24.76
CA LEU F 34 -15.24 -23.77 -26.12
C LEU F 34 -16.70 -24.16 -26.27
N GLN F 35 -17.15 -25.15 -25.51
CA GLN F 35 -18.53 -25.58 -25.60
C GLN F 35 -19.48 -24.59 -24.97
N ALA F 36 -19.14 -24.11 -23.78
CA ALA F 36 -19.97 -23.14 -23.09
C ALA F 36 -20.00 -21.84 -23.90
N PHE F 37 -18.97 -21.63 -24.72
CA PHE F 37 -18.91 -20.45 -25.56
C PHE F 37 -19.84 -20.62 -26.75
N GLU F 38 -19.59 -21.64 -27.57
CA GLU F 38 -20.42 -21.89 -28.75
C GLU F 38 -21.89 -21.92 -28.37
N GLU F 39 -22.15 -22.10 -27.08
CA GLU F 39 -23.51 -22.15 -26.57
C GLU F 39 -24.13 -20.75 -26.40
N VAL F 40 -23.41 -19.87 -25.72
CA VAL F 40 -23.87 -18.50 -25.50
C VAL F 40 -23.99 -17.81 -26.86
N LEU F 41 -23.09 -18.19 -27.76
CA LEU F 41 -23.01 -17.65 -29.13
C LEU F 41 -24.28 -17.90 -29.93
N SER F 42 -24.86 -19.08 -29.78
CA SER F 42 -26.07 -19.43 -30.50
C SER F 42 -27.22 -18.47 -30.30
N CYS F 43 -27.75 -18.41 -29.07
CA CYS F 43 -28.86 -17.54 -28.81
C CYS F 43 -28.62 -16.04 -29.05
N LEU F 44 -27.37 -15.63 -29.26
CA LEU F 44 -27.07 -14.21 -29.46
C LEU F 44 -27.12 -13.71 -30.90
N LYS F 45 -27.70 -14.48 -31.81
CA LYS F 45 -27.76 -14.05 -33.21
C LYS F 45 -28.68 -12.84 -33.46
N PRO F 46 -29.84 -12.78 -32.77
CA PRO F 46 -30.76 -11.66 -32.94
C PRO F 46 -30.13 -10.31 -32.64
N VAL F 47 -29.36 -10.25 -31.56
CA VAL F 47 -28.69 -9.01 -31.17
C VAL F 47 -27.57 -8.66 -32.15
N PHE F 48 -26.91 -9.68 -32.70
CA PHE F 48 -25.83 -9.44 -33.67
C PHE F 48 -26.42 -8.72 -34.87
N LYS F 49 -27.61 -9.12 -35.27
CA LYS F 49 -28.27 -8.50 -36.42
C LYS F 49 -28.58 -7.02 -36.15
N LYS F 50 -28.92 -6.69 -34.91
CA LYS F 50 -29.23 -5.30 -34.57
C LYS F 50 -27.97 -4.42 -34.65
N ASP F 51 -26.81 -5.00 -34.35
CA ASP F 51 -25.55 -4.25 -34.40
C ASP F 51 -24.34 -5.19 -34.41
N ASN F 52 -23.46 -4.99 -35.39
CA ASN F 52 -22.26 -5.83 -35.51
C ASN F 52 -21.32 -5.69 -34.32
N VAL F 53 -21.26 -4.48 -33.78
CA VAL F 53 -20.39 -4.20 -32.65
C VAL F 53 -20.33 -5.34 -31.66
N TYR F 54 -21.50 -5.85 -31.28
CA TYR F 54 -21.59 -6.94 -30.31
C TYR F 54 -20.77 -8.18 -30.63
N ILE F 55 -20.51 -8.44 -31.91
CA ILE F 55 -19.72 -9.61 -32.26
C ILE F 55 -18.30 -9.39 -31.76
N GLY F 56 -17.78 -8.18 -31.98
CA GLY F 56 -16.44 -7.87 -31.51
C GLY F 56 -16.40 -7.84 -30.00
N VAL F 57 -17.38 -7.17 -29.39
CA VAL F 57 -17.46 -7.07 -27.95
C VAL F 57 -17.42 -8.48 -27.35
N LEU F 58 -18.15 -9.42 -27.94
CA LEU F 58 -18.18 -10.78 -27.42
C LEU F 58 -16.79 -11.41 -27.47
N GLU F 59 -16.07 -11.19 -28.57
CA GLU F 59 -14.73 -11.75 -28.70
C GLU F 59 -13.89 -11.27 -27.54
N ASN F 60 -14.04 -10.00 -27.21
CA ASN F 60 -13.30 -9.38 -26.12
C ASN F 60 -13.71 -9.97 -24.77
N ILE F 61 -15.01 -9.98 -24.49
CA ILE F 61 -15.51 -10.50 -23.23
C ILE F 61 -15.17 -11.96 -23.00
N ALA F 62 -14.99 -12.71 -24.08
CA ALA F 62 -14.66 -14.13 -23.98
C ALA F 62 -13.23 -14.33 -23.50
N GLU F 63 -12.44 -13.27 -23.48
CA GLU F 63 -11.06 -13.33 -23.05
C GLU F 63 -10.97 -12.87 -21.60
N PRO F 64 -10.67 -13.79 -20.68
CA PRO F 64 -10.57 -13.43 -19.27
C PRO F 64 -9.80 -12.15 -19.07
N GLU F 65 -10.35 -11.24 -18.28
CA GLU F 65 -9.68 -9.99 -18.00
C GLU F 65 -8.30 -10.32 -17.45
N ARG F 66 -8.25 -11.34 -16.60
CA ARG F 66 -7.01 -11.79 -16.01
C ARG F 66 -7.22 -13.14 -15.38
N VAL F 67 -6.20 -14.00 -15.44
CA VAL F 67 -6.28 -15.33 -14.85
C VAL F 67 -4.98 -15.63 -14.13
N ILE F 68 -5.09 -15.95 -12.85
CA ILE F 68 -3.94 -16.25 -12.01
C ILE F 68 -3.90 -17.71 -11.65
N GLN F 69 -2.76 -18.33 -11.90
CA GLN F 69 -2.57 -19.73 -11.60
C GLN F 69 -1.35 -19.80 -10.69
N PHE F 70 -1.38 -20.68 -9.70
CA PHE F 70 -0.27 -20.76 -8.75
C PHE F 70 -0.10 -22.10 -8.06
N ARG F 71 1.14 -22.42 -7.70
CA ARG F 71 1.46 -23.66 -7.04
C ARG F 71 1.08 -23.54 -5.57
N VAL F 72 0.26 -24.48 -5.08
CA VAL F 72 -0.19 -24.50 -3.68
C VAL F 72 0.43 -25.70 -2.98
N PRO F 73 1.49 -25.47 -2.20
CA PRO F 73 2.17 -26.54 -1.46
C PRO F 73 1.61 -26.75 -0.08
N TRP F 74 1.62 -27.99 0.40
CA TRP F 74 1.13 -28.30 1.75
C TRP F 74 1.72 -29.60 2.28
N ILE F 75 1.76 -29.75 3.60
CA ILE F 75 2.31 -30.95 4.23
C ILE F 75 1.19 -31.81 4.78
N ASN F 76 0.99 -33.01 4.22
CA ASN F 76 -0.07 -33.87 4.72
C ASN F 76 0.30 -34.36 6.12
N ASP F 77 -0.53 -35.20 6.70
CA ASP F 77 -0.29 -35.70 8.04
C ASP F 77 0.86 -36.70 8.22
N LYS F 78 1.29 -37.34 7.14
CA LYS F 78 2.38 -38.30 7.22
C LYS F 78 3.69 -37.53 7.10
N GLY F 79 3.58 -36.21 7.07
CA GLY F 79 4.76 -35.36 6.96
C GLY F 79 5.28 -35.21 5.54
N GLU F 80 4.47 -35.58 4.56
CA GLU F 80 4.87 -35.47 3.16
C GLU F 80 4.62 -34.08 2.57
N HIS F 81 5.52 -33.64 1.71
CA HIS F 81 5.38 -32.35 1.07
C HIS F 81 4.62 -32.52 -0.22
N LYS F 82 3.33 -32.19 -0.18
CA LYS F 82 2.49 -32.31 -1.34
C LYS F 82 2.40 -30.98 -2.10
N MET F 83 1.74 -31.03 -3.24
CA MET F 83 1.59 -29.85 -4.10
C MET F 83 0.36 -29.97 -4.97
N ASN F 84 -0.28 -28.84 -5.23
CA ASN F 84 -1.48 -28.81 -6.05
C ASN F 84 -1.52 -27.52 -6.84
N ARG F 85 -2.31 -27.50 -7.90
CA ARG F 85 -2.41 -26.33 -8.74
C ARG F 85 -3.67 -25.53 -8.44
N GLY F 86 -3.51 -24.24 -8.15
CA GLY F 86 -4.65 -23.39 -7.84
C GLY F 86 -4.93 -22.40 -8.95
N PHE F 87 -6.20 -22.02 -9.08
CA PHE F 87 -6.59 -21.06 -10.11
C PHE F 87 -7.56 -20.02 -9.60
N ARG F 88 -7.57 -18.88 -10.27
CA ARG F 88 -8.52 -17.80 -10.00
C ARG F 88 -8.64 -17.04 -11.31
N VAL F 89 -9.78 -17.19 -11.97
CA VAL F 89 -10.02 -16.53 -13.24
C VAL F 89 -10.96 -15.37 -12.99
N GLN F 90 -10.43 -14.16 -13.10
CA GLN F 90 -11.22 -12.96 -12.91
C GLN F 90 -11.69 -12.58 -14.30
N TYR F 91 -12.75 -13.26 -14.74
CA TYR F 91 -13.29 -13.09 -16.06
C TYR F 91 -13.78 -11.72 -16.49
N ASN F 92 -14.60 -11.09 -15.67
CA ASN F 92 -15.12 -9.80 -16.06
C ASN F 92 -15.52 -8.98 -14.86
N SER F 93 -15.17 -7.69 -14.86
CA SER F 93 -15.50 -6.81 -13.75
C SER F 93 -16.18 -5.52 -14.24
N VAL F 94 -16.99 -5.65 -15.27
CA VAL F 94 -17.68 -4.50 -15.85
C VAL F 94 -18.86 -4.03 -15.00
N LEU F 95 -19.58 -4.99 -14.42
CA LEU F 95 -20.74 -4.68 -13.62
C LEU F 95 -20.46 -4.63 -12.13
N GLY F 96 -19.29 -5.13 -11.73
CA GLY F 96 -18.91 -5.12 -10.32
C GLY F 96 -17.69 -5.97 -10.06
N PRO F 97 -17.30 -6.15 -8.79
CA PRO F 97 -16.11 -6.97 -8.44
C PRO F 97 -16.32 -8.39 -8.92
N TYR F 98 -15.24 -9.11 -9.20
CA TYR F 98 -15.36 -10.48 -9.67
C TYR F 98 -16.07 -11.31 -8.61
N LYS F 99 -17.13 -12.01 -8.99
CA LYS F 99 -17.86 -12.87 -8.06
C LYS F 99 -17.84 -14.28 -8.61
N GLY F 100 -17.67 -15.27 -7.75
CA GLY F 100 -17.63 -16.64 -8.21
C GLY F 100 -16.98 -17.62 -7.24
N GLY F 101 -17.52 -18.82 -7.18
CA GLY F 101 -17.02 -19.82 -6.26
C GLY F 101 -15.66 -20.43 -6.51
N LEU F 102 -15.25 -21.28 -5.57
CA LEU F 102 -13.98 -22.00 -5.63
C LEU F 102 -14.30 -23.48 -5.61
N ARG F 103 -13.74 -24.23 -6.56
CA ARG F 103 -14.00 -25.65 -6.66
C ARG F 103 -12.76 -26.50 -6.44
N PHE F 104 -12.84 -27.41 -5.48
CA PHE F 104 -11.73 -28.31 -5.21
C PHE F 104 -12.11 -29.69 -5.72
N HIS F 105 -11.57 -30.04 -6.88
CA HIS F 105 -11.87 -31.32 -7.51
C HIS F 105 -10.69 -31.82 -8.34
N PRO F 106 -10.47 -33.14 -8.35
CA PRO F 106 -9.36 -33.74 -9.10
C PRO F 106 -9.43 -33.46 -10.61
N ALA F 107 -10.61 -33.08 -11.08
CA ALA F 107 -10.80 -32.80 -12.50
C ALA F 107 -10.55 -31.34 -12.86
N VAL F 108 -10.40 -30.48 -11.84
CA VAL F 108 -10.18 -29.06 -12.07
C VAL F 108 -8.92 -28.69 -12.85
N ASN F 109 -9.09 -27.77 -13.80
CA ASN F 109 -8.00 -27.24 -14.62
C ASN F 109 -8.46 -25.94 -15.26
N LEU F 110 -7.55 -25.23 -15.91
CA LEU F 110 -7.91 -23.95 -16.51
C LEU F 110 -9.15 -24.01 -17.40
N SER F 111 -9.22 -25.00 -18.29
CA SER F 111 -10.37 -25.12 -19.19
C SER F 111 -11.68 -25.19 -18.43
N VAL F 112 -11.72 -26.07 -17.42
CA VAL F 112 -12.91 -26.24 -16.60
C VAL F 112 -13.32 -24.94 -15.91
N ILE F 113 -12.35 -24.28 -15.32
CA ILE F 113 -12.61 -23.03 -14.61
C ILE F 113 -13.14 -21.95 -15.54
N LYS F 114 -12.50 -21.75 -16.69
CA LYS F 114 -12.95 -20.74 -17.63
C LYS F 114 -14.41 -21.01 -17.99
N PHE F 115 -14.71 -22.26 -18.25
CA PHE F 115 -16.05 -22.67 -18.59
C PHE F 115 -17.03 -22.16 -17.52
N LEU F 116 -16.81 -22.53 -16.26
CA LEU F 116 -17.67 -22.12 -15.16
C LEU F 116 -17.68 -20.60 -14.96
N GLY F 117 -16.51 -20.00 -15.00
CA GLY F 117 -16.38 -18.57 -14.82
C GLY F 117 -17.05 -17.80 -15.92
N PHE F 118 -16.85 -18.24 -17.17
CA PHE F 118 -17.47 -17.57 -18.30
C PHE F 118 -18.98 -17.50 -18.16
N GLU F 119 -19.59 -18.60 -17.74
CA GLU F 119 -21.03 -18.63 -17.57
C GLU F 119 -21.46 -17.75 -16.40
N GLN F 120 -20.62 -17.65 -15.38
CA GLN F 120 -20.93 -16.87 -14.20
C GLN F 120 -21.16 -15.39 -14.52
N ILE F 121 -20.40 -14.88 -15.49
CA ILE F 121 -20.51 -13.48 -15.88
C ILE F 121 -21.96 -13.05 -16.09
N PHE F 122 -22.63 -13.78 -16.99
CA PHE F 122 -24.00 -13.50 -17.38
C PHE F 122 -25.02 -13.88 -16.34
N LYS F 123 -24.78 -14.98 -15.64
CA LYS F 123 -25.69 -15.39 -14.59
C LYS F 123 -25.75 -14.24 -13.58
N ASN F 124 -24.57 -13.78 -13.15
CA ASN F 124 -24.47 -12.66 -12.21
C ASN F 124 -25.15 -11.45 -12.79
N SER F 125 -24.86 -11.17 -14.05
CA SER F 125 -25.43 -10.03 -14.76
C SER F 125 -26.94 -9.87 -14.53
N LEU F 126 -27.69 -10.95 -14.72
CA LEU F 126 -29.14 -10.95 -14.53
C LEU F 126 -29.58 -10.57 -13.13
N THR F 127 -28.79 -10.96 -12.15
CA THR F 127 -29.04 -10.68 -10.75
C THR F 127 -29.54 -9.27 -10.44
N THR F 128 -29.07 -8.28 -11.19
CA THR F 128 -29.44 -6.89 -10.95
C THR F 128 -28.43 -6.27 -9.98
N LEU F 129 -27.80 -7.11 -9.19
CA LEU F 129 -26.81 -6.66 -8.22
C LEU F 129 -25.50 -6.43 -8.97
N PRO F 130 -24.63 -5.56 -8.44
CA PRO F 130 -23.34 -5.26 -9.06
C PRO F 130 -22.30 -6.36 -8.81
N MET F 131 -22.27 -7.35 -9.69
CA MET F 131 -21.31 -8.45 -9.55
C MET F 131 -20.65 -8.84 -10.87
N GLY F 132 -19.32 -8.88 -10.87
CA GLY F 132 -18.61 -9.30 -12.04
C GLY F 132 -18.58 -10.82 -12.02
N GLY F 133 -17.80 -11.43 -12.90
CA GLY F 133 -17.75 -12.88 -12.94
C GLY F 133 -16.36 -13.44 -12.73
N GLY F 134 -16.28 -14.50 -11.96
CA GLY F 134 -15.00 -15.12 -11.71
C GLY F 134 -15.19 -16.56 -11.29
N LYS F 135 -14.08 -17.27 -11.08
CA LYS F 135 -14.15 -18.67 -10.67
C LYS F 135 -12.74 -19.10 -10.30
N GLY F 136 -12.62 -20.01 -9.34
CA GLY F 136 -11.31 -20.46 -8.97
C GLY F 136 -11.41 -21.87 -8.42
N GLY F 137 -10.28 -22.40 -7.96
CA GLY F 137 -10.28 -23.74 -7.40
C GLY F 137 -8.92 -24.39 -7.50
N SER F 138 -8.88 -25.69 -7.28
CA SER F 138 -7.64 -26.44 -7.36
C SER F 138 -7.97 -27.87 -7.75
N ASP F 139 -6.95 -28.61 -8.18
CA ASP F 139 -7.16 -30.01 -8.55
C ASP F 139 -7.03 -30.84 -7.26
N PHE F 140 -6.98 -30.14 -6.14
CA PHE F 140 -6.88 -30.75 -4.83
C PHE F 140 -8.12 -31.62 -4.63
N ASP F 141 -7.94 -32.82 -4.10
CA ASP F 141 -9.07 -33.72 -3.86
C ASP F 141 -9.39 -33.86 -2.39
N PRO F 142 -10.44 -33.19 -1.92
CA PRO F 142 -10.85 -33.25 -0.51
C PRO F 142 -11.09 -34.67 -0.05
N LYS F 143 -11.67 -35.49 -0.93
CA LYS F 143 -11.99 -36.87 -0.61
C LYS F 143 -10.79 -37.68 -0.12
N GLY F 144 -10.91 -38.17 1.11
CA GLY F 144 -9.84 -38.96 1.68
C GLY F 144 -8.95 -38.16 2.59
N LYS F 145 -8.95 -36.84 2.43
CA LYS F 145 -8.09 -36.00 3.27
C LYS F 145 -8.68 -35.91 4.67
N SER F 146 -7.81 -35.70 5.65
CA SER F 146 -8.24 -35.58 7.04
C SER F 146 -8.69 -34.15 7.27
N GLU F 147 -9.35 -33.94 8.40
CA GLU F 147 -9.84 -32.60 8.75
C GLU F 147 -8.66 -31.64 8.79
N ASN F 148 -7.62 -32.08 9.46
CA ASN F 148 -6.42 -31.30 9.62
C ASN F 148 -5.78 -30.93 8.30
N GLU F 149 -5.71 -31.88 7.37
CA GLU F 149 -5.11 -31.62 6.08
C GLU F 149 -5.93 -30.58 5.33
N ILE F 150 -7.26 -30.69 5.38
CA ILE F 150 -8.10 -29.72 4.68
C ILE F 150 -7.76 -28.32 5.17
N LEU F 151 -7.56 -28.19 6.47
CA LEU F 151 -7.21 -26.90 7.04
C LEU F 151 -5.87 -26.42 6.46
N LYS F 152 -4.83 -27.25 6.59
CA LYS F 152 -3.51 -26.89 6.08
C LYS F 152 -3.60 -26.44 4.63
N PHE F 153 -4.37 -27.15 3.81
CA PHE F 153 -4.50 -26.78 2.40
C PHE F 153 -5.15 -25.41 2.25
N CYS F 154 -6.32 -25.23 2.87
CA CYS F 154 -6.99 -23.95 2.78
C CYS F 154 -6.07 -22.79 3.11
N GLN F 155 -5.31 -22.92 4.19
CA GLN F 155 -4.39 -21.87 4.60
C GLN F 155 -3.36 -21.57 3.52
N SER F 156 -2.76 -22.63 2.97
CA SER F 156 -1.78 -22.44 1.93
C SER F 156 -2.48 -21.81 0.72
N PHE F 157 -3.59 -22.40 0.30
CA PHE F 157 -4.33 -21.87 -0.84
C PHE F 157 -4.63 -20.39 -0.68
N MET F 158 -5.07 -19.98 0.51
CA MET F 158 -5.38 -18.57 0.74
C MET F 158 -4.11 -17.70 0.78
N THR F 159 -3.00 -18.25 1.27
CA THR F 159 -1.76 -17.48 1.32
C THR F 159 -1.37 -17.00 -0.08
N ASN F 160 -1.71 -17.77 -1.10
CA ASN F 160 -1.37 -17.38 -2.45
C ASN F 160 -2.42 -16.45 -3.02
N LEU F 161 -3.68 -16.82 -2.85
CA LEU F 161 -4.78 -16.03 -3.36
C LEU F 161 -5.05 -14.68 -2.68
N PHE F 162 -4.81 -14.62 -1.38
CA PHE F 162 -5.08 -13.43 -0.59
C PHE F 162 -4.71 -12.07 -1.16
N ARG F 163 -3.59 -11.99 -1.86
CA ARG F 163 -3.15 -10.72 -2.43
C ARG F 163 -3.95 -10.25 -3.66
N TYR F 164 -4.75 -11.15 -4.25
CA TYR F 164 -5.52 -10.80 -5.45
C TYR F 164 -7.02 -10.68 -5.26
N ILE F 165 -7.49 -10.89 -4.04
CA ILE F 165 -8.93 -10.78 -3.76
C ILE F 165 -9.17 -9.68 -2.74
N GLY F 166 -10.38 -9.16 -2.71
CA GLY F 166 -10.71 -8.10 -1.78
C GLY F 166 -12.17 -7.72 -1.92
N PRO F 167 -12.73 -7.03 -0.90
CA PRO F 167 -14.13 -6.60 -0.87
C PRO F 167 -14.57 -5.86 -2.12
N ASN F 168 -13.66 -5.09 -2.72
CA ASN F 168 -14.02 -4.35 -3.91
C ASN F 168 -13.30 -4.86 -5.14
N THR F 169 -12.72 -6.04 -5.05
CA THR F 169 -12.01 -6.57 -6.20
C THR F 169 -12.52 -7.92 -6.68
N ASP F 170 -12.42 -8.91 -5.80
CA ASP F 170 -12.85 -10.24 -6.12
C ASP F 170 -13.35 -10.93 -4.86
N VAL F 171 -14.63 -11.29 -4.84
CA VAL F 171 -15.22 -11.95 -3.70
C VAL F 171 -15.60 -13.40 -4.00
N PRO F 172 -14.72 -14.35 -3.67
CA PRO F 172 -14.95 -15.79 -3.92
C PRO F 172 -16.06 -16.37 -3.02
N ALA F 173 -16.41 -17.63 -3.26
CA ALA F 173 -17.46 -18.32 -2.50
C ALA F 173 -17.30 -19.85 -2.55
N GLY F 174 -18.24 -20.56 -1.93
CA GLY F 174 -18.19 -22.01 -1.94
C GLY F 174 -18.66 -22.65 -3.24
N ASP F 175 -18.33 -23.93 -3.42
CA ASP F 175 -18.72 -24.68 -4.61
C ASP F 175 -18.36 -26.12 -4.29
N ILE F 176 -18.29 -26.97 -5.31
CA ILE F 176 -17.94 -28.37 -5.08
C ILE F 176 -16.57 -28.50 -4.43
N GLY F 177 -16.53 -29.15 -3.27
CA GLY F 177 -15.27 -29.31 -2.58
C GLY F 177 -14.99 -28.19 -1.58
N VAL F 178 -15.65 -27.06 -1.77
CA VAL F 178 -15.48 -25.92 -0.88
C VAL F 178 -16.81 -25.57 -0.23
N GLY F 179 -17.02 -26.09 0.96
CA GLY F 179 -18.27 -25.82 1.65
C GLY F 179 -18.07 -24.88 2.81
N GLY F 180 -18.99 -24.91 3.78
CA GLY F 180 -18.90 -24.03 4.92
C GLY F 180 -17.61 -24.20 5.71
N ARG F 181 -17.30 -25.45 6.04
CA ARG F 181 -16.10 -25.74 6.80
C ARG F 181 -14.91 -25.06 6.14
N GLU F 182 -14.79 -25.23 4.83
CA GLU F 182 -13.68 -24.65 4.05
C GLU F 182 -13.67 -23.12 4.05
N ILE F 183 -14.83 -22.51 3.84
CA ILE F 183 -14.92 -21.05 3.82
C ILE F 183 -14.51 -20.47 5.18
N GLY F 184 -14.69 -21.26 6.24
CA GLY F 184 -14.29 -20.78 7.55
C GLY F 184 -12.78 -20.67 7.61
N TYR F 185 -12.09 -21.74 7.19
CA TYR F 185 -10.64 -21.77 7.19
C TYR F 185 -10.05 -20.71 6.26
N LEU F 186 -10.62 -20.58 5.07
CA LEU F 186 -10.18 -19.59 4.08
C LEU F 186 -10.28 -18.20 4.64
N PHE F 187 -11.43 -17.91 5.25
CA PHE F 187 -11.67 -16.60 5.85
C PHE F 187 -10.70 -16.35 6.98
N GLY F 188 -10.59 -17.31 7.88
CA GLY F 188 -9.67 -17.18 9.00
C GLY F 188 -8.29 -16.76 8.55
N GLN F 189 -7.73 -17.51 7.61
CA GLN F 189 -6.40 -17.25 7.06
C GLN F 189 -6.32 -15.87 6.41
N TYR F 190 -7.33 -15.53 5.61
CA TYR F 190 -7.35 -14.23 4.93
C TYR F 190 -7.27 -13.11 5.94
N LYS F 191 -8.10 -13.19 6.96
CA LYS F 191 -8.14 -12.18 8.01
C LYS F 191 -6.75 -12.01 8.64
N LYS F 192 -6.10 -13.13 8.96
CA LYS F 192 -4.78 -13.11 9.57
C LYS F 192 -3.76 -12.41 8.69
N LEU F 193 -3.80 -12.69 7.39
CA LEU F 193 -2.84 -12.08 6.46
C LEU F 193 -3.13 -10.60 6.21
N LYS F 194 -4.28 -10.29 5.64
CA LYS F 194 -4.67 -8.91 5.33
C LYS F 194 -4.84 -8.04 6.58
N ASN F 195 -5.05 -8.68 7.73
CA ASN F 195 -5.26 -7.95 8.98
C ASN F 195 -6.47 -7.03 8.88
N SER F 196 -7.64 -7.62 8.67
CA SER F 196 -8.90 -6.88 8.58
C SER F 196 -10.10 -7.81 8.36
N PHE F 197 -11.20 -7.48 9.00
CA PHE F 197 -12.43 -8.23 8.90
C PHE F 197 -13.26 -7.56 7.80
N GLU F 198 -13.43 -8.24 6.68
CA GLU F 198 -14.22 -7.68 5.59
C GLU F 198 -14.81 -8.77 4.72
N GLY F 199 -15.86 -8.44 3.98
CA GLY F 199 -16.51 -9.42 3.13
C GLY F 199 -15.75 -9.89 1.91
N VAL F 200 -14.73 -10.74 2.09
CA VAL F 200 -13.97 -11.26 0.96
C VAL F 200 -14.61 -12.52 0.45
N LEU F 201 -15.35 -13.19 1.33
CA LEU F 201 -16.03 -14.42 0.97
C LEU F 201 -17.50 -14.39 1.36
N THR F 202 -18.35 -14.99 0.54
CA THR F 202 -19.77 -15.09 0.85
C THR F 202 -20.03 -16.56 1.22
N GLY F 203 -21.03 -16.79 2.05
CA GLY F 203 -21.30 -18.14 2.49
C GLY F 203 -20.60 -18.35 3.83
N LYS F 204 -20.34 -17.23 4.51
CA LYS F 204 -19.69 -17.28 5.81
C LYS F 204 -20.76 -17.74 6.80
N ASN F 205 -20.35 -18.29 7.94
CA ASN F 205 -21.30 -18.73 8.95
C ASN F 205 -22.06 -17.50 9.46
N ILE F 206 -23.25 -17.72 10.00
CA ILE F 206 -24.07 -16.63 10.48
C ILE F 206 -23.45 -15.86 11.66
N LYS F 207 -22.64 -16.55 12.47
CA LYS F 207 -21.99 -15.91 13.63
C LYS F 207 -20.99 -14.80 13.22
N TRP F 208 -20.42 -14.92 12.02
CA TRP F 208 -19.46 -13.94 11.56
C TRP F 208 -19.66 -13.45 10.14
N GLY F 209 -20.62 -12.54 9.95
CA GLY F 209 -20.88 -11.97 8.65
C GLY F 209 -21.69 -12.77 7.65
N GLY F 210 -22.27 -13.88 8.07
CA GLY F 210 -23.07 -14.68 7.16
C GLY F 210 -24.42 -14.04 6.97
N SER F 211 -25.22 -14.60 6.07
CA SER F 211 -26.55 -14.06 5.80
C SER F 211 -27.68 -15.07 6.06
N ASN F 212 -28.87 -14.57 6.31
CA ASN F 212 -30.01 -15.47 6.53
C ASN F 212 -30.54 -15.90 5.17
N ILE F 213 -31.17 -17.08 5.11
CA ILE F 213 -31.72 -17.56 3.85
C ILE F 213 -30.67 -18.10 2.88
N ARG F 214 -29.42 -18.20 3.32
CA ARG F 214 -28.36 -18.69 2.44
C ARG F 214 -28.64 -20.12 1.98
N ALA F 215 -29.08 -20.96 2.91
CA ALA F 215 -29.39 -22.35 2.59
C ALA F 215 -30.58 -22.48 1.63
N GLU F 216 -31.71 -21.90 2.04
CA GLU F 216 -32.92 -21.95 1.24
C GLU F 216 -32.86 -21.14 -0.05
N ALA F 217 -31.99 -20.14 -0.06
CA ALA F 217 -31.80 -19.24 -1.19
C ALA F 217 -32.17 -19.74 -2.59
N THR F 218 -31.37 -20.64 -3.14
CA THR F 218 -31.63 -21.16 -4.49
C THR F 218 -33.00 -21.78 -4.72
N GLY F 219 -33.40 -22.69 -3.84
CA GLY F 219 -34.70 -23.33 -3.94
C GLY F 219 -35.84 -22.32 -3.92
N TYR F 220 -35.86 -21.45 -2.92
CA TYR F 220 -36.89 -20.43 -2.81
C TYR F 220 -36.94 -19.63 -4.10
N GLY F 221 -35.78 -19.29 -4.61
CA GLY F 221 -35.69 -18.53 -5.83
C GLY F 221 -36.39 -19.16 -7.02
N VAL F 222 -36.13 -20.45 -7.24
CA VAL F 222 -36.77 -21.16 -8.34
C VAL F 222 -38.29 -21.06 -8.27
N VAL F 223 -38.85 -21.21 -7.06
CA VAL F 223 -40.29 -21.10 -6.86
C VAL F 223 -40.73 -19.67 -7.14
N TYR F 224 -40.04 -18.70 -6.57
CA TYR F 224 -40.37 -17.30 -6.82
C TYR F 224 -40.38 -16.98 -8.32
N PHE F 225 -39.41 -17.53 -9.05
CA PHE F 225 -39.37 -17.27 -10.48
C PHE F 225 -40.64 -17.79 -11.13
N ALA F 226 -40.97 -19.04 -10.85
CA ALA F 226 -42.16 -19.67 -11.41
C ALA F 226 -43.42 -18.91 -11.00
N GLU F 227 -43.46 -18.48 -9.74
CA GLU F 227 -44.62 -17.75 -9.24
C GLU F 227 -44.83 -16.48 -10.04
N ASN F 228 -43.75 -15.95 -10.60
CA ASN F 228 -43.83 -14.74 -11.40
C ASN F 228 -44.34 -15.04 -12.82
N VAL F 229 -43.92 -16.18 -13.38
CA VAL F 229 -44.36 -16.58 -14.70
C VAL F 229 -45.87 -16.78 -14.65
N LEU F 230 -46.33 -17.37 -13.54
CA LEU F 230 -47.75 -17.63 -13.35
C LEU F 230 -48.55 -16.37 -13.16
N LYS F 231 -48.12 -15.48 -12.27
CA LYS F 231 -48.87 -14.24 -12.04
C LYS F 231 -49.10 -13.44 -13.32
N ASP F 232 -48.26 -13.66 -14.34
CA ASP F 232 -48.40 -12.96 -15.62
C ASP F 232 -49.35 -13.78 -16.52
N LEU F 233 -50.16 -14.61 -15.87
CA LEU F 233 -51.15 -15.44 -16.56
C LEU F 233 -52.37 -15.50 -15.65
N ASN F 234 -52.50 -14.45 -14.82
CA ASN F 234 -53.61 -14.31 -13.86
C ASN F 234 -53.84 -15.54 -13.01
N ASP F 235 -52.79 -16.32 -12.80
CA ASP F 235 -52.87 -17.54 -12.01
C ASP F 235 -51.72 -17.55 -10.99
N ASN F 236 -51.81 -18.44 -10.01
CA ASN F 236 -50.77 -18.57 -9.00
C ASN F 236 -50.45 -20.04 -8.75
N LEU F 237 -49.60 -20.32 -7.76
CA LEU F 237 -49.20 -21.69 -7.45
C LEU F 237 -50.23 -22.52 -6.70
N GLU F 238 -51.17 -21.86 -6.03
CA GLU F 238 -52.19 -22.55 -5.25
C GLU F 238 -52.85 -23.72 -5.96
N ASN F 239 -52.74 -24.89 -5.34
CA ASN F 239 -53.32 -26.12 -5.85
C ASN F 239 -52.80 -26.58 -7.21
N LYS F 240 -51.50 -26.62 -7.37
CA LYS F 240 -50.95 -27.09 -8.64
C LYS F 240 -50.21 -28.40 -8.41
N LYS F 241 -50.53 -29.39 -9.22
CA LYS F 241 -49.87 -30.69 -9.12
C LYS F 241 -48.46 -30.45 -9.65
N CYS F 242 -47.45 -30.73 -8.82
CA CYS F 242 -46.06 -30.49 -9.24
C CYS F 242 -45.12 -31.68 -9.21
N LEU F 243 -44.10 -31.60 -10.06
CA LEU F 243 -43.11 -32.65 -10.15
C LEU F 243 -41.75 -32.11 -9.83
N VAL F 244 -41.12 -32.66 -8.80
CA VAL F 244 -39.78 -32.22 -8.42
C VAL F 244 -38.89 -33.43 -8.62
N SER F 245 -37.61 -33.20 -8.86
CA SER F 245 -36.67 -34.30 -9.05
C SER F 245 -35.41 -33.99 -8.26
N GLY F 246 -35.06 -34.89 -7.36
CA GLY F 246 -33.88 -34.67 -6.54
C GLY F 246 -34.32 -34.49 -5.11
N SER F 247 -33.38 -34.61 -4.20
CA SER F 247 -33.67 -34.44 -2.78
C SER F 247 -32.50 -33.70 -2.14
N GLY F 248 -31.76 -32.97 -2.97
CA GLY F 248 -30.63 -32.20 -2.49
C GLY F 248 -31.06 -30.95 -1.76
N ASN F 249 -30.10 -30.05 -1.55
CA ASN F 249 -30.38 -28.81 -0.84
C ASN F 249 -31.45 -28.02 -1.58
N VAL F 250 -31.22 -27.83 -2.88
CA VAL F 250 -32.17 -27.07 -3.70
C VAL F 250 -33.56 -27.68 -3.67
N ALA F 251 -33.63 -28.96 -4.00
CA ALA F 251 -34.89 -29.69 -4.04
C ALA F 251 -35.71 -29.52 -2.78
N GLN F 252 -35.06 -29.73 -1.64
CA GLN F 252 -35.73 -29.60 -0.35
C GLN F 252 -36.42 -28.27 -0.12
N TYR F 253 -35.66 -27.19 -0.16
CA TYR F 253 -36.24 -25.88 0.08
C TYR F 253 -37.21 -25.46 -1.01
N LEU F 254 -37.07 -26.05 -2.20
CA LEU F 254 -37.98 -25.75 -3.30
C LEU F 254 -39.33 -26.25 -2.85
N VAL F 255 -39.36 -27.50 -2.39
CA VAL F 255 -40.56 -28.14 -1.91
C VAL F 255 -41.13 -27.37 -0.72
N GLU F 256 -40.27 -26.98 0.21
CA GLU F 256 -40.72 -26.26 1.39
C GLU F 256 -41.49 -25.00 1.01
N LYS F 257 -40.97 -24.23 0.07
CA LYS F 257 -41.63 -23.01 -0.35
C LYS F 257 -42.92 -23.35 -1.12
N LEU F 258 -42.83 -24.33 -2.01
CA LEU F 258 -43.99 -24.75 -2.79
C LEU F 258 -45.13 -25.10 -1.84
N ILE F 259 -44.89 -26.04 -0.93
CA ILE F 259 -45.89 -26.46 0.05
C ILE F 259 -46.51 -25.24 0.67
N GLU F 260 -45.67 -24.41 1.27
CA GLU F 260 -46.09 -23.20 1.93
C GLU F 260 -47.02 -22.30 1.11
N LYS F 261 -46.94 -22.38 -0.22
CA LYS F 261 -47.80 -21.56 -1.08
C LYS F 261 -49.14 -22.25 -1.36
N GLY F 262 -49.22 -22.93 -2.50
CA GLY F 262 -50.44 -23.63 -2.85
C GLY F 262 -50.32 -25.12 -2.67
N ALA F 263 -49.09 -25.60 -2.60
CA ALA F 263 -48.80 -27.01 -2.40
C ALA F 263 -49.14 -27.93 -3.56
N ILE F 264 -49.27 -29.22 -3.22
CA ILE F 264 -49.58 -30.34 -4.12
C ILE F 264 -48.32 -30.82 -4.83
N VAL F 265 -47.22 -30.89 -4.08
CA VAL F 265 -45.96 -31.38 -4.60
C VAL F 265 -46.10 -32.88 -4.48
N LEU F 266 -46.02 -33.55 -5.62
CA LEU F 266 -46.21 -34.99 -5.67
C LEU F 266 -44.98 -35.88 -5.56
N THR F 267 -43.83 -35.40 -5.99
CA THR F 267 -42.66 -36.26 -5.94
C THR F 267 -41.33 -35.64 -5.51
N MET F 268 -40.34 -36.51 -5.33
CA MET F 268 -38.97 -36.15 -4.97
C MET F 268 -38.07 -37.30 -5.39
N SER F 269 -37.16 -37.02 -6.32
CA SER F 269 -36.25 -38.03 -6.85
C SER F 269 -35.06 -38.34 -5.95
N ASP F 270 -34.23 -39.29 -6.39
CA ASP F 270 -33.05 -39.74 -5.66
C ASP F 270 -32.08 -40.27 -6.71
N SER F 271 -30.84 -40.55 -6.31
CA SER F 271 -29.83 -41.05 -7.26
C SER F 271 -30.26 -42.37 -7.90
N ASN F 272 -31.35 -42.95 -7.41
CA ASN F 272 -31.87 -44.19 -7.93
C ASN F 272 -33.31 -44.42 -7.44
N GLY F 273 -34.29 -44.00 -8.24
CA GLY F 273 -35.68 -44.16 -7.86
C GLY F 273 -36.27 -42.89 -7.26
N TYR F 274 -37.59 -42.76 -7.34
CA TYR F 274 -38.25 -41.59 -6.79
C TYR F 274 -39.40 -41.97 -5.86
N ILE F 275 -40.05 -40.96 -5.27
CA ILE F 275 -41.15 -41.20 -4.36
C ILE F 275 -42.42 -40.50 -4.80
N LEU F 276 -43.55 -41.16 -4.58
CA LEU F 276 -44.83 -40.58 -4.93
C LEU F 276 -45.58 -40.28 -3.64
N GLU F 277 -46.65 -39.49 -3.74
CA GLU F 277 -47.40 -39.14 -2.56
C GLU F 277 -48.64 -38.37 -2.98
N PRO F 278 -49.66 -39.08 -3.45
CA PRO F 278 -50.90 -38.40 -3.87
C PRO F 278 -51.40 -37.50 -2.74
N ASN F 279 -52.03 -36.39 -3.11
CA ASN F 279 -52.55 -35.41 -2.17
C ASN F 279 -51.42 -34.50 -1.69
N GLY F 280 -50.23 -34.74 -2.25
CA GLY F 280 -49.04 -33.94 -1.95
C GLY F 280 -48.36 -34.15 -0.61
N PHE F 281 -47.14 -33.67 -0.46
CA PHE F 281 -46.43 -33.81 0.81
C PHE F 281 -46.98 -32.75 1.74
N THR F 282 -46.54 -32.78 3.00
CA THR F 282 -46.98 -31.80 3.98
C THR F 282 -45.77 -31.32 4.76
N LYS F 283 -45.88 -30.13 5.33
CA LYS F 283 -44.80 -29.55 6.11
C LYS F 283 -44.09 -30.65 6.90
N GLU F 284 -44.86 -31.36 7.72
CA GLU F 284 -44.30 -32.44 8.55
C GLU F 284 -43.51 -33.48 7.78
N GLN F 285 -44.09 -34.02 6.72
CA GLN F 285 -43.41 -35.04 5.93
C GLN F 285 -42.08 -34.57 5.35
N LEU F 286 -42.01 -33.30 4.94
CA LEU F 286 -40.79 -32.78 4.36
C LEU F 286 -39.69 -32.80 5.40
N ASN F 287 -40.04 -32.52 6.65
CA ASN F 287 -39.05 -32.52 7.72
C ASN F 287 -38.44 -33.90 7.86
N TYR F 288 -39.25 -34.93 7.65
CA TYR F 288 -38.75 -36.29 7.74
C TYR F 288 -37.73 -36.50 6.62
N ILE F 289 -38.15 -36.22 5.39
CA ILE F 289 -37.28 -36.38 4.24
C ILE F 289 -35.99 -35.59 4.42
N MET F 290 -36.10 -34.39 4.99
CA MET F 290 -34.94 -33.55 5.24
C MET F 290 -34.04 -34.26 6.25
N ASP F 291 -34.65 -34.80 7.31
CA ASP F 291 -33.91 -35.51 8.36
C ASP F 291 -33.23 -36.72 7.73
N ILE F 292 -34.05 -37.61 7.20
CA ILE F 292 -33.55 -38.83 6.56
C ILE F 292 -32.43 -38.55 5.59
N LYS F 293 -32.55 -37.47 4.85
CA LYS F 293 -31.57 -37.11 3.84
C LYS F 293 -30.32 -36.36 4.31
N ASN F 294 -30.46 -35.41 5.22
CA ASN F 294 -29.29 -34.67 5.66
C ASN F 294 -28.57 -35.24 6.87
N ASN F 295 -29.25 -36.03 7.68
CA ASN F 295 -28.63 -36.58 8.88
C ASN F 295 -28.33 -38.07 8.78
N GLN F 296 -29.37 -38.84 8.53
CA GLN F 296 -29.26 -40.28 8.41
C GLN F 296 -28.38 -40.65 7.21
N ARG F 297 -28.54 -39.88 6.13
CA ARG F 297 -27.77 -40.07 4.90
C ARG F 297 -27.95 -41.43 4.23
N LEU F 298 -29.20 -41.78 3.89
CA LEU F 298 -29.46 -43.05 3.23
C LEU F 298 -30.29 -42.84 1.95
N ARG F 299 -30.49 -43.90 1.19
CA ARG F 299 -31.27 -43.81 -0.04
C ARG F 299 -32.66 -43.23 0.29
N LEU F 300 -33.42 -42.93 -0.75
CA LEU F 300 -34.75 -42.35 -0.58
C LEU F 300 -35.88 -43.34 -0.31
N LYS F 301 -35.69 -44.61 -0.68
CA LYS F 301 -36.70 -45.64 -0.46
C LYS F 301 -37.13 -45.53 1.01
N GLU F 302 -36.18 -45.06 1.82
CA GLU F 302 -36.36 -44.86 3.24
C GLU F 302 -37.65 -44.15 3.66
N TYR F 303 -38.09 -43.18 2.86
CA TYR F 303 -39.31 -42.43 3.16
C TYR F 303 -40.54 -43.32 3.29
N LEU F 304 -40.51 -44.46 2.61
CA LEU F 304 -41.63 -45.41 2.64
C LEU F 304 -41.95 -45.82 4.08
N LYS F 305 -40.89 -46.08 4.85
CA LYS F 305 -41.05 -46.45 6.25
C LYS F 305 -41.64 -45.30 7.07
N TYR F 306 -42.04 -44.21 6.39
CA TYR F 306 -42.62 -43.05 7.07
C TYR F 306 -43.99 -42.65 6.49
N SER F 307 -44.46 -43.36 5.47
CA SER F 307 -45.78 -43.07 4.88
C SER F 307 -46.46 -44.26 4.21
N LYS F 308 -47.67 -44.58 4.65
CA LYS F 308 -48.43 -45.70 4.09
C LYS F 308 -48.66 -45.50 2.59
N THR F 309 -49.27 -44.37 2.25
CA THR F 309 -49.63 -43.98 0.88
C THR F 309 -48.48 -43.72 -0.09
N ALA F 310 -47.30 -43.44 0.45
CA ALA F 310 -46.15 -43.17 -0.39
C ALA F 310 -45.64 -44.36 -1.21
N LYS F 311 -45.77 -44.26 -2.52
CA LYS F 311 -45.27 -45.32 -3.40
C LYS F 311 -43.88 -44.94 -3.90
N TYR F 312 -43.02 -45.94 -4.06
CA TYR F 312 -41.65 -45.73 -4.53
C TYR F 312 -41.44 -46.41 -5.90
N PHE F 313 -40.63 -45.80 -6.77
CA PHE F 313 -40.38 -46.37 -8.09
C PHE F 313 -38.91 -46.61 -8.42
N GLU F 314 -38.40 -47.77 -8.03
CA GLU F 314 -37.02 -48.15 -8.27
C GLU F 314 -36.53 -47.78 -9.67
N ASN F 315 -35.43 -47.02 -9.73
CA ASN F 315 -34.76 -46.61 -10.98
C ASN F 315 -35.56 -46.01 -12.17
N GLN F 316 -36.12 -44.80 -11.99
CA GLN F 316 -36.88 -44.13 -13.06
C GLN F 316 -36.86 -42.61 -12.89
N LYS F 317 -37.55 -41.94 -13.81
CA LYS F 317 -37.69 -40.51 -13.80
C LYS F 317 -39.19 -40.28 -13.63
N PRO F 318 -39.56 -39.33 -12.76
CA PRO F 318 -40.95 -38.99 -12.47
C PRO F 318 -41.82 -38.44 -13.60
N TRP F 319 -41.18 -37.74 -14.53
CA TRP F 319 -41.84 -37.07 -15.65
C TRP F 319 -43.20 -37.55 -16.20
N ASN F 320 -43.38 -38.86 -16.38
CA ASN F 320 -44.65 -39.40 -16.92
C ASN F 320 -45.91 -39.10 -16.10
N ILE F 321 -45.77 -38.94 -14.80
CA ILE F 321 -46.90 -38.62 -13.95
C ILE F 321 -47.46 -37.28 -14.38
N PRO F 322 -48.79 -37.18 -14.56
CA PRO F 322 -49.34 -35.89 -14.98
C PRO F 322 -49.17 -34.78 -13.92
N CYS F 323 -48.71 -33.61 -14.35
CA CYS F 323 -48.49 -32.46 -13.46
C CYS F 323 -48.74 -31.13 -14.18
N ASP F 324 -48.80 -30.04 -13.41
CA ASP F 324 -48.99 -28.70 -13.98
C ASP F 324 -47.64 -28.01 -14.21
N ILE F 325 -46.70 -28.28 -13.31
CA ILE F 325 -45.36 -27.69 -13.35
C ILE F 325 -44.34 -28.74 -12.99
N ALA F 326 -43.22 -28.75 -13.69
CA ALA F 326 -42.17 -29.70 -13.42
C ALA F 326 -40.87 -28.94 -13.10
N PHE F 327 -40.33 -29.17 -11.91
CA PHE F 327 -39.10 -28.53 -11.47
C PHE F 327 -37.96 -29.54 -11.49
N PRO F 328 -37.26 -29.70 -12.63
CA PRO F 328 -36.15 -30.66 -12.63
C PRO F 328 -35.02 -30.12 -11.76
N CYS F 329 -34.44 -30.96 -10.90
CA CYS F 329 -33.35 -30.52 -10.02
C CYS F 329 -32.21 -31.50 -9.86
N ALA F 330 -32.08 -32.46 -10.78
CA ALA F 330 -31.03 -33.48 -10.68
C ALA F 330 -29.67 -33.03 -11.23
N THR F 331 -29.44 -33.26 -12.52
CA THR F 331 -28.17 -32.86 -13.14
C THR F 331 -28.36 -32.59 -14.63
N GLN F 332 -27.28 -32.17 -15.33
CA GLN F 332 -27.35 -31.90 -16.76
C GLN F 332 -28.11 -33.02 -17.50
N ASN F 333 -28.71 -32.66 -18.64
CA ASN F 333 -29.47 -33.60 -19.48
C ASN F 333 -30.20 -34.59 -18.60
N GLU F 334 -31.31 -34.11 -18.04
CA GLU F 334 -32.15 -34.87 -17.13
C GLU F 334 -33.47 -35.13 -17.83
N ILE F 335 -33.78 -34.29 -18.82
CA ILE F 335 -35.02 -34.42 -19.58
C ILE F 335 -34.74 -34.74 -21.05
N ASN F 336 -34.87 -36.04 -21.40
CA ASN F 336 -34.64 -36.52 -22.77
C ASN F 336 -35.80 -36.21 -23.70
N GLU F 337 -35.64 -36.58 -24.96
CA GLU F 337 -36.68 -36.29 -25.92
C GLU F 337 -37.99 -36.97 -25.55
N ASN F 338 -37.97 -38.30 -25.53
CA ASN F 338 -39.15 -39.10 -25.19
C ASN F 338 -39.85 -38.60 -23.93
N ASP F 339 -39.06 -38.12 -22.96
CA ASP F 339 -39.59 -37.61 -21.71
C ASP F 339 -40.42 -36.38 -22.06
N ALA F 340 -39.73 -35.36 -22.57
CA ALA F 340 -40.37 -34.10 -22.95
C ALA F 340 -41.77 -34.28 -23.55
N ASP F 341 -41.94 -35.33 -24.36
CA ASP F 341 -43.23 -35.58 -25.00
C ASP F 341 -44.34 -35.78 -23.97
N LEU F 342 -44.09 -36.64 -22.99
CA LEU F 342 -45.04 -36.92 -21.94
C LEU F 342 -45.54 -35.64 -21.24
N PHE F 343 -44.66 -34.65 -21.10
CA PHE F 343 -45.04 -33.38 -20.45
C PHE F 343 -46.13 -32.69 -21.25
N ILE F 344 -45.99 -32.76 -22.57
CA ILE F 344 -46.94 -32.14 -23.46
C ILE F 344 -48.22 -32.97 -23.45
N GLN F 345 -48.05 -34.29 -23.40
CA GLN F 345 -49.17 -35.21 -23.36
C GLN F 345 -49.96 -35.00 -22.06
N ASN F 346 -49.23 -34.92 -20.94
CA ASN F 346 -49.81 -34.76 -19.60
C ASN F 346 -50.44 -33.40 -19.28
N LYS F 347 -50.43 -32.48 -20.25
CA LYS F 347 -50.98 -31.13 -20.09
C LYS F 347 -49.96 -30.18 -19.44
N CYS F 348 -48.90 -30.74 -18.87
CA CYS F 348 -47.86 -29.94 -18.22
C CYS F 348 -47.64 -28.68 -19.04
N LYS F 349 -47.97 -27.55 -18.44
CA LYS F 349 -47.82 -26.28 -19.12
C LYS F 349 -46.50 -25.60 -18.83
N MET F 350 -45.72 -26.12 -17.88
CA MET F 350 -44.45 -25.43 -17.60
C MET F 350 -43.38 -26.25 -16.89
N ILE F 351 -42.13 -25.95 -17.22
CA ILE F 351 -40.96 -26.63 -16.64
C ILE F 351 -39.92 -25.63 -16.15
N VAL F 352 -39.73 -25.55 -14.83
CA VAL F 352 -38.76 -24.64 -14.22
C VAL F 352 -37.47 -25.37 -13.84
N GLU F 353 -36.36 -25.09 -14.54
CA GLU F 353 -35.10 -25.76 -14.27
C GLU F 353 -34.49 -25.36 -12.92
N GLY F 354 -34.18 -26.35 -12.10
CA GLY F 354 -33.59 -26.08 -10.80
C GLY F 354 -32.10 -26.29 -10.81
N ALA F 355 -31.68 -27.44 -11.35
CA ALA F 355 -30.27 -27.74 -11.44
C ALA F 355 -29.78 -27.04 -12.69
N ASN F 356 -28.48 -27.07 -12.94
CA ASN F 356 -27.94 -26.43 -14.12
C ASN F 356 -28.16 -27.24 -15.40
N MET F 357 -28.89 -26.64 -16.34
CA MET F 357 -29.19 -27.25 -17.62
C MET F 357 -29.65 -28.70 -17.53
N PRO F 358 -30.77 -28.94 -16.83
CA PRO F 358 -31.31 -30.29 -16.67
C PRO F 358 -32.05 -30.79 -17.92
N THR F 359 -32.14 -29.94 -18.93
CA THR F 359 -32.82 -30.30 -20.18
C THR F 359 -31.82 -30.56 -21.30
N HIS F 360 -32.09 -31.61 -22.09
CA HIS F 360 -31.20 -31.96 -23.20
C HIS F 360 -31.47 -31.03 -24.39
N ILE F 361 -30.40 -30.66 -25.09
CA ILE F 361 -30.47 -29.75 -26.22
C ILE F 361 -31.62 -30.00 -27.21
N LYS F 362 -31.86 -31.26 -27.55
CA LYS F 362 -32.93 -31.59 -28.49
C LYS F 362 -34.30 -31.66 -27.83
N ALA F 363 -34.32 -31.81 -26.51
CA ALA F 363 -35.58 -31.90 -25.76
C ALA F 363 -36.28 -30.55 -25.75
N LEU F 364 -35.50 -29.47 -25.76
CA LEU F 364 -36.05 -28.13 -25.74
C LEU F 364 -36.84 -27.84 -27.01
N HIS F 365 -36.40 -28.43 -28.12
CA HIS F 365 -37.08 -28.23 -29.40
C HIS F 365 -38.53 -28.65 -29.36
N LYS F 366 -38.80 -29.92 -29.03
CA LYS F 366 -40.17 -30.42 -28.98
C LYS F 366 -41.02 -29.62 -27.99
N LEU F 367 -40.46 -29.32 -26.82
CA LEU F 367 -41.17 -28.58 -25.79
C LEU F 367 -41.62 -27.20 -26.23
N LYS F 368 -40.78 -26.51 -26.98
CA LYS F 368 -41.09 -25.17 -27.46
C LYS F 368 -42.13 -25.19 -28.58
N GLN F 369 -42.07 -26.21 -29.44
CA GLN F 369 -43.00 -26.37 -30.53
C GLN F 369 -44.33 -26.95 -30.06
N ASN F 370 -44.49 -27.06 -28.75
CA ASN F 370 -45.70 -27.59 -28.14
C ASN F 370 -46.25 -26.61 -27.09
N ASN F 371 -45.76 -25.37 -27.16
CA ASN F 371 -46.16 -24.29 -26.25
C ASN F 371 -46.11 -24.63 -24.76
N ILE F 372 -44.97 -25.16 -24.32
CA ILE F 372 -44.74 -25.51 -22.93
C ILE F 372 -43.66 -24.58 -22.40
N ILE F 373 -44.04 -23.67 -21.51
CA ILE F 373 -43.10 -22.72 -20.93
C ILE F 373 -41.86 -23.36 -20.29
N LEU F 374 -40.68 -22.97 -20.75
CA LEU F 374 -39.44 -23.49 -20.20
C LEU F 374 -38.62 -22.37 -19.56
N CYS F 375 -38.34 -22.53 -18.26
CA CYS F 375 -37.56 -21.54 -17.52
C CYS F 375 -36.09 -21.91 -17.50
N PRO F 376 -35.23 -20.99 -17.95
CA PRO F 376 -33.77 -21.20 -18.00
C PRO F 376 -33.18 -21.33 -16.62
N SER F 377 -32.33 -22.34 -16.42
CA SER F 377 -31.73 -22.51 -15.10
C SER F 377 -30.90 -21.27 -14.80
N LYS F 378 -30.28 -20.71 -15.84
CA LYS F 378 -29.46 -19.53 -15.72
C LYS F 378 -30.17 -18.44 -14.95
N ALA F 379 -31.50 -18.38 -15.09
CA ALA F 379 -32.28 -17.37 -14.42
C ALA F 379 -33.06 -17.88 -13.22
N ALA F 380 -33.72 -19.01 -13.37
CA ALA F 380 -34.52 -19.59 -12.31
C ALA F 380 -33.79 -19.89 -11.01
N ASN F 381 -32.56 -20.40 -11.07
CA ASN F 381 -31.84 -20.69 -9.84
C ASN F 381 -30.79 -19.63 -9.44
N ALA F 382 -30.85 -18.47 -10.07
CA ALA F 382 -29.89 -17.42 -9.77
C ALA F 382 -30.14 -16.91 -8.35
N GLY F 383 -31.18 -17.44 -7.71
CA GLY F 383 -31.50 -17.01 -6.36
C GLY F 383 -30.32 -17.10 -5.40
N GLY F 384 -29.52 -18.15 -5.56
CA GLY F 384 -28.37 -18.36 -4.71
C GLY F 384 -27.34 -17.25 -4.87
N VAL F 385 -26.95 -17.00 -6.11
CA VAL F 385 -25.98 -15.97 -6.40
C VAL F 385 -26.49 -14.62 -5.92
N ALA F 386 -27.80 -14.41 -6.04
CA ALA F 386 -28.40 -13.15 -5.62
C ALA F 386 -28.25 -12.91 -4.12
N VAL F 387 -28.56 -13.93 -3.32
CA VAL F 387 -28.46 -13.81 -1.87
C VAL F 387 -27.02 -13.52 -1.43
N SER F 388 -26.05 -14.12 -2.13
CA SER F 388 -24.65 -13.88 -1.77
C SER F 388 -24.31 -12.41 -2.02
N GLY F 389 -25.05 -11.78 -2.93
CA GLY F 389 -24.83 -10.38 -3.23
C GLY F 389 -25.36 -9.58 -2.07
N LEU F 390 -26.42 -10.08 -1.44
CA LEU F 390 -27.03 -9.42 -0.29
C LEU F 390 -26.14 -9.59 0.92
N GLU F 391 -25.41 -10.71 0.98
CA GLU F 391 -24.49 -10.95 2.09
C GLU F 391 -23.45 -9.84 2.01
N MET F 392 -22.97 -9.57 0.80
CA MET F 392 -22.00 -8.50 0.58
C MET F 392 -22.56 -7.17 1.05
N SER F 393 -23.83 -6.92 0.75
CA SER F 393 -24.44 -5.67 1.17
C SER F 393 -24.49 -5.57 2.69
N GLN F 394 -25.01 -6.63 3.31
CA GLN F 394 -25.10 -6.64 4.77
C GLN F 394 -23.72 -6.44 5.38
N ASN F 395 -22.71 -7.08 4.82
CA ASN F 395 -21.35 -6.95 5.35
C ASN F 395 -20.90 -5.50 5.29
N SER F 396 -21.24 -4.81 4.20
CA SER F 396 -20.86 -3.42 4.04
C SER F 396 -21.61 -2.52 5.01
N MET F 397 -22.86 -2.87 5.29
CA MET F 397 -23.67 -2.10 6.22
C MET F 397 -23.40 -2.44 7.65
N ARG F 398 -22.63 -3.50 7.87
CA ARG F 398 -22.29 -3.94 9.21
C ARG F 398 -23.50 -4.32 10.04
N LEU F 399 -24.51 -4.87 9.36
CA LEU F 399 -25.75 -5.31 9.98
C LEU F 399 -26.20 -6.64 9.37
N GLN F 400 -27.13 -7.30 10.03
CA GLN F 400 -27.66 -8.55 9.52
C GLN F 400 -29.16 -8.45 9.43
N TRP F 401 -29.69 -8.54 8.21
CA TRP F 401 -31.13 -8.45 8.02
C TRP F 401 -31.81 -9.70 8.54
N THR F 402 -33.07 -9.56 8.94
CA THR F 402 -33.83 -10.69 9.44
C THR F 402 -34.19 -11.69 8.34
N HIS F 403 -34.39 -12.94 8.73
CA HIS F 403 -34.75 -14.00 7.80
C HIS F 403 -35.87 -13.41 6.93
N GLN F 404 -36.77 -12.69 7.56
CA GLN F 404 -37.89 -12.05 6.90
C GLN F 404 -37.43 -11.10 5.78
N GLU F 405 -36.71 -10.05 6.17
CA GLU F 405 -36.20 -9.03 5.25
C GLU F 405 -35.45 -9.59 4.04
N THR F 406 -34.46 -10.41 4.31
CA THR F 406 -33.66 -11.01 3.26
C THR F 406 -34.51 -11.73 2.24
N ASP F 407 -35.57 -12.39 2.70
CA ASP F 407 -36.46 -13.12 1.81
C ASP F 407 -37.12 -12.16 0.82
N MET F 408 -37.79 -11.14 1.36
CA MET F 408 -38.45 -10.16 0.52
C MET F 408 -37.54 -9.64 -0.59
N LYS F 409 -36.32 -9.26 -0.24
CA LYS F 409 -35.36 -8.77 -1.22
C LYS F 409 -35.18 -9.81 -2.34
N LEU F 410 -35.03 -11.07 -1.94
CA LEU F 410 -34.86 -12.17 -2.90
C LEU F 410 -36.06 -12.28 -3.85
N GLN F 411 -37.25 -12.03 -3.31
CA GLN F 411 -38.47 -12.10 -4.11
C GLN F 411 -38.48 -11.01 -5.19
N ASN F 412 -38.00 -9.82 -4.87
CA ASN F 412 -37.98 -8.74 -5.85
C ASN F 412 -36.90 -9.01 -6.89
N ILE F 413 -35.79 -9.57 -6.43
CA ILE F 413 -34.71 -9.88 -7.32
C ILE F 413 -35.19 -10.93 -8.32
N MET F 414 -35.93 -11.92 -7.83
CA MET F 414 -36.46 -12.95 -8.71
C MET F 414 -37.46 -12.36 -9.68
N LYS F 415 -38.32 -11.48 -9.17
CA LYS F 415 -39.32 -10.80 -10.02
C LYS F 415 -38.62 -10.06 -11.16
N SER F 416 -37.57 -9.33 -10.82
CA SER F 416 -36.81 -8.58 -11.81
C SER F 416 -36.16 -9.51 -12.82
N ILE F 417 -35.53 -10.57 -12.34
CA ILE F 417 -34.90 -11.50 -13.25
C ILE F 417 -35.94 -11.98 -14.25
N TYR F 418 -37.15 -12.23 -13.79
CA TYR F 418 -38.22 -12.70 -14.68
C TYR F 418 -38.55 -11.63 -15.70
N GLU F 419 -38.86 -10.43 -15.22
CA GLU F 419 -39.21 -9.34 -16.11
C GLU F 419 -38.21 -9.10 -17.25
N GLN F 420 -36.93 -9.18 -16.93
CA GLN F 420 -35.92 -8.99 -17.96
C GLN F 420 -35.94 -10.07 -19.03
N CYS F 421 -36.17 -11.32 -18.65
CA CYS F 421 -36.22 -12.39 -19.65
C CYS F 421 -37.43 -12.15 -20.53
N HIS F 422 -38.54 -11.88 -19.86
CA HIS F 422 -39.80 -11.63 -20.53
C HIS F 422 -39.69 -10.47 -21.52
N ASN F 423 -39.41 -9.27 -21.01
CA ASN F 423 -39.31 -8.09 -21.86
C ASN F 423 -38.25 -8.15 -22.94
N THR F 424 -37.07 -8.63 -22.59
CA THR F 424 -35.98 -8.73 -23.55
C THR F 424 -36.35 -9.67 -24.70
N SER F 425 -36.78 -10.89 -24.38
CA SER F 425 -37.13 -11.83 -25.43
C SER F 425 -38.25 -11.28 -26.30
N LYS F 426 -39.16 -10.52 -25.69
CA LYS F 426 -40.27 -9.91 -26.42
C LYS F 426 -39.73 -8.91 -27.44
N ILE F 427 -38.97 -7.95 -26.95
CA ILE F 427 -38.37 -6.93 -27.80
C ILE F 427 -37.49 -7.45 -28.94
N TYR F 428 -36.74 -8.52 -28.71
CA TYR F 428 -35.87 -9.05 -29.76
C TYR F 428 -36.40 -10.22 -30.59
N LEU F 429 -37.40 -10.92 -30.09
CA LEU F 429 -37.94 -12.06 -30.85
C LEU F 429 -39.43 -11.87 -31.17
N ASN F 430 -39.99 -10.78 -30.66
CA ASN F 430 -41.39 -10.44 -30.84
C ASN F 430 -42.33 -11.30 -29.99
N GLU F 431 -41.82 -12.44 -29.53
CA GLU F 431 -42.57 -13.36 -28.68
C GLU F 431 -41.92 -13.42 -27.30
N SER F 432 -42.54 -14.12 -26.37
CA SER F 432 -42.00 -14.24 -25.02
C SER F 432 -41.25 -15.55 -24.80
N ASP F 433 -39.95 -15.55 -25.10
CA ASP F 433 -39.10 -16.72 -24.94
C ASP F 433 -38.16 -16.49 -23.76
N LEU F 434 -38.46 -17.11 -22.62
CA LEU F 434 -37.63 -16.96 -21.43
C LEU F 434 -36.18 -17.40 -21.60
N VAL F 435 -35.96 -18.49 -22.33
CA VAL F 435 -34.60 -18.99 -22.51
C VAL F 435 -33.71 -18.01 -23.26
N ALA F 436 -34.19 -17.51 -24.38
CA ALA F 436 -33.40 -16.57 -25.18
C ALA F 436 -33.35 -15.26 -24.41
N GLY F 437 -34.46 -14.90 -23.77
CA GLY F 437 -34.50 -13.68 -23.00
C GLY F 437 -33.39 -13.62 -21.98
N ALA F 438 -33.19 -14.71 -21.25
CA ALA F 438 -32.16 -14.76 -20.23
C ALA F 438 -30.79 -14.49 -20.82
N ASN F 439 -30.47 -15.16 -21.92
CA ASN F 439 -29.17 -14.99 -22.56
C ASN F 439 -28.95 -13.57 -23.07
N ILE F 440 -29.88 -13.11 -23.88
CA ILE F 440 -29.78 -11.77 -24.45
C ILE F 440 -29.65 -10.71 -23.35
N ALA F 441 -30.60 -10.70 -22.43
CA ALA F 441 -30.57 -9.73 -21.33
C ALA F 441 -29.26 -9.77 -20.55
N GLY F 442 -28.86 -10.97 -20.15
CA GLY F 442 -27.63 -11.14 -19.40
C GLY F 442 -26.44 -10.59 -20.15
N PHE F 443 -26.33 -10.92 -21.44
CA PHE F 443 -25.23 -10.46 -22.27
C PHE F 443 -25.25 -8.94 -22.52
N LEU F 444 -26.41 -8.43 -22.90
CA LEU F 444 -26.50 -7.02 -23.19
C LEU F 444 -26.07 -6.10 -22.06
N LYS F 445 -26.49 -6.38 -20.82
CA LYS F 445 -26.08 -5.49 -19.73
C LYS F 445 -24.57 -5.38 -19.68
N VAL F 446 -23.89 -6.51 -19.82
CA VAL F 446 -22.43 -6.56 -19.80
C VAL F 446 -21.82 -5.89 -21.04
N ALA F 447 -22.28 -6.29 -22.22
CA ALA F 447 -21.77 -5.75 -23.46
C ALA F 447 -21.86 -4.22 -23.55
N ASP F 448 -23.00 -3.67 -23.17
CA ASP F 448 -23.16 -2.24 -23.23
C ASP F 448 -22.23 -1.53 -22.26
N SER F 449 -22.26 -1.96 -21.00
CA SER F 449 -21.42 -1.37 -19.95
C SER F 449 -19.96 -1.41 -20.39
N PHE F 450 -19.59 -2.51 -21.01
CA PHE F 450 -18.25 -2.71 -21.51
C PHE F 450 -17.92 -1.55 -22.44
N LEU F 451 -18.80 -1.31 -23.41
CA LEU F 451 -18.62 -0.24 -24.38
C LEU F 451 -18.57 1.13 -23.71
N GLU F 452 -19.52 1.40 -22.84
CA GLU F 452 -19.60 2.69 -22.15
C GLU F 452 -18.33 3.00 -21.34
N GLN F 453 -17.66 1.95 -20.87
CA GLN F 453 -16.46 2.10 -20.06
C GLN F 453 -15.15 2.22 -20.83
N GLY F 454 -15.24 2.28 -22.15
CA GLY F 454 -14.04 2.44 -22.94
C GLY F 454 -13.48 1.18 -23.58
N GLY F 455 -14.16 0.07 -23.42
CA GLY F 455 -13.68 -1.16 -24.02
C GLY F 455 -12.44 -1.73 -23.36
N LEU F 456 -12.33 -1.54 -22.05
CA LEU F 456 -11.20 -2.04 -21.28
C LEU F 456 -11.48 -3.43 -20.69
#